data_9FMW
#
_entry.id   9FMW
#
loop_
_entity.id
_entity.type
_entity.pdbx_description
1 polymer 'Spike glycoprotein,Fibritin'
2 polymer 'Fab of neutralizing mAb K501SP6 heavy chain'
3 polymer 'Fab of neutralizing mAb K501SP6 light chain'
#
loop_
_entity_poly.entity_id
_entity_poly.type
_entity_poly.pdbx_seq_one_letter_code
_entity_poly.pdbx_strand_id
1 'polypeptide(L)'
;MFVFLVLLPLVSSQCVNLTTRTQLPPAYTNSFTRGVYYPDKVFRSSVLHSTQDLFLPFFSNVTWFHVISGTNGTKRFDNP
VLPFNDGVYFASIEKSNIIRGWIFGTTLDSKTQSLLIVNNATNVVIKVCEFQFCNDPFLDHKNNKSWMESEFRVYSSANN
CTFEYVSQPFLMDLEGKQGNFKNLREFVFKNIDGYFKIYSKHTPILVREPEDLPQGFSALEPLVDLPIGINITRFQTLLA
LHRSYLTPGDSSSGWTAGAAAYYVGYLQPRTFLLKYNENGTITDAVDCALDPLSETKCTLKSFTVEKGIYQTSNFRVQPT
ESIVRFPNITNLCPFDEVFNATRFASVYAWNRKRISNCVADYSVLYNLAPFFTFKCYGVSPTKLNDLCFTNVYADSFVIR
GDEVRQIAPGQTGNIADYNYKLPDDFTGCVIAWNSNKLDSKVSGNYNYLYRLFRKSNLKPFERDISTEIYQAGNKPCNGV
AGFNCYFPLRSYSFRPTYGVGHQPYRVVVLSFELLHAPATVCGPKKSTNLVKNKCVNFNFNGLKGTGVLTESNKKFLPFQ
QFGRDIADTTDAVRDPQTLEILDITPCSFGGVSVITPGTNTSNQVAVLYQGVNCTEVPVAIHADQLTPTWRVYSTGSNVF
QTRAGCLIGAEYVNNSYECDIPIGAGICASYQTQTKSHGSASSVASQSIIAYTMSLGAENSVAYSNNSIAIPTNFTISVT
TEILPVSMTKTSVDCTMYICGDSTECSNLLLQYGSFCTQLKRALTGIAVEQDKNTQEVFAQVKQIYKTPPIKYFGGFNFS
QILPDPSKPSKRSPIEDLLFNKVTLADAGFIKQYGDCLGDIAARDLICAQKFKGLTVLPPLLTDEMIAQYTSALLAGTIT
SGWTFGAGPALQIPFPMQMAYRFNGIGVTQNVLYENQKLIANQFNSAIGKIQDSLSSTPSALGKLQDVVNHNAQALNTLV
KQLSSKFGAISSVLNDIFSRLDPPEAEVQIDRLITGRLQSLQTYVTQQLIRAAEIRASANLAATKMSECVLGQSKRVDFC
GKGYHLMSFPQSAPHGVVFLHVTYVPAQEKNFTTAPAICHDGKAHFPREGVFVSNGTHWFVTQRNFYEPQIITTDNTFVS
GNCDVVIGIVNNTVYDPLQPELDSFKEELDKYFKNHTSPDVDLGDISGINASVVNIQKEIDRLNEVAKNLNESLIDLQEL
GKYEQGSGYIPEAPRDGQAYVRKDGEWVLLSTFLGRSLEVLFQGPGSAWSHPQFEKGGGSGGGGSGGSAWSHPQFEK
;
A,B,C
2 'polypeptide(L)'
;QVQLQESGPGLVKPSETLSLTCTVSGGSISSRSYYWGWIRQPPGKGLEWIGSIYYSGSTYYNPSLKSRVTISVDTSKNQF
SLKMNSMTAADTAVYYCARLRGDEIYYESSGYYSYFDYWGQGTLVTVSS
;
H
3 'polypeptide(L)'
;WAQSALTQPPSVSGAPGQRVAISCTGSSANIGTADDVHWYQQLPRTAPKLLIYGNNNRPSGVPDRFSGSQSGTSASLVIT
GLQPEDEADYFCQSYDSSLSGYVFGTGTKVTVLGQPKAAPSVTLFPPSSEELQA
;
L
#
# COMPACT_ATOMS: atom_id res chain seq x y z
N ASN A 17 -52.05 27.74 37.20
CA ASN A 17 -53.33 28.39 36.82
C ASN A 17 -53.45 28.39 35.29
N LEU A 18 -54.61 27.98 34.76
CA LEU A 18 -54.81 28.00 33.32
C LEU A 18 -55.47 29.32 32.92
N THR A 19 -54.93 29.96 31.90
CA THR A 19 -55.39 31.26 31.42
C THR A 19 -55.52 31.21 29.90
N THR A 20 -56.53 31.91 29.37
CA THR A 20 -56.88 31.91 27.97
C THR A 20 -56.07 32.97 27.22
N ARG A 21 -55.60 32.61 26.02
CA ARG A 21 -54.73 33.45 25.22
C ARG A 21 -55.22 33.34 23.77
N THR A 22 -54.52 34.00 22.84
CA THR A 22 -54.90 34.10 21.44
C THR A 22 -53.88 33.36 20.59
N GLN A 23 -54.36 32.48 19.72
CA GLN A 23 -53.48 31.70 18.85
C GLN A 23 -53.23 32.43 17.54
N LEU A 24 -52.00 32.35 17.06
CA LEU A 24 -51.54 33.06 15.87
C LEU A 24 -50.91 32.08 14.89
N PRO A 25 -51.00 32.35 13.58
CA PRO A 25 -50.29 31.52 12.62
C PRO A 25 -48.78 31.77 12.68
N PRO A 26 -47.97 30.76 12.38
CA PRO A 26 -46.52 30.92 12.50
C PRO A 26 -45.93 31.69 11.33
N ALA A 27 -44.71 32.16 11.52
CA ALA A 27 -43.91 32.77 10.47
C ALA A 27 -42.67 31.94 10.23
N TYR A 28 -41.92 32.27 9.19
CA TYR A 28 -40.69 31.58 8.86
C TYR A 28 -39.61 32.58 8.51
N THR A 29 -38.36 32.21 8.80
CA THR A 29 -37.24 33.11 8.56
C THR A 29 -36.02 32.30 8.19
N ASN A 30 -34.97 33.03 7.81
CA ASN A 30 -33.71 32.45 7.38
C ASN A 30 -32.81 32.20 8.59
N SER A 31 -31.90 31.24 8.46
CA SER A 31 -30.97 30.91 9.53
C SER A 31 -29.59 31.50 9.32
N PHE A 32 -29.21 31.78 8.08
CA PHE A 32 -27.89 32.33 7.66
C PHE A 32 -26.80 31.39 8.15
N THR A 33 -25.69 31.89 8.69
CA THR A 33 -24.56 31.07 9.12
C THR A 33 -24.54 30.90 10.62
N ARG A 34 -25.72 30.72 11.23
CA ARG A 34 -25.88 30.83 12.67
C ARG A 34 -26.40 29.51 13.23
N GLY A 35 -25.80 29.07 14.34
CA GLY A 35 -26.26 27.86 15.00
C GLY A 35 -25.20 26.79 15.20
N VAL A 36 -23.94 27.18 15.29
CA VAL A 36 -22.82 26.26 15.40
C VAL A 36 -22.28 26.31 16.82
N TYR A 37 -22.21 25.15 17.47
CA TYR A 37 -21.73 25.03 18.83
C TYR A 37 -20.45 24.18 18.88
N TYR A 38 -19.89 24.06 20.07
CA TYR A 38 -18.71 23.23 20.27
C TYR A 38 -19.13 21.78 20.42
N PRO A 39 -18.69 20.87 19.54
CA PRO A 39 -19.19 19.49 19.60
C PRO A 39 -18.55 18.64 20.68
N ASP A 40 -17.31 18.96 21.09
CA ASP A 40 -16.58 18.11 22.02
C ASP A 40 -15.82 18.97 23.02
N LYS A 41 -15.34 18.31 24.08
CA LYS A 41 -14.58 18.96 25.13
C LYS A 41 -13.08 19.04 24.83
N VAL A 42 -12.63 18.47 23.72
CA VAL A 42 -11.22 18.47 23.38
C VAL A 42 -10.86 19.79 22.72
N PHE A 43 -9.86 20.47 23.27
CA PHE A 43 -9.49 21.81 22.85
C PHE A 43 -8.56 21.73 21.64
N ARG A 44 -9.12 21.89 20.45
CA ARG A 44 -8.36 21.97 19.21
C ARG A 44 -8.12 23.42 18.83
N SER A 45 -6.96 23.69 18.24
CA SER A 45 -6.58 25.05 17.91
C SER A 45 -5.82 25.08 16.59
N SER A 46 -6.10 26.14 15.80
CA SER A 46 -5.41 26.46 14.55
C SER A 46 -5.50 25.33 13.52
N VAL A 47 -6.65 24.66 13.46
CA VAL A 47 -6.85 23.53 12.56
C VAL A 47 -8.17 23.73 11.81
N LEU A 48 -8.44 22.82 10.88
CA LEU A 48 -9.74 22.69 10.23
C LEU A 48 -10.25 21.29 10.54
N HIS A 49 -11.33 21.20 11.32
CA HIS A 49 -11.83 19.94 11.82
C HIS A 49 -13.08 19.54 11.04
N SER A 50 -13.09 18.32 10.54
CA SER A 50 -14.25 17.74 9.89
C SER A 50 -15.00 16.89 10.90
N THR A 51 -16.27 17.23 11.15
CA THR A 51 -17.07 16.54 12.15
C THR A 51 -18.41 16.11 11.57
N GLN A 52 -18.94 15.04 12.15
CA GLN A 52 -20.24 14.47 11.77
C GLN A 52 -21.10 14.48 13.02
N ASP A 53 -21.95 15.49 13.17
CA ASP A 53 -22.65 15.67 14.43
C ASP A 53 -23.95 16.43 14.18
N LEU A 54 -24.70 16.64 15.25
CA LEU A 54 -25.95 17.38 15.18
C LEU A 54 -25.66 18.85 14.95
N PHE A 55 -26.20 19.42 13.88
CA PHE A 55 -26.05 20.84 13.62
C PHE A 55 -27.32 21.38 12.98
N LEU A 56 -27.50 22.67 13.09
CA LEU A 56 -28.54 23.36 12.36
C LEU A 56 -28.11 23.50 10.90
N PRO A 57 -28.90 23.04 9.93
CA PRO A 57 -28.55 23.25 8.52
C PRO A 57 -28.50 24.73 8.16
N PHE A 58 -27.52 25.08 7.33
CA PHE A 58 -27.31 26.47 6.94
C PHE A 58 -28.37 26.91 5.93
N PHE A 59 -28.80 28.16 6.06
CA PHE A 59 -29.84 28.78 5.23
C PHE A 59 -31.15 27.98 5.27
N SER A 60 -31.52 27.52 6.46
CA SER A 60 -32.72 26.71 6.62
C SER A 60 -33.91 27.60 6.95
N ASN A 61 -35.06 26.97 7.19
CA ASN A 61 -36.28 27.68 7.59
C ASN A 61 -36.44 27.54 9.09
N VAL A 62 -36.21 28.64 9.81
CA VAL A 62 -36.39 28.69 11.25
C VAL A 62 -37.78 29.26 11.53
N THR A 63 -38.56 28.55 12.34
CA THR A 63 -39.93 28.97 12.62
C THR A 63 -39.91 30.15 13.58
N TRP A 64 -40.66 31.20 13.24
CA TRP A 64 -40.64 32.47 13.93
C TRP A 64 -42.00 32.75 14.54
N PHE A 65 -42.02 32.99 15.86
CA PHE A 65 -43.22 33.34 16.59
C PHE A 65 -43.02 34.68 17.29
N HIS A 66 -44.15 35.35 17.55
CA HIS A 66 -44.16 36.59 18.30
C HIS A 66 -44.62 36.35 19.74
N ASP A 78 -47.53 34.08 21.11
CA ASP A 78 -48.04 33.03 21.97
C ASP A 78 -46.97 32.02 22.41
N ASN A 79 -47.41 30.96 23.08
CA ASN A 79 -46.51 29.92 23.58
C ASN A 79 -46.94 28.53 23.13
N PRO A 80 -46.84 28.25 21.82
CA PRO A 80 -47.35 26.98 21.30
C PRO A 80 -46.47 25.81 21.70
N VAL A 81 -47.10 24.64 21.76
CA VAL A 81 -46.42 23.43 22.20
C VAL A 81 -45.73 22.82 20.98
N LEU A 82 -44.40 22.82 20.99
CA LEU A 82 -43.61 22.46 19.82
C LEU A 82 -42.85 21.16 20.06
N PRO A 83 -42.59 20.38 19.01
CA PRO A 83 -41.83 19.14 19.19
C PRO A 83 -40.34 19.41 19.38
N PHE A 84 -39.66 18.38 19.89
CA PHE A 84 -38.23 18.40 20.15
C PHE A 84 -37.63 17.29 19.28
N ASN A 85 -37.33 17.63 18.02
CA ASN A 85 -36.87 16.63 17.06
C ASN A 85 -35.36 16.47 17.15
N ASP A 86 -34.93 15.88 18.26
CA ASP A 86 -33.55 15.46 18.53
C ASP A 86 -32.58 16.65 18.46
N GLY A 87 -32.78 17.56 19.39
CA GLY A 87 -31.96 18.77 19.44
C GLY A 87 -32.65 19.97 18.81
N VAL A 88 -32.79 21.05 19.57
CA VAL A 88 -33.49 22.25 19.12
C VAL A 88 -32.59 23.46 19.31
N TYR A 89 -32.37 24.21 18.24
CA TYR A 89 -31.81 25.55 18.32
C TYR A 89 -32.93 26.52 18.68
N PHE A 90 -32.68 27.36 19.69
CA PHE A 90 -33.64 28.33 20.15
C PHE A 90 -32.97 29.70 20.14
N ALA A 91 -33.73 30.73 19.79
CA ALA A 91 -33.21 32.09 19.77
C ALA A 91 -34.32 33.04 20.18
N SER A 92 -33.93 34.12 20.85
CA SER A 92 -34.90 35.12 21.29
C SER A 92 -34.30 36.50 21.11
N ILE A 93 -34.98 37.35 20.36
CA ILE A 93 -34.61 38.75 20.20
C ILE A 93 -35.64 39.57 20.94
N GLU A 94 -35.18 40.37 21.89
CA GLU A 94 -36.08 41.11 22.77
C GLU A 94 -35.36 42.32 23.35
N LYS A 95 -36.15 43.22 23.92
CA LYS A 95 -35.61 44.40 24.58
C LYS A 95 -35.25 44.11 26.04
N SER A 96 -36.06 43.32 26.72
CA SER A 96 -35.87 43.05 28.14
C SER A 96 -36.17 41.58 28.40
N ASN A 97 -36.32 41.24 29.67
CA ASN A 97 -36.57 39.86 30.09
C ASN A 97 -38.05 39.58 29.93
N ILE A 98 -38.41 38.87 28.86
CA ILE A 98 -39.80 38.49 28.60
C ILE A 98 -39.97 36.97 28.61
N ILE A 99 -39.20 36.27 27.79
CA ILE A 99 -39.22 34.81 27.76
C ILE A 99 -38.31 34.32 28.88
N ARG A 100 -38.89 33.77 29.94
CA ARG A 100 -38.15 33.50 31.16
C ARG A 100 -37.83 32.03 31.39
N GLY A 101 -38.04 31.18 30.41
CA GLY A 101 -37.63 29.80 30.59
C GLY A 101 -38.36 28.83 29.68
N TRP A 102 -38.08 27.56 29.91
CA TRP A 102 -38.49 26.49 29.00
C TRP A 102 -39.03 25.30 29.79
N ILE A 103 -39.73 24.44 29.05
CA ILE A 103 -40.43 23.27 29.57
C ILE A 103 -40.12 22.11 28.63
N PHE A 104 -39.66 20.98 29.15
CA PHE A 104 -39.31 19.85 28.32
C PHE A 104 -39.97 18.59 28.84
N GLY A 105 -40.45 17.75 27.93
CA GLY A 105 -41.02 16.47 28.34
C GLY A 105 -41.62 15.72 27.17
N THR A 106 -42.18 14.55 27.49
CA THR A 106 -42.92 13.76 26.52
C THR A 106 -44.41 14.08 26.60
N THR A 107 -45.02 13.81 27.75
CA THR A 107 -46.36 14.27 28.06
C THR A 107 -46.28 15.18 29.27
N LEU A 108 -47.17 16.18 29.31
CA LEU A 108 -47.05 17.26 30.27
C LEU A 108 -48.07 17.16 31.41
N ASP A 109 -48.57 15.96 31.67
CA ASP A 109 -49.42 15.70 32.82
C ASP A 109 -48.63 14.92 33.88
N SER A 110 -49.32 14.51 34.94
CA SER A 110 -48.69 13.81 36.05
C SER A 110 -48.62 12.30 35.77
N LYS A 111 -47.94 11.97 34.68
CA LYS A 111 -47.71 10.57 34.31
C LYS A 111 -46.24 10.25 34.14
N THR A 112 -45.47 11.12 33.49
CA THR A 112 -44.05 10.95 33.29
C THR A 112 -43.30 12.13 33.87
N GLN A 113 -41.98 12.00 33.96
CA GLN A 113 -41.13 13.06 34.48
C GLN A 113 -40.89 14.11 33.42
N SER A 114 -40.58 15.33 33.87
CA SER A 114 -40.38 16.44 32.95
C SER A 114 -39.43 17.44 33.58
N LEU A 115 -38.90 18.31 32.72
CA LEU A 115 -37.86 19.27 33.05
C LEU A 115 -38.42 20.69 32.93
N LEU A 116 -38.09 21.54 33.90
CA LEU A 116 -38.59 22.90 33.95
C LEU A 116 -37.42 23.83 34.24
N ILE A 117 -37.25 24.87 33.41
CA ILE A 117 -36.20 25.87 33.60
C ILE A 117 -36.88 27.23 33.69
N VAL A 118 -36.73 27.89 34.85
CA VAL A 118 -37.31 29.21 35.08
C VAL A 118 -36.19 30.19 35.42
N ASN A 119 -36.10 31.29 34.68
CA ASN A 119 -35.17 32.36 35.02
C ASN A 119 -35.92 33.41 35.84
N ASN A 120 -35.99 33.16 37.15
CA ASN A 120 -36.73 34.06 38.05
C ASN A 120 -35.85 35.20 38.55
N ALA A 121 -35.77 36.24 37.70
CA ALA A 121 -35.26 37.58 38.02
C ALA A 121 -33.80 37.58 38.45
N THR A 122 -33.51 37.01 39.61
CA THR A 122 -32.16 36.98 40.14
C THR A 122 -31.56 35.58 40.18
N ASN A 123 -32.33 34.54 39.84
CA ASN A 123 -31.81 33.18 39.87
C ASN A 123 -32.39 32.37 38.71
N VAL A 124 -31.90 31.15 38.55
CA VAL A 124 -32.51 30.16 37.69
C VAL A 124 -32.84 28.95 38.54
N VAL A 125 -34.02 28.38 38.30
CA VAL A 125 -34.48 27.17 38.96
C VAL A 125 -34.68 26.11 37.88
N ILE A 126 -33.98 24.99 38.01
CA ILE A 126 -34.06 23.88 37.08
C ILE A 126 -34.52 22.67 37.87
N LYS A 127 -35.69 22.14 37.52
CA LYS A 127 -36.26 21.00 38.21
C LYS A 127 -36.59 19.89 37.25
N VAL A 128 -36.24 18.67 37.62
CA VAL A 128 -36.80 17.46 37.01
C VAL A 128 -37.69 16.82 38.05
N CYS A 129 -38.99 16.78 37.75
CA CYS A 129 -39.99 16.25 38.68
C CYS A 129 -41.00 15.45 37.88
N GLU A 130 -42.13 15.13 38.52
CA GLU A 130 -43.24 14.53 37.78
C GLU A 130 -44.09 15.61 37.14
N PHE A 131 -44.39 16.67 37.90
CA PHE A 131 -45.12 17.87 37.50
C PHE A 131 -46.56 17.66 37.05
N GLN A 132 -47.30 18.77 36.96
CA GLN A 132 -48.64 18.79 36.38
C GLN A 132 -48.90 20.22 35.94
N PHE A 133 -48.81 20.47 34.64
CA PHE A 133 -48.87 21.84 34.17
C PHE A 133 -50.30 22.25 33.82
N CYS A 134 -50.47 23.55 33.59
CA CYS A 134 -51.70 24.07 33.02
C CYS A 134 -51.59 24.00 31.50
N ASN A 135 -52.56 24.59 30.81
CA ASN A 135 -52.52 24.59 29.35
C ASN A 135 -51.60 25.68 28.79
N ASP A 136 -51.58 26.86 29.42
CA ASP A 136 -50.75 27.98 28.99
C ASP A 136 -49.93 28.46 30.19
N PRO A 137 -48.72 27.92 30.39
CA PRO A 137 -47.87 28.41 31.47
C PRO A 137 -47.19 29.72 31.11
N PHE A 138 -47.10 30.60 32.11
CA PHE A 138 -46.52 31.93 31.85
C PHE A 138 -46.06 32.58 33.15
N LEU A 139 -45.23 33.60 33.02
CA LEU A 139 -44.68 34.36 34.14
C LEU A 139 -45.20 35.79 34.06
N ASP A 140 -45.62 36.34 35.20
CA ASP A 140 -46.16 37.73 35.22
C ASP A 140 -45.14 38.65 35.90
N GLU A 151 -46.05 36.79 38.69
CA GLU A 151 -46.58 35.64 39.47
C GLU A 151 -46.15 34.33 38.78
N PHE A 152 -46.51 33.19 39.38
CA PHE A 152 -46.10 31.87 38.83
C PHE A 152 -47.32 31.01 38.58
N ARG A 153 -47.68 30.80 37.31
CA ARG A 153 -48.85 29.95 36.97
C ARG A 153 -48.36 28.82 36.04
N VAL A 154 -47.08 28.46 36.14
CA VAL A 154 -46.50 27.44 35.21
C VAL A 154 -47.18 26.07 35.43
N TYR A 155 -47.32 25.62 36.68
CA TYR A 155 -47.89 24.27 36.93
C TYR A 155 -48.78 24.30 38.18
N SER A 156 -49.02 23.13 38.79
CA SER A 156 -49.89 23.04 39.96
C SER A 156 -49.29 22.16 41.05
N SER A 157 -48.55 21.13 40.66
CA SER A 157 -47.95 20.21 41.62
C SER A 157 -46.56 19.82 41.13
N ALA A 158 -45.69 19.50 42.09
CA ALA A 158 -44.31 19.13 41.82
C ALA A 158 -43.94 17.89 42.62
N ASN A 159 -44.77 16.87 42.53
CA ASN A 159 -44.57 15.64 43.30
C ASN A 159 -43.37 14.87 42.78
N ASN A 160 -42.62 14.25 43.72
CA ASN A 160 -41.47 13.38 43.47
C ASN A 160 -40.38 14.11 42.69
N CYS A 161 -39.84 15.17 43.30
CA CYS A 161 -38.75 15.91 42.69
C CYS A 161 -37.47 15.09 42.74
N THR A 162 -36.85 14.88 41.58
CA THR A 162 -35.63 14.09 41.52
C THR A 162 -34.40 14.88 41.08
N PHE A 163 -34.55 16.09 40.55
CA PHE A 163 -33.36 16.91 40.31
C PHE A 163 -33.75 18.37 40.52
N GLU A 164 -32.85 19.14 41.14
CA GLU A 164 -33.09 20.55 41.39
C GLU A 164 -31.76 21.28 41.31
N TYR A 165 -31.78 22.49 40.76
CA TYR A 165 -30.55 23.26 40.55
C TYR A 165 -30.91 24.74 40.49
N VAL A 166 -30.55 25.49 41.54
CA VAL A 166 -30.85 26.91 41.63
C VAL A 166 -29.53 27.67 41.59
N SER A 167 -29.35 28.53 40.59
CA SER A 167 -28.02 29.10 40.38
C SER A 167 -28.13 30.42 39.63
N GLN A 168 -27.00 30.87 39.08
CA GLN A 168 -26.89 32.07 38.24
C GLN A 168 -27.81 31.98 37.03
N PRO A 169 -28.67 32.99 36.80
CA PRO A 169 -29.64 32.91 35.70
C PRO A 169 -28.97 32.84 34.34
N PHE A 170 -29.50 31.97 33.47
CA PHE A 170 -28.90 31.74 32.16
C PHE A 170 -29.08 32.95 31.26
N LEU A 171 -30.13 33.73 31.50
CA LEU A 171 -30.39 34.90 30.69
C LEU A 171 -29.45 36.03 31.07
N MET A 172 -28.97 36.77 30.09
CA MET A 172 -28.02 37.85 30.32
C MET A 172 -28.44 39.09 29.52
N ASP A 173 -27.64 40.15 29.73
CA ASP A 173 -27.79 41.54 29.23
C ASP A 173 -29.11 42.00 28.61
N PHE A 181 -35.53 46.50 20.45
CA PHE A 181 -35.23 45.09 20.49
C PHE A 181 -33.76 44.85 20.18
N LYS A 182 -32.90 45.00 21.20
CA LYS A 182 -31.46 44.99 21.01
C LYS A 182 -30.78 43.71 21.47
N ASN A 183 -31.43 42.89 22.29
CA ASN A 183 -30.78 41.74 22.91
C ASN A 183 -31.13 40.49 22.09
N LEU A 184 -30.11 39.68 21.79
CA LEU A 184 -30.29 38.41 21.12
C LEU A 184 -29.68 37.32 21.98
N ARG A 185 -30.43 36.25 22.21
CA ARG A 185 -30.00 35.12 23.00
C ARG A 185 -30.10 33.87 22.16
N GLU A 186 -29.03 33.07 22.11
CA GLU A 186 -29.02 31.80 21.41
C GLU A 186 -28.80 30.66 22.38
N PHE A 187 -29.55 29.59 22.20
CA PHE A 187 -29.39 28.37 22.96
C PHE A 187 -29.48 27.18 22.01
N VAL A 188 -28.80 26.10 22.38
CA VAL A 188 -28.95 24.81 21.73
C VAL A 188 -29.24 23.78 22.81
N PHE A 189 -30.34 23.05 22.66
CA PHE A 189 -30.76 22.04 23.60
C PHE A 189 -30.56 20.69 22.92
N LYS A 190 -29.62 19.90 23.42
CA LYS A 190 -29.25 18.63 22.79
C LYS A 190 -29.42 17.52 23.82
N ASN A 191 -30.34 16.61 23.57
CA ASN A 191 -30.63 15.53 24.51
C ASN A 191 -29.94 14.25 24.04
N ILE A 192 -28.76 13.99 24.57
CA ILE A 192 -28.04 12.76 24.31
C ILE A 192 -28.45 11.78 25.41
N ASP A 193 -28.28 10.48 25.17
CA ASP A 193 -28.69 9.46 26.13
C ASP A 193 -27.90 9.59 27.41
N GLY A 194 -28.55 10.14 28.44
CA GLY A 194 -27.95 10.43 29.72
C GLY A 194 -27.85 11.91 30.04
N TYR A 195 -27.63 12.76 29.03
CA TYR A 195 -27.28 14.15 29.27
C TYR A 195 -28.18 15.11 28.49
N PHE A 196 -28.42 16.27 29.09
CA PHE A 196 -29.11 17.38 28.44
C PHE A 196 -28.12 18.52 28.35
N LYS A 197 -27.66 18.82 27.15
CA LYS A 197 -26.61 19.79 26.94
C LYS A 197 -27.23 21.10 26.47
N ILE A 198 -27.01 22.17 27.22
CA ILE A 198 -27.46 23.50 26.84
C ILE A 198 -26.25 24.33 26.49
N TYR A 199 -26.26 24.90 25.29
CA TYR A 199 -25.23 25.78 24.76
C TYR A 199 -25.81 27.17 24.62
N SER A 200 -25.04 28.21 24.94
CA SER A 200 -25.61 29.55 25.01
C SER A 200 -24.68 30.61 24.45
N LYS A 201 -25.29 31.72 24.04
CA LYS A 201 -24.57 32.92 23.61
C LYS A 201 -25.50 34.12 23.78
N HIS A 202 -24.91 35.26 24.14
CA HIS A 202 -25.64 36.50 24.35
C HIS A 202 -24.99 37.61 23.53
N THR A 203 -25.81 38.35 22.77
CA THR A 203 -25.27 39.33 21.84
C THR A 203 -26.13 40.60 21.78
N PRO A 204 -25.54 41.78 22.00
CA PRO A 204 -26.27 43.02 21.71
C PRO A 204 -26.27 43.31 20.21
N ILE A 205 -27.46 43.41 19.63
CA ILE A 205 -27.61 43.62 18.20
C ILE A 205 -28.34 44.94 17.95
N LEU A 206 -28.13 45.48 16.75
CA LEU A 206 -28.85 46.66 16.26
C LEU A 206 -29.19 46.40 14.80
N VAL A 207 -30.34 45.77 14.56
CA VAL A 207 -30.81 45.45 13.22
C VAL A 207 -32.27 45.88 13.10
N ARG A 208 -32.84 45.65 11.92
CA ARG A 208 -34.27 45.83 11.70
C ARG A 208 -35.04 44.80 12.52
N GLU A 209 -36.15 45.23 13.12
CA GLU A 209 -36.87 44.38 14.06
C GLU A 209 -37.63 43.21 13.41
N PRO A 210 -38.31 43.34 12.27
CA PRO A 210 -38.85 42.12 11.64
C PRO A 210 -37.93 41.51 10.60
N GLU A 211 -38.01 40.18 10.50
CA GLU A 211 -37.48 39.36 9.42
C GLU A 211 -35.96 39.46 9.26
N ASP A 212 -35.24 39.80 10.34
CA ASP A 212 -33.83 40.14 10.22
C ASP A 212 -33.02 39.47 11.33
N LEU A 213 -33.15 38.15 11.45
CA LEU A 213 -32.17 37.35 12.14
C LEU A 213 -30.80 37.58 11.50
N PRO A 214 -29.86 38.23 12.18
CA PRO A 214 -28.72 38.84 11.49
C PRO A 214 -27.72 37.82 10.97
N GLN A 215 -27.14 38.13 9.81
CA GLN A 215 -26.08 37.31 9.25
C GLN A 215 -24.78 37.51 10.02
N GLY A 216 -23.87 36.59 9.82
CA GLY A 216 -22.62 36.54 10.56
C GLY A 216 -22.44 35.21 11.25
N PHE A 217 -21.38 35.13 12.03
CA PHE A 217 -21.03 33.88 12.70
C PHE A 217 -20.68 34.13 14.15
N SER A 218 -21.18 33.27 15.02
CA SER A 218 -20.83 33.29 16.44
C SER A 218 -20.97 31.89 16.99
N ALA A 219 -19.86 31.30 17.42
CA ALA A 219 -19.90 29.97 18.01
C ALA A 219 -20.60 30.01 19.36
N LEU A 220 -21.33 28.94 19.67
CA LEU A 220 -22.15 28.88 20.87
C LEU A 220 -21.40 28.08 21.92
N GLU A 221 -20.89 28.78 22.94
CA GLU A 221 -20.11 28.12 23.98
C GLU A 221 -21.02 27.25 24.85
N PRO A 222 -20.48 26.17 25.41
CA PRO A 222 -21.29 25.32 26.29
C PRO A 222 -21.66 26.03 27.58
N LEU A 223 -22.92 25.86 27.99
CA LEU A 223 -23.43 26.50 29.19
C LEU A 223 -23.59 25.52 30.35
N VAL A 224 -24.33 24.43 30.15
CA VAL A 224 -24.56 23.50 31.25
C VAL A 224 -24.78 22.10 30.69
N ASP A 225 -24.42 21.10 31.48
CA ASP A 225 -24.44 19.68 31.12
C ASP A 225 -25.27 18.95 32.18
N LEU A 226 -26.59 18.91 32.00
CA LEU A 226 -27.47 18.33 33.03
C LEU A 226 -27.44 16.80 32.95
N PRO A 227 -27.20 16.10 34.08
CA PRO A 227 -27.15 14.63 34.07
C PRO A 227 -28.51 13.98 34.25
N ILE A 228 -29.46 14.34 33.41
CA ILE A 228 -30.85 13.90 33.60
C ILE A 228 -31.14 12.72 32.69
N GLY A 229 -31.69 11.65 33.28
CA GLY A 229 -32.05 10.46 32.53
C GLY A 229 -33.51 10.40 32.14
N ILE A 230 -33.99 11.40 31.40
CA ILE A 230 -35.39 11.47 31.02
C ILE A 230 -35.49 11.53 29.50
N ASN A 231 -36.63 11.08 28.99
CA ASN A 231 -36.94 11.21 27.57
C ASN A 231 -37.54 12.59 27.32
N ILE A 232 -37.13 13.21 26.22
CA ILE A 232 -37.62 14.53 25.85
C ILE A 232 -38.02 14.49 24.38
N THR A 233 -39.30 14.72 24.10
CA THR A 233 -39.81 14.73 22.74
C THR A 233 -40.60 15.99 22.39
N ARG A 234 -40.76 16.92 23.33
CA ARG A 234 -41.65 18.04 23.13
C ARG A 234 -41.29 19.15 24.12
N PHE A 235 -41.40 20.41 23.69
CA PHE A 235 -41.01 21.50 24.56
C PHE A 235 -41.97 22.67 24.40
N GLN A 236 -41.92 23.57 25.39
CA GLN A 236 -42.79 24.74 25.48
C GLN A 236 -41.98 25.83 26.15
N THR A 237 -42.40 27.08 26.01
CA THR A 237 -41.71 28.20 26.65
C THR A 237 -42.62 28.93 27.62
N LEU A 238 -42.00 29.79 28.42
CA LEU A 238 -42.67 30.57 29.45
C LEU A 238 -42.61 32.05 29.09
N LEU A 239 -43.73 32.73 29.27
CA LEU A 239 -43.80 34.17 28.98
C LEU A 239 -44.08 34.96 30.26
N ALA A 261 -39.49 38.70 19.98
CA ALA A 261 -39.39 37.72 18.90
C ALA A 261 -39.05 36.35 19.46
N TYR A 262 -39.10 35.33 18.61
CA TYR A 262 -39.01 33.95 19.08
C TYR A 262 -38.64 33.09 17.87
N TYR A 263 -37.55 32.33 17.96
CA TYR A 263 -37.07 31.56 16.82
C TYR A 263 -36.73 30.14 17.24
N VAL A 264 -37.26 29.16 16.52
CA VAL A 264 -37.00 27.75 16.78
C VAL A 264 -36.55 27.09 15.50
N GLY A 265 -35.35 26.50 15.51
CA GLY A 265 -34.89 25.69 14.40
C GLY A 265 -34.54 24.31 14.91
N TYR A 266 -34.48 23.31 14.03
CA TYR A 266 -34.27 21.94 14.44
C TYR A 266 -32.94 21.43 13.94
N LEU A 267 -32.27 20.63 14.78
CA LEU A 267 -30.97 20.10 14.42
C LEU A 267 -31.12 18.81 13.62
N GLN A 268 -30.09 18.52 12.83
CA GLN A 268 -30.06 17.35 11.97
C GLN A 268 -28.61 16.87 11.94
N PRO A 269 -28.37 15.55 11.84
CA PRO A 269 -26.99 15.07 11.75
C PRO A 269 -26.34 15.44 10.42
N ARG A 270 -25.44 16.41 10.44
CA ARG A 270 -24.75 16.88 9.24
C ARG A 270 -23.25 16.86 9.46
N THR A 271 -22.52 17.08 8.37
CA THR A 271 -21.06 17.11 8.37
C THR A 271 -20.60 18.56 8.20
N PHE A 272 -19.85 19.05 9.17
CA PHE A 272 -19.37 20.42 9.17
C PHE A 272 -17.86 20.48 9.18
N LEU A 273 -17.33 21.57 8.63
CA LEU A 273 -15.91 21.92 8.73
C LEU A 273 -15.80 23.15 9.61
N LEU A 274 -15.09 23.02 10.72
CA LEU A 274 -14.95 24.08 11.71
C LEU A 274 -13.52 24.60 11.70
N LYS A 275 -13.36 25.92 11.82
CA LYS A 275 -12.05 26.55 11.79
C LYS A 275 -11.67 26.93 13.21
N TYR A 276 -10.64 26.28 13.75
CA TYR A 276 -10.15 26.52 15.10
C TYR A 276 -8.95 27.46 15.01
N ASN A 277 -9.06 28.63 15.64
CA ASN A 277 -8.01 29.64 15.55
C ASN A 277 -6.93 29.38 16.62
N GLU A 278 -6.07 30.38 16.85
CA GLU A 278 -4.98 30.22 17.80
C GLU A 278 -5.47 30.26 19.25
N ASN A 279 -6.67 30.77 19.51
CA ASN A 279 -7.22 30.81 20.84
C ASN A 279 -8.24 29.72 21.11
N GLY A 280 -8.40 28.78 20.18
CA GLY A 280 -9.34 27.68 20.35
C GLY A 280 -10.79 28.04 20.14
N THR A 281 -11.09 29.19 19.55
CA THR A 281 -12.44 29.65 19.33
C THR A 281 -12.82 29.47 17.87
N ILE A 282 -14.02 28.94 17.63
CA ILE A 282 -14.48 28.73 16.26
C ILE A 282 -14.82 30.07 15.64
N THR A 283 -14.24 30.36 14.47
CA THR A 283 -14.52 31.60 13.77
C THR A 283 -15.10 31.41 12.36
N ASP A 284 -15.21 30.17 11.89
CA ASP A 284 -15.86 29.90 10.60
C ASP A 284 -16.34 28.46 10.58
N ALA A 285 -17.49 28.25 9.94
CA ALA A 285 -18.07 26.91 9.79
C ALA A 285 -18.63 26.78 8.39
N VAL A 286 -18.28 25.69 7.72
CA VAL A 286 -18.71 25.41 6.35
C VAL A 286 -19.52 24.12 6.36
N ASP A 287 -20.67 24.09 5.66
CA ASP A 287 -21.40 22.80 5.53
C ASP A 287 -21.25 22.22 4.12
N CYS A 288 -20.58 21.08 3.97
CA CYS A 288 -20.45 20.43 2.64
C CYS A 288 -21.84 20.17 2.05
N ALA A 289 -22.77 19.66 2.85
CA ALA A 289 -24.13 19.33 2.35
C ALA A 289 -24.82 20.58 1.80
N LEU A 290 -24.49 21.75 2.37
CA LEU A 290 -25.22 23.00 2.04
C LEU A 290 -25.03 23.34 0.55
N ASP A 291 -23.80 23.30 0.05
CA ASP A 291 -23.54 23.70 -1.36
C ASP A 291 -22.33 22.93 -1.92
N PRO A 292 -22.28 22.67 -3.24
CA PRO A 292 -21.14 21.98 -3.84
C PRO A 292 -19.80 22.66 -3.55
N LEU A 293 -19.76 24.00 -3.59
CA LEU A 293 -18.51 24.72 -3.24
C LEU A 293 -18.14 24.39 -1.79
N SER A 294 -19.13 24.40 -0.89
CA SER A 294 -18.88 24.04 0.52
C SER A 294 -18.40 22.58 0.58
N GLU A 295 -18.99 21.70 -0.23
CA GLU A 295 -18.49 20.31 -0.30
C GLU A 295 -17.02 20.36 -0.76
N THR A 296 -16.76 21.08 -1.86
CA THR A 296 -15.38 21.25 -2.33
C THR A 296 -14.46 21.69 -1.20
N LYS A 297 -14.94 22.58 -0.33
CA LYS A 297 -14.17 23.04 0.83
C LYS A 297 -13.90 21.90 1.81
N CYS A 298 -14.90 21.05 2.04
CA CYS A 298 -14.70 19.91 2.93
C CYS A 298 -13.81 18.85 2.30
N THR A 299 -13.84 18.73 0.97
CA THR A 299 -12.97 17.77 0.29
C THR A 299 -11.52 18.22 0.34
N LEU A 300 -11.25 19.50 0.05
CA LEU A 300 -9.90 20.02 0.02
C LEU A 300 -9.35 20.35 1.40
N LYS A 301 -10.18 20.28 2.45
CA LYS A 301 -9.84 20.65 3.83
C LYS A 301 -9.31 22.08 3.92
N SER A 302 -9.96 22.98 3.20
CA SER A 302 -9.53 24.38 3.17
C SER A 302 -10.74 25.26 2.98
N PHE A 303 -10.70 26.44 3.58
CA PHE A 303 -11.76 27.43 3.42
C PHE A 303 -11.60 28.26 2.16
N THR A 304 -10.44 28.20 1.51
CA THR A 304 -10.20 28.87 0.25
C THR A 304 -9.98 27.82 -0.83
N VAL A 305 -10.66 27.98 -1.95
CA VAL A 305 -10.61 27.03 -3.06
C VAL A 305 -10.01 27.74 -4.27
N GLU A 306 -9.03 27.12 -4.90
CA GLU A 306 -8.42 27.67 -6.10
C GLU A 306 -9.31 27.43 -7.31
N LYS A 307 -8.96 28.09 -8.41
CA LYS A 307 -9.72 27.94 -9.65
C LYS A 307 -9.48 26.56 -10.25
N GLY A 308 -10.55 25.91 -10.66
CA GLY A 308 -10.43 24.62 -11.32
C GLY A 308 -11.70 23.81 -11.18
N ILE A 309 -11.62 22.57 -11.66
CA ILE A 309 -12.70 21.60 -11.57
C ILE A 309 -12.30 20.54 -10.55
N TYR A 310 -13.21 20.22 -9.64
CA TYR A 310 -12.92 19.33 -8.52
C TYR A 310 -13.98 18.24 -8.44
N GLN A 311 -13.54 16.99 -8.42
CA GLN A 311 -14.43 15.87 -8.16
C GLN A 311 -14.61 15.71 -6.66
N THR A 312 -15.83 15.92 -6.19
CA THR A 312 -16.09 15.96 -4.75
C THR A 312 -16.74 14.67 -4.27
N SER A 313 -17.87 14.31 -4.88
CA SER A 313 -18.61 13.14 -4.43
C SER A 313 -19.37 12.50 -5.58
N ASN A 314 -20.32 11.62 -5.25
CA ASN A 314 -21.16 10.96 -6.22
C ASN A 314 -22.61 11.21 -5.84
N PHE A 315 -23.50 11.18 -6.83
CA PHE A 315 -24.93 11.31 -6.57
C PHE A 315 -25.58 9.97 -6.90
N ARG A 316 -26.57 9.59 -6.08
CA ARG A 316 -27.30 8.35 -6.28
C ARG A 316 -28.78 8.58 -6.07
N VAL A 317 -29.58 8.07 -6.99
CA VAL A 317 -31.03 8.13 -6.83
C VAL A 317 -31.46 7.13 -5.76
N GLN A 318 -32.06 7.64 -4.70
CA GLN A 318 -32.48 6.72 -3.66
C GLN A 318 -33.80 6.07 -4.03
N PRO A 319 -34.04 4.82 -3.61
CA PRO A 319 -35.36 4.24 -3.79
C PRO A 319 -36.37 4.85 -2.83
N THR A 320 -37.55 5.14 -3.36
CA THR A 320 -38.62 5.73 -2.58
C THR A 320 -39.56 4.72 -1.96
N GLU A 321 -39.62 3.50 -2.51
CA GLU A 321 -40.47 2.44 -1.98
C GLU A 321 -39.61 1.21 -1.70
N SER A 322 -40.25 0.19 -1.13
CA SER A 322 -39.62 -1.10 -0.93
C SER A 322 -40.66 -2.19 -1.16
N ILE A 323 -40.27 -3.21 -1.93
CA ILE A 323 -41.17 -4.30 -2.28
C ILE A 323 -40.56 -5.62 -1.82
N VAL A 324 -41.43 -6.52 -1.37
CA VAL A 324 -41.04 -7.83 -0.84
C VAL A 324 -41.83 -8.89 -1.61
N ARG A 325 -41.14 -9.91 -2.12
CA ARG A 325 -41.77 -10.96 -2.92
C ARG A 325 -41.39 -12.33 -2.37
N PHE A 326 -42.40 -13.16 -2.11
CA PHE A 326 -42.24 -14.55 -1.74
C PHE A 326 -43.40 -15.36 -2.30
N PRO A 327 -43.22 -16.67 -2.49
CA PRO A 327 -44.34 -17.52 -2.92
C PRO A 327 -45.43 -17.61 -1.85
N ASN A 328 -46.66 -17.83 -2.32
CA ASN A 328 -47.81 -17.93 -1.44
C ASN A 328 -47.87 -19.35 -0.84
N ILE A 329 -47.09 -19.54 0.21
CA ILE A 329 -47.04 -20.81 0.93
C ILE A 329 -47.56 -20.57 2.34
N THR A 330 -48.61 -21.31 2.71
CA THR A 330 -49.24 -21.18 4.02
C THR A 330 -48.96 -22.39 4.92
N ASN A 331 -48.21 -23.37 4.43
CA ASN A 331 -47.88 -24.55 5.21
C ASN A 331 -46.84 -24.22 6.27
N LEU A 332 -46.90 -24.95 7.38
CA LEU A 332 -45.93 -24.82 8.46
C LEU A 332 -44.95 -25.98 8.42
N CYS A 333 -43.80 -25.78 9.05
CA CYS A 333 -42.75 -26.77 9.06
C CYS A 333 -43.18 -27.97 9.92
N PRO A 334 -42.93 -29.21 9.47
CA PRO A 334 -43.25 -30.39 10.30
C PRO A 334 -42.29 -30.56 11.47
N PHE A 335 -42.45 -29.68 12.47
CA PHE A 335 -41.61 -29.74 13.67
C PHE A 335 -42.03 -30.88 14.57
N ASP A 336 -43.33 -31.22 14.56
CA ASP A 336 -43.86 -32.17 15.53
C ASP A 336 -43.52 -33.61 15.19
N GLU A 337 -43.23 -33.89 13.91
CA GLU A 337 -42.99 -35.27 13.49
C GLU A 337 -41.60 -35.77 13.84
N VAL A 338 -40.69 -34.87 14.23
CA VAL A 338 -39.33 -35.24 14.57
C VAL A 338 -39.04 -34.99 16.05
N PHE A 339 -39.51 -33.87 16.58
CA PHE A 339 -39.09 -33.41 17.90
C PHE A 339 -39.96 -33.99 19.02
N ASN A 340 -41.28 -33.94 18.85
CA ASN A 340 -42.21 -34.32 19.91
C ASN A 340 -42.27 -35.84 20.00
N ALA A 341 -41.39 -36.40 20.83
CA ALA A 341 -41.35 -37.84 21.06
C ALA A 341 -40.71 -38.11 22.42
N THR A 342 -40.94 -39.31 22.93
CA THR A 342 -40.29 -39.78 24.15
C THR A 342 -39.29 -40.88 23.86
N ARG A 343 -39.27 -41.42 22.65
CA ARG A 343 -38.27 -42.38 22.21
C ARG A 343 -37.68 -41.89 20.90
N PHE A 344 -36.36 -41.80 20.84
CA PHE A 344 -35.66 -41.31 19.66
C PHE A 344 -34.79 -42.41 19.07
N ALA A 345 -33.98 -42.04 18.08
CA ALA A 345 -33.06 -42.98 17.48
C ALA A 345 -31.63 -42.72 17.94
N SER A 346 -30.76 -43.68 17.66
CA SER A 346 -29.36 -43.58 18.07
C SER A 346 -28.47 -43.31 16.86
N VAL A 347 -27.15 -43.30 17.11
CA VAL A 347 -26.18 -42.85 16.11
C VAL A 347 -26.09 -43.85 14.95
N TYR A 348 -26.11 -45.15 15.26
CA TYR A 348 -25.93 -46.15 14.21
C TYR A 348 -27.17 -46.30 13.33
N ALA A 349 -28.35 -45.93 13.83
CA ALA A 349 -29.60 -46.18 13.13
C ALA A 349 -30.53 -44.97 13.12
N TRP A 350 -30.02 -43.79 12.80
CA TRP A 350 -30.85 -42.60 12.89
C TRP A 350 -31.65 -42.39 11.61
N ASN A 351 -32.60 -41.45 11.68
CA ASN A 351 -33.69 -41.36 10.72
C ASN A 351 -33.63 -40.07 9.90
N ARG A 352 -34.05 -40.17 8.64
CA ARG A 352 -34.01 -39.11 7.66
C ARG A 352 -35.39 -38.49 7.49
N LYS A 353 -35.45 -37.16 7.43
CA LYS A 353 -36.71 -36.44 7.24
C LYS A 353 -36.48 -35.28 6.28
N ARG A 354 -37.30 -35.19 5.24
CA ARG A 354 -37.19 -34.13 4.25
C ARG A 354 -38.25 -33.07 4.52
N ILE A 355 -37.83 -31.81 4.58
CA ILE A 355 -38.71 -30.68 4.87
C ILE A 355 -38.66 -29.72 3.68
N SER A 356 -39.83 -29.46 3.08
CA SER A 356 -39.92 -28.54 1.96
C SER A 356 -41.37 -28.05 1.85
N ASN A 357 -41.53 -26.94 1.12
CA ASN A 357 -42.82 -26.31 0.81
C ASN A 357 -43.60 -25.95 2.08
N CYS A 358 -42.98 -25.13 2.92
CA CYS A 358 -43.56 -24.75 4.20
C CYS A 358 -42.92 -23.46 4.68
N VAL A 359 -43.33 -23.03 5.88
CA VAL A 359 -42.78 -21.84 6.52
C VAL A 359 -42.09 -22.25 7.81
N ALA A 360 -40.81 -21.89 7.92
CA ALA A 360 -40.03 -22.14 9.13
C ALA A 360 -40.18 -20.93 10.06
N ASP A 361 -41.36 -20.82 10.67
CA ASP A 361 -41.71 -19.67 11.50
C ASP A 361 -41.11 -19.92 12.87
N TYR A 362 -39.97 -19.28 13.13
CA TYR A 362 -39.30 -19.42 14.42
C TYR A 362 -39.82 -18.47 15.48
N SER A 363 -40.81 -17.63 15.18
CA SER A 363 -41.45 -16.84 16.21
C SER A 363 -42.28 -17.69 17.16
N VAL A 364 -42.64 -18.90 16.75
CA VAL A 364 -43.35 -19.85 17.59
C VAL A 364 -42.37 -20.89 18.16
N LEU A 365 -41.36 -21.26 17.38
CA LEU A 365 -40.51 -22.41 17.72
C LEU A 365 -39.60 -22.13 18.90
N TYR A 366 -39.08 -20.90 19.02
CA TYR A 366 -38.14 -20.58 20.09
C TYR A 366 -38.78 -20.60 21.48
N ASN A 367 -40.10 -20.48 21.57
CA ASN A 367 -40.80 -20.51 22.84
C ASN A 367 -41.20 -21.93 23.26
N LEU A 368 -40.85 -22.93 22.47
CA LEU A 368 -41.22 -24.31 22.76
C LEU A 368 -40.22 -24.93 23.74
N ALA A 369 -40.60 -26.11 24.25
CA ALA A 369 -39.77 -26.82 25.24
C ALA A 369 -38.42 -27.30 24.72
N PRO A 370 -38.28 -28.09 23.54
CA PRO A 370 -36.98 -28.71 23.22
C PRO A 370 -35.95 -27.76 22.60
N PHE A 371 -35.68 -26.65 23.28
CA PHE A 371 -34.68 -25.67 22.88
C PHE A 371 -33.81 -25.28 24.07
N PHE A 372 -33.32 -26.29 24.81
CA PHE A 372 -32.39 -26.02 25.90
C PHE A 372 -31.04 -25.54 25.39
N THR A 373 -30.58 -26.09 24.26
CA THR A 373 -29.35 -25.67 23.62
C THR A 373 -29.62 -25.38 22.16
N PHE A 374 -29.29 -24.17 21.71
CA PHE A 374 -29.50 -23.78 20.33
C PHE A 374 -28.23 -23.11 19.81
N LYS A 375 -27.78 -23.53 18.64
CA LYS A 375 -26.64 -22.92 17.97
C LYS A 375 -26.75 -23.20 16.47
N CYS A 376 -26.04 -22.38 15.69
CA CYS A 376 -26.04 -22.49 14.24
C CYS A 376 -24.62 -22.26 13.73
N TYR A 377 -24.36 -22.77 12.53
CA TYR A 377 -23.05 -22.65 11.88
C TYR A 377 -23.25 -22.04 10.49
N GLY A 378 -22.76 -20.82 10.31
CA GLY A 378 -22.89 -20.11 9.06
C GLY A 378 -24.20 -19.37 8.88
N VAL A 379 -25.15 -19.54 9.79
CA VAL A 379 -26.45 -18.88 9.74
C VAL A 379 -26.67 -18.19 11.08
N SER A 380 -27.21 -16.97 11.06
CA SER A 380 -27.57 -16.31 12.31
C SER A 380 -28.83 -16.95 12.90
N PRO A 381 -28.85 -17.22 14.21
CA PRO A 381 -30.08 -17.73 14.84
C PRO A 381 -31.29 -16.81 14.73
N THR A 382 -31.09 -15.50 14.84
CA THR A 382 -32.19 -14.54 14.78
C THR A 382 -32.58 -14.17 13.36
N LYS A 383 -31.78 -14.56 12.36
CA LYS A 383 -32.07 -14.27 10.97
C LYS A 383 -32.62 -15.46 10.22
N LEU A 384 -33.04 -16.51 10.92
CA LEU A 384 -33.72 -17.64 10.29
C LEU A 384 -35.06 -17.24 9.70
N ASN A 385 -35.71 -16.23 10.27
CA ASN A 385 -37.01 -15.80 9.80
C ASN A 385 -36.94 -15.07 8.46
N ASP A 386 -35.78 -14.55 8.09
CA ASP A 386 -35.64 -13.76 6.88
C ASP A 386 -35.05 -14.54 5.71
N LEU A 387 -34.65 -15.79 5.91
CA LEU A 387 -33.95 -16.56 4.91
C LEU A 387 -34.77 -17.76 4.45
N CYS A 388 -34.50 -18.21 3.23
CA CYS A 388 -35.18 -19.36 2.64
C CYS A 388 -34.14 -20.37 2.18
N PHE A 389 -34.27 -21.60 2.68
CA PHE A 389 -33.26 -22.65 2.54
C PHE A 389 -33.86 -23.79 1.73
N THR A 390 -33.17 -24.16 0.65
CA THR A 390 -33.78 -24.93 -0.45
C THR A 390 -34.24 -26.32 -0.01
N ASN A 391 -33.34 -27.09 0.60
CA ASN A 391 -33.64 -28.45 1.04
C ASN A 391 -33.29 -28.56 2.51
N VAL A 392 -34.31 -28.46 3.36
CA VAL A 392 -34.15 -28.51 4.80
C VAL A 392 -34.36 -29.95 5.26
N TYR A 393 -33.45 -30.46 6.08
CA TYR A 393 -33.55 -31.81 6.62
C TYR A 393 -33.36 -31.79 8.13
N ALA A 394 -34.27 -32.42 8.85
CA ALA A 394 -34.18 -32.58 10.30
C ALA A 394 -33.80 -34.03 10.60
N ASP A 395 -32.68 -34.21 11.28
CA ASP A 395 -32.21 -35.54 11.63
C ASP A 395 -32.59 -35.88 13.08
N SER A 396 -32.52 -37.17 13.42
CA SER A 396 -33.02 -37.65 14.72
C SER A 396 -32.04 -38.65 15.30
N PHE A 397 -31.08 -38.18 16.10
CA PHE A 397 -30.11 -39.06 16.72
C PHE A 397 -29.80 -38.57 18.13
N VAL A 398 -29.31 -39.50 18.95
CA VAL A 398 -28.92 -39.23 20.34
C VAL A 398 -27.46 -39.63 20.50
N ILE A 399 -26.65 -38.70 21.01
CA ILE A 399 -25.23 -38.96 21.23
C ILE A 399 -24.95 -39.06 22.72
N ARG A 400 -23.71 -39.42 23.03
CA ARG A 400 -23.27 -39.55 24.41
C ARG A 400 -22.89 -38.20 24.98
N GLY A 401 -23.32 -37.93 26.22
CA GLY A 401 -22.98 -36.69 26.89
C GLY A 401 -24.20 -35.83 27.23
N GLU A 403 -19.04 -36.38 23.07
CA GLU A 403 -19.49 -36.19 21.70
C GLU A 403 -20.28 -34.89 21.55
N VAL A 404 -20.66 -34.30 22.69
CA VAL A 404 -21.41 -33.05 22.68
C VAL A 404 -20.53 -31.88 22.28
N ARG A 405 -19.21 -32.02 22.41
CA ARG A 405 -18.26 -31.02 21.93
C ARG A 405 -18.11 -31.03 20.41
N GLN A 406 -18.57 -32.08 19.74
CA GLN A 406 -18.38 -32.25 18.30
C GLN A 406 -19.68 -32.17 17.52
N ILE A 407 -20.78 -32.67 18.07
CA ILE A 407 -22.03 -32.79 17.32
C ILE A 407 -23.22 -32.75 18.26
N ASN A 414 -14.73 -38.83 18.56
CA ASN A 414 -15.46 -40.04 18.24
C ASN A 414 -16.50 -39.78 17.16
N ILE A 415 -17.50 -38.98 17.48
CA ILE A 415 -18.56 -38.65 16.54
C ILE A 415 -18.51 -37.18 16.18
N ASP A 417 -15.59 -40.03 13.66
CA ASP A 417 -15.51 -40.98 12.56
C ASP A 417 -16.60 -42.04 12.66
N TYR A 418 -17.31 -42.05 13.79
CA TYR A 418 -18.32 -43.07 14.07
C TYR A 418 -19.71 -42.56 13.70
N ASN A 419 -19.90 -42.36 12.40
CA ASN A 419 -21.18 -41.96 11.76
C ASN A 419 -21.75 -40.66 12.34
N LYS A 421 -20.03 -38.41 10.04
CA LYS A 421 -19.28 -37.37 9.34
C LYS A 421 -20.21 -36.16 9.18
N LEU A 422 -20.56 -35.54 10.30
CA LEU A 422 -21.42 -34.36 10.33
C LEU A 422 -20.71 -33.28 11.14
N PRO A 423 -19.76 -32.58 10.53
CA PRO A 423 -18.83 -31.73 11.29
C PRO A 423 -19.42 -30.36 11.59
N ASP A 424 -18.57 -29.51 12.20
CA ASP A 424 -18.99 -28.17 12.59
C ASP A 424 -19.10 -27.21 11.41
N ASP A 425 -18.24 -27.35 10.40
CA ASP A 425 -18.28 -26.47 9.23
C ASP A 425 -19.33 -26.88 8.22
N PHE A 426 -20.13 -27.91 8.51
CA PHE A 426 -21.33 -28.20 7.75
C PHE A 426 -22.36 -27.11 8.04
N THR A 427 -22.96 -26.57 6.99
CA THR A 427 -23.88 -25.44 7.16
C THR A 427 -25.20 -25.93 7.72
N GLY A 428 -25.53 -25.48 8.92
CA GLY A 428 -26.77 -25.87 9.56
C GLY A 428 -26.88 -25.32 10.96
N CYS A 429 -28.02 -25.62 11.57
CA CYS A 429 -28.28 -25.29 12.97
C CYS A 429 -28.43 -26.55 13.79
N VAL A 430 -28.05 -26.46 15.06
CA VAL A 430 -28.13 -27.57 15.99
C VAL A 430 -29.16 -27.23 17.05
N ILE A 431 -30.24 -28.00 17.09
CA ILE A 431 -31.26 -27.91 18.12
C ILE A 431 -31.11 -29.13 19.01
N ALA A 432 -30.81 -28.92 20.29
CA ALA A 432 -30.40 -30.02 21.14
C ALA A 432 -30.89 -29.83 22.56
N TRP A 433 -31.15 -30.95 23.23
CA TRP A 433 -31.53 -30.96 24.64
C TRP A 433 -31.23 -32.33 25.22
N ASN A 434 -31.33 -32.42 26.54
CA ASN A 434 -30.97 -33.65 27.25
C ASN A 434 -32.03 -34.73 27.04
N SER A 435 -31.57 -35.97 26.90
CA SER A 435 -32.45 -37.13 26.78
C SER A 435 -32.72 -37.81 28.11
N ASN A 436 -32.16 -37.30 29.21
CA ASN A 436 -32.30 -37.98 30.50
C ASN A 436 -33.62 -37.67 31.20
N LYS A 437 -34.48 -36.83 30.62
CA LYS A 437 -35.76 -36.51 31.22
C LYS A 437 -36.92 -37.26 30.58
N LEU A 438 -36.83 -37.60 29.29
CA LEU A 438 -37.93 -38.27 28.60
C LEU A 438 -37.52 -39.68 28.16
N ASP A 439 -36.41 -39.78 27.44
CA ASP A 439 -35.93 -41.06 26.94
C ASP A 439 -34.92 -41.63 27.92
N SER A 440 -35.42 -42.02 29.09
CA SER A 440 -34.53 -42.47 30.16
C SER A 440 -35.28 -43.35 31.15
N LYS A 441 -34.60 -43.59 32.27
CA LYS A 441 -34.97 -44.44 33.40
C LYS A 441 -34.35 -43.79 34.62
N VAL A 442 -34.03 -44.59 35.64
CA VAL A 442 -33.10 -44.18 36.69
C VAL A 442 -31.82 -43.59 36.09
N SER A 443 -31.30 -44.22 35.04
CA SER A 443 -30.23 -43.68 34.21
C SER A 443 -30.72 -43.62 32.77
N GLY A 444 -29.81 -43.37 31.84
CA GLY A 444 -30.17 -43.36 30.43
C GLY A 444 -30.56 -44.74 29.93
N ASN A 445 -31.33 -44.76 28.85
CA ASN A 445 -31.81 -46.02 28.30
C ASN A 445 -30.68 -46.81 27.67
N TYR A 446 -30.59 -48.08 28.04
CA TYR A 446 -29.58 -49.00 27.53
C TYR A 446 -30.11 -49.83 26.37
N ASN A 447 -31.18 -49.38 25.73
CA ASN A 447 -31.79 -50.07 24.60
C ASN A 447 -31.13 -49.73 23.27
N TYR A 448 -30.12 -48.86 23.28
CA TYR A 448 -29.51 -48.36 22.06
C TYR A 448 -28.04 -48.74 22.03
N LEU A 449 -27.45 -48.68 20.83
CA LEU A 449 -26.08 -49.07 20.61
C LEU A 449 -25.28 -47.92 20.00
N TYR A 450 -23.97 -47.94 20.24
CA TYR A 450 -23.05 -47.00 19.64
C TYR A 450 -21.99 -47.76 18.87
N ARG A 451 -21.48 -47.13 17.82
CA ARG A 451 -20.45 -47.73 16.98
C ARG A 451 -19.07 -47.48 17.58
N LEU A 452 -18.36 -48.57 17.88
CA LEU A 452 -17.03 -48.51 18.47
C LEU A 452 -15.91 -48.83 17.49
N PHE A 453 -16.21 -49.60 16.43
CA PHE A 453 -15.20 -50.00 15.47
C PHE A 453 -15.67 -49.72 14.05
N ARG A 454 -14.78 -49.16 13.24
CA ARG A 454 -15.02 -48.94 11.82
C ARG A 454 -13.76 -49.27 11.03
N LYS A 455 -13.97 -49.69 9.78
CA LYS A 455 -12.87 -49.83 8.83
C LYS A 455 -12.60 -48.55 8.04
N SER A 456 -13.65 -47.80 7.69
CA SER A 456 -13.49 -46.55 6.97
C SER A 456 -14.67 -45.64 7.29
N ASN A 457 -14.46 -44.35 7.08
CA ASN A 457 -15.51 -43.36 7.29
C ASN A 457 -16.53 -43.42 6.15
N LEU A 458 -17.75 -42.98 6.45
CA LEU A 458 -18.84 -43.01 5.48
C LEU A 458 -19.35 -41.59 5.27
N LYS A 459 -20.32 -41.46 4.36
CA LYS A 459 -20.91 -40.18 4.04
C LYS A 459 -21.81 -39.70 5.19
N PRO A 460 -22.05 -38.39 5.26
CA PRO A 460 -23.22 -37.92 6.03
C PRO A 460 -24.51 -38.37 5.38
N PHE A 461 -25.55 -38.48 6.20
CA PHE A 461 -26.88 -38.97 5.86
C PHE A 461 -26.86 -40.39 5.29
N GLU A 462 -26.07 -41.28 5.89
CA GLU A 462 -25.95 -42.67 5.48
C GLU A 462 -25.85 -43.56 6.71
N ARG A 463 -26.54 -44.71 6.65
CA ARG A 463 -26.45 -45.70 7.71
C ARG A 463 -25.12 -46.45 7.63
N ASP A 464 -24.57 -46.77 8.80
CA ASP A 464 -23.33 -47.53 8.87
C ASP A 464 -23.59 -48.98 9.28
N GLU A 468 -20.85 -59.10 11.39
CA GLU A 468 -19.55 -59.71 11.64
C GLU A 468 -18.72 -58.83 12.57
N ILE A 469 -18.00 -59.46 13.49
CA ILE A 469 -17.20 -58.77 14.50
C ILE A 469 -15.96 -58.18 13.85
N TYR A 470 -15.39 -57.18 14.50
CA TYR A 470 -14.26 -56.43 13.95
C TYR A 470 -12.95 -56.95 14.53
N GLN A 471 -12.01 -57.31 13.66
CA GLN A 471 -10.69 -57.79 14.10
C GLN A 471 -9.79 -56.59 14.38
N ALA A 472 -9.92 -56.07 15.60
CA ALA A 472 -9.13 -54.91 16.00
C ALA A 472 -7.69 -55.28 16.32
N GLY A 473 -7.48 -56.46 16.91
CA GLY A 473 -6.17 -56.91 17.31
C GLY A 473 -5.53 -57.82 16.28
N ASN A 474 -4.46 -58.49 16.74
CA ASN A 474 -3.70 -59.42 15.89
C ASN A 474 -4.23 -60.86 16.04
N LYS A 475 -5.53 -60.99 15.84
CA LYS A 475 -6.17 -62.30 15.96
C LYS A 475 -7.34 -62.41 14.99
N PRO A 476 -7.35 -63.43 14.11
CA PRO A 476 -8.45 -63.58 13.13
C PRO A 476 -9.70 -64.22 13.74
N CYS A 477 -10.40 -63.45 14.55
CA CYS A 477 -11.64 -63.91 15.17
C CYS A 477 -12.78 -63.91 14.16
N ASN A 478 -13.69 -64.88 14.31
CA ASN A 478 -14.87 -64.98 13.48
C ASN A 478 -16.06 -65.40 14.34
N GLY A 479 -17.15 -64.64 14.25
CA GLY A 479 -18.38 -65.00 14.93
C GLY A 479 -18.42 -64.64 16.40
N VAL A 480 -17.67 -65.39 17.21
CA VAL A 480 -17.67 -65.22 18.66
C VAL A 480 -16.62 -64.17 19.02
N ALA A 481 -17.03 -63.15 19.77
CA ALA A 481 -16.13 -62.07 20.12
C ALA A 481 -15.14 -62.50 21.20
N GLY A 482 -13.98 -61.85 21.19
CA GLY A 482 -12.94 -62.10 22.18
C GLY A 482 -12.14 -60.86 22.47
N PHE A 483 -10.91 -61.01 22.97
CA PHE A 483 -10.10 -59.86 23.32
C PHE A 483 -9.52 -59.20 22.07
N ASN A 484 -9.75 -57.89 21.94
CA ASN A 484 -9.38 -57.07 20.77
C ASN A 484 -9.99 -57.61 19.47
N CYS A 485 -11.17 -58.24 19.60
CA CYS A 485 -11.99 -58.67 18.46
C CYS A 485 -13.44 -58.70 18.95
N TYR A 486 -14.19 -57.65 18.61
CA TYR A 486 -15.52 -57.42 19.14
C TYR A 486 -16.47 -57.04 18.02
N PHE A 487 -17.77 -57.19 18.30
CA PHE A 487 -18.80 -56.65 17.43
C PHE A 487 -18.73 -55.12 17.48
N PRO A 488 -18.92 -54.43 16.35
CA PRO A 488 -18.74 -52.97 16.34
C PRO A 488 -19.78 -52.18 17.13
N LEU A 489 -20.86 -52.81 17.56
CA LEU A 489 -21.89 -52.13 18.36
C LEU A 489 -21.89 -52.66 19.78
N ARG A 490 -21.90 -51.74 20.74
CA ARG A 490 -22.03 -52.07 22.16
C ARG A 490 -23.11 -51.22 22.78
N SER A 491 -23.71 -51.72 23.85
CA SER A 491 -24.72 -50.97 24.57
C SER A 491 -24.09 -49.84 25.38
N TYR A 492 -24.86 -48.78 25.59
CA TYR A 492 -24.39 -47.62 26.34
C TYR A 492 -24.26 -47.94 27.83
N SER A 493 -23.50 -47.09 28.53
CA SER A 493 -23.20 -47.23 29.94
C SER A 493 -23.39 -45.90 30.66
N PHE A 494 -24.55 -45.27 30.48
CA PHE A 494 -24.83 -43.98 31.09
C PHE A 494 -24.87 -44.07 32.61
N ARG A 495 -24.28 -43.07 33.26
CA ARG A 495 -24.26 -43.02 34.73
C ARG A 495 -25.56 -42.45 35.27
N GLN A 503 -25.08 -39.98 30.59
CA GLN A 503 -26.21 -39.14 30.22
C GLN A 503 -26.39 -39.08 28.70
N PRO A 504 -27.53 -39.57 28.21
CA PRO A 504 -27.84 -39.42 26.79
C PRO A 504 -28.21 -37.98 26.46
N TYR A 505 -27.99 -37.60 25.21
CA TYR A 505 -28.16 -36.22 24.79
C TYR A 505 -28.74 -36.17 23.38
N ARG A 506 -29.92 -35.57 23.24
CA ARG A 506 -30.65 -35.53 21.98
C ARG A 506 -30.13 -34.37 21.13
N VAL A 507 -29.83 -34.63 19.87
CA VAL A 507 -29.31 -33.63 18.94
C VAL A 507 -30.13 -33.67 17.66
N VAL A 508 -30.60 -32.50 17.20
CA VAL A 508 -31.11 -32.33 15.84
C VAL A 508 -30.20 -31.35 15.13
N VAL A 509 -29.56 -31.80 14.07
CA VAL A 509 -28.77 -30.94 13.19
C VAL A 509 -29.60 -30.67 11.94
N LEU A 510 -29.97 -29.41 11.74
CA LEU A 510 -30.94 -29.04 10.70
C LEU A 510 -30.15 -28.65 9.45
N SER A 511 -30.05 -29.58 8.51
CA SER A 511 -29.27 -29.38 7.30
C SER A 511 -29.91 -28.34 6.39
N PHE A 512 -29.07 -27.50 5.78
CA PHE A 512 -29.51 -26.39 4.95
C PHE A 512 -28.94 -26.52 3.56
N GLU A 513 -29.62 -25.92 2.58
CA GLU A 513 -29.07 -25.71 1.25
C GLU A 513 -29.15 -24.22 0.94
N LEU A 514 -27.98 -23.61 0.70
CA LEU A 514 -27.90 -22.19 0.48
C LEU A 514 -28.16 -21.85 -0.98
N LEU A 515 -28.19 -20.55 -1.28
CA LEU A 515 -28.39 -19.99 -2.62
C LEU A 515 -29.70 -20.47 -3.25
N HIS A 516 -30.82 -19.98 -2.73
CA HIS A 516 -32.15 -20.54 -2.96
C HIS A 516 -32.57 -20.30 -4.42
N ALA A 517 -32.18 -21.24 -5.26
CA ALA A 517 -32.49 -21.14 -6.69
C ALA A 517 -33.94 -21.50 -7.06
N PRO A 518 -34.48 -22.69 -6.79
CA PRO A 518 -35.75 -23.05 -7.43
C PRO A 518 -37.01 -22.50 -6.77
N ALA A 519 -36.87 -21.73 -5.69
CA ALA A 519 -37.95 -21.03 -4.99
C ALA A 519 -39.03 -22.00 -4.50
N THR A 520 -38.65 -22.85 -3.54
CA THR A 520 -39.52 -23.88 -3.01
C THR A 520 -40.08 -23.58 -1.62
N VAL A 521 -39.38 -22.81 -0.80
CA VAL A 521 -39.74 -22.62 0.59
C VAL A 521 -39.94 -21.13 0.87
N CYS A 522 -40.38 -20.84 2.10
CA CYS A 522 -40.57 -19.48 2.57
C CYS A 522 -40.21 -19.42 4.05
N GLY A 523 -39.95 -18.19 4.51
CA GLY A 523 -39.92 -17.90 5.93
C GLY A 523 -41.17 -17.15 6.32
N PRO A 524 -41.28 -16.76 7.58
CA PRO A 524 -42.46 -15.97 8.00
C PRO A 524 -42.38 -14.51 7.55
N LYS A 525 -42.55 -14.32 6.24
CA LYS A 525 -42.45 -13.01 5.60
C LYS A 525 -43.69 -12.75 4.77
N LYS A 526 -43.99 -11.47 4.57
CA LYS A 526 -45.18 -11.04 3.86
C LYS A 526 -44.81 -10.41 2.53
N SER A 527 -45.68 -10.59 1.54
CA SER A 527 -45.44 -10.14 0.19
C SER A 527 -46.03 -8.75 -0.05
N THR A 528 -45.58 -8.12 -1.12
CA THR A 528 -45.93 -6.76 -1.52
C THR A 528 -46.00 -6.72 -3.05
N ASN A 529 -46.84 -5.85 -3.61
CA ASN A 529 -47.01 -5.75 -5.05
C ASN A 529 -45.75 -5.21 -5.75
N LEU A 530 -45.79 -5.15 -7.08
CA LEU A 530 -44.66 -4.75 -7.89
C LEU A 530 -44.75 -3.30 -8.32
N VAL A 531 -43.59 -2.64 -8.33
CA VAL A 531 -43.41 -1.31 -8.90
C VAL A 531 -42.36 -1.41 -10.00
N LYS A 532 -42.70 -0.89 -11.17
CA LYS A 532 -41.85 -1.03 -12.35
C LYS A 532 -41.38 0.34 -12.81
N ASN A 533 -40.30 0.33 -13.61
CA ASN A 533 -39.71 1.50 -14.28
C ASN A 533 -39.19 2.54 -13.30
N LYS A 534 -38.88 2.14 -12.06
CA LYS A 534 -38.20 2.97 -11.09
C LYS A 534 -37.49 2.07 -10.10
N CYS A 535 -36.40 2.56 -9.53
CA CYS A 535 -35.58 1.72 -8.67
C CYS A 535 -36.18 1.62 -7.28
N VAL A 536 -36.21 0.40 -6.76
CA VAL A 536 -36.93 0.05 -5.53
C VAL A 536 -36.04 -0.88 -4.72
N ASN A 537 -36.19 -0.83 -3.40
CA ASN A 537 -35.45 -1.72 -2.51
C ASN A 537 -36.22 -3.04 -2.47
N PHE A 538 -35.85 -3.95 -3.35
CA PHE A 538 -36.57 -5.20 -3.59
C PHE A 538 -36.04 -6.33 -2.73
N ASN A 539 -36.76 -7.45 -2.75
CA ASN A 539 -36.37 -8.67 -2.05
C ASN A 539 -37.09 -9.81 -2.77
N PHE A 540 -36.33 -10.63 -3.49
CA PHE A 540 -36.85 -11.80 -4.21
C PHE A 540 -36.19 -13.04 -3.65
N ASN A 541 -36.87 -13.71 -2.71
CA ASN A 541 -36.43 -14.96 -2.08
C ASN A 541 -35.07 -14.81 -1.39
N GLY A 542 -34.84 -13.64 -0.78
CA GLY A 542 -33.66 -13.41 0.00
C GLY A 542 -32.58 -12.56 -0.64
N LEU A 543 -32.59 -12.37 -1.96
CA LEU A 543 -31.63 -11.48 -2.58
C LEU A 543 -32.09 -10.05 -2.38
N LYS A 544 -31.18 -9.19 -1.91
CA LYS A 544 -31.51 -7.82 -1.55
C LYS A 544 -30.69 -6.85 -2.37
N GLY A 545 -31.32 -5.76 -2.78
CA GLY A 545 -30.64 -4.76 -3.56
C GLY A 545 -31.59 -3.68 -4.03
N THR A 546 -31.07 -2.78 -4.85
CA THR A 546 -31.83 -1.66 -5.39
C THR A 546 -31.56 -1.54 -6.89
N GLY A 547 -32.62 -1.50 -7.67
CA GLY A 547 -32.48 -1.36 -9.10
C GLY A 547 -33.83 -1.21 -9.76
N VAL A 548 -33.80 -0.67 -10.98
CA VAL A 548 -35.01 -0.47 -11.77
C VAL A 548 -35.45 -1.81 -12.34
N LEU A 549 -36.65 -2.25 -11.96
CA LEU A 549 -37.17 -3.55 -12.36
C LEU A 549 -38.10 -3.37 -13.57
N THR A 550 -37.60 -3.71 -14.75
CA THR A 550 -38.37 -3.65 -15.98
C THR A 550 -38.57 -5.06 -16.52
N GLU A 551 -39.38 -5.16 -17.56
CA GLU A 551 -39.54 -6.44 -18.26
C GLU A 551 -38.26 -6.76 -19.02
N SER A 552 -37.78 -8.00 -18.85
CA SER A 552 -36.44 -8.36 -19.30
C SER A 552 -36.33 -8.51 -20.81
N ASN A 553 -37.33 -9.14 -21.44
CA ASN A 553 -37.25 -9.67 -22.81
C ASN A 553 -36.02 -10.57 -22.96
N LYS A 554 -35.81 -11.46 -21.99
CA LYS A 554 -34.73 -12.44 -22.05
C LYS A 554 -35.33 -13.83 -22.25
N LYS A 555 -34.73 -14.60 -23.15
CA LYS A 555 -35.26 -15.91 -23.53
C LYS A 555 -34.82 -16.96 -22.49
N PHE A 556 -35.47 -16.89 -21.33
CA PHE A 556 -35.23 -17.91 -20.32
C PHE A 556 -35.86 -19.23 -20.72
N LEU A 557 -35.09 -20.30 -20.61
CA LEU A 557 -35.66 -21.63 -20.69
C LEU A 557 -36.53 -21.88 -19.46
N PRO A 558 -37.63 -22.66 -19.58
CA PRO A 558 -38.61 -22.74 -18.49
C PRO A 558 -38.20 -23.68 -17.35
N PHE A 559 -36.94 -23.57 -16.91
CA PHE A 559 -36.50 -24.14 -15.65
C PHE A 559 -35.64 -23.11 -14.95
N GLN A 560 -35.22 -22.09 -15.69
CA GLN A 560 -34.28 -21.09 -15.18
C GLN A 560 -35.01 -19.98 -14.43
N GLN A 561 -34.45 -19.59 -13.30
CA GLN A 561 -35.01 -18.51 -12.49
C GLN A 561 -34.05 -17.36 -12.26
N PHE A 562 -32.80 -17.47 -12.68
CA PHE A 562 -31.79 -16.44 -12.47
C PHE A 562 -31.07 -16.12 -13.78
N GLY A 563 -30.81 -14.83 -13.98
CA GLY A 563 -29.94 -14.38 -15.04
C GLY A 563 -28.78 -13.61 -14.45
N ARG A 564 -27.59 -13.84 -15.00
CA ARG A 564 -26.38 -13.22 -14.48
C ARG A 564 -25.66 -12.45 -15.57
N ASP A 565 -24.92 -11.42 -15.13
CA ASP A 565 -24.16 -10.55 -16.01
C ASP A 565 -22.74 -11.08 -16.20
N ILE A 566 -21.84 -10.22 -16.71
CA ILE A 566 -20.45 -10.60 -16.96
C ILE A 566 -19.67 -10.78 -15.67
N ALA A 567 -20.16 -10.27 -14.54
CA ALA A 567 -19.45 -10.34 -13.27
C ALA A 567 -19.96 -11.45 -12.36
N ASP A 568 -20.82 -12.34 -12.89
CA ASP A 568 -21.39 -13.49 -12.17
C ASP A 568 -22.17 -13.07 -10.92
N THR A 569 -22.85 -11.93 -11.01
CA THR A 569 -23.84 -11.51 -10.03
C THR A 569 -25.20 -11.44 -10.72
N THR A 570 -26.26 -11.33 -9.92
CA THR A 570 -27.61 -11.47 -10.45
C THR A 570 -28.02 -10.25 -11.26
N ASP A 571 -28.29 -10.47 -12.54
CA ASP A 571 -28.79 -9.43 -13.45
C ASP A 571 -30.30 -9.50 -13.66
N ALA A 572 -30.86 -10.70 -13.77
CA ALA A 572 -32.29 -10.88 -13.94
C ALA A 572 -32.77 -11.89 -12.91
N VAL A 573 -34.03 -11.74 -12.51
CA VAL A 573 -34.63 -12.59 -11.48
C VAL A 573 -36.05 -12.95 -11.91
N ARG A 574 -36.46 -14.18 -11.62
CA ARG A 574 -37.83 -14.60 -11.86
C ARG A 574 -38.70 -14.22 -10.67
N ASP A 575 -39.83 -13.58 -10.95
CA ASP A 575 -40.78 -13.22 -9.90
C ASP A 575 -41.45 -14.47 -9.36
N PRO A 576 -41.54 -14.64 -8.03
CA PRO A 576 -42.12 -15.88 -7.49
C PRO A 576 -43.63 -15.97 -7.65
N GLN A 577 -44.32 -14.86 -7.91
CA GLN A 577 -45.77 -14.87 -8.07
C GLN A 577 -46.22 -14.93 -9.52
N THR A 578 -45.79 -13.96 -10.35
CA THR A 578 -46.25 -13.87 -11.72
C THR A 578 -45.40 -14.68 -12.70
N LEU A 579 -44.27 -15.21 -12.25
CA LEU A 579 -43.34 -16.05 -13.02
C LEU A 579 -42.80 -15.34 -14.27
N GLU A 580 -42.71 -14.02 -14.25
CA GLU A 580 -42.06 -13.30 -15.33
C GLU A 580 -40.63 -12.97 -14.93
N ILE A 581 -39.86 -12.44 -15.87
CA ILE A 581 -38.43 -12.20 -15.69
C ILE A 581 -38.20 -10.69 -15.64
N LEU A 582 -37.54 -10.23 -14.59
CA LEU A 582 -37.31 -8.82 -14.35
C LEU A 582 -35.82 -8.52 -14.31
N ASP A 583 -35.37 -7.57 -15.14
CA ASP A 583 -34.00 -7.10 -15.07
C ASP A 583 -33.75 -6.30 -13.81
N ILE A 584 -32.51 -6.35 -13.33
CA ILE A 584 -32.06 -5.52 -12.24
C ILE A 584 -31.03 -4.55 -12.81
N THR A 585 -31.48 -3.35 -13.12
CA THR A 585 -30.61 -2.27 -13.56
C THR A 585 -30.63 -1.20 -12.48
N PRO A 586 -29.51 -0.92 -11.81
CA PRO A 586 -29.48 0.13 -10.78
C PRO A 586 -29.77 1.51 -11.38
N CYS A 587 -30.48 2.32 -10.63
CA CYS A 587 -30.84 3.65 -11.13
C CYS A 587 -29.63 4.58 -11.11
N SER A 588 -29.80 5.73 -11.76
CA SER A 588 -28.68 6.49 -12.32
C SER A 588 -27.79 7.09 -11.25
N PHE A 589 -26.49 7.08 -11.55
CA PHE A 589 -25.46 7.55 -10.62
C PHE A 589 -24.25 7.94 -11.44
N GLY A 590 -23.33 8.66 -10.80
CA GLY A 590 -22.12 9.07 -11.47
C GLY A 590 -21.37 10.08 -10.63
N GLY A 591 -20.21 10.47 -11.16
CA GLY A 591 -19.40 11.45 -10.49
C GLY A 591 -19.99 12.85 -10.58
N VAL A 592 -19.69 13.65 -9.56
CA VAL A 592 -20.11 15.04 -9.50
C VAL A 592 -18.86 15.90 -9.47
N SER A 593 -18.74 16.82 -10.42
CA SER A 593 -17.61 17.73 -10.51
C SER A 593 -18.08 19.16 -10.29
N VAL A 594 -17.35 19.89 -9.47
CA VAL A 594 -17.70 21.26 -9.10
C VAL A 594 -16.71 22.19 -9.79
N ILE A 595 -17.23 23.10 -10.60
CA ILE A 595 -16.42 24.03 -11.37
C ILE A 595 -16.53 25.40 -10.73
N THR A 596 -15.43 25.90 -10.18
CA THR A 596 -15.44 27.19 -9.52
C THR A 596 -14.31 28.06 -10.06
N PRO A 597 -14.52 29.37 -10.14
CA PRO A 597 -13.43 30.27 -10.53
C PRO A 597 -12.49 30.61 -9.39
N GLY A 598 -12.74 30.13 -8.20
CA GLY A 598 -11.95 30.46 -7.04
C GLY A 598 -12.72 31.32 -6.07
N THR A 599 -12.63 30.98 -4.78
CA THR A 599 -13.33 31.70 -3.73
C THR A 599 -12.80 33.11 -3.52
N ASN A 600 -11.59 33.40 -3.96
CA ASN A 600 -11.06 34.76 -4.02
C ASN A 600 -11.85 35.60 -5.02
N THR A 601 -12.32 35.01 -6.11
CA THR A 601 -13.07 35.74 -7.13
C THR A 601 -14.58 35.71 -6.86
N SER A 602 -15.20 34.54 -6.80
CA SER A 602 -16.64 34.46 -6.63
C SER A 602 -17.01 33.13 -5.98
N ASN A 603 -18.19 33.10 -5.38
CA ASN A 603 -18.71 31.89 -4.75
C ASN A 603 -19.64 31.11 -5.66
N GLN A 604 -19.83 31.55 -6.90
CA GLN A 604 -20.66 30.83 -7.85
C GLN A 604 -19.93 29.57 -8.31
N VAL A 605 -20.67 28.47 -8.42
CA VAL A 605 -20.12 27.22 -8.91
C VAL A 605 -20.99 26.69 -10.05
N ALA A 606 -20.38 25.84 -10.87
CA ALA A 606 -21.08 25.09 -11.90
C ALA A 606 -20.85 23.60 -11.65
N VAL A 607 -21.91 22.82 -11.80
CA VAL A 607 -21.91 21.42 -11.40
C VAL A 607 -21.96 20.56 -12.65
N LEU A 608 -20.99 19.66 -12.78
CA LEU A 608 -20.97 18.70 -13.87
C LEU A 608 -21.31 17.31 -13.33
N TYR A 609 -22.46 16.79 -13.73
CA TYR A 609 -22.85 15.42 -13.39
C TYR A 609 -22.26 14.52 -14.47
N GLN A 610 -21.20 13.81 -14.12
CA GLN A 610 -20.40 13.13 -15.13
C GLN A 610 -21.08 11.88 -15.65
N GLY A 611 -21.17 11.76 -16.98
CA GLY A 611 -21.57 10.53 -17.63
C GLY A 611 -23.05 10.21 -17.60
N VAL A 612 -23.91 11.17 -17.22
CA VAL A 612 -25.34 10.95 -17.18
C VAL A 612 -26.03 12.03 -18.01
N ASN A 613 -27.20 11.70 -18.54
CA ASN A 613 -27.99 12.69 -19.25
C ASN A 613 -28.80 13.49 -18.25
N CYS A 614 -29.16 14.72 -18.63
CA CYS A 614 -29.92 15.57 -17.72
C CYS A 614 -31.40 15.70 -18.09
N THR A 615 -31.92 14.77 -18.88
CA THR A 615 -33.31 14.39 -18.77
C THR A 615 -33.50 13.27 -17.75
N GLU A 616 -32.41 12.88 -17.08
CA GLU A 616 -32.33 11.74 -16.18
C GLU A 616 -31.79 12.13 -14.82
N VAL A 617 -31.16 13.30 -14.71
CA VAL A 617 -30.70 13.83 -13.42
C VAL A 617 -31.91 14.08 -12.52
N PRO A 618 -31.84 13.77 -11.22
CA PRO A 618 -32.99 14.07 -10.35
C PRO A 618 -33.18 15.56 -10.16
N VAL A 619 -34.41 16.01 -10.41
CA VAL A 619 -34.73 17.43 -10.47
C VAL A 619 -35.52 17.83 -9.23
N ALA A 620 -35.31 17.10 -8.13
CA ALA A 620 -35.93 17.41 -6.84
C ALA A 620 -35.25 18.66 -6.26
N ILE A 621 -35.63 19.82 -6.79
CA ILE A 621 -35.00 21.08 -6.42
C ILE A 621 -35.59 21.62 -5.11
N HIS A 622 -36.91 21.68 -5.02
CA HIS A 622 -37.59 22.08 -3.80
C HIS A 622 -38.04 20.89 -2.96
N ALA A 623 -37.68 19.68 -3.37
CA ALA A 623 -37.96 18.46 -2.61
C ALA A 623 -36.68 17.82 -2.10
N ASP A 624 -35.64 18.64 -1.90
CA ASP A 624 -34.36 18.13 -1.44
C ASP A 624 -34.38 17.71 0.03
N GLN A 625 -35.29 18.29 0.82
CA GLN A 625 -35.38 17.93 2.23
C GLN A 625 -36.01 16.55 2.44
N LEU A 626 -36.77 16.05 1.48
CA LEU A 626 -37.32 14.70 1.52
C LEU A 626 -36.28 13.64 1.20
N THR A 627 -35.12 14.05 0.67
CA THR A 627 -33.97 13.24 0.27
C THR A 627 -34.30 12.04 -0.62
N PRO A 628 -34.64 12.24 -1.90
CA PRO A 628 -34.59 11.11 -2.84
C PRO A 628 -33.21 10.90 -3.45
N THR A 629 -32.21 11.66 -3.02
CA THR A 629 -30.88 11.66 -3.61
C THR A 629 -29.84 11.42 -2.52
N TRP A 630 -28.68 10.91 -2.95
CA TRP A 630 -27.53 10.83 -2.05
C TRP A 630 -27.02 12.20 -1.66
N ARG A 631 -26.96 13.12 -2.62
CA ARG A 631 -26.58 14.49 -2.33
C ARG A 631 -27.76 15.24 -1.71
N VAL A 632 -27.43 16.26 -0.92
CA VAL A 632 -28.45 17.09 -0.30
C VAL A 632 -28.78 18.30 -1.16
N TYR A 633 -27.72 18.90 -1.71
CA TYR A 633 -27.89 20.14 -2.53
C TYR A 633 -28.53 19.82 -3.87
N SER A 634 -29.32 20.77 -4.37
CA SER A 634 -29.99 20.65 -5.66
C SER A 634 -30.30 22.06 -6.16
N THR A 635 -30.07 22.30 -7.45
CA THR A 635 -30.21 23.63 -8.01
C THR A 635 -30.89 23.54 -9.37
N GLY A 636 -31.39 24.70 -9.82
CA GLY A 636 -32.19 24.78 -11.03
C GLY A 636 -31.73 25.85 -12.01
N SER A 637 -30.41 26.00 -12.15
CA SER A 637 -29.82 27.05 -12.97
C SER A 637 -29.87 26.66 -14.45
N ASN A 638 -29.11 27.37 -15.29
CA ASN A 638 -29.11 27.10 -16.73
C ASN A 638 -28.46 25.75 -17.01
N VAL A 639 -29.03 25.02 -17.96
CA VAL A 639 -28.73 23.61 -18.17
C VAL A 639 -28.19 23.44 -19.59
N PHE A 640 -27.02 22.81 -19.71
CA PHE A 640 -26.40 22.52 -20.99
C PHE A 640 -25.85 21.11 -21.00
N GLN A 641 -26.15 20.36 -22.05
CA GLN A 641 -25.69 18.98 -22.20
C GLN A 641 -24.37 18.92 -22.95
N THR A 642 -23.38 18.26 -22.36
CA THR A 642 -22.11 17.96 -23.01
C THR A 642 -21.97 16.46 -23.17
N ARG A 643 -20.92 16.04 -23.86
CA ARG A 643 -20.61 14.62 -23.96
C ARG A 643 -19.88 14.07 -22.74
N ALA A 644 -19.44 14.94 -21.84
CA ALA A 644 -18.87 14.54 -20.57
C ALA A 644 -19.91 14.44 -19.46
N GLY A 645 -21.18 14.60 -19.80
CA GLY A 645 -22.24 14.77 -18.82
C GLY A 645 -22.84 16.15 -18.91
N CYS A 646 -24.06 16.26 -18.39
CA CYS A 646 -24.82 17.50 -18.53
C CYS A 646 -24.35 18.51 -17.48
N LEU A 647 -24.07 19.72 -17.92
CA LEU A 647 -23.50 20.77 -17.09
C LEU A 647 -24.60 21.71 -16.63
N ILE A 648 -24.68 21.93 -15.33
CA ILE A 648 -25.72 22.77 -14.72
C ILE A 648 -25.03 23.91 -13.99
N GLY A 649 -25.43 25.14 -14.29
CA GLY A 649 -24.91 26.32 -13.64
C GLY A 649 -24.11 27.23 -14.53
N ALA A 650 -23.73 26.78 -15.72
CA ALA A 650 -22.97 27.59 -16.65
C ALA A 650 -23.76 27.82 -17.93
N GLU A 651 -23.71 29.04 -18.43
CA GLU A 651 -24.44 29.43 -19.63
C GLU A 651 -23.58 29.18 -20.87
N TYR A 652 -24.06 28.34 -21.77
CA TYR A 652 -23.32 28.05 -22.99
C TYR A 652 -23.43 29.21 -23.96
N VAL A 653 -22.29 29.61 -24.52
CA VAL A 653 -22.23 30.69 -25.49
C VAL A 653 -21.76 30.13 -26.82
N ASN A 654 -22.03 30.88 -27.89
CA ASN A 654 -21.58 30.53 -29.22
C ASN A 654 -20.22 31.12 -29.56
N ASN A 655 -19.61 31.84 -28.62
CA ASN A 655 -18.26 32.34 -28.79
C ASN A 655 -17.27 31.21 -28.52
N SER A 656 -15.99 31.48 -28.77
CA SER A 656 -14.96 30.49 -28.55
C SER A 656 -13.71 31.19 -28.02
N TYR A 657 -13.21 30.73 -26.87
CA TYR A 657 -12.07 31.34 -26.21
C TYR A 657 -11.02 30.27 -25.95
N GLU A 658 -9.85 30.72 -25.49
CA GLU A 658 -8.84 29.80 -25.01
C GLU A 658 -9.31 29.17 -23.70
N CYS A 659 -8.96 27.90 -23.51
CA CYS A 659 -9.52 27.12 -22.41
C CYS A 659 -8.97 27.58 -21.06
N ASP A 660 -9.88 27.75 -20.10
CA ASP A 660 -9.49 28.21 -18.77
C ASP A 660 -9.68 27.08 -17.77
N ILE A 661 -10.89 26.53 -17.70
CA ILE A 661 -11.18 25.38 -16.84
C ILE A 661 -11.66 24.24 -17.73
N PRO A 662 -10.91 23.15 -17.86
CA PRO A 662 -11.32 22.06 -18.76
C PRO A 662 -12.49 21.27 -18.19
N ILE A 663 -13.37 20.85 -19.09
CA ILE A 663 -14.52 20.00 -18.75
C ILE A 663 -14.44 18.66 -19.47
N GLY A 664 -14.32 18.70 -20.79
CA GLY A 664 -14.24 17.50 -21.60
C GLY A 664 -14.99 17.68 -22.90
N ALA A 665 -14.57 16.91 -23.91
CA ALA A 665 -15.16 16.88 -25.25
C ALA A 665 -15.16 18.26 -25.91
N GLY A 666 -14.09 19.02 -25.72
CA GLY A 666 -13.96 20.33 -26.33
C GLY A 666 -14.61 21.45 -25.58
N ILE A 667 -15.30 21.16 -24.47
CA ILE A 667 -16.02 22.17 -23.71
C ILE A 667 -15.12 22.63 -22.56
N CYS A 668 -15.00 23.94 -22.41
CA CYS A 668 -14.30 24.53 -21.29
C CYS A 668 -15.19 25.56 -20.60
N ALA A 669 -14.83 25.88 -19.36
CA ALA A 669 -15.59 26.83 -18.55
C ALA A 669 -14.70 28.00 -18.17
N SER A 670 -15.32 29.17 -18.03
CA SER A 670 -14.61 30.37 -17.60
C SER A 670 -15.59 31.32 -16.94
N TYR A 671 -15.04 32.28 -16.21
CA TYR A 671 -15.82 33.27 -15.48
C TYR A 671 -15.61 34.62 -16.17
N GLN A 672 -16.60 35.05 -16.95
CA GLN A 672 -16.46 36.21 -17.82
C GLN A 672 -17.55 37.23 -17.52
N THR A 673 -17.28 38.47 -17.92
CA THR A 673 -18.22 39.58 -17.75
C THR A 673 -19.24 39.56 -18.89
N GLN A 674 -20.47 39.93 -18.59
CA GLN A 674 -21.53 39.99 -19.59
C GLN A 674 -21.90 41.44 -19.91
N ALA A 685 -23.04 45.09 -16.43
CA ALA A 685 -22.35 43.90 -16.92
C ALA A 685 -22.00 42.96 -15.77
N SER A 686 -22.89 42.00 -15.51
CA SER A 686 -22.68 41.04 -14.44
C SER A 686 -21.65 39.99 -14.87
N GLN A 687 -21.13 39.27 -13.87
CA GLN A 687 -20.16 38.21 -14.09
C GLN A 687 -20.79 36.87 -13.76
N SER A 688 -20.64 35.90 -14.66
CA SER A 688 -21.19 34.58 -14.45
C SER A 688 -20.29 33.55 -15.12
N ILE A 689 -20.41 32.31 -14.67
CA ILE A 689 -19.66 31.21 -15.25
C ILE A 689 -20.29 30.84 -16.58
N ILE A 690 -19.48 30.82 -17.64
CA ILE A 690 -19.96 30.47 -18.96
C ILE A 690 -19.26 29.19 -19.41
N ALA A 691 -19.90 28.50 -20.36
CA ALA A 691 -19.35 27.31 -20.98
C ALA A 691 -19.20 27.59 -22.48
N TYR A 692 -18.15 27.03 -23.07
CA TYR A 692 -17.86 27.34 -24.47
C TYR A 692 -17.04 26.22 -25.08
N THR A 693 -17.06 26.17 -26.40
CA THR A 693 -16.16 25.31 -27.15
C THR A 693 -14.80 25.98 -27.23
N MET A 694 -13.75 25.26 -26.84
CA MET A 694 -12.42 25.85 -26.72
C MET A 694 -11.84 26.20 -28.09
N SER A 695 -11.05 27.27 -28.11
CA SER A 695 -10.44 27.74 -29.35
C SER A 695 -9.04 27.18 -29.50
N LEU A 696 -8.73 26.68 -30.69
CA LEU A 696 -7.45 26.07 -30.97
C LEU A 696 -6.40 27.09 -31.40
N GLY A 697 -6.77 28.34 -31.51
CA GLY A 697 -5.87 29.40 -31.96
C GLY A 697 -6.50 30.23 -33.06
N ALA A 698 -5.77 31.27 -33.44
CA ALA A 698 -6.23 32.16 -34.50
C ALA A 698 -6.08 31.48 -35.85
N GLU A 699 -6.83 31.98 -36.83
CA GLU A 699 -6.75 31.47 -38.19
C GLU A 699 -5.79 32.33 -39.01
N ASN A 700 -4.85 31.68 -39.68
CA ASN A 700 -3.83 32.37 -40.47
C ASN A 700 -3.67 31.59 -41.76
N SER A 701 -4.15 32.16 -42.86
CA SER A 701 -3.95 31.58 -44.18
C SER A 701 -2.65 32.11 -44.76
N VAL A 702 -1.67 31.24 -44.95
CA VAL A 702 -0.38 31.64 -45.49
C VAL A 702 -0.54 31.91 -46.98
N ALA A 703 -0.07 33.09 -47.42
CA ALA A 703 -0.23 33.52 -48.80
C ALA A 703 0.74 32.76 -49.70
N TYR A 704 0.39 31.50 -49.98
CA TYR A 704 1.23 30.66 -50.80
C TYR A 704 1.03 30.95 -52.28
N SER A 705 2.13 31.06 -53.00
CA SER A 705 2.14 31.02 -54.45
C SER A 705 3.48 30.46 -54.88
N ASN A 706 3.58 30.10 -56.15
CA ASN A 706 4.73 29.36 -56.65
C ASN A 706 5.93 30.27 -56.98
N ASN A 707 5.81 31.59 -56.79
CA ASN A 707 6.94 32.46 -57.05
C ASN A 707 7.07 33.60 -56.04
N SER A 708 6.63 33.40 -54.80
CA SER A 708 6.69 34.43 -53.78
C SER A 708 7.31 33.88 -52.50
N ILE A 709 8.22 34.66 -51.92
CA ILE A 709 8.88 34.29 -50.67
C ILE A 709 8.80 35.49 -49.73
N ALA A 710 8.69 35.22 -48.43
CA ALA A 710 8.75 36.26 -47.41
C ALA A 710 10.04 36.10 -46.61
N ILE A 711 10.87 37.13 -46.63
CA ILE A 711 12.14 37.14 -45.91
C ILE A 711 12.13 38.28 -44.91
N PRO A 712 12.51 38.04 -43.65
CA PRO A 712 12.44 39.09 -42.64
C PRO A 712 13.45 40.20 -42.87
N THR A 713 13.04 41.43 -42.56
CA THR A 713 13.90 42.59 -42.61
C THR A 713 14.41 43.00 -41.25
N ASN A 714 13.81 42.50 -40.16
CA ASN A 714 14.27 42.75 -38.82
C ASN A 714 14.16 41.44 -38.05
N PHE A 715 14.28 41.52 -36.73
CA PHE A 715 14.29 40.35 -35.85
C PHE A 715 14.08 40.78 -34.42
N THR A 716 13.86 39.80 -33.55
CA THR A 716 13.63 40.02 -32.13
C THR A 716 14.41 39.00 -31.32
N ILE A 717 15.22 39.49 -30.39
CA ILE A 717 15.90 38.62 -29.42
C ILE A 717 14.94 38.34 -28.29
N SER A 718 14.64 37.06 -28.08
CA SER A 718 13.65 36.63 -27.10
C SER A 718 14.28 35.71 -26.08
N VAL A 719 13.94 35.93 -24.81
CA VAL A 719 14.41 35.09 -23.71
C VAL A 719 13.20 34.35 -23.15
N THR A 720 13.27 33.03 -23.15
CA THR A 720 12.17 32.17 -22.75
C THR A 720 12.55 31.38 -21.50
N THR A 721 11.68 31.42 -20.50
CA THR A 721 11.89 30.72 -19.24
C THR A 721 11.36 29.30 -19.33
N GLU A 722 12.22 28.33 -19.01
CA GLU A 722 11.82 26.93 -18.94
C GLU A 722 12.25 26.36 -17.60
N ILE A 723 11.33 25.68 -16.92
CA ILE A 723 11.53 25.19 -15.56
C ILE A 723 11.37 23.68 -15.55
N LEU A 724 12.34 22.98 -14.98
CA LEU A 724 12.30 21.53 -14.89
C LEU A 724 12.58 21.07 -13.47
N PRO A 725 11.81 20.12 -12.94
CA PRO A 725 12.18 19.50 -11.67
C PRO A 725 13.44 18.66 -11.80
N VAL A 726 14.27 18.69 -10.75
CA VAL A 726 15.53 17.95 -10.72
C VAL A 726 15.58 16.94 -9.58
N SER A 727 15.33 17.38 -8.36
CA SER A 727 15.42 16.50 -7.21
C SER A 727 14.08 16.50 -6.48
N MET A 728 13.99 15.63 -5.49
CA MET A 728 12.77 15.40 -4.73
C MET A 728 13.14 15.28 -3.26
N THR A 729 12.17 15.58 -2.39
CA THR A 729 12.35 15.47 -0.95
C THR A 729 12.76 14.06 -0.53
N LYS A 730 13.92 13.96 0.12
CA LYS A 730 14.47 12.68 0.52
C LYS A 730 13.90 12.32 1.88
N THR A 731 12.91 11.44 1.89
CA THR A 731 12.24 11.05 3.13
C THR A 731 12.84 9.76 3.67
N SER A 732 12.89 9.70 5.00
CA SER A 732 13.32 8.49 5.70
C SER A 732 12.24 8.11 6.70
N VAL A 733 11.77 6.88 6.61
CA VAL A 733 10.66 6.39 7.42
C VAL A 733 11.20 5.39 8.43
N ASP A 734 11.01 5.70 9.72
CA ASP A 734 11.30 4.75 10.79
C ASP A 734 10.08 3.84 10.81
N CYS A 735 10.28 2.56 10.49
CA CYS A 735 9.17 1.66 10.24
C CYS A 735 8.46 1.29 11.55
N THR A 736 9.25 1.03 12.60
CA THR A 736 8.69 0.56 13.86
C THR A 736 7.88 1.65 14.56
N MET A 737 8.39 2.88 14.60
CA MET A 737 7.66 3.94 15.29
C MET A 737 6.43 4.38 14.51
N TYR A 738 6.41 4.20 13.19
CA TYR A 738 5.17 4.46 12.47
C TYR A 738 4.15 3.36 12.75
N ILE A 739 4.59 2.10 12.76
CA ILE A 739 3.63 1.02 13.00
C ILE A 739 3.27 0.95 14.48
N CYS A 740 4.26 0.95 15.36
CA CYS A 740 4.01 0.74 16.78
C CYS A 740 4.36 2.00 17.57
N GLY A 741 3.76 2.12 18.76
CA GLY A 741 3.86 3.34 19.53
C GLY A 741 5.19 3.59 20.22
N ASP A 742 6.16 2.68 20.07
CA ASP A 742 7.52 2.77 20.59
C ASP A 742 7.57 2.86 22.12
N SER A 743 6.51 2.42 22.80
CA SER A 743 6.48 2.35 24.25
C SER A 743 5.81 1.04 24.66
N THR A 744 6.18 -0.04 23.97
CA THR A 744 5.31 -1.20 23.90
C THR A 744 6.06 -2.40 23.35
N GLU A 745 5.43 -3.57 23.51
CA GLU A 745 5.91 -4.81 22.90
C GLU A 745 5.22 -5.10 21.57
N CYS A 746 4.63 -4.08 20.94
CA CYS A 746 4.11 -4.23 19.58
C CYS A 746 5.22 -4.54 18.59
N SER A 747 6.43 -4.05 18.86
CA SER A 747 7.57 -4.29 17.98
C SER A 747 8.01 -5.75 17.98
N ASN A 748 7.59 -6.54 18.97
CA ASN A 748 7.90 -7.96 19.00
C ASN A 748 7.05 -8.78 18.03
N LEU A 749 6.02 -8.19 17.42
CA LEU A 749 5.25 -8.89 16.40
C LEU A 749 5.60 -8.45 14.99
N LEU A 750 6.41 -7.40 14.82
CA LEU A 750 6.93 -7.09 13.49
C LEU A 750 8.05 -8.03 13.07
N LEU A 751 8.63 -8.76 14.02
CA LEU A 751 9.55 -9.84 13.68
C LEU A 751 8.85 -11.01 13.01
N GLN A 752 7.55 -11.15 13.20
CA GLN A 752 6.76 -12.17 12.51
C GLN A 752 6.64 -11.91 11.01
N TYR A 753 6.81 -10.66 10.58
CA TYR A 753 6.87 -10.32 9.16
C TYR A 753 8.30 -10.16 8.67
N GLY A 754 9.17 -9.55 9.47
CA GLY A 754 10.62 -9.67 9.33
C GLY A 754 11.34 -8.81 8.32
N SER A 755 11.27 -9.18 7.05
CA SER A 755 12.11 -8.57 6.02
C SER A 755 11.39 -7.45 5.28
N PHE A 756 10.43 -6.78 5.89
CA PHE A 756 9.57 -5.90 5.10
C PHE A 756 10.05 -4.46 5.32
N CYS A 757 10.26 -4.10 6.59
CA CYS A 757 10.76 -2.78 6.98
C CYS A 757 12.15 -2.49 6.44
N THR A 758 13.03 -3.50 6.45
CA THR A 758 14.33 -3.40 5.79
C THR A 758 14.21 -3.19 4.29
N GLN A 759 13.19 -3.78 3.66
CA GLN A 759 12.95 -3.55 2.23
C GLN A 759 12.53 -2.12 1.95
N LEU A 760 11.68 -1.52 2.80
CA LEU A 760 11.40 -0.07 2.68
C LEU A 760 12.62 0.79 2.95
N LYS A 761 13.44 0.42 3.94
CA LYS A 761 14.59 1.27 4.25
C LYS A 761 15.61 1.23 3.12
N ARG A 762 15.79 0.06 2.50
CA ARG A 762 16.61 -0.07 1.30
C ARG A 762 16.03 0.73 0.14
N ALA A 763 14.71 0.65 -0.05
CA ALA A 763 14.09 1.33 -1.19
C ALA A 763 14.14 2.85 -1.04
N LEU A 764 13.86 3.37 0.15
CA LEU A 764 13.92 4.81 0.38
C LEU A 764 15.35 5.32 0.36
N THR A 765 16.32 4.51 0.80
CA THR A 765 17.73 4.86 0.65
C THR A 765 18.12 4.95 -0.81
N GLY A 766 17.63 4.01 -1.64
CA GLY A 766 17.88 4.07 -3.06
C GLY A 766 17.27 5.29 -3.73
N ILE A 767 16.07 5.68 -3.29
CA ILE A 767 15.43 6.89 -3.78
C ILE A 767 16.25 8.12 -3.41
N ALA A 768 16.73 8.19 -2.17
CA ALA A 768 17.52 9.33 -1.71
C ALA A 768 18.84 9.47 -2.46
N VAL A 769 19.55 8.35 -2.63
CA VAL A 769 20.80 8.35 -3.40
C VAL A 769 20.53 8.70 -4.85
N GLU A 770 19.38 8.27 -5.38
CA GLU A 770 18.99 8.62 -6.74
C GLU A 770 18.74 10.11 -6.90
N GLN A 771 18.12 10.75 -5.90
CA GLN A 771 17.90 12.20 -5.96
C GLN A 771 19.22 12.97 -5.89
N ASP A 772 20.14 12.54 -5.03
CA ASP A 772 21.46 13.17 -5.00
C ASP A 772 22.21 12.97 -6.31
N LYS A 773 22.06 11.79 -6.92
CA LYS A 773 22.65 11.53 -8.24
C LYS A 773 22.02 12.41 -9.31
N ASN A 774 20.72 12.67 -9.21
CA ASN A 774 20.04 13.55 -10.16
C ASN A 774 20.58 14.98 -10.09
N THR A 775 20.73 15.50 -8.87
CA THR A 775 21.29 16.84 -8.70
C THR A 775 22.73 16.91 -9.19
N GLN A 776 23.51 15.85 -8.93
CA GLN A 776 24.90 15.79 -9.38
C GLN A 776 25.01 15.73 -10.90
N GLU A 777 24.11 14.99 -11.56
CA GLU A 777 24.16 14.93 -13.02
C GLU A 777 23.71 16.23 -13.67
N VAL A 778 22.74 16.93 -13.05
CA VAL A 778 22.27 18.17 -13.66
C VAL A 778 23.30 19.28 -13.48
N PHE A 779 23.79 19.50 -12.27
CA PHE A 779 24.56 20.72 -12.02
C PHE A 779 26.06 20.56 -12.10
N ALA A 780 26.62 19.37 -11.88
CA ALA A 780 28.07 19.20 -11.94
C ALA A 780 28.50 18.81 -13.35
N GLN A 781 28.28 19.74 -14.28
CA GLN A 781 28.70 19.57 -15.67
C GLN A 781 30.12 20.06 -15.92
N VAL A 782 30.73 20.74 -14.97
CA VAL A 782 32.09 21.27 -15.13
C VAL A 782 32.97 20.74 -14.00
N LYS A 783 34.25 20.59 -14.28
CA LYS A 783 35.23 20.20 -13.27
C LYS A 783 35.97 21.39 -12.69
N GLN A 784 35.77 22.59 -13.24
CA GLN A 784 36.43 23.79 -12.75
C GLN A 784 35.39 24.87 -12.50
N ILE A 785 35.57 25.59 -11.40
CA ILE A 785 34.68 26.68 -11.02
C ILE A 785 35.19 27.95 -11.70
N TYR A 786 34.45 28.43 -12.68
CA TYR A 786 34.85 29.59 -13.45
C TYR A 786 34.34 30.87 -12.81
N LYS A 787 35.05 31.97 -13.03
CA LYS A 787 34.63 33.27 -12.52
C LYS A 787 34.61 34.28 -13.65
N THR A 788 33.70 35.25 -13.52
CA THR A 788 33.67 36.40 -14.41
C THR A 788 34.84 37.32 -14.09
N PRO A 789 35.29 38.11 -15.08
CA PRO A 789 36.29 39.15 -14.79
C PRO A 789 35.70 40.24 -13.91
N PRO A 790 36.53 40.94 -13.14
CA PRO A 790 35.99 42.00 -12.25
C PRO A 790 35.39 43.19 -12.98
N ILE A 791 35.72 43.39 -14.25
CA ILE A 791 35.09 44.42 -15.08
C ILE A 791 33.98 43.74 -15.87
N LYS A 792 32.73 43.98 -15.46
CA LYS A 792 31.58 43.33 -16.08
C LYS A 792 31.08 44.17 -17.26
N TYR A 793 31.92 44.23 -18.29
CA TYR A 793 31.55 44.82 -19.57
C TYR A 793 31.69 43.74 -20.64
N PHE A 794 30.60 43.45 -21.34
CA PHE A 794 30.55 42.37 -22.31
C PHE A 794 29.94 42.88 -23.62
N GLY A 795 30.41 44.04 -24.06
CA GLY A 795 29.96 44.62 -25.31
C GLY A 795 28.57 45.22 -25.28
N GLY A 796 28.08 45.63 -24.11
CA GLY A 796 26.75 46.17 -23.98
C GLY A 796 25.71 45.21 -23.47
N PHE A 797 26.08 43.95 -23.23
CA PHE A 797 25.16 42.95 -22.72
C PHE A 797 25.23 42.95 -21.20
N ASN A 798 24.09 43.18 -20.55
CA ASN A 798 24.02 43.35 -19.10
C ASN A 798 23.60 42.02 -18.51
N PHE A 799 24.52 41.37 -17.78
CA PHE A 799 24.27 40.08 -17.16
C PHE A 799 24.08 40.18 -15.65
N SER A 800 23.83 41.40 -15.13
CA SER A 800 23.80 41.59 -13.68
C SER A 800 22.59 40.92 -13.03
N GLN A 801 21.54 40.63 -13.78
CA GLN A 801 20.38 39.96 -13.22
C GLN A 801 20.51 38.45 -13.21
N ILE A 802 21.52 37.89 -13.88
CA ILE A 802 21.77 36.46 -13.85
C ILE A 802 23.09 36.11 -13.16
N LEU A 803 24.06 37.02 -13.16
CA LEU A 803 25.28 36.76 -12.40
C LEU A 803 25.01 36.92 -10.90
N PRO A 804 25.78 36.22 -10.06
CA PRO A 804 25.55 36.32 -8.60
C PRO A 804 25.83 37.72 -8.07
N ASP A 805 25.04 38.10 -7.05
CA ASP A 805 25.17 39.40 -6.43
C ASP A 805 26.06 39.21 -5.22
N PRO A 806 27.26 39.79 -5.19
CA PRO A 806 28.15 39.61 -4.02
C PRO A 806 27.73 40.41 -2.81
N SER A 807 26.85 41.40 -2.96
CA SER A 807 26.42 42.23 -1.85
C SER A 807 25.42 41.52 -0.93
N LYS A 808 24.91 40.37 -1.33
CA LYS A 808 23.97 39.59 -0.52
C LYS A 808 24.65 38.33 0.01
N PRO A 809 24.30 37.88 1.22
CA PRO A 809 24.99 36.71 1.80
C PRO A 809 24.68 35.39 1.10
N SER A 810 23.58 35.30 0.34
CA SER A 810 23.23 34.06 -0.33
C SER A 810 24.09 33.80 -1.56
N LYS A 811 24.79 34.83 -2.07
CA LYS A 811 25.64 34.77 -3.27
C LYS A 811 24.87 34.26 -4.48
N ARG A 812 23.67 34.77 -4.67
CA ARG A 812 22.78 34.37 -5.75
C ARG A 812 22.42 35.57 -6.60
N SER A 813 21.93 35.29 -7.81
CA SER A 813 21.48 36.34 -8.71
C SER A 813 20.16 36.91 -8.21
N PRO A 814 19.78 38.11 -8.68
CA PRO A 814 18.41 38.59 -8.41
C PRO A 814 17.30 37.65 -8.90
N ILE A 815 17.51 36.99 -10.04
CA ILE A 815 16.53 36.01 -10.50
C ILE A 815 16.50 34.80 -9.59
N GLU A 816 17.67 34.29 -9.19
CA GLU A 816 17.71 33.15 -8.26
C GLU A 816 17.17 33.51 -6.89
N ASP A 817 17.44 34.73 -6.41
CA ASP A 817 16.86 35.18 -5.15
C ASP A 817 15.35 35.34 -5.27
N LEU A 818 14.86 35.63 -6.47
CA LEU A 818 13.43 35.70 -6.68
C LEU A 818 12.81 34.30 -6.74
N LEU A 819 13.55 33.33 -7.28
CA LEU A 819 13.01 31.97 -7.45
C LEU A 819 12.87 31.25 -6.12
N PHE A 820 13.83 31.44 -5.21
CA PHE A 820 13.76 30.78 -3.91
C PHE A 820 12.66 31.39 -3.03
N ASN A 821 12.26 32.62 -3.33
CA ASN A 821 11.19 33.26 -2.58
C ASN A 821 9.80 32.89 -3.08
N LYS A 822 9.68 32.36 -4.30
CA LYS A 822 8.39 31.99 -4.86
C LYS A 822 8.03 30.53 -4.64
N VAL A 823 8.87 29.77 -3.95
CA VAL A 823 8.59 28.37 -3.66
C VAL A 823 8.44 28.23 -2.14
N THR A 824 7.22 27.94 -1.70
CA THR A 824 6.93 27.72 -0.28
C THR A 824 7.47 26.33 0.08
N LEU A 825 8.72 26.32 0.50
CA LEU A 825 9.43 25.05 0.69
C LEU A 825 9.07 24.44 2.03
N ALA A 826 8.86 23.13 2.05
CA ALA A 826 8.40 22.42 3.23
C ALA A 826 9.34 21.30 3.66
N ASP A 827 10.64 21.42 3.38
CA ASP A 827 11.58 20.42 3.86
C ASP A 827 11.87 20.61 5.35
N ALA A 828 12.47 19.57 5.94
CA ALA A 828 12.89 19.59 7.33
C ALA A 828 14.29 19.00 7.45
N GLY A 829 15.17 19.36 6.52
CA GLY A 829 16.53 18.85 6.52
C GLY A 829 17.47 19.64 7.40
N PHE A 830 17.17 19.68 8.70
CA PHE A 830 17.97 20.43 9.64
C PHE A 830 17.80 19.82 11.03
N ILE A 831 18.72 20.18 11.93
CA ILE A 831 18.79 19.58 13.26
C ILE A 831 17.83 20.28 14.23
N LYS A 832 17.48 21.53 13.93
CA LYS A 832 16.71 22.39 14.84
C LYS A 832 15.31 21.84 15.10
N GLN A 833 14.94 21.79 16.38
CA GLN A 833 13.67 21.21 16.80
C GLN A 833 12.62 22.30 17.05
N ARG A 844 1.15 25.68 18.26
CA ARG A 844 2.61 25.81 18.24
C ARG A 844 3.23 24.96 17.14
N ASP A 845 2.78 23.72 17.05
CA ASP A 845 3.38 22.75 16.14
C ASP A 845 3.01 23.04 14.70
N LEU A 846 3.96 22.77 13.81
CA LEU A 846 3.77 22.90 12.37
C LEU A 846 3.52 21.53 11.75
N ILE A 847 3.52 21.50 10.42
CA ILE A 847 3.38 20.26 9.65
C ILE A 847 4.54 19.31 9.91
N CYS A 848 5.73 19.82 10.24
CA CYS A 848 6.89 18.99 10.54
C CYS A 848 6.85 18.39 11.94
N ALA A 849 5.70 18.39 12.62
CA ALA A 849 5.48 17.55 13.79
C ALA A 849 5.19 16.10 13.40
N GLN A 850 5.15 15.79 12.10
CA GLN A 850 5.09 14.43 11.60
C GLN A 850 6.40 13.67 11.79
N LYS A 851 7.47 14.37 12.18
CA LYS A 851 8.72 13.73 12.58
C LYS A 851 8.52 12.81 13.78
N PHE A 852 7.58 13.13 14.67
CA PHE A 852 7.34 12.34 15.87
C PHE A 852 6.65 11.00 15.56
N LYS A 853 6.13 10.82 14.34
CA LYS A 853 5.60 9.55 13.90
C LYS A 853 6.61 8.73 13.12
N GLY A 854 7.88 9.14 13.13
CA GLY A 854 8.93 8.41 12.45
C GLY A 854 9.17 8.82 11.01
N LEU A 855 8.67 9.96 10.58
CA LEU A 855 8.80 10.43 9.20
C LEU A 855 9.75 11.62 9.17
N THR A 856 11.01 11.36 8.82
CA THR A 856 12.03 12.39 8.81
C THR A 856 12.41 12.72 7.37
N VAL A 857 13.05 13.88 7.21
CA VAL A 857 13.50 14.36 5.91
C VAL A 857 15.02 14.49 5.95
N LEU A 858 15.69 13.83 5.01
CA LEU A 858 17.13 13.91 4.91
C LEU A 858 17.55 15.14 4.10
N PRO A 859 18.60 15.85 4.52
CA PRO A 859 19.07 17.00 3.75
C PRO A 859 19.84 16.56 2.53
N PRO A 860 19.80 17.34 1.44
CA PRO A 860 20.52 16.95 0.23
C PRO A 860 22.03 17.09 0.40
N LEU A 861 22.76 16.34 -0.43
CA LEU A 861 24.21 16.37 -0.39
C LEU A 861 24.76 17.73 -0.81
N LEU A 862 24.21 18.31 -1.87
CA LEU A 862 24.59 19.64 -2.32
C LEU A 862 23.64 20.66 -1.71
N THR A 863 24.19 21.63 -1.00
CA THR A 863 23.40 22.71 -0.45
C THR A 863 23.01 23.70 -1.54
N ASP A 864 22.23 24.71 -1.16
CA ASP A 864 21.81 25.74 -2.10
C ASP A 864 23.00 26.58 -2.56
N GLU A 865 23.98 26.78 -1.69
CA GLU A 865 25.15 27.58 -2.04
C GLU A 865 26.03 26.85 -3.05
N MET A 866 26.16 25.53 -2.94
CA MET A 866 26.98 24.79 -3.88
C MET A 866 26.32 24.69 -5.25
N ILE A 867 24.99 24.55 -5.28
CA ILE A 867 24.27 24.57 -6.55
C ILE A 867 24.35 25.96 -7.18
N ALA A 868 24.31 27.02 -6.35
CA ALA A 868 24.49 28.37 -6.87
C ALA A 868 25.90 28.59 -7.40
N GLN A 869 26.90 27.96 -6.78
CA GLN A 869 28.27 28.08 -7.30
C GLN A 869 28.47 27.31 -8.59
N TYR A 870 27.82 26.14 -8.72
CA TYR A 870 27.83 25.43 -9.99
C TYR A 870 27.17 26.25 -11.10
N THR A 871 26.03 26.87 -10.78
CA THR A 871 25.36 27.74 -11.75
C THR A 871 26.22 28.94 -12.12
N SER A 872 26.92 29.51 -11.12
CA SER A 872 27.82 30.63 -11.37
C SER A 872 28.99 30.23 -12.26
N ALA A 873 29.54 29.04 -12.04
CA ALA A 873 30.62 28.54 -12.88
C ALA A 873 30.16 28.30 -14.31
N LEU A 874 28.96 27.74 -14.48
CA LEU A 874 28.39 27.54 -15.81
C LEU A 874 28.14 28.85 -16.53
N LEU A 875 27.60 29.86 -15.82
CA LEU A 875 27.37 31.17 -16.41
C LEU A 875 28.67 31.87 -16.78
N ALA A 876 29.67 31.80 -15.90
CA ALA A 876 30.96 32.42 -16.19
C ALA A 876 31.64 31.76 -17.39
N GLY A 877 31.52 30.43 -17.48
CA GLY A 877 32.06 29.73 -18.64
C GLY A 877 31.35 30.10 -19.94
N THR A 878 30.02 30.13 -19.91
CA THR A 878 29.30 30.39 -21.17
C THR A 878 29.33 31.86 -21.55
N ILE A 879 29.70 32.75 -20.64
CA ILE A 879 29.88 34.15 -21.02
C ILE A 879 31.30 34.40 -21.50
N THR A 880 32.31 33.95 -20.74
CA THR A 880 33.68 34.27 -21.07
C THR A 880 34.31 33.35 -22.12
N SER A 881 33.70 32.20 -22.43
CA SER A 881 34.38 31.23 -23.29
C SER A 881 33.48 30.59 -24.34
N GLY A 882 32.19 30.87 -24.35
CA GLY A 882 31.34 30.27 -25.37
C GLY A 882 31.05 28.81 -25.07
N TRP A 883 31.07 27.99 -26.12
CA TRP A 883 30.91 26.55 -25.96
C TRP A 883 32.22 25.83 -25.77
N THR A 884 33.34 26.54 -25.71
CA THR A 884 34.65 25.90 -25.71
C THR A 884 34.96 25.22 -24.39
N PHE A 885 34.41 25.72 -23.29
CA PHE A 885 34.71 25.14 -21.98
C PHE A 885 34.00 23.82 -21.76
N GLY A 886 32.92 23.55 -22.49
CA GLY A 886 32.20 22.31 -22.39
C GLY A 886 32.71 21.18 -23.24
N ALA A 887 33.74 21.42 -24.06
CA ALA A 887 34.29 20.40 -24.93
C ALA A 887 35.81 20.43 -24.86
N GLY A 888 36.34 20.75 -23.68
CA GLY A 888 37.77 20.87 -23.51
C GLY A 888 38.13 22.03 -22.60
N PRO A 889 39.31 22.61 -22.79
CA PRO A 889 39.71 23.76 -21.98
C PRO A 889 38.93 25.01 -22.36
N ALA A 890 38.79 25.90 -21.40
CA ALA A 890 38.08 27.16 -21.63
C ALA A 890 38.94 28.09 -22.46
N LEU A 891 38.38 28.58 -23.57
CA LEU A 891 39.07 29.44 -24.51
C LEU A 891 38.36 30.78 -24.52
N GLN A 892 39.03 31.82 -24.04
CA GLN A 892 38.39 33.14 -23.96
C GLN A 892 38.13 33.71 -25.35
N ILE A 893 37.10 34.54 -25.43
CA ILE A 893 36.63 35.15 -26.67
C ILE A 893 35.82 36.39 -26.25
N PRO A 894 35.87 37.49 -27.01
CA PRO A 894 34.92 38.58 -26.75
C PRO A 894 33.49 38.12 -26.96
N PHE A 895 32.60 38.60 -26.11
CA PHE A 895 31.20 38.18 -26.17
C PHE A 895 30.46 38.64 -27.43
N PRO A 896 30.69 39.83 -28.00
CA PRO A 896 30.19 40.07 -29.37
C PRO A 896 30.75 39.11 -30.40
N MET A 897 32.01 38.68 -30.27
CA MET A 897 32.52 37.68 -31.18
C MET A 897 31.89 36.30 -30.94
N GLN A 898 31.59 36.00 -29.67
CA GLN A 898 30.84 34.80 -29.33
C GLN A 898 29.45 34.81 -29.95
N MET A 899 28.77 35.96 -29.88
CA MET A 899 27.42 36.07 -30.43
C MET A 899 27.47 36.06 -31.96
N ALA A 900 28.58 36.51 -32.54
CA ALA A 900 28.71 36.42 -34.00
C ALA A 900 28.97 35.00 -34.44
N TYR A 901 29.66 34.21 -33.61
CA TYR A 901 29.73 32.78 -33.85
C TYR A 901 28.35 32.14 -33.73
N ARG A 902 27.56 32.58 -32.76
CA ARG A 902 26.26 31.97 -32.53
C ARG A 902 25.23 32.38 -33.58
N PHE A 903 25.44 33.52 -34.25
CA PHE A 903 24.58 33.89 -35.37
C PHE A 903 24.86 33.04 -36.60
N ASN A 904 26.10 32.58 -36.77
CA ASN A 904 26.41 31.69 -37.89
C ASN A 904 25.80 30.31 -37.70
N GLY A 905 25.52 29.93 -36.45
CA GLY A 905 24.91 28.63 -36.20
C GLY A 905 23.43 28.56 -36.58
N ILE A 906 22.80 29.70 -36.83
CA ILE A 906 21.40 29.74 -37.26
C ILE A 906 21.25 30.27 -38.68
N GLY A 907 22.35 30.34 -39.44
CA GLY A 907 22.27 30.75 -40.82
C GLY A 907 22.24 32.23 -41.06
N VAL A 908 22.76 33.03 -40.14
CA VAL A 908 22.79 34.49 -40.25
C VAL A 908 24.24 34.93 -40.25
N THR A 909 24.59 35.81 -41.18
CA THR A 909 25.98 36.22 -41.35
C THR A 909 26.45 37.09 -40.19
N GLN A 910 27.77 37.25 -40.09
CA GLN A 910 28.37 37.94 -38.95
C GLN A 910 28.07 39.43 -38.95
N ASN A 911 27.94 40.04 -40.13
CA ASN A 911 27.76 41.48 -40.22
C ASN A 911 26.37 41.92 -39.76
N VAL A 912 25.42 41.00 -39.62
CA VAL A 912 24.11 41.36 -39.09
C VAL A 912 24.22 41.75 -37.62
N LEU A 913 25.03 41.02 -36.85
CA LEU A 913 25.26 41.39 -35.45
C LEU A 913 26.04 42.69 -35.33
N TYR A 914 27.17 42.79 -36.04
CA TYR A 914 28.11 43.89 -35.78
C TYR A 914 27.56 45.23 -36.23
N GLU A 915 26.68 45.23 -37.23
CA GLU A 915 26.05 46.47 -37.64
C GLU A 915 24.83 46.82 -36.80
N ASN A 916 24.36 45.90 -35.95
CA ASN A 916 23.26 46.15 -35.04
C ASN A 916 23.58 45.68 -33.62
N GLN A 917 24.83 45.89 -33.18
CA GLN A 917 25.26 45.37 -31.89
C GLN A 917 24.58 46.06 -30.73
N LYS A 918 24.42 47.39 -30.82
CA LYS A 918 23.73 48.15 -29.77
C LYS A 918 22.26 47.77 -29.70
N LEU A 919 21.62 47.56 -30.87
CA LEU A 919 20.22 47.16 -30.89
C LEU A 919 20.02 45.77 -30.29
N ILE A 920 20.90 44.83 -30.62
CA ILE A 920 20.77 43.47 -30.10
C ILE A 920 21.07 43.42 -28.61
N ALA A 921 22.05 44.21 -28.16
CA ALA A 921 22.32 44.32 -26.73
C ALA A 921 21.15 44.94 -25.97
N ASN A 922 20.50 45.95 -26.56
CA ASN A 922 19.34 46.57 -25.93
C ASN A 922 18.15 45.61 -25.88
N GLN A 923 17.94 44.83 -26.95
CA GLN A 923 16.87 43.84 -26.96
C GLN A 923 17.11 42.74 -25.93
N PHE A 924 18.37 42.29 -25.80
CA PHE A 924 18.71 41.29 -24.79
C PHE A 924 18.50 41.83 -23.38
N ASN A 925 18.93 43.08 -23.14
CA ASN A 925 18.79 43.67 -21.81
C ASN A 925 17.33 43.94 -21.46
N SER A 926 16.51 44.25 -22.47
CA SER A 926 15.09 44.40 -22.24
C SER A 926 14.43 43.06 -21.98
N ALA A 927 14.88 42.00 -22.67
CA ALA A 927 14.23 40.70 -22.53
C ALA A 927 14.61 40.00 -21.23
N ILE A 928 15.83 40.23 -20.74
CA ILE A 928 16.21 39.69 -19.43
C ILE A 928 15.43 40.40 -18.31
N GLY A 929 15.21 41.71 -18.47
CA GLY A 929 14.49 42.46 -17.44
C GLY A 929 13.02 42.11 -17.35
N LYS A 930 12.45 41.55 -18.43
CA LYS A 930 11.06 41.12 -18.40
C LYS A 930 10.88 39.76 -17.76
N ILE A 931 11.97 39.04 -17.50
CA ILE A 931 11.88 37.72 -16.87
C ILE A 931 11.48 37.87 -15.41
N GLN A 932 12.05 38.86 -14.71
CA GLN A 932 11.70 39.11 -13.32
C GLN A 932 10.25 39.59 -13.18
N ASP A 933 9.80 40.42 -14.11
CA ASP A 933 8.41 40.88 -14.11
C ASP A 933 7.44 39.73 -14.36
N SER A 934 7.80 38.83 -15.27
CA SER A 934 6.93 37.71 -15.61
C SER A 934 6.83 36.71 -14.45
N LEU A 935 7.96 36.48 -13.76
CA LEU A 935 7.93 35.54 -12.65
C LEU A 935 7.29 36.16 -11.42
N SER A 936 7.45 37.47 -11.22
CA SER A 936 6.82 38.13 -10.07
C SER A 936 5.32 38.29 -10.27
N SER A 937 4.89 38.61 -11.49
CA SER A 937 3.47 38.87 -11.74
C SER A 937 2.66 37.59 -11.74
N THR A 938 3.26 36.48 -12.18
CA THR A 938 2.55 35.21 -12.23
C THR A 938 3.00 34.34 -11.06
N PRO A 939 2.15 34.10 -10.06
CA PRO A 939 2.56 33.21 -8.96
C PRO A 939 2.57 31.74 -9.35
N SER A 940 1.89 31.36 -10.43
CA SER A 940 1.85 29.98 -10.89
C SER A 940 2.90 29.66 -11.94
N ALA A 941 3.90 30.54 -12.11
CA ALA A 941 4.98 30.26 -13.05
C ALA A 941 5.87 29.12 -12.57
N LEU A 942 6.10 29.04 -11.25
CA LEU A 942 6.94 28.01 -10.67
C LEU A 942 6.13 26.80 -10.21
N GLY A 943 5.07 26.47 -10.94
CA GLY A 943 4.17 25.43 -10.49
C GLY A 943 4.74 24.03 -10.58
N LYS A 944 5.71 23.82 -11.47
CA LYS A 944 6.27 22.48 -11.65
C LYS A 944 7.10 22.04 -10.45
N LEU A 945 7.69 22.98 -9.73
CA LEU A 945 8.44 22.68 -8.51
C LEU A 945 7.55 22.65 -7.29
N GLN A 946 6.57 23.56 -7.25
CA GLN A 946 5.62 23.60 -6.15
C GLN A 946 4.74 22.35 -6.13
N ASP A 947 4.46 21.77 -7.31
CA ASP A 947 3.75 20.50 -7.34
C ASP A 947 4.58 19.36 -6.76
N VAL A 948 5.89 19.36 -6.97
CA VAL A 948 6.76 18.35 -6.37
C VAL A 948 6.76 18.49 -4.84
N VAL A 949 6.90 19.73 -4.35
CA VAL A 949 6.90 19.98 -2.91
C VAL A 949 5.55 19.60 -2.30
N ASN A 950 4.45 19.97 -2.97
CA ASN A 950 3.12 19.68 -2.47
C ASN A 950 2.79 18.19 -2.53
N HIS A 951 3.30 17.48 -3.55
CA HIS A 951 3.07 16.04 -3.61
C HIS A 951 3.82 15.31 -2.51
N ASN A 952 5.06 15.74 -2.20
CA ASN A 952 5.80 15.10 -1.11
C ASN A 952 5.15 15.38 0.25
N ALA A 953 4.80 16.65 0.50
CA ALA A 953 4.15 17.01 1.76
C ALA A 953 2.76 16.38 1.87
N GLN A 954 2.07 16.23 0.74
CA GLN A 954 0.73 15.68 0.74
C GLN A 954 0.77 14.17 0.94
N ALA A 955 1.79 13.50 0.40
CA ALA A 955 1.98 12.08 0.66
C ALA A 955 2.32 11.82 2.13
N LEU A 956 3.19 12.65 2.71
CA LEU A 956 3.49 12.50 4.14
C LEU A 956 2.28 12.82 5.03
N ASN A 957 1.50 13.85 4.70
CA ASN A 957 0.32 14.17 5.48
C ASN A 957 -0.77 13.11 5.31
N THR A 958 -0.88 12.51 4.13
CA THR A 958 -1.79 11.39 3.93
C THR A 958 -1.34 10.18 4.76
N LEU A 959 -0.02 9.98 4.87
CA LEU A 959 0.49 8.89 5.69
C LEU A 959 0.26 9.15 7.18
N VAL A 960 0.18 10.44 7.57
CA VAL A 960 -0.08 10.77 8.97
C VAL A 960 -1.58 10.65 9.30
N LYS A 961 -2.45 11.20 8.45
CA LYS A 961 -3.89 11.01 8.65
C LYS A 961 -4.32 9.56 8.50
N GLN A 962 -3.56 8.76 7.74
CA GLN A 962 -3.86 7.35 7.57
C GLN A 962 -3.56 6.57 8.84
N LEU A 963 -2.68 7.11 9.69
CA LEU A 963 -2.38 6.49 10.98
C LEU A 963 -3.57 6.60 11.93
N SER A 964 -4.44 7.58 11.71
CA SER A 964 -5.65 7.78 12.51
C SER A 964 -6.83 7.04 11.87
N SER A 965 -6.65 5.73 11.72
CA SER A 965 -7.69 4.90 11.14
C SER A 965 -7.64 3.53 11.80
N LYS A 966 -8.78 2.84 11.78
CA LYS A 966 -8.96 1.63 12.57
C LYS A 966 -8.83 0.35 11.77
N PHE A 967 -9.08 0.40 10.45
CA PHE A 967 -9.04 -0.76 9.54
C PHE A 967 -9.98 -1.89 9.97
N GLY A 968 -11.08 -1.56 10.65
CA GLY A 968 -11.99 -2.55 11.16
C GLY A 968 -11.75 -3.00 12.58
N ALA A 969 -10.65 -2.56 13.20
CA ALA A 969 -10.40 -2.90 14.58
C ALA A 969 -11.25 -2.02 15.51
N ILE A 970 -11.20 -2.33 16.80
CA ILE A 970 -12.05 -1.62 17.76
C ILE A 970 -11.46 -0.26 18.13
N SER A 971 -10.15 -0.09 17.94
CA SER A 971 -9.49 1.16 18.29
C SER A 971 -8.26 1.33 17.43
N SER A 972 -7.96 2.57 17.07
CA SER A 972 -6.73 2.88 16.36
C SER A 972 -5.54 3.09 17.28
N VAL A 973 -5.77 3.09 18.60
CA VAL A 973 -4.72 3.25 19.58
C VAL A 973 -4.29 1.85 20.04
N LEU A 974 -3.00 1.56 19.91
CA LEU A 974 -2.46 0.28 20.36
C LEU A 974 -2.50 0.17 21.88
N ASN A 975 -2.22 1.28 22.57
CA ASN A 975 -2.14 1.30 24.03
C ASN A 975 -3.50 1.01 24.65
N ASP A 976 -4.59 1.47 24.03
CA ASP A 976 -5.93 1.15 24.50
C ASP A 976 -6.25 -0.34 24.37
N ILE A 977 -5.87 -0.96 23.26
CA ILE A 977 -6.13 -2.39 23.07
C ILE A 977 -5.30 -3.22 24.03
N PHE A 978 -4.06 -2.79 24.30
CA PHE A 978 -3.23 -3.50 25.27
C PHE A 978 -3.72 -3.28 26.69
N SER A 979 -4.37 -2.15 26.96
CA SER A 979 -4.84 -1.86 28.31
C SER A 979 -6.27 -2.33 28.57
N ARG A 980 -6.99 -2.78 27.55
CA ARG A 980 -8.34 -3.28 27.76
C ARG A 980 -8.54 -4.74 27.36
N LEU A 981 -7.72 -5.30 26.49
CA LEU A 981 -8.00 -6.65 25.99
C LEU A 981 -6.86 -7.62 26.30
N ASP A 982 -7.24 -8.88 26.51
CA ASP A 982 -6.32 -9.98 26.72
C ASP A 982 -5.58 -10.34 25.42
N PRO A 983 -4.35 -10.89 25.53
CA PRO A 983 -3.52 -11.15 24.32
C PRO A 983 -4.13 -12.05 23.27
N PRO A 984 -4.96 -13.08 23.58
CA PRO A 984 -5.61 -13.80 22.45
C PRO A 984 -6.61 -12.97 21.65
N GLU A 985 -7.11 -11.84 22.16
CA GLU A 985 -7.95 -10.95 21.38
C GLU A 985 -7.27 -9.64 21.02
N ALA A 986 -6.43 -9.14 21.93
CA ALA A 986 -5.61 -7.98 21.60
C ALA A 986 -4.64 -8.30 20.47
N GLU A 987 -4.19 -9.56 20.36
CA GLU A 987 -3.29 -9.96 19.28
C GLU A 987 -3.94 -9.84 17.91
N VAL A 988 -5.19 -10.30 17.75
CA VAL A 988 -5.83 -10.21 16.44
C VAL A 988 -6.24 -8.76 16.14
N GLN A 989 -6.64 -7.99 17.17
CA GLN A 989 -6.89 -6.56 16.96
C GLN A 989 -5.63 -5.81 16.50
N ILE A 990 -4.49 -6.06 17.16
CA ILE A 990 -3.30 -5.34 16.73
C ILE A 990 -2.78 -5.93 15.43
N ASP A 991 -3.06 -7.19 15.12
CA ASP A 991 -2.62 -7.74 13.84
C ASP A 991 -3.38 -7.07 12.70
N ARG A 992 -4.66 -6.77 12.92
CA ARG A 992 -5.43 -5.97 11.99
C ARG A 992 -4.83 -4.58 11.81
N LEU A 993 -4.50 -3.91 12.92
CA LEU A 993 -3.89 -2.58 12.82
C LEU A 993 -2.51 -2.62 12.14
N ILE A 994 -1.65 -3.56 12.53
CA ILE A 994 -0.30 -3.67 11.96
C ILE A 994 -0.36 -3.99 10.47
N THR A 995 -1.28 -4.86 10.05
CA THR A 995 -1.44 -5.08 8.60
C THR A 995 -1.96 -3.84 7.88
N GLY A 996 -2.77 -3.01 8.56
CA GLY A 996 -3.12 -1.71 7.99
C GLY A 996 -1.92 -0.80 7.78
N ARG A 997 -1.04 -0.72 8.79
CA ARG A 997 0.15 0.13 8.67
C ARG A 997 1.15 -0.42 7.66
N LEU A 998 1.27 -1.76 7.56
CA LEU A 998 2.07 -2.39 6.51
C LEU A 998 1.57 -2.03 5.12
N GLN A 999 0.24 -2.09 4.90
CA GLN A 999 -0.30 -1.74 3.60
C GLN A 999 -0.11 -0.25 3.29
N SER A 1000 -0.24 0.60 4.31
CA SER A 1000 -0.06 2.04 4.14
C SER A 1000 1.38 2.38 3.75
N LEU A 1001 2.34 1.76 4.43
CA LEU A 1001 3.75 2.01 4.14
C LEU A 1001 4.16 1.47 2.78
N GLN A 1002 3.65 0.29 2.40
CA GLN A 1002 3.97 -0.25 1.08
C GLN A 1002 3.37 0.62 -0.02
N THR A 1003 2.16 1.15 0.20
CA THR A 1003 1.54 2.07 -0.75
C THR A 1003 2.35 3.35 -0.89
N TYR A 1004 2.81 3.92 0.23
CA TYR A 1004 3.61 5.14 0.20
C TYR A 1004 4.92 4.94 -0.55
N VAL A 1005 5.58 3.81 -0.32
CA VAL A 1005 6.87 3.58 -0.99
C VAL A 1005 6.66 3.27 -2.47
N THR A 1006 5.52 2.65 -2.84
CA THR A 1006 5.24 2.46 -4.27
C THR A 1006 5.00 3.79 -4.99
N GLN A 1007 4.23 4.69 -4.38
CA GLN A 1007 4.08 6.03 -4.98
C GLN A 1007 5.38 6.82 -5.00
N GLN A 1008 6.23 6.67 -3.97
CA GLN A 1008 7.52 7.35 -4.00
C GLN A 1008 8.44 6.81 -5.08
N LEU A 1009 8.41 5.49 -5.34
CA LEU A 1009 9.20 4.95 -6.44
C LEU A 1009 8.71 5.42 -7.80
N ILE A 1010 7.39 5.52 -7.98
CA ILE A 1010 6.84 6.00 -9.25
C ILE A 1010 7.18 7.47 -9.47
N ARG A 1011 7.03 8.29 -8.42
CA ARG A 1011 7.38 9.70 -8.53
C ARG A 1011 8.88 9.90 -8.66
N ALA A 1012 9.68 9.01 -8.08
CA ALA A 1012 11.12 9.09 -8.22
C ALA A 1012 11.55 8.76 -9.63
N ALA A 1013 10.85 7.82 -10.28
CA ALA A 1013 11.10 7.56 -11.70
C ALA A 1013 10.74 8.75 -12.56
N GLU A 1014 9.62 9.42 -12.24
CA GLU A 1014 9.24 10.63 -12.98
C GLU A 1014 10.24 11.76 -12.80
N ILE A 1015 10.71 11.97 -11.56
CA ILE A 1015 11.70 13.00 -11.28
C ILE A 1015 13.05 12.65 -11.91
N ARG A 1016 13.39 11.36 -11.98
CA ARG A 1016 14.60 10.93 -12.66
C ARG A 1016 14.53 11.20 -14.15
N ALA A 1017 13.38 10.97 -14.77
CA ALA A 1017 13.22 11.30 -16.19
C ALA A 1017 13.30 12.81 -16.42
N SER A 1018 12.69 13.59 -15.54
CA SER A 1018 12.77 15.05 -15.64
C SER A 1018 14.19 15.55 -15.41
N ALA A 1019 14.94 14.91 -14.53
CA ALA A 1019 16.31 15.33 -14.26
C ALA A 1019 17.25 14.92 -15.39
N ASN A 1020 17.00 13.78 -16.02
CA ASN A 1020 17.76 13.41 -17.21
C ASN A 1020 17.49 14.37 -18.35
N LEU A 1021 16.23 14.80 -18.50
CA LEU A 1021 15.90 15.83 -19.49
C LEU A 1021 16.57 17.16 -19.15
N ALA A 1022 16.63 17.51 -17.86
CA ALA A 1022 17.27 18.75 -17.44
C ALA A 1022 18.77 18.72 -17.67
N ALA A 1023 19.41 17.58 -17.43
CA ALA A 1023 20.85 17.46 -17.68
C ALA A 1023 21.15 17.47 -19.18
N THR A 1024 20.28 16.85 -19.98
CA THR A 1024 20.43 16.90 -21.43
C THR A 1024 20.25 18.32 -21.95
N LYS A 1025 19.28 19.05 -21.41
CA LYS A 1025 19.09 20.45 -21.80
C LYS A 1025 20.25 21.32 -21.32
N MET A 1026 20.83 21.01 -20.16
CA MET A 1026 22.01 21.75 -19.70
C MET A 1026 23.18 21.56 -20.65
N SER A 1027 23.44 20.30 -21.03
CA SER A 1027 24.57 20.00 -21.90
C SER A 1027 24.35 20.53 -23.32
N GLU A 1028 23.13 20.51 -23.82
CA GLU A 1028 22.91 20.89 -25.21
C GLU A 1028 22.45 22.33 -25.41
N CYS A 1029 22.02 23.02 -24.35
CA CYS A 1029 21.61 24.41 -24.44
C CYS A 1029 22.63 25.35 -23.82
N VAL A 1030 23.23 24.95 -22.70
CA VAL A 1030 24.16 25.83 -22.00
C VAL A 1030 25.59 25.62 -22.48
N LEU A 1031 26.02 24.38 -22.64
CA LEU A 1031 27.38 24.06 -23.05
C LEU A 1031 27.55 24.13 -24.56
N GLY A 1032 26.51 24.43 -25.31
CA GLY A 1032 26.60 24.54 -26.74
C GLY A 1032 25.41 25.25 -27.32
N GLN A 1033 25.31 25.19 -28.66
CA GLN A 1033 24.21 25.80 -29.40
C GLN A 1033 23.49 24.68 -30.13
N SER A 1034 22.26 24.39 -29.72
CA SER A 1034 21.52 23.27 -30.29
C SER A 1034 20.72 23.72 -31.49
N LYS A 1035 20.73 22.90 -32.55
CA LYS A 1035 19.90 23.09 -33.71
C LYS A 1035 18.59 22.31 -33.64
N ARG A 1036 18.35 21.63 -32.52
CA ARG A 1036 17.10 20.91 -32.33
C ARG A 1036 15.97 21.90 -32.11
N VAL A 1037 14.89 21.74 -32.87
CA VAL A 1037 13.81 22.73 -32.87
C VAL A 1037 12.96 22.54 -31.61
N ASP A 1038 12.73 23.64 -30.89
CA ASP A 1038 11.97 23.73 -29.64
C ASP A 1038 12.54 22.87 -28.53
N PHE A 1039 13.82 22.53 -28.59
CA PHE A 1039 14.47 21.86 -27.46
C PHE A 1039 15.06 22.88 -26.50
N CYS A 1040 15.58 23.98 -27.03
CA CYS A 1040 16.17 25.04 -26.23
C CYS A 1040 15.41 26.35 -26.44
N GLY A 1041 14.09 26.30 -26.38
CA GLY A 1041 13.27 27.48 -26.49
C GLY A 1041 12.60 27.60 -27.85
N LYS A 1042 11.66 28.55 -27.92
CA LYS A 1042 10.92 28.81 -29.15
C LYS A 1042 11.68 29.81 -30.01
N GLY A 1043 12.01 29.40 -31.22
CA GLY A 1043 12.78 30.20 -32.14
C GLY A 1043 14.12 29.57 -32.44
N TYR A 1044 14.96 30.32 -33.15
CA TYR A 1044 16.30 29.87 -33.47
C TYR A 1044 17.20 30.11 -32.27
N HIS A 1045 17.65 29.02 -31.64
CA HIS A 1045 18.41 29.12 -30.40
C HIS A 1045 19.79 29.71 -30.61
N LEU A 1046 20.14 30.67 -29.74
CA LEU A 1046 21.48 31.25 -29.71
C LEU A 1046 22.31 30.73 -28.55
N MET A 1047 21.85 30.91 -27.32
CA MET A 1047 22.56 30.48 -26.12
C MET A 1047 21.58 30.47 -24.97
N SER A 1048 21.96 29.82 -23.88
CA SER A 1048 21.05 29.64 -22.76
C SER A 1048 21.79 29.86 -21.45
N PHE A 1049 21.01 30.19 -20.42
CA PHE A 1049 21.54 30.47 -19.10
C PHE A 1049 20.80 29.65 -18.05
N PRO A 1050 21.49 28.86 -17.24
CA PRO A 1050 20.82 28.16 -16.14
C PRO A 1050 20.67 29.06 -14.92
N GLN A 1051 19.66 28.76 -14.12
CA GLN A 1051 19.46 29.40 -12.83
C GLN A 1051 19.06 28.34 -11.81
N SER A 1052 19.61 28.45 -10.60
CA SER A 1052 19.28 27.51 -9.54
C SER A 1052 17.89 27.78 -9.00
N ALA A 1053 17.19 26.70 -8.66
CA ALA A 1053 15.81 26.77 -8.20
C ALA A 1053 15.63 25.74 -7.09
N PRO A 1054 14.64 25.91 -6.22
CA PRO A 1054 14.34 24.87 -5.23
C PRO A 1054 13.82 23.61 -5.89
N HIS A 1055 14.55 22.51 -5.69
CA HIS A 1055 14.29 21.19 -6.27
C HIS A 1055 14.22 21.20 -7.79
N GLY A 1056 14.99 22.07 -8.44
CA GLY A 1056 14.90 22.16 -9.89
C GLY A 1056 15.88 23.15 -10.45
N VAL A 1057 15.80 23.34 -11.77
CA VAL A 1057 16.66 24.25 -12.50
C VAL A 1057 15.78 25.06 -13.45
N VAL A 1058 16.16 26.32 -13.67
CA VAL A 1058 15.43 27.22 -14.57
C VAL A 1058 16.39 27.67 -15.67
N PHE A 1059 15.98 27.46 -16.91
CA PHE A 1059 16.77 27.87 -18.07
C PHE A 1059 16.18 29.14 -18.67
N LEU A 1060 17.06 30.06 -19.06
CA LEU A 1060 16.67 31.25 -19.80
C LEU A 1060 17.19 31.08 -21.23
N HIS A 1061 16.32 30.67 -22.13
CA HIS A 1061 16.68 30.35 -23.50
C HIS A 1061 16.63 31.62 -24.35
N VAL A 1062 17.79 32.12 -24.73
CA VAL A 1062 17.90 33.28 -25.60
C VAL A 1062 17.83 32.80 -27.04
N THR A 1063 16.72 33.11 -27.71
CA THR A 1063 16.47 32.66 -29.06
C THR A 1063 16.37 33.84 -30.00
N TYR A 1064 16.47 33.54 -31.29
CA TYR A 1064 16.38 34.53 -32.35
C TYR A 1064 15.03 34.37 -33.04
N VAL A 1065 14.17 35.35 -32.86
CA VAL A 1065 12.83 35.34 -33.45
C VAL A 1065 12.81 36.33 -34.61
N PRO A 1066 12.58 35.89 -35.84
CA PRO A 1066 12.47 36.82 -36.96
C PRO A 1066 11.22 37.69 -36.86
N ALA A 1067 11.28 38.88 -37.45
CA ALA A 1067 10.18 39.82 -37.40
C ALA A 1067 10.22 40.73 -38.61
N GLN A 1068 9.07 41.37 -38.88
CA GLN A 1068 8.89 42.38 -39.93
C GLN A 1068 9.26 41.84 -41.31
N GLU A 1069 8.56 40.79 -41.73
CA GLU A 1069 8.84 40.18 -43.02
C GLU A 1069 8.21 40.99 -44.15
N LYS A 1070 8.71 40.75 -45.36
CA LYS A 1070 8.26 41.45 -46.56
C LYS A 1070 8.20 40.45 -47.71
N ASN A 1071 7.15 40.56 -48.52
CA ASN A 1071 6.94 39.68 -49.65
C ASN A 1071 7.87 40.05 -50.80
N PHE A 1072 8.49 39.05 -51.41
CA PHE A 1072 9.33 39.26 -52.59
C PHE A 1072 9.01 38.21 -53.63
N THR A 1073 9.12 38.62 -54.90
CA THR A 1073 9.04 37.69 -56.01
C THR A 1073 10.38 36.96 -56.15
N THR A 1074 10.33 35.64 -56.26
CA THR A 1074 11.53 34.83 -56.23
C THR A 1074 11.61 33.94 -57.47
N ALA A 1075 12.74 33.25 -57.60
CA ALA A 1075 12.97 32.34 -58.71
C ALA A 1075 13.99 31.30 -58.26
N PRO A 1076 13.89 30.06 -58.74
CA PRO A 1076 14.88 29.05 -58.36
C PRO A 1076 16.25 29.25 -58.99
N ALA A 1077 16.34 29.88 -60.17
CA ALA A 1077 17.61 30.04 -60.84
C ALA A 1077 17.56 31.25 -61.76
N ILE A 1078 18.75 31.70 -62.16
CA ILE A 1078 18.92 32.84 -63.06
C ILE A 1078 19.60 32.34 -64.33
N CYS A 1079 18.99 32.63 -65.49
CA CYS A 1079 19.57 32.27 -66.78
C CYS A 1079 20.25 33.49 -67.37
N HIS A 1080 21.55 33.38 -67.66
CA HIS A 1080 22.29 34.54 -68.12
C HIS A 1080 22.81 34.38 -69.55
N ASP A 1081 23.60 33.36 -69.81
CA ASP A 1081 24.16 33.10 -71.14
C ASP A 1081 23.92 31.67 -71.59
N GLY A 1082 22.74 31.12 -71.32
CA GLY A 1082 22.48 29.71 -71.50
C GLY A 1082 22.91 28.87 -70.32
N LYS A 1083 23.43 29.51 -69.26
CA LYS A 1083 23.83 28.82 -68.05
C LYS A 1083 22.80 29.07 -66.95
N ALA A 1084 22.59 28.05 -66.11
CA ALA A 1084 21.67 28.15 -64.99
C ALA A 1084 22.48 28.46 -63.74
N HIS A 1085 22.17 29.58 -63.09
CA HIS A 1085 22.89 30.05 -61.92
C HIS A 1085 22.07 29.79 -60.67
N PHE A 1086 22.66 29.11 -59.70
CA PHE A 1086 22.01 28.78 -58.45
C PHE A 1086 22.75 29.44 -57.29
N PRO A 1087 22.06 29.82 -56.21
CA PRO A 1087 22.73 30.53 -55.13
C PRO A 1087 23.63 29.61 -54.31
N ARG A 1088 24.83 30.09 -54.00
CA ARG A 1088 25.74 29.31 -53.16
C ARG A 1088 25.31 29.34 -51.70
N GLU A 1089 25.02 30.51 -51.14
CA GLU A 1089 24.56 30.59 -49.76
C GLU A 1089 23.19 31.22 -49.59
N GLY A 1090 22.64 31.88 -50.59
CA GLY A 1090 21.43 32.68 -50.41
C GLY A 1090 20.22 32.19 -51.19
N VAL A 1091 19.43 33.16 -51.67
CA VAL A 1091 18.19 32.91 -52.39
C VAL A 1091 17.89 34.12 -53.26
N PHE A 1092 17.39 33.89 -54.48
CA PHE A 1092 17.12 34.96 -55.42
C PHE A 1092 15.80 35.64 -55.09
N VAL A 1093 15.82 36.97 -55.01
CA VAL A 1093 14.62 37.76 -54.75
C VAL A 1093 14.52 38.86 -55.79
N SER A 1094 13.32 39.41 -55.93
CA SER A 1094 13.08 40.53 -56.83
C SER A 1094 12.21 41.57 -56.11
N ASN A 1095 12.56 42.84 -56.30
CA ASN A 1095 11.76 43.94 -55.79
C ASN A 1095 10.74 44.45 -56.80
N GLY A 1096 10.49 43.70 -57.87
CA GLY A 1096 9.62 44.10 -58.94
C GLY A 1096 10.33 44.60 -60.18
N THR A 1097 11.53 45.14 -60.04
CA THR A 1097 12.33 45.62 -61.16
C THR A 1097 13.66 44.89 -61.29
N HIS A 1098 14.41 44.76 -60.21
CA HIS A 1098 15.75 44.19 -60.23
C HIS A 1098 15.77 42.90 -59.42
N TRP A 1099 16.66 42.00 -59.81
CA TRP A 1099 16.86 40.74 -59.09
C TRP A 1099 18.11 40.82 -58.23
N PHE A 1100 17.96 40.42 -56.96
CA PHE A 1100 19.06 40.37 -56.01
C PHE A 1100 19.16 38.97 -55.45
N VAL A 1101 20.22 38.73 -54.69
CA VAL A 1101 20.37 37.51 -53.90
C VAL A 1101 20.66 37.92 -52.47
N THR A 1102 19.94 37.30 -51.53
CA THR A 1102 20.03 37.63 -50.12
C THR A 1102 20.08 36.36 -49.29
N GLN A 1103 20.62 36.49 -48.08
CA GLN A 1103 20.66 35.36 -47.15
C GLN A 1103 19.26 35.05 -46.66
N ARG A 1104 19.08 33.81 -46.18
CA ARG A 1104 17.74 33.24 -46.02
C ARG A 1104 16.96 33.87 -44.87
N ASN A 1105 17.59 34.13 -43.74
CA ASN A 1105 16.89 34.51 -42.53
C ASN A 1105 16.92 36.01 -42.25
N PHE A 1106 17.47 36.81 -43.18
CA PHE A 1106 17.53 38.26 -42.98
C PHE A 1106 17.62 38.90 -44.35
N TYR A 1107 16.88 39.97 -44.58
CA TYR A 1107 16.91 40.62 -45.88
C TYR A 1107 18.11 41.53 -45.99
N GLU A 1108 19.06 41.14 -46.84
CA GLU A 1108 20.24 41.94 -47.17
C GLU A 1108 20.53 41.73 -48.64
N PRO A 1109 19.99 42.56 -49.53
CA PRO A 1109 20.09 42.28 -50.96
C PRO A 1109 21.47 42.60 -51.51
N GLN A 1110 21.99 41.69 -52.33
CA GLN A 1110 23.29 41.84 -52.95
C GLN A 1110 23.18 41.56 -54.44
N ILE A 1111 24.13 42.11 -55.19
CA ILE A 1111 24.17 41.93 -56.63
C ILE A 1111 24.65 40.51 -56.94
N ILE A 1112 24.06 39.90 -57.96
CA ILE A 1112 24.43 38.55 -58.39
C ILE A 1112 25.76 38.65 -59.14
N THR A 1113 26.85 38.24 -58.48
CA THR A 1113 28.20 38.58 -58.96
C THR A 1113 29.11 37.38 -59.18
N THR A 1114 28.58 36.22 -59.61
CA THR A 1114 29.34 35.02 -60.00
C THR A 1114 30.23 34.39 -58.92
N ASP A 1115 30.26 34.96 -57.72
CA ASP A 1115 31.04 34.44 -56.61
C ASP A 1115 30.16 34.06 -55.43
N ASN A 1116 28.91 34.51 -55.43
CA ASN A 1116 27.89 34.04 -54.52
C ASN A 1116 26.89 33.13 -55.21
N THR A 1117 27.11 32.80 -56.49
CA THR A 1117 26.31 31.86 -57.25
C THR A 1117 27.22 30.83 -57.91
N PHE A 1118 26.63 29.74 -58.37
CA PHE A 1118 27.36 28.70 -59.08
C PHE A 1118 26.54 28.22 -60.27
N VAL A 1119 27.22 27.61 -61.23
CA VAL A 1119 26.62 27.21 -62.50
C VAL A 1119 26.49 25.70 -62.53
N SER A 1120 25.29 25.21 -62.82
CA SER A 1120 25.04 23.77 -62.98
C SER A 1120 24.02 23.58 -64.09
N GLY A 1121 24.48 23.09 -65.24
CA GLY A 1121 23.58 22.79 -66.34
C GLY A 1121 23.20 24.02 -67.13
N ASN A 1122 22.22 23.81 -68.02
CA ASN A 1122 21.71 24.87 -68.89
C ASN A 1122 20.30 25.30 -68.47
N CYS A 1123 19.70 26.17 -69.27
CA CYS A 1123 18.45 26.83 -68.92
C CYS A 1123 17.21 26.07 -69.35
N ASP A 1124 17.36 24.94 -70.04
CA ASP A 1124 16.21 24.25 -70.63
C ASP A 1124 15.49 23.35 -69.63
N VAL A 1125 16.04 23.17 -68.43
CA VAL A 1125 15.62 22.08 -67.55
C VAL A 1125 14.99 22.56 -66.25
N VAL A 1126 15.36 23.74 -65.75
CA VAL A 1126 14.87 24.21 -64.47
C VAL A 1126 13.50 24.86 -64.67
N ILE A 1127 12.52 24.40 -63.90
CA ILE A 1127 11.16 24.92 -63.99
C ILE A 1127 11.09 26.22 -63.18
N GLY A 1128 10.80 27.32 -63.85
CA GLY A 1128 10.70 28.61 -63.19
C GLY A 1128 11.92 29.49 -63.30
N ILE A 1129 12.89 29.13 -64.15
CA ILE A 1129 14.09 29.95 -64.32
C ILE A 1129 13.73 31.24 -65.04
N VAL A 1130 14.38 32.34 -64.66
CA VAL A 1130 14.11 33.65 -65.25
C VAL A 1130 15.42 34.20 -65.80
N ASN A 1131 15.29 35.17 -66.71
CA ASN A 1131 16.45 35.78 -67.33
C ASN A 1131 16.84 37.06 -66.60
N ASN A 1132 18.10 37.12 -66.17
CA ASN A 1132 18.62 38.32 -65.55
C ASN A 1132 20.13 38.39 -65.79
N THR A 1133 20.66 39.61 -65.72
CA THR A 1133 22.08 39.82 -65.93
C THR A 1133 22.86 39.42 -64.70
N VAL A 1134 23.87 38.58 -64.89
CA VAL A 1134 24.75 38.14 -63.82
C VAL A 1134 26.09 38.85 -64.02
N TYR A 1135 26.42 39.74 -63.09
CA TYR A 1135 27.54 40.66 -63.24
C TYR A 1135 28.85 39.91 -63.00
N ASP A 1136 29.81 40.08 -63.91
CA ASP A 1136 31.10 39.43 -63.75
C ASP A 1136 32.06 40.49 -63.21
N PRO A 1137 32.61 40.33 -62.00
CA PRO A 1137 33.55 41.33 -61.48
C PRO A 1137 34.91 41.32 -62.16
N LEU A 1138 35.25 40.25 -62.88
CA LEU A 1138 36.54 40.18 -63.57
C LEU A 1138 36.57 41.06 -64.81
N GLN A 1139 35.43 41.23 -65.48
CA GLN A 1139 35.37 41.98 -66.74
C GLN A 1139 35.75 43.46 -66.64
N PRO A 1140 35.29 44.27 -65.67
CA PRO A 1140 35.78 45.66 -65.63
C PRO A 1140 37.22 45.80 -65.16
N GLU A 1141 37.80 44.77 -64.54
CA GLU A 1141 39.15 44.93 -64.01
C GLU A 1141 40.20 44.53 -65.05
N LEU A 1142 39.92 43.54 -65.90
CA LEU A 1142 40.78 43.27 -67.03
C LEU A 1142 40.58 44.27 -68.16
N ASP A 1143 39.33 44.72 -68.38
CA ASP A 1143 39.00 45.65 -69.46
C ASP A 1143 38.23 46.81 -68.82
N SER A 1144 38.96 47.87 -68.48
CA SER A 1144 38.36 49.04 -67.84
C SER A 1144 38.03 50.12 -68.86
N ASN B 17 31.70 -31.11 56.42
CA ASN B 17 33.13 -31.32 56.23
C ASN B 17 33.78 -30.02 55.75
N LEU B 18 34.21 -29.20 56.70
CA LEU B 18 34.82 -27.91 56.42
C LEU B 18 36.30 -27.95 56.74
N THR B 19 37.13 -27.64 55.74
CA THR B 19 38.56 -27.40 55.92
C THR B 19 38.82 -25.99 55.43
N THR B 20 39.13 -25.09 56.36
CA THR B 20 39.21 -23.67 56.04
C THR B 20 40.48 -23.36 55.26
N ARG B 21 40.31 -22.71 54.11
CA ARG B 21 41.41 -22.30 53.26
C ARG B 21 41.27 -20.81 52.96
N THR B 22 42.41 -20.16 52.69
CA THR B 22 42.40 -18.74 52.38
C THR B 22 41.87 -18.50 50.97
N GLN B 23 40.81 -17.70 50.88
CA GLN B 23 40.15 -17.42 49.61
C GLN B 23 40.62 -16.08 49.05
N LEU B 24 40.85 -16.07 47.74
CA LEU B 24 41.30 -14.88 47.03
C LEU B 24 40.18 -14.38 46.11
N PRO B 25 40.07 -13.05 45.93
CA PRO B 25 39.08 -12.54 44.98
C PRO B 25 39.50 -12.80 43.56
N PRO B 26 38.58 -13.23 42.70
CA PRO B 26 38.95 -13.59 41.32
C PRO B 26 39.18 -12.36 40.47
N ALA B 27 40.12 -12.48 39.55
CA ALA B 27 40.42 -11.43 38.59
C ALA B 27 39.57 -11.62 37.34
N TYR B 28 39.88 -10.85 36.30
CA TYR B 28 39.12 -10.88 35.06
C TYR B 28 40.04 -10.73 33.86
N THR B 29 39.67 -11.37 32.75
CA THR B 29 40.40 -11.25 31.50
C THR B 29 39.40 -11.14 30.34
N ASN B 30 39.90 -10.70 29.20
CA ASN B 30 39.05 -10.47 28.03
C ASN B 30 38.87 -11.78 27.26
N SER B 31 37.63 -12.05 26.88
CA SER B 31 37.27 -13.25 26.10
C SER B 31 37.15 -12.87 24.64
N PHE B 32 38.04 -13.41 23.81
CA PHE B 32 38.11 -13.07 22.40
C PHE B 32 37.12 -13.88 21.59
N THR B 33 37.33 -13.95 20.26
CA THR B 33 36.36 -14.55 19.33
C THR B 33 36.30 -16.06 19.58
N ARG B 34 35.50 -16.41 20.59
CA ARG B 34 35.57 -17.71 21.25
C ARG B 34 34.33 -17.91 22.10
N GLY B 35 33.79 -19.12 22.08
CA GLY B 35 32.61 -19.43 22.87
C GLY B 35 31.36 -19.61 22.03
N VAL B 36 31.52 -20.10 20.81
CA VAL B 36 30.43 -20.32 19.88
C VAL B 36 30.28 -21.82 19.66
N TYR B 37 29.03 -22.28 19.60
CA TYR B 37 28.71 -23.69 19.44
C TYR B 37 27.76 -23.89 18.27
N TYR B 38 27.61 -25.13 17.86
CA TYR B 38 26.62 -25.49 16.85
C TYR B 38 25.23 -25.38 17.45
N PRO B 39 24.34 -24.53 16.93
CA PRO B 39 23.05 -24.32 17.59
C PRO B 39 22.06 -25.47 17.40
N ASP B 40 22.20 -26.26 16.34
CA ASP B 40 21.22 -27.29 16.03
C ASP B 40 21.92 -28.41 15.27
N LYS B 41 21.20 -29.51 15.05
CA LYS B 41 21.72 -30.68 14.35
C LYS B 41 21.45 -30.60 12.85
N VAL B 42 21.82 -29.48 12.24
CA VAL B 42 21.50 -29.19 10.84
C VAL B 42 22.80 -28.96 10.08
N PHE B 43 22.98 -29.66 8.96
CA PHE B 43 24.13 -29.47 8.10
C PHE B 43 23.90 -28.31 7.15
N ARG B 44 24.89 -27.42 7.05
CA ARG B 44 24.87 -26.31 6.12
C ARG B 44 26.24 -26.21 5.46
N SER B 45 26.26 -26.08 4.14
CA SER B 45 27.50 -26.10 3.37
C SER B 45 27.69 -24.76 2.65
N SER B 46 28.73 -24.03 3.05
CA SER B 46 29.07 -22.69 2.53
C SER B 46 27.90 -21.72 2.66
N VAL B 47 27.33 -21.66 3.86
CA VAL B 47 26.14 -20.89 4.15
C VAL B 47 26.48 -19.81 5.17
N LEU B 48 26.13 -18.57 4.85
CA LEU B 48 26.15 -17.47 5.81
C LEU B 48 24.81 -17.47 6.54
N HIS B 49 24.78 -18.12 7.70
CA HIS B 49 23.53 -18.35 8.44
C HIS B 49 23.46 -17.38 9.61
N SER B 50 22.35 -16.65 9.68
CA SER B 50 22.10 -15.73 10.79
C SER B 50 21.13 -16.38 11.76
N THR B 51 21.58 -16.57 13.00
CA THR B 51 20.77 -17.23 14.01
C THR B 51 20.78 -16.42 15.29
N GLN B 52 19.80 -16.67 16.15
CA GLN B 52 19.66 -16.01 17.44
C GLN B 52 19.57 -17.08 18.51
N ASP B 53 20.58 -17.14 19.38
CA ASP B 53 20.65 -18.13 20.44
C ASP B 53 21.55 -17.54 21.52
N LEU B 54 21.58 -18.19 22.68
CA LEU B 54 22.45 -17.79 23.77
C LEU B 54 23.91 -18.01 23.37
N PHE B 55 24.63 -16.92 23.12
CA PHE B 55 26.07 -16.97 22.90
C PHE B 55 26.76 -16.00 23.84
N LEU B 56 27.98 -16.34 24.21
CA LEU B 56 28.84 -15.45 24.99
C LEU B 56 29.26 -14.30 24.09
N PRO B 57 29.08 -13.04 24.50
CA PRO B 57 29.44 -11.92 23.63
C PRO B 57 30.95 -11.81 23.42
N PHE B 58 31.31 -11.47 22.18
CA PHE B 58 32.71 -11.28 21.80
C PHE B 58 33.29 -10.06 22.50
N PHE B 59 34.59 -10.15 22.83
CA PHE B 59 35.37 -9.11 23.50
C PHE B 59 34.73 -8.64 24.81
N SER B 60 34.19 -9.58 25.56
CA SER B 60 33.65 -9.35 26.89
C SER B 60 34.57 -9.99 27.93
N ASN B 61 34.26 -9.74 29.19
CA ASN B 61 35.12 -10.20 30.28
C ASN B 61 34.53 -11.44 30.94
N VAL B 62 35.40 -12.44 31.13
CA VAL B 62 35.08 -13.66 31.85
C VAL B 62 35.85 -13.63 33.17
N THR B 63 35.49 -14.54 34.06
CA THR B 63 36.03 -14.55 35.41
C THR B 63 37.27 -15.42 35.47
N TRP B 64 38.36 -14.86 36.02
CA TRP B 64 39.68 -15.46 35.93
C TRP B 64 40.03 -16.06 37.29
N PHE B 65 40.22 -17.37 37.33
CA PHE B 65 40.65 -18.07 38.54
C PHE B 65 42.01 -18.72 38.31
N HIS B 66 42.52 -19.36 39.36
CA HIS B 66 43.62 -20.31 39.25
C HIS B 66 43.51 -21.30 40.42
N ASP B 78 41.46 -22.74 43.74
CA ASP B 78 40.25 -21.93 43.71
C ASP B 78 39.03 -22.78 43.35
N ASN B 79 38.11 -22.91 44.30
CA ASN B 79 36.89 -23.69 44.06
C ASN B 79 35.65 -23.15 44.79
N PRO B 80 35.08 -22.02 44.37
CA PRO B 80 33.85 -21.54 45.02
C PRO B 80 32.60 -22.08 44.34
N VAL B 81 31.45 -21.66 44.87
CA VAL B 81 30.16 -21.91 44.24
C VAL B 81 29.82 -20.70 43.38
N LEU B 82 29.55 -20.93 42.09
CA LEU B 82 29.34 -19.86 41.13
C LEU B 82 27.92 -19.91 40.56
N PRO B 83 27.32 -18.76 40.27
CA PRO B 83 25.94 -18.75 39.79
C PRO B 83 25.83 -19.18 38.33
N PHE B 84 24.64 -19.70 38.00
CA PHE B 84 24.30 -20.19 36.66
C PHE B 84 23.33 -19.18 36.05
N ASN B 85 23.89 -18.15 35.39
CA ASN B 85 23.08 -17.06 34.85
C ASN B 85 22.62 -17.41 33.44
N ASP B 86 21.60 -18.28 33.39
CA ASP B 86 20.91 -18.71 32.17
C ASP B 86 21.86 -19.32 31.14
N GLY B 87 22.82 -20.10 31.62
CA GLY B 87 23.84 -20.67 30.77
C GLY B 87 25.22 -20.17 31.11
N VAL B 88 26.18 -21.07 31.25
CA VAL B 88 27.55 -20.74 31.66
C VAL B 88 28.54 -21.38 30.70
N TYR B 89 29.44 -20.56 30.16
CA TYR B 89 30.55 -21.02 29.35
C TYR B 89 31.68 -21.47 30.27
N PHE B 90 32.35 -22.56 29.92
CA PHE B 90 33.44 -23.09 30.72
C PHE B 90 34.65 -23.31 29.83
N ALA B 91 35.82 -22.96 30.35
CA ALA B 91 37.07 -23.23 29.66
C ALA B 91 38.14 -23.52 30.71
N SER B 92 39.13 -24.30 30.32
CA SER B 92 40.21 -24.69 31.24
C SER B 92 41.45 -25.01 30.44
N ILE B 93 42.60 -24.63 30.98
CA ILE B 93 43.90 -24.93 30.39
C ILE B 93 44.66 -25.80 31.38
N GLU B 94 44.67 -27.11 31.14
CA GLU B 94 45.25 -28.07 32.09
C GLU B 94 46.05 -29.13 31.36
N LYS B 95 47.22 -29.45 31.91
CA LYS B 95 47.98 -30.64 31.52
C LYS B 95 47.61 -31.87 32.33
N SER B 96 47.29 -31.70 33.62
CA SER B 96 46.97 -32.79 34.51
C SER B 96 45.48 -32.82 34.79
N ASN B 97 45.07 -33.78 35.63
CA ASN B 97 43.66 -34.00 35.95
C ASN B 97 43.28 -33.23 37.20
N ILE B 98 43.22 -31.91 37.05
CA ILE B 98 42.83 -31.06 38.17
C ILE B 98 41.32 -31.04 38.34
N ILE B 99 40.60 -30.62 37.32
CA ILE B 99 39.13 -30.60 37.35
C ILE B 99 38.62 -31.92 36.78
N ARG B 100 37.75 -32.57 37.55
CA ARG B 100 37.22 -33.88 37.19
C ARG B 100 35.71 -33.88 37.04
N GLY B 101 35.00 -32.90 37.57
CA GLY B 101 33.55 -32.93 37.45
C GLY B 101 32.91 -31.61 37.77
N TRP B 102 31.59 -31.65 37.89
CA TRP B 102 30.76 -30.48 38.18
C TRP B 102 29.55 -30.93 38.99
N ILE B 103 28.95 -29.98 39.71
CA ILE B 103 27.66 -30.16 40.37
C ILE B 103 26.75 -29.03 39.91
N PHE B 104 25.52 -29.36 39.54
CA PHE B 104 24.52 -28.37 39.14
C PHE B 104 23.26 -28.50 39.96
N GLY B 105 22.55 -27.39 40.10
CA GLY B 105 21.30 -27.36 40.84
C GLY B 105 20.93 -25.93 41.18
N THR B 106 19.71 -25.77 41.69
CA THR B 106 19.28 -24.47 42.17
C THR B 106 20.02 -24.10 43.45
N THR B 107 19.87 -24.91 44.50
CA THR B 107 20.65 -24.78 45.72
C THR B 107 21.36 -26.11 45.96
N LEU B 108 22.26 -26.11 46.95
CA LEU B 108 22.90 -27.34 47.42
C LEU B 108 22.76 -27.38 48.95
N ASP B 109 21.64 -27.92 49.42
CA ASP B 109 21.35 -27.92 50.86
C ASP B 109 20.58 -29.18 51.30
N SER B 110 20.66 -30.27 50.53
CA SER B 110 19.93 -31.53 50.72
C SER B 110 18.42 -31.34 50.76
N LYS B 111 17.89 -30.34 50.05
CA LYS B 111 16.45 -30.06 50.02
C LYS B 111 15.91 -29.98 48.60
N THR B 112 16.69 -30.38 47.61
CA THR B 112 16.31 -30.23 46.20
C THR B 112 16.81 -31.44 45.44
N GLN B 113 16.80 -31.36 44.10
CA GLN B 113 17.22 -32.45 43.22
C GLN B 113 18.38 -31.92 42.36
N SER B 114 19.61 -32.30 42.73
CA SER B 114 20.79 -31.77 42.05
C SER B 114 21.24 -32.73 40.95
N LEU B 115 22.42 -32.44 40.39
CA LEU B 115 22.96 -33.16 39.25
C LEU B 115 24.41 -33.53 39.52
N LEU B 116 24.85 -34.66 38.95
CA LEU B 116 26.22 -35.15 39.09
C LEU B 116 26.88 -35.27 37.72
N ILE B 117 28.12 -34.80 37.63
CA ILE B 117 29.04 -35.15 36.55
C ILE B 117 30.36 -35.54 37.21
N VAL B 118 30.83 -36.75 36.93
CA VAL B 118 32.17 -37.20 37.32
C VAL B 118 32.82 -37.85 36.11
N ASN B 119 34.02 -37.39 35.76
CA ASN B 119 34.75 -37.92 34.61
C ASN B 119 35.78 -38.93 35.12
N ASN B 120 35.40 -40.20 35.14
CA ASN B 120 36.27 -41.25 35.65
C ASN B 120 37.30 -41.63 34.59
N ALA B 121 38.10 -42.66 34.88
CA ALA B 121 39.20 -43.06 34.01
C ALA B 121 38.71 -43.70 32.72
N THR B 122 37.55 -44.36 32.74
CA THR B 122 37.06 -45.04 31.54
C THR B 122 35.80 -44.38 31.01
N ASN B 123 34.78 -44.25 31.84
CA ASN B 123 33.50 -43.69 31.41
C ASN B 123 33.16 -42.46 32.24
N VAL B 124 32.15 -41.72 31.76
CA VAL B 124 31.62 -40.56 32.47
C VAL B 124 30.18 -40.85 32.85
N VAL B 125 29.88 -40.80 34.14
CA VAL B 125 28.55 -41.11 34.67
C VAL B 125 27.87 -39.80 35.06
N ILE B 126 26.70 -39.54 34.48
CA ILE B 126 25.90 -38.38 34.79
C ILE B 126 24.64 -38.84 35.51
N LYS B 127 24.47 -38.38 36.75
CA LYS B 127 23.34 -38.77 37.57
C LYS B 127 22.61 -37.54 38.07
N VAL B 128 21.29 -37.67 38.19
CA VAL B 128 20.44 -36.64 38.79
C VAL B 128 20.07 -37.15 40.18
N CYS B 129 20.82 -36.71 41.19
CA CYS B 129 20.64 -37.17 42.56
C CYS B 129 21.19 -36.11 43.50
N GLU B 130 20.56 -35.98 44.67
CA GLU B 130 20.93 -34.97 45.64
C GLU B 130 22.05 -35.50 46.51
N PHE B 131 23.24 -34.91 46.39
CA PHE B 131 24.41 -35.32 47.16
C PHE B 131 24.82 -34.24 48.15
N GLN B 132 25.36 -34.69 49.27
CA GLN B 132 26.02 -33.80 50.23
C GLN B 132 27.47 -33.61 49.83
N PHE B 133 27.99 -32.42 50.10
CA PHE B 133 29.29 -32.02 49.59
C PHE B 133 30.17 -31.55 50.75
N CYS B 134 31.48 -31.71 50.57
CA CYS B 134 32.45 -31.04 51.41
C CYS B 134 32.73 -29.64 50.86
N ASN B 135 33.05 -28.72 51.76
CA ASN B 135 33.20 -27.32 51.40
C ASN B 135 34.52 -27.01 50.71
N ASP B 136 35.45 -27.96 50.67
CA ASP B 136 36.68 -27.83 49.88
C ASP B 136 36.82 -29.07 49.02
N PRO B 137 36.28 -29.04 47.79
CA PRO B 137 36.37 -30.21 46.91
C PRO B 137 37.81 -30.56 46.53
N PHE B 138 38.05 -31.86 46.42
CA PHE B 138 39.37 -32.40 46.08
C PHE B 138 39.15 -33.76 45.45
N LEU B 139 39.47 -33.89 44.17
CA LEU B 139 39.05 -35.03 43.37
C LEU B 139 40.23 -35.78 42.77
N ASP B 140 41.25 -36.06 43.58
CA ASP B 140 42.40 -36.85 43.13
C ASP B 140 42.00 -38.31 42.91
N GLU B 151 42.23 -39.65 45.86
CA GLU B 151 41.41 -39.16 46.98
C GLU B 151 40.16 -38.46 46.47
N PHE B 152 39.15 -39.25 46.11
CA PHE B 152 37.87 -38.73 45.62
C PHE B 152 36.97 -38.58 46.83
N ARG B 153 36.83 -37.34 47.32
CA ARG B 153 36.29 -37.10 48.66
C ARG B 153 35.19 -36.04 48.73
N VAL B 154 34.52 -35.71 47.62
CA VAL B 154 33.55 -34.62 47.67
C VAL B 154 32.12 -35.16 47.72
N TYR B 155 31.88 -36.37 47.21
CA TYR B 155 30.56 -36.98 47.32
C TYR B 155 30.54 -37.98 48.47
N SER B 156 29.61 -37.78 49.41
CA SER B 156 29.55 -38.63 50.59
C SER B 156 28.26 -39.43 50.66
N SER B 157 27.12 -38.76 50.63
CA SER B 157 25.83 -39.44 50.78
C SER B 157 24.86 -38.97 49.70
N ALA B 158 23.84 -39.80 49.45
CA ALA B 158 22.92 -39.57 48.34
C ALA B 158 21.50 -39.78 48.79
N ASN B 159 20.57 -39.08 48.13
CA ASN B 159 19.14 -39.23 48.33
C ASN B 159 18.40 -39.05 47.01
N ASN B 160 17.47 -39.97 46.74
CA ASN B 160 16.51 -39.91 45.64
C ASN B 160 17.19 -39.86 44.27
N CYS B 161 17.88 -40.95 43.93
CA CYS B 161 18.46 -41.09 42.59
C CYS B 161 17.36 -41.44 41.58
N THR B 162 17.15 -40.54 40.62
CA THR B 162 16.07 -40.69 39.65
C THR B 162 16.54 -40.84 38.21
N PHE B 163 17.80 -40.53 37.89
CA PHE B 163 18.27 -40.58 36.52
C PHE B 163 19.76 -40.93 36.51
N GLU B 164 20.18 -41.67 35.50
CA GLU B 164 21.58 -42.03 35.32
C GLU B 164 21.89 -42.14 33.83
N TYR B 165 22.97 -41.47 33.41
CA TYR B 165 23.42 -41.50 32.03
C TYR B 165 24.92 -41.77 32.02
N VAL B 166 25.33 -42.78 31.25
CA VAL B 166 26.74 -43.17 31.16
C VAL B 166 27.16 -43.10 29.70
N SER B 167 28.24 -42.37 29.43
CA SER B 167 28.81 -42.31 28.08
C SER B 167 30.31 -42.06 28.19
N GLN B 168 31.08 -42.76 27.35
CA GLN B 168 32.53 -42.64 27.34
C GLN B 168 33.07 -41.35 26.72
N PRO B 169 32.73 -40.97 25.44
CA PRO B 169 33.51 -39.83 24.88
C PRO B 169 33.01 -38.47 25.35
N PHE B 170 33.14 -38.20 26.65
CA PHE B 170 32.67 -36.94 27.20
C PHE B 170 33.87 -36.10 27.63
N LEU B 171 34.70 -36.65 28.52
CA LEU B 171 35.92 -36.00 28.99
C LEU B 171 36.81 -37.08 29.58
N MET B 172 38.04 -37.18 29.08
CA MET B 172 38.95 -38.25 29.46
C MET B 172 39.79 -37.84 30.66
N ASP B 173 40.30 -38.85 31.35
CA ASP B 173 41.18 -38.65 32.51
C ASP B 173 42.60 -38.38 32.02
N PHE B 181 50.46 -24.35 31.24
CA PHE B 181 49.73 -25.58 30.93
C PHE B 181 49.48 -25.71 29.44
N LYS B 182 48.73 -26.75 29.08
CA LYS B 182 48.38 -27.07 27.71
C LYS B 182 46.90 -27.48 27.66
N ASN B 183 46.47 -27.94 26.48
CA ASN B 183 45.23 -28.69 26.28
C ASN B 183 43.98 -27.89 26.70
N LEU B 184 43.71 -26.83 25.94
CA LEU B 184 42.50 -26.05 26.13
C LEU B 184 41.26 -26.90 25.87
N ARG B 185 40.31 -26.86 26.81
CA ARG B 185 39.06 -27.60 26.71
C ARG B 185 37.92 -26.64 26.99
N GLU B 186 36.93 -26.62 26.11
CA GLU B 186 35.88 -25.61 26.16
C GLU B 186 34.54 -26.30 26.34
N PHE B 187 33.71 -25.76 27.23
CA PHE B 187 32.38 -26.30 27.50
C PHE B 187 31.37 -25.17 27.60
N VAL B 188 30.17 -25.43 27.08
CA VAL B 188 29.02 -24.56 27.28
C VAL B 188 27.90 -25.38 27.92
N PHE B 189 27.44 -24.92 29.08
CA PHE B 189 26.42 -25.60 29.86
C PHE B 189 25.13 -24.78 29.74
N LYS B 190 24.15 -25.30 29.01
CA LYS B 190 22.90 -24.60 28.77
C LYS B 190 21.72 -25.45 29.20
N ASN B 191 20.80 -24.86 29.95
CA ASN B 191 19.62 -25.55 30.48
C ASN B 191 18.37 -24.79 30.06
N ILE B 192 17.61 -25.38 29.13
CA ILE B 192 16.36 -24.81 28.65
C ILE B 192 15.25 -25.82 28.87
N ASP B 193 14.23 -25.42 29.65
CA ASP B 193 13.03 -26.22 29.94
C ASP B 193 13.35 -27.57 30.55
N GLY B 194 14.39 -27.60 31.36
CA GLY B 194 14.87 -28.86 31.94
C GLY B 194 15.88 -29.61 31.09
N TYR B 195 15.78 -29.47 29.77
CA TYR B 195 16.75 -30.08 28.87
C TYR B 195 18.10 -29.39 29.01
N PHE B 196 19.12 -30.17 29.35
CA PHE B 196 20.45 -29.63 29.66
C PHE B 196 21.40 -30.12 28.57
N LYS B 197 22.12 -29.19 27.96
CA LYS B 197 22.94 -29.47 26.78
C LYS B 197 24.40 -29.24 27.12
N ILE B 198 25.29 -30.06 26.56
CA ILE B 198 26.72 -29.95 26.75
C ILE B 198 27.38 -29.86 25.38
N TYR B 199 28.23 -28.84 25.20
CA TYR B 199 28.97 -28.65 23.97
C TYR B 199 30.46 -28.70 24.30
N SER B 200 31.28 -29.18 23.38
CA SER B 200 32.68 -29.43 23.70
C SER B 200 33.56 -29.34 22.47
N LYS B 201 34.86 -29.11 22.72
CA LYS B 201 35.92 -29.21 21.72
C LYS B 201 37.24 -29.33 22.47
N HIS B 202 38.21 -30.02 21.87
CA HIS B 202 39.51 -30.26 22.47
C HIS B 202 40.59 -29.76 21.52
N THR B 203 41.11 -28.56 21.79
CA THR B 203 42.16 -27.94 20.96
C THR B 203 43.37 -27.68 21.84
N PRO B 204 44.42 -28.50 21.71
CA PRO B 204 45.64 -28.28 22.51
C PRO B 204 46.36 -26.99 22.11
N ILE B 205 46.84 -26.27 23.12
CA ILE B 205 47.52 -24.99 22.93
C ILE B 205 48.81 -24.98 23.73
N LEU B 206 49.64 -23.96 23.49
CA LEU B 206 50.88 -23.73 24.22
C LEU B 206 50.90 -22.27 24.69
N VAL B 207 50.40 -22.04 25.90
CA VAL B 207 50.34 -20.70 26.48
C VAL B 207 51.01 -20.72 27.84
N ARG B 208 50.97 -19.57 28.52
CA ARG B 208 51.47 -19.48 29.88
C ARG B 208 50.54 -20.20 30.83
N GLU B 209 51.05 -20.57 32.00
CA GLU B 209 50.31 -21.41 32.95
C GLU B 209 49.03 -20.77 33.52
N PRO B 210 49.00 -19.54 34.02
CA PRO B 210 47.72 -19.01 34.53
C PRO B 210 46.96 -18.07 33.60
N GLU B 211 47.53 -17.62 32.49
CA GLU B 211 47.08 -16.38 31.84
C GLU B 211 46.34 -16.60 30.53
N ASP B 212 45.23 -15.87 30.40
CA ASP B 212 44.64 -15.43 29.13
C ASP B 212 44.04 -16.52 28.25
N LEU B 213 43.43 -16.09 27.14
CA LEU B 213 42.80 -16.93 26.13
C LEU B 213 43.56 -16.82 24.81
N PRO B 214 43.79 -17.93 24.11
CA PRO B 214 44.44 -17.85 22.81
C PRO B 214 43.48 -17.29 21.76
N GLN B 215 44.06 -16.68 20.74
CA GLN B 215 43.27 -16.18 19.62
C GLN B 215 43.02 -17.31 18.64
N GLY B 216 41.93 -17.17 17.89
CA GLY B 216 41.49 -18.23 16.98
C GLY B 216 40.04 -18.57 17.23
N PHE B 217 39.41 -19.26 16.29
CA PHE B 217 37.99 -19.56 16.38
C PHE B 217 37.80 -21.06 16.22
N SER B 218 36.93 -21.63 17.05
CA SER B 218 36.58 -23.04 16.97
C SER B 218 35.21 -23.25 17.56
N ALA B 219 34.33 -23.91 16.80
CA ALA B 219 32.96 -24.13 17.21
C ALA B 219 32.85 -25.39 18.06
N LEU B 220 31.78 -25.47 18.84
CA LEU B 220 31.60 -26.57 19.78
C LEU B 220 30.43 -27.45 19.34
N GLU B 221 30.72 -28.75 19.15
CA GLU B 221 29.63 -29.64 18.75
C GLU B 221 28.84 -30.12 19.97
N PRO B 222 27.54 -30.35 19.82
CA PRO B 222 26.76 -30.88 20.94
C PRO B 222 27.12 -32.34 21.24
N LEU B 223 27.22 -32.65 22.53
CA LEU B 223 27.73 -33.92 22.98
C LEU B 223 26.71 -34.74 23.77
N VAL B 224 26.13 -34.15 24.82
CA VAL B 224 25.15 -34.84 25.67
C VAL B 224 23.94 -33.93 25.85
N ASP B 225 22.75 -34.49 25.62
CA ASP B 225 21.48 -33.78 25.86
C ASP B 225 20.73 -34.62 26.90
N LEU B 226 20.67 -34.12 28.13
CA LEU B 226 20.00 -34.83 29.22
C LEU B 226 18.50 -34.63 29.15
N PRO B 227 17.70 -35.71 29.08
CA PRO B 227 16.23 -35.58 29.09
C PRO B 227 15.67 -35.53 30.51
N ILE B 228 15.95 -34.44 31.22
CA ILE B 228 15.58 -34.29 32.62
C ILE B 228 14.80 -32.99 32.79
N GLY B 229 14.46 -32.70 34.05
CA GLY B 229 13.64 -31.54 34.38
C GLY B 229 14.18 -30.70 35.51
N ILE B 230 15.51 -30.52 35.57
CA ILE B 230 16.13 -29.84 36.69
C ILE B 230 16.02 -28.33 36.51
N ASN B 231 16.03 -27.59 37.63
CA ASN B 231 16.14 -26.14 37.63
C ASN B 231 17.48 -25.80 38.27
N ILE B 232 18.29 -24.99 37.58
CA ILE B 232 19.67 -24.70 37.98
C ILE B 232 19.83 -23.19 38.10
N THR B 233 20.31 -22.74 39.27
CA THR B 233 20.72 -21.35 39.46
C THR B 233 22.17 -21.19 39.91
N ARG B 234 22.81 -22.24 40.43
CA ARG B 234 24.19 -22.19 40.89
C ARG B 234 24.93 -23.40 40.32
N PHE B 235 26.27 -23.38 40.44
CA PHE B 235 27.02 -24.60 40.16
C PHE B 235 28.29 -24.60 41.00
N GLN B 236 28.93 -25.76 41.05
CA GLN B 236 30.25 -25.92 41.68
C GLN B 236 31.20 -26.54 40.67
N THR B 237 32.34 -25.87 40.45
CA THR B 237 33.42 -26.47 39.68
C THR B 237 34.27 -27.34 40.61
N LEU B 238 34.35 -28.63 40.29
CA LEU B 238 35.00 -29.61 41.16
C LEU B 238 36.45 -29.76 40.73
N LEU B 239 37.37 -29.43 41.63
CA LEU B 239 38.80 -29.60 41.38
C LEU B 239 39.32 -30.81 42.13
N ALA B 261 44.33 -23.20 35.49
CA ALA B 261 43.38 -22.08 35.46
C ALA B 261 42.11 -22.45 34.73
N TYR B 262 40.97 -22.07 35.29
CA TYR B 262 39.68 -22.36 34.70
C TYR B 262 38.88 -21.07 34.54
N TYR B 263 38.02 -21.07 33.52
CA TYR B 263 37.43 -19.85 32.99
C TYR B 263 35.92 -19.99 33.01
N VAL B 264 35.23 -18.95 33.50
CA VAL B 264 33.77 -18.96 33.59
C VAL B 264 33.23 -17.75 32.85
N GLY B 265 32.43 -18.00 31.81
CA GLY B 265 31.72 -16.97 31.11
C GLY B 265 30.22 -17.09 31.33
N TYR B 266 29.49 -16.11 30.80
CA TYR B 266 28.05 -16.08 30.97
C TYR B 266 27.39 -15.79 29.63
N LEU B 267 26.21 -16.37 29.45
CA LEU B 267 25.55 -16.44 28.16
C LEU B 267 24.48 -15.37 28.02
N GLN B 268 24.45 -14.73 26.85
CA GLN B 268 23.54 -13.65 26.55
C GLN B 268 22.77 -13.95 25.27
N PRO B 269 21.51 -13.52 25.18
CA PRO B 269 20.77 -13.70 23.91
C PRO B 269 21.30 -12.78 22.82
N ARG B 270 21.99 -13.35 21.84
CA ARG B 270 22.79 -12.56 20.93
C ARG B 270 22.73 -13.18 19.54
N THR B 271 22.65 -12.33 18.52
CA THR B 271 22.54 -12.75 17.13
C THR B 271 23.92 -12.87 16.51
N PHE B 272 24.17 -13.98 15.82
CA PHE B 272 25.42 -14.22 15.11
C PHE B 272 25.18 -14.61 13.66
N LEU B 273 26.11 -14.19 12.80
CA LEU B 273 26.20 -14.64 11.42
C LEU B 273 27.32 -15.67 11.35
N LEU B 274 26.96 -16.94 11.18
CA LEU B 274 27.91 -18.04 11.26
C LEU B 274 28.44 -18.39 9.88
N LYS B 275 29.75 -18.48 9.77
CA LYS B 275 30.43 -18.88 8.54
C LYS B 275 30.58 -20.40 8.52
N TYR B 276 29.65 -21.08 7.85
CA TYR B 276 29.79 -22.50 7.55
C TYR B 276 30.69 -22.66 6.33
N ASN B 277 31.57 -23.65 6.37
CA ASN B 277 32.43 -23.93 5.24
C ASN B 277 31.77 -24.98 4.32
N GLU B 278 32.55 -25.50 3.37
CA GLU B 278 32.03 -26.54 2.49
C GLU B 278 31.90 -27.89 3.19
N ASN B 279 32.60 -28.08 4.30
CA ASN B 279 32.53 -29.32 5.07
C ASN B 279 31.48 -29.28 6.16
N GLY B 280 30.76 -28.16 6.29
CA GLY B 280 29.78 -28.02 7.35
C GLY B 280 30.34 -27.59 8.68
N THR B 281 31.59 -27.14 8.72
CA THR B 281 32.24 -26.72 9.94
C THR B 281 32.17 -25.19 10.06
N ILE B 282 31.70 -24.72 11.21
CA ILE B 282 31.67 -23.28 11.46
C ILE B 282 33.09 -22.79 11.67
N THR B 283 33.56 -21.93 10.76
CA THR B 283 34.93 -21.46 10.77
C THR B 283 35.10 -20.04 11.28
N ASP B 284 34.04 -19.23 11.25
CA ASP B 284 34.12 -17.83 11.67
C ASP B 284 32.72 -17.37 12.05
N ALA B 285 32.66 -16.25 12.78
CA ALA B 285 31.38 -15.69 13.20
C ALA B 285 31.53 -14.20 13.39
N VAL B 286 30.39 -13.49 13.30
CA VAL B 286 30.31 -12.07 13.57
C VAL B 286 29.30 -11.86 14.69
N ASP B 287 29.73 -11.19 15.76
CA ASP B 287 28.85 -10.85 16.87
C ASP B 287 28.12 -9.58 16.45
N CYS B 288 26.83 -9.70 16.13
CA CYS B 288 26.08 -8.63 15.47
C CYS B 288 25.79 -7.43 16.35
N ALA B 289 26.06 -7.51 17.66
CA ALA B 289 25.91 -6.36 18.53
C ALA B 289 27.22 -5.90 19.15
N LEU B 290 28.35 -6.26 18.55
CA LEU B 290 29.65 -5.87 19.09
C LEU B 290 29.95 -4.40 18.84
N ASP B 291 30.10 -4.01 17.58
CA ASP B 291 30.56 -2.70 17.17
C ASP B 291 29.83 -2.37 15.86
N PRO B 292 29.73 -1.10 15.43
CA PRO B 292 28.90 -0.81 14.24
C PRO B 292 29.41 -1.41 12.93
N LEU B 293 30.70 -1.73 12.85
CA LEU B 293 31.20 -2.52 11.73
C LEU B 293 30.58 -3.90 11.70
N SER B 294 30.35 -4.50 12.88
CA SER B 294 29.72 -5.81 12.94
C SER B 294 28.23 -5.72 12.61
N GLU B 295 27.57 -4.61 12.96
CA GLU B 295 26.20 -4.41 12.51
C GLU B 295 26.13 -4.25 11.01
N THR B 296 27.12 -3.58 10.42
CA THR B 296 27.19 -3.48 8.96
C THR B 296 27.40 -4.85 8.32
N LYS B 297 28.27 -5.67 8.94
CA LYS B 297 28.52 -7.03 8.45
C LYS B 297 27.27 -7.90 8.53
N CYS B 298 26.53 -7.80 9.64
CA CYS B 298 25.33 -8.62 9.79
C CYS B 298 24.17 -8.09 8.94
N THR B 299 24.14 -6.79 8.65
CA THR B 299 23.12 -6.25 7.78
C THR B 299 23.37 -6.66 6.33
N LEU B 300 24.60 -6.55 5.87
CA LEU B 300 24.94 -6.91 4.50
C LEU B 300 25.05 -8.42 4.29
N LYS B 301 25.06 -9.20 5.38
CA LYS B 301 25.31 -10.65 5.37
C LYS B 301 26.62 -10.98 4.66
N SER B 302 27.72 -10.41 5.17
CA SER B 302 29.04 -10.61 4.58
C SER B 302 30.10 -10.38 5.63
N PHE B 303 31.23 -11.07 5.49
CA PHE B 303 32.39 -10.85 6.33
C PHE B 303 33.32 -9.80 5.77
N THR B 304 33.10 -9.36 4.54
CA THR B 304 33.85 -8.26 3.93
C THR B 304 32.85 -7.17 3.57
N VAL B 305 33.20 -5.92 3.90
CA VAL B 305 32.34 -4.77 3.67
C VAL B 305 33.03 -3.86 2.67
N GLU B 306 32.31 -3.48 1.62
CA GLU B 306 32.83 -2.55 0.64
C GLU B 306 32.84 -1.12 1.19
N LYS B 307 33.51 -0.24 0.47
CA LYS B 307 33.62 1.15 0.90
C LYS B 307 32.33 1.90 0.64
N GLY B 308 31.86 2.63 1.64
CA GLY B 308 30.67 3.43 1.51
C GLY B 308 30.02 3.68 2.85
N ILE B 309 28.80 4.22 2.80
CA ILE B 309 28.01 4.52 3.98
C ILE B 309 26.80 3.59 3.97
N TYR B 310 26.51 2.98 5.12
CA TYR B 310 25.50 1.95 5.23
C TYR B 310 24.53 2.26 6.37
N GLN B 311 23.24 2.22 6.05
CA GLN B 311 22.19 2.37 7.05
C GLN B 311 21.95 1.02 7.70
N THR B 312 22.29 0.92 8.99
CA THR B 312 22.29 -0.36 9.69
C THR B 312 21.17 -0.52 10.71
N SER B 313 20.92 0.48 11.54
CA SER B 313 19.93 0.34 12.60
C SER B 313 19.34 1.72 12.90
N ASN B 314 18.54 1.78 13.96
CA ASN B 314 17.90 3.01 14.38
C ASN B 314 18.35 3.38 15.79
N PHE B 315 18.72 4.64 15.96
CA PHE B 315 19.09 5.19 17.26
C PHE B 315 17.82 5.57 18.01
N ARG B 316 17.70 5.08 19.24
CA ARG B 316 16.55 5.37 20.08
C ARG B 316 17.05 5.58 21.50
N VAL B 317 16.26 6.29 22.30
CA VAL B 317 16.64 6.61 23.68
C VAL B 317 15.74 5.85 24.64
N GLN B 318 16.39 5.08 25.64
CA GLN B 318 15.65 4.44 26.71
C GLN B 318 14.95 5.46 27.60
N PRO B 319 13.79 5.11 28.13
CA PRO B 319 13.30 5.81 29.32
C PRO B 319 14.19 5.49 30.51
N THR B 320 14.54 6.53 31.26
CA THR B 320 15.44 6.39 32.40
C THR B 320 14.64 6.22 33.69
N GLU B 321 13.75 7.17 34.00
CA GLU B 321 12.87 7.00 35.13
C GLU B 321 11.52 6.44 34.66
N SER B 322 10.99 5.49 35.43
CA SER B 322 9.68 4.92 35.17
C SER B 322 8.70 5.53 36.16
N ILE B 323 7.98 6.56 35.72
CA ILE B 323 7.15 7.35 36.63
C ILE B 323 5.68 7.03 36.38
N VAL B 324 4.88 7.24 37.42
CA VAL B 324 3.43 7.13 37.36
C VAL B 324 2.85 8.28 38.17
N ARG B 325 1.79 8.90 37.64
CA ARG B 325 1.18 10.07 38.26
C ARG B 325 -0.30 9.80 38.49
N PHE B 326 -0.67 9.63 39.74
CA PHE B 326 -2.04 9.48 40.20
C PHE B 326 -2.32 10.66 41.12
N PRO B 327 -3.60 11.06 41.27
CA PRO B 327 -3.94 12.05 42.29
C PRO B 327 -3.67 11.53 43.69
N ASN B 328 -3.21 12.43 44.56
CA ASN B 328 -2.72 12.06 45.89
C ASN B 328 -3.93 11.78 46.78
N ILE B 329 -4.43 10.56 46.68
CA ILE B 329 -5.57 10.09 47.45
C ILE B 329 -5.07 9.05 48.45
N THR B 330 -5.61 9.08 49.67
CA THR B 330 -5.27 8.13 50.72
C THR B 330 -6.45 7.26 51.14
N ASN B 331 -7.55 7.29 50.39
CA ASN B 331 -8.74 6.56 50.74
C ASN B 331 -8.66 5.11 50.24
N LEU B 332 -9.55 4.28 50.78
CA LEU B 332 -9.64 2.87 50.41
C LEU B 332 -11.11 2.52 50.20
N CYS B 333 -11.35 1.54 49.33
CA CYS B 333 -12.72 1.16 49.01
C CYS B 333 -13.30 0.29 50.12
N PRO B 334 -14.45 0.66 50.70
CA PRO B 334 -15.13 -0.20 51.68
C PRO B 334 -15.84 -1.37 51.00
N PHE B 335 -15.08 -2.43 50.74
CA PHE B 335 -15.61 -3.57 49.97
C PHE B 335 -16.54 -4.43 50.81
N ASP B 336 -16.57 -4.24 52.13
CA ASP B 336 -17.48 -5.01 52.99
C ASP B 336 -18.94 -4.69 52.66
N GLU B 337 -19.24 -3.42 52.39
CA GLU B 337 -20.57 -3.06 51.91
C GLU B 337 -20.84 -3.56 50.50
N VAL B 338 -19.79 -3.83 49.72
CA VAL B 338 -19.97 -4.28 48.34
C VAL B 338 -20.27 -5.76 48.27
N PHE B 339 -19.40 -6.60 48.87
CA PHE B 339 -19.55 -8.04 48.76
C PHE B 339 -20.71 -8.57 49.62
N ASN B 340 -20.89 -8.01 50.82
CA ASN B 340 -21.80 -8.58 51.80
C ASN B 340 -22.98 -7.65 52.04
N ALA B 341 -24.19 -8.16 51.81
CA ALA B 341 -25.43 -7.49 52.15
C ALA B 341 -26.53 -8.54 52.26
N THR B 342 -27.62 -8.19 52.95
CA THR B 342 -28.69 -9.14 53.23
C THR B 342 -29.95 -8.91 52.41
N ARG B 343 -30.26 -7.67 52.04
CA ARG B 343 -31.42 -7.36 51.23
C ARG B 343 -31.00 -6.71 49.93
N PHE B 344 -31.66 -7.11 48.84
CA PHE B 344 -31.29 -6.67 47.51
C PHE B 344 -32.54 -6.30 46.73
N ALA B 345 -32.37 -5.47 45.70
CA ALA B 345 -33.48 -5.08 44.86
C ALA B 345 -33.81 -6.18 43.86
N SER B 346 -34.87 -5.96 43.09
CA SER B 346 -35.45 -7.04 42.30
C SER B 346 -34.68 -7.28 41.01
N VAL B 347 -35.02 -8.40 40.36
CA VAL B 347 -34.46 -8.77 39.06
C VAL B 347 -35.02 -7.88 37.95
N TYR B 348 -36.16 -7.23 38.17
CA TYR B 348 -36.77 -6.40 37.14
C TYR B 348 -36.73 -4.91 37.45
N ALA B 349 -36.32 -4.52 38.66
CA ALA B 349 -36.23 -3.11 39.00
C ALA B 349 -35.04 -2.78 39.89
N TRP B 350 -33.84 -3.26 39.57
CA TRP B 350 -32.76 -3.16 40.55
C TRP B 350 -32.23 -1.72 40.66
N ASN B 351 -31.44 -1.49 41.71
CA ASN B 351 -31.07 -0.14 42.15
C ASN B 351 -29.56 0.02 42.03
N ARG B 352 -29.04 1.13 42.56
CA ARG B 352 -27.64 1.53 42.41
C ARG B 352 -27.06 1.95 43.77
N LYS B 353 -26.15 1.12 44.29
CA LYS B 353 -25.41 1.43 45.51
C LYS B 353 -24.00 1.89 45.11
N ARG B 354 -23.93 3.10 44.54
CA ARG B 354 -22.73 3.54 43.84
C ARG B 354 -21.58 3.80 44.79
N ILE B 355 -20.48 3.08 44.59
CA ILE B 355 -19.27 3.23 45.39
C ILE B 355 -18.35 4.23 44.70
N SER B 356 -18.56 5.50 44.95
CA SER B 356 -17.78 6.53 44.27
C SER B 356 -16.69 7.08 45.18
N ASN B 357 -15.58 7.50 44.54
CA ASN B 357 -14.40 8.09 45.20
C ASN B 357 -13.78 7.14 46.21
N CYS B 358 -13.71 5.86 45.85
CA CYS B 358 -13.19 4.82 46.73
C CYS B 358 -12.23 3.92 45.97
N VAL B 359 -10.97 3.91 46.41
CA VAL B 359 -9.86 3.30 45.67
C VAL B 359 -9.99 1.78 45.72
N ALA B 360 -10.35 1.18 44.59
CA ALA B 360 -10.61 -0.24 44.51
C ALA B 360 -9.32 -1.06 44.47
N ASP B 361 -9.39 -2.26 45.03
CA ASP B 361 -8.31 -3.23 44.97
C ASP B 361 -8.98 -4.54 44.57
N TYR B 362 -8.42 -5.25 43.60
CA TYR B 362 -9.06 -6.41 43.01
C TYR B 362 -8.41 -7.73 43.42
N SER B 363 -7.40 -7.68 44.29
CA SER B 363 -6.85 -8.89 44.89
C SER B 363 -7.77 -9.50 45.94
N VAL B 364 -8.74 -8.73 46.43
CA VAL B 364 -9.71 -9.20 47.40
C VAL B 364 -11.02 -9.61 46.72
N LEU B 365 -10.97 -9.90 45.42
CA LEU B 365 -12.16 -10.29 44.67
C LEU B 365 -12.70 -11.63 45.14
N TYR B 366 -11.82 -12.59 45.41
CA TYR B 366 -12.23 -13.95 45.77
C TYR B 366 -12.33 -14.11 47.29
N ASN B 367 -13.19 -13.30 47.89
CA ASN B 367 -13.63 -13.47 49.27
C ASN B 367 -15.15 -13.61 49.32
N LEU B 368 -15.74 -14.03 48.21
CA LEU B 368 -17.19 -14.22 48.13
C LEU B 368 -17.53 -15.30 47.10
N PHE B 374 -14.10 -14.66 38.02
CA PHE B 374 -15.51 -14.62 37.66
C PHE B 374 -15.67 -14.15 36.22
N LYS B 375 -16.91 -13.93 35.81
CA LYS B 375 -17.17 -13.31 34.52
C LYS B 375 -16.71 -11.86 34.54
N CYS B 376 -16.09 -11.42 33.44
CA CYS B 376 -15.58 -10.06 33.41
C CYS B 376 -15.60 -9.57 31.97
N TYR B 377 -16.06 -8.34 31.77
CA TYR B 377 -16.27 -7.79 30.44
C TYR B 377 -15.50 -6.49 30.29
N GLY B 378 -15.28 -6.10 29.05
CA GLY B 378 -14.56 -4.88 28.76
C GLY B 378 -13.06 -5.00 28.97
N VAL B 379 -12.64 -5.22 30.22
CA VAL B 379 -11.23 -5.36 30.58
C VAL B 379 -11.05 -6.73 31.23
N SER B 380 -10.01 -7.44 30.83
CA SER B 380 -9.67 -8.73 31.41
C SER B 380 -9.30 -8.56 32.89
N PRO B 381 -9.68 -9.50 33.76
CA PRO B 381 -9.57 -9.26 35.22
C PRO B 381 -8.15 -9.21 35.76
N THR B 382 -7.13 -9.51 34.96
CA THR B 382 -5.75 -9.37 35.38
C THR B 382 -5.26 -7.94 35.37
N LYS B 383 -6.01 -7.01 34.77
CA LYS B 383 -5.54 -5.64 34.62
C LYS B 383 -6.62 -4.57 34.82
N LEU B 384 -7.66 -4.86 35.62
CA LEU B 384 -8.51 -3.76 36.11
C LEU B 384 -7.78 -2.92 37.14
N ASN B 385 -6.71 -3.47 37.74
CA ASN B 385 -5.98 -2.87 38.86
C ASN B 385 -5.06 -1.72 38.46
N ASP B 386 -5.00 -1.33 37.19
CA ASP B 386 -4.16 -0.20 36.79
C ASP B 386 -4.98 0.86 36.07
N LEU B 387 -6.26 0.61 35.83
CA LEU B 387 -7.14 1.57 35.19
C LEU B 387 -7.45 2.73 36.13
N CYS B 388 -7.76 3.87 35.54
CA CYS B 388 -8.17 5.05 36.29
C CYS B 388 -9.39 5.69 35.62
N PHE B 389 -10.33 6.12 36.45
CA PHE B 389 -11.57 6.72 36.00
C PHE B 389 -12.11 7.57 37.14
N THR B 390 -13.35 8.04 37.00
CA THR B 390 -13.90 8.95 37.98
C THR B 390 -14.94 8.31 38.89
N ASN B 391 -15.91 7.59 38.34
CA ASN B 391 -17.02 7.08 39.14
C ASN B 391 -17.17 5.59 38.87
N VAL B 392 -17.65 4.88 39.90
CA VAL B 392 -18.01 3.47 39.80
C VAL B 392 -19.52 3.37 39.93
N TYR B 393 -20.17 2.90 38.87
CA TYR B 393 -21.62 2.70 38.85
C TYR B 393 -21.90 1.27 39.30
N ALA B 394 -22.64 1.12 40.40
CA ALA B 394 -23.03 -0.20 40.87
C ALA B 394 -24.37 -0.57 40.26
N ASP B 395 -24.47 -1.80 39.78
CA ASP B 395 -25.61 -2.26 39.02
C ASP B 395 -26.01 -3.66 39.47
N SER B 396 -26.07 -3.87 40.79
CA SER B 396 -26.24 -5.20 41.36
C SER B 396 -27.71 -5.62 41.37
N PHE B 397 -27.93 -6.94 41.41
CA PHE B 397 -29.27 -7.52 41.30
C PHE B 397 -29.25 -8.96 41.80
N VAL B 398 -30.37 -9.65 41.58
CA VAL B 398 -30.53 -11.07 41.92
C VAL B 398 -30.99 -11.81 40.66
N ILE B 399 -30.76 -13.13 40.61
CA ILE B 399 -31.05 -13.93 39.43
C ILE B 399 -31.62 -15.29 39.82
N ARG B 400 -31.88 -16.10 38.78
CA ARG B 400 -32.26 -17.49 38.85
C ARG B 400 -31.21 -18.35 38.14
N GLY B 401 -31.21 -19.66 38.42
CA GLY B 401 -30.27 -20.57 37.79
C GLY B 401 -30.46 -20.72 36.29
N ASP B 402 -31.70 -20.58 35.82
CA ASP B 402 -31.95 -20.48 34.38
C ASP B 402 -31.84 -19.05 33.87
N GLU B 403 -31.35 -18.12 34.69
CA GLU B 403 -31.10 -16.74 34.28
C GLU B 403 -29.66 -16.30 34.56
N VAL B 404 -28.73 -17.24 34.72
CA VAL B 404 -27.35 -16.89 35.06
C VAL B 404 -26.60 -16.28 33.89
N ARG B 405 -27.05 -16.53 32.66
CA ARG B 405 -26.41 -16.00 31.47
C ARG B 405 -27.33 -15.13 30.64
N GLN B 406 -28.51 -14.79 31.15
CA GLN B 406 -29.45 -13.97 30.38
C GLN B 406 -29.33 -12.49 30.70
N ILE B 407 -28.75 -12.11 31.84
CA ILE B 407 -28.41 -10.72 32.12
C ILE B 407 -26.93 -10.58 31.81
N ALA B 408 -26.64 -10.08 30.61
CA ALA B 408 -25.29 -10.08 30.07
C ALA B 408 -25.22 -9.02 28.98
N PRO B 409 -24.02 -8.58 28.58
CA PRO B 409 -23.90 -7.78 27.36
C PRO B 409 -24.33 -8.52 26.10
N GLY B 410 -24.27 -9.85 26.10
CA GLY B 410 -24.76 -10.64 24.99
C GLY B 410 -26.09 -11.30 25.29
N GLN B 411 -26.06 -12.58 25.63
CA GLN B 411 -27.27 -13.35 25.95
C GLN B 411 -27.96 -12.85 27.21
N GLY B 413 -31.96 -12.45 28.00
CA GLY B 413 -33.05 -13.33 27.61
C GLY B 413 -34.00 -13.66 28.76
N ASN B 414 -34.20 -12.69 29.64
CA ASN B 414 -35.11 -12.84 30.76
C ASN B 414 -35.84 -11.51 30.96
N ILE B 415 -36.43 -11.34 32.15
CA ILE B 415 -37.26 -10.18 32.53
C ILE B 415 -36.44 -8.88 32.50
N ALA B 416 -35.12 -8.98 32.62
CA ALA B 416 -34.26 -7.80 32.52
C ALA B 416 -34.31 -7.17 31.14
N ASP B 417 -34.53 -7.97 30.10
CA ASP B 417 -34.75 -7.42 28.77
C ASP B 417 -36.10 -6.73 28.61
N TYR B 418 -36.99 -6.84 29.59
CA TYR B 418 -38.34 -6.31 29.49
C TYR B 418 -38.64 -5.19 30.48
N ASN B 419 -37.92 -5.11 31.61
CA ASN B 419 -38.25 -4.11 32.62
C ASN B 419 -37.10 -3.25 33.11
N TYR B 420 -35.86 -3.77 33.15
CA TYR B 420 -34.69 -2.99 33.52
C TYR B 420 -33.43 -3.71 33.02
N LYS B 421 -32.67 -3.11 32.12
CA LYS B 421 -31.69 -3.85 31.34
C LYS B 421 -30.26 -3.35 31.59
N LEU B 422 -29.32 -4.30 31.58
CA LEU B 422 -27.87 -4.21 31.52
C LEU B 422 -27.41 -3.90 30.09
N PRO B 423 -26.56 -2.90 29.90
CA PRO B 423 -26.18 -2.50 28.53
C PRO B 423 -25.33 -3.54 27.82
N ASP B 424 -25.40 -3.52 26.49
CA ASP B 424 -24.50 -4.33 25.68
C ASP B 424 -23.11 -3.72 25.63
N ASP B 425 -23.02 -2.40 25.62
CA ASP B 425 -21.75 -1.68 25.72
C ASP B 425 -21.39 -1.53 27.20
N PHE B 426 -20.96 -2.65 27.78
CA PHE B 426 -20.73 -2.75 29.21
C PHE B 426 -19.23 -2.82 29.47
N THR B 427 -18.72 -1.87 30.26
CA THR B 427 -17.29 -1.74 30.50
C THR B 427 -16.91 -2.04 31.95
N GLY B 428 -17.73 -2.81 32.66
CA GLY B 428 -17.47 -3.17 34.04
C GLY B 428 -17.18 -4.65 34.22
N CYS B 429 -17.04 -5.04 35.48
CA CYS B 429 -16.69 -6.41 35.82
C CYS B 429 -17.65 -6.90 36.88
N VAL B 430 -18.17 -8.13 36.71
CA VAL B 430 -19.25 -8.64 37.54
C VAL B 430 -18.74 -9.77 38.42
N ILE B 431 -19.53 -10.10 39.44
CA ILE B 431 -19.20 -11.12 40.43
C ILE B 431 -20.35 -12.12 40.48
N ALA B 432 -20.04 -13.40 40.27
CA ALA B 432 -21.06 -14.44 40.21
C ALA B 432 -21.07 -15.21 41.54
N TRP B 433 -21.98 -14.83 42.42
CA TRP B 433 -22.12 -15.46 43.73
C TRP B 433 -23.31 -16.42 43.72
N ASN B 434 -23.06 -17.66 44.12
CA ASN B 434 -24.08 -18.72 44.15
C ASN B 434 -24.49 -18.90 45.62
N SER B 435 -25.71 -18.47 45.94
CA SER B 435 -26.13 -18.41 47.33
C SER B 435 -27.30 -19.34 47.67
N ASN B 436 -27.45 -20.46 46.97
CA ASN B 436 -28.43 -21.46 47.40
C ASN B 436 -28.02 -22.18 48.67
N LYS B 437 -26.72 -22.42 48.85
CA LYS B 437 -26.28 -23.25 49.96
C LYS B 437 -26.22 -22.48 51.27
N LEU B 438 -26.37 -21.15 51.23
CA LEU B 438 -26.42 -20.30 52.41
C LEU B 438 -27.81 -19.78 52.70
N ASP B 439 -28.47 -19.17 51.71
CA ASP B 439 -29.82 -18.63 51.88
C ASP B 439 -30.80 -19.68 51.36
N SER B 440 -31.05 -20.69 52.19
CA SER B 440 -31.89 -21.83 51.83
C SER B 440 -33.35 -21.51 52.16
N LYS B 441 -34.15 -21.24 51.14
CA LYS B 441 -35.58 -20.96 51.27
C LYS B 441 -36.23 -21.21 49.92
N VAL B 442 -37.55 -21.21 49.90
CA VAL B 442 -38.32 -21.48 48.69
C VAL B 442 -38.58 -20.20 47.91
N SER B 443 -39.27 -19.24 48.51
CA SER B 443 -39.52 -17.97 47.87
C SER B 443 -38.42 -16.98 48.24
N GLY B 444 -37.79 -16.39 47.23
CA GLY B 444 -36.76 -15.39 47.45
C GLY B 444 -37.32 -14.13 48.07
N ASN B 445 -38.30 -13.53 47.40
CA ASN B 445 -39.03 -12.38 47.92
C ASN B 445 -40.37 -12.29 47.19
N TYR B 446 -41.34 -11.61 47.79
CA TYR B 446 -42.58 -11.32 47.09
C TYR B 446 -42.40 -10.23 46.05
N ASN B 447 -41.31 -9.46 46.11
CA ASN B 447 -40.99 -8.46 45.12
C ASN B 447 -40.03 -8.96 44.04
N TYR B 448 -39.66 -10.24 44.09
CA TYR B 448 -38.84 -10.86 43.05
C TYR B 448 -39.77 -11.68 42.16
N LEU B 449 -39.96 -11.23 40.92
CA LEU B 449 -40.88 -11.86 40.00
C LEU B 449 -40.26 -12.00 38.62
N TYR B 450 -40.73 -12.99 37.86
CA TYR B 450 -40.24 -13.24 36.51
C TYR B 450 -41.40 -13.24 35.53
N ARG B 451 -41.11 -12.86 34.29
CA ARG B 451 -42.10 -12.89 33.22
C ARG B 451 -41.42 -13.39 31.94
N LEU B 452 -42.23 -13.57 30.89
CA LEU B 452 -41.73 -14.13 29.64
C LEU B 452 -41.64 -13.12 28.50
N PHE B 453 -42.63 -12.24 28.33
CA PHE B 453 -42.62 -11.33 27.20
C PHE B 453 -43.50 -10.11 27.50
N ARG B 454 -43.27 -9.06 26.72
CA ARG B 454 -44.13 -7.89 26.66
C ARG B 454 -44.42 -7.59 25.19
N LYS B 455 -45.03 -6.43 24.94
CA LYS B 455 -45.23 -6.00 23.56
C LYS B 455 -44.01 -5.28 23.00
N SER B 456 -43.10 -4.83 23.86
CA SER B 456 -41.92 -4.10 23.41
C SER B 456 -40.82 -4.24 24.46
N ASN B 457 -39.58 -4.27 23.99
CA ASN B 457 -38.42 -4.29 24.86
C ASN B 457 -38.06 -2.85 25.27
N LEU B 458 -37.25 -2.75 26.31
CA LEU B 458 -36.82 -1.45 26.81
C LEU B 458 -35.33 -1.24 26.60
N LYS B 459 -34.92 0.01 26.73
CA LYS B 459 -33.53 0.43 26.69
C LYS B 459 -32.83 0.01 27.98
N PRO B 460 -31.49 -0.06 27.97
CA PRO B 460 -30.75 -0.23 29.23
C PRO B 460 -31.01 0.91 30.21
N PHE B 461 -31.21 0.54 31.49
CA PHE B 461 -31.59 1.40 32.61
C PHE B 461 -32.91 2.13 32.38
N GLU B 462 -33.78 1.61 31.52
CA GLU B 462 -35.13 2.14 31.39
C GLU B 462 -36.07 1.32 32.26
N ARG B 463 -36.85 2.00 33.10
CA ARG B 463 -37.66 1.36 34.12
C ARG B 463 -39.13 1.46 33.75
N ASP B 464 -39.79 0.30 33.64
CA ASP B 464 -41.24 0.25 33.40
C ASP B 464 -41.68 -1.09 34.01
N ILE B 465 -42.35 -1.02 35.16
CA ILE B 465 -42.70 -2.21 35.92
C ILE B 465 -44.21 -2.36 36.01
N SER B 466 -44.91 -1.90 34.97
CA SER B 466 -46.37 -1.86 34.97
C SER B 466 -46.98 -3.26 34.96
N THR B 467 -47.99 -3.44 35.80
CA THR B 467 -48.68 -4.73 35.93
C THR B 467 -49.97 -4.71 35.11
N GLU B 468 -49.81 -5.01 33.82
CA GLU B 468 -50.92 -4.97 32.89
C GLU B 468 -50.66 -5.98 31.78
N ILE B 469 -51.75 -6.46 31.16
CA ILE B 469 -51.63 -7.37 30.04
C ILE B 469 -51.14 -6.61 28.81
N TYR B 470 -50.11 -7.14 28.17
CA TYR B 470 -49.56 -6.56 26.94
C TYR B 470 -49.81 -7.49 25.76
N GLN B 471 -49.82 -6.92 24.56
CA GLN B 471 -50.39 -7.55 23.38
C GLN B 471 -49.35 -7.71 22.29
N ALA B 472 -49.13 -8.95 21.85
CA ALA B 472 -48.30 -9.24 20.69
C ALA B 472 -49.10 -9.95 19.60
N GLY B 473 -50.43 -9.85 19.67
CA GLY B 473 -51.29 -10.57 18.76
C GLY B 473 -51.96 -9.72 17.70
N ASN B 474 -53.28 -9.89 17.56
CA ASN B 474 -54.04 -9.24 16.49
C ASN B 474 -55.08 -8.25 17.05
N LYS B 475 -55.16 -8.09 18.37
CA LYS B 475 -56.13 -7.16 18.94
C LYS B 475 -55.60 -6.57 20.23
N PRO B 476 -56.01 -5.35 20.59
CA PRO B 476 -55.66 -4.84 21.92
C PRO B 476 -56.51 -5.48 23.01
N CYS B 477 -55.91 -5.61 24.19
CA CYS B 477 -56.54 -6.27 25.32
C CYS B 477 -56.32 -5.44 26.57
N ASN B 478 -57.39 -5.20 27.33
CA ASN B 478 -57.33 -4.45 28.60
C ASN B 478 -58.03 -5.31 29.65
N GLY B 479 -57.26 -6.17 30.33
CA GLY B 479 -57.83 -7.15 31.22
C GLY B 479 -58.53 -8.29 30.53
N VAL B 480 -58.23 -8.54 29.27
CA VAL B 480 -58.91 -9.53 28.45
C VAL B 480 -57.89 -10.56 28.00
N ALA B 481 -58.21 -11.84 28.21
CA ALA B 481 -57.36 -12.91 27.70
C ALA B 481 -57.70 -13.21 26.25
N GLY B 482 -56.69 -13.63 25.50
CA GLY B 482 -56.89 -13.92 24.09
C GLY B 482 -55.59 -14.34 23.44
N PHE B 483 -55.54 -14.16 22.12
CA PHE B 483 -54.35 -14.51 21.36
C PHE B 483 -53.24 -13.51 21.63
N ASN B 484 -52.18 -13.98 22.30
CA ASN B 484 -51.04 -13.18 22.77
C ASN B 484 -51.48 -12.01 23.65
N CYS B 485 -52.49 -12.25 24.48
CA CYS B 485 -52.92 -11.33 25.52
C CYS B 485 -52.70 -12.05 26.85
N TYR B 486 -51.52 -11.88 27.43
CA TYR B 486 -51.13 -12.60 28.63
C TYR B 486 -50.54 -11.64 29.65
N PHE B 487 -50.55 -12.08 30.91
CA PHE B 487 -49.90 -11.36 32.02
C PHE B 487 -48.97 -12.36 32.69
N PRO B 488 -47.78 -12.59 32.12
CA PRO B 488 -46.91 -13.67 32.59
C PRO B 488 -46.04 -13.32 33.80
N LEU B 489 -46.32 -12.24 34.51
CA LEU B 489 -45.51 -11.84 35.65
C LEU B 489 -45.82 -12.74 36.84
N ARG B 490 -44.89 -13.65 37.15
CA ARG B 490 -45.07 -14.62 38.23
C ARG B 490 -43.87 -14.52 39.16
N SER B 491 -44.11 -14.79 40.44
CA SER B 491 -43.05 -14.70 41.44
C SER B 491 -42.23 -15.98 41.48
N TYR B 492 -41.01 -15.86 42.00
CA TYR B 492 -40.08 -16.98 42.08
C TYR B 492 -40.49 -17.97 43.15
N SER B 493 -40.24 -19.25 42.89
CA SER B 493 -40.44 -20.33 43.85
C SER B 493 -39.35 -21.36 43.60
N PHE B 494 -38.27 -21.30 44.37
CA PHE B 494 -37.09 -22.10 44.14
C PHE B 494 -37.24 -23.50 44.74
N ARG B 495 -36.46 -24.43 44.22
CA ARG B 495 -36.36 -25.80 44.69
C ARG B 495 -34.91 -26.17 44.91
N PRO B 496 -34.62 -26.99 45.95
CA PRO B 496 -33.24 -27.42 46.17
C PRO B 496 -32.84 -28.58 45.26
N GLN B 503 -34.27 -20.07 47.44
CA GLN B 503 -32.81 -20.11 47.26
C GLN B 503 -32.36 -19.09 46.21
N PRO B 504 -32.32 -17.81 46.58
CA PRO B 504 -31.99 -16.77 45.60
C PRO B 504 -30.49 -16.73 45.33
N TYR B 505 -30.15 -16.26 44.13
CA TYR B 505 -28.77 -16.08 43.68
C TYR B 505 -28.52 -14.61 43.44
N ARG B 506 -27.27 -14.18 43.60
CA ARG B 506 -26.97 -12.75 43.67
C ARG B 506 -25.72 -12.41 42.89
N VAL B 507 -25.77 -11.29 42.15
CA VAL B 507 -24.68 -10.81 41.31
C VAL B 507 -24.34 -9.39 41.72
N VAL B 508 -23.05 -9.12 41.94
CA VAL B 508 -22.55 -7.78 42.20
C VAL B 508 -21.90 -7.23 40.95
N VAL B 509 -22.34 -6.06 40.50
CA VAL B 509 -21.89 -5.46 39.24
C VAL B 509 -21.29 -4.10 39.57
N LEU B 510 -20.10 -3.82 39.05
CA LEU B 510 -19.46 -2.52 39.17
C LEU B 510 -19.13 -2.01 37.78
N SER B 511 -19.98 -1.13 37.25
CA SER B 511 -19.82 -0.55 35.92
C SER B 511 -18.82 0.60 35.98
N PHE B 512 -17.92 0.63 35.02
CA PHE B 512 -16.87 1.66 34.96
C PHE B 512 -17.13 2.58 33.78
N GLU B 513 -17.12 3.88 34.03
CA GLU B 513 -17.59 4.87 33.07
C GLU B 513 -16.51 5.26 32.07
N LEU B 514 -16.92 6.06 31.08
CA LEU B 514 -16.02 6.71 30.14
C LEU B 514 -16.29 8.20 30.12
N LEU B 515 -15.57 8.92 29.23
CA LEU B 515 -15.74 10.34 28.95
C LEU B 515 -15.59 11.20 30.20
N HIS B 516 -14.38 11.26 30.76
CA HIS B 516 -14.22 11.62 32.15
C HIS B 516 -13.80 13.06 32.39
N ALA B 517 -14.05 13.46 33.63
CA ALA B 517 -13.48 14.63 34.32
C ALA B 517 -12.07 14.22 34.78
N PRO B 518 -11.30 15.09 35.46
CA PRO B 518 -10.08 14.57 36.11
C PRO B 518 -10.39 13.54 37.19
N ALA B 519 -9.58 12.49 37.19
CA ALA B 519 -9.94 11.23 37.84
C ALA B 519 -9.84 11.34 39.36
N THR B 520 -10.80 10.69 40.03
CA THR B 520 -10.84 10.63 41.48
C THR B 520 -10.38 9.29 42.05
N VAL B 521 -10.49 8.21 41.28
CA VAL B 521 -10.20 6.87 41.77
C VAL B 521 -9.17 6.21 40.85
N CYS B 522 -8.23 5.49 41.45
CA CYS B 522 -7.15 4.84 40.73
C CYS B 522 -6.97 3.42 41.27
N GLY B 523 -5.91 2.76 40.79
CA GLY B 523 -5.54 1.47 41.30
C GLY B 523 -4.66 1.58 42.53
N PRO B 524 -4.17 0.43 43.01
CA PRO B 524 -3.29 0.44 44.18
C PRO B 524 -1.84 0.79 43.88
N LYS B 525 -1.51 1.23 42.66
CA LYS B 525 -0.14 1.58 42.33
C LYS B 525 0.25 2.90 42.99
N LYS B 526 1.43 2.92 43.61
CA LYS B 526 1.90 4.11 44.30
C LYS B 526 2.49 5.11 43.30
N SER B 527 1.97 6.33 43.33
CA SER B 527 2.44 7.38 42.42
C SER B 527 3.83 7.86 42.84
N THR B 528 4.59 8.32 41.85
CA THR B 528 5.96 8.76 42.03
C THR B 528 6.08 10.24 41.69
N ASN B 529 7.31 10.73 41.70
CA ASN B 529 7.57 12.13 41.41
C ASN B 529 7.53 12.38 39.89
N LEU B 530 7.30 13.64 39.54
CA LEU B 530 7.25 14.05 38.14
C LEU B 530 8.64 14.45 37.66
N VAL B 531 9.07 13.85 36.55
CA VAL B 531 10.39 14.10 35.98
C VAL B 531 10.19 14.80 34.64
N LYS B 532 10.85 15.94 34.46
CA LYS B 532 10.70 16.76 33.27
C LYS B 532 11.99 16.77 32.46
N ASN B 533 11.83 17.04 31.16
CA ASN B 533 12.91 17.27 30.19
C ASN B 533 13.81 16.05 29.99
N LYS B 534 13.37 14.86 30.39
CA LYS B 534 14.09 13.63 30.16
C LYS B 534 13.14 12.59 29.61
N CYS B 535 13.67 11.68 28.79
CA CYS B 535 12.89 10.57 28.26
C CYS B 535 12.54 9.62 29.41
N VAL B 536 11.25 9.56 29.74
CA VAL B 536 10.77 8.78 30.87
C VAL B 536 9.64 7.87 30.40
N ASN B 537 9.37 6.83 31.17
CA ASN B 537 8.24 5.93 30.92
C ASN B 537 7.13 6.39 31.86
N PHE B 538 6.08 6.98 31.30
CA PHE B 538 5.06 7.67 32.09
C PHE B 538 3.75 6.90 32.10
N ASN B 539 2.87 7.29 33.01
CA ASN B 539 1.54 6.73 33.14
C ASN B 539 0.70 7.81 33.82
N PHE B 540 -0.11 8.53 33.05
CA PHE B 540 -1.00 9.56 33.57
C PHE B 540 -2.42 9.02 33.54
N ASN B 541 -2.87 8.50 34.68
CA ASN B 541 -4.23 7.99 34.90
C ASN B 541 -4.61 6.90 33.90
N GLY B 542 -3.69 5.98 33.66
CA GLY B 542 -3.91 4.89 32.73
C GLY B 542 -3.34 5.13 31.34
N LEU B 543 -2.87 6.34 31.05
CA LEU B 543 -2.32 6.65 29.74
C LEU B 543 -0.82 6.37 29.76
N LYS B 544 -0.43 5.23 29.22
CA LYS B 544 0.97 4.79 29.22
C LYS B 544 1.68 5.32 27.99
N GLY B 545 2.99 5.43 28.08
CA GLY B 545 3.78 5.90 26.96
C GLY B 545 5.22 6.14 27.38
N THR B 546 5.97 6.71 26.44
CA THR B 546 7.37 7.06 26.65
C THR B 546 7.69 8.35 25.90
N GLY B 547 8.26 9.31 26.63
CA GLY B 547 8.66 10.56 26.05
C GLY B 547 9.12 11.54 27.10
N VAL B 548 9.41 12.76 26.65
CA VAL B 548 9.86 13.84 27.52
C VAL B 548 8.62 14.66 27.91
N LEU B 549 8.67 15.28 29.09
CA LEU B 549 7.52 16.02 29.61
C LEU B 549 7.89 17.47 29.84
N THR B 550 7.68 18.28 28.81
CA THR B 550 7.91 19.71 28.88
C THR B 550 6.59 20.44 29.11
N GLU B 551 6.71 21.71 29.53
CA GLU B 551 5.52 22.54 29.72
C GLU B 551 4.94 22.94 28.38
N SER B 552 3.61 22.85 28.27
CA SER B 552 2.92 23.00 27.00
C SER B 552 2.83 24.45 26.52
N ASN B 553 2.52 25.38 27.43
CA ASN B 553 2.02 26.72 27.11
C ASN B 553 0.81 26.64 26.18
N LYS B 554 -0.14 25.78 26.52
CA LYS B 554 -1.39 25.65 25.78
C LYS B 554 -2.56 26.16 26.61
N LYS B 555 -3.56 26.70 25.94
CA LYS B 555 -4.69 27.34 26.61
C LYS B 555 -5.81 26.32 26.85
N PHE B 556 -5.57 25.44 27.82
CA PHE B 556 -6.58 24.46 28.19
C PHE B 556 -7.65 25.10 29.06
N LEU B 557 -8.89 24.75 28.77
CA LEU B 557 -10.00 25.07 29.67
C LEU B 557 -9.96 24.12 30.86
N PRO B 558 -10.46 24.56 32.04
CA PRO B 558 -10.31 23.74 33.26
C PRO B 558 -10.99 22.38 33.25
N PHE B 559 -11.99 22.16 32.39
CA PHE B 559 -12.61 20.85 32.29
C PHE B 559 -11.90 19.93 31.30
N GLN B 560 -10.84 20.40 30.66
CA GLN B 560 -10.13 19.64 29.63
C GLN B 560 -8.91 18.96 30.24
N GLN B 561 -8.77 17.67 29.96
CA GLN B 561 -7.72 16.85 30.56
C GLN B 561 -6.68 16.34 29.57
N PHE B 562 -6.96 16.41 28.28
CA PHE B 562 -6.06 15.87 27.27
C PHE B 562 -6.16 16.67 25.99
N GLY B 563 -5.00 16.95 25.39
CA GLY B 563 -4.92 17.62 24.12
C GLY B 563 -4.46 16.67 23.04
N ARG B 564 -5.02 16.80 21.84
CA ARG B 564 -4.80 15.83 20.79
C ARG B 564 -4.26 16.52 19.54
N ASP B 565 -3.34 15.84 18.89
CA ASP B 565 -2.66 16.30 17.69
C ASP B 565 -3.44 15.85 16.45
N ILE B 566 -2.78 15.89 15.28
CA ILE B 566 -3.40 15.50 14.03
C ILE B 566 -3.82 14.03 14.05
N ALA B 567 -2.92 13.16 14.50
CA ALA B 567 -3.24 11.73 14.55
C ALA B 567 -4.14 11.42 15.75
N ASP B 568 -4.54 10.15 15.83
CA ASP B 568 -5.41 9.66 16.90
C ASP B 568 -4.54 9.23 18.08
N THR B 569 -3.92 10.22 18.72
CA THR B 569 -3.14 10.00 19.92
C THR B 569 -3.16 11.27 20.75
N THR B 570 -2.52 11.22 21.92
CA THR B 570 -2.57 12.34 22.84
C THR B 570 -1.29 13.17 22.75
N ASP B 571 -1.47 14.47 22.52
CA ASP B 571 -0.35 15.40 22.40
C ASP B 571 -0.01 16.04 23.73
N ALA B 572 -1.00 16.30 24.59
CA ALA B 572 -0.77 16.92 25.88
C ALA B 572 -1.69 16.27 26.91
N VAL B 573 -1.27 16.33 28.17
CA VAL B 573 -2.03 15.76 29.28
C VAL B 573 -1.93 16.70 30.47
N ARG B 574 -3.03 16.83 31.22
CA ARG B 574 -3.01 17.59 32.46
C ARG B 574 -2.46 16.71 33.57
N ASP B 575 -1.55 17.28 34.38
CA ASP B 575 -0.99 16.53 35.50
C ASP B 575 -2.07 16.35 36.57
N PRO B 576 -2.24 15.14 37.11
CA PRO B 576 -3.33 14.91 38.08
C PRO B 576 -3.12 15.57 39.43
N GLN B 577 -1.90 15.96 39.78
CA GLN B 577 -1.63 16.54 41.10
C GLN B 577 -1.41 18.04 41.08
N THR B 578 -0.45 18.54 40.30
CA THR B 578 -0.14 19.96 40.30
C THR B 578 -0.88 20.74 39.23
N LEU B 579 -1.71 20.06 38.42
CA LEU B 579 -2.69 20.65 37.50
C LEU B 579 -2.05 21.50 36.40
N GLU B 580 -0.78 21.31 36.08
CA GLU B 580 -0.21 21.97 34.90
C GLU B 580 -0.42 21.08 33.68
N ILE B 581 -0.05 21.60 32.52
CA ILE B 581 -0.28 20.93 31.25
C ILE B 581 1.08 20.53 30.69
N LEU B 582 1.25 19.25 30.40
CA LEU B 582 2.53 18.71 29.97
C LEU B 582 2.42 18.15 28.56
N ASP B 583 3.37 18.53 27.70
CA ASP B 583 3.44 18.00 26.35
C ASP B 583 3.91 16.55 26.36
N ILE B 584 3.28 15.74 25.51
CA ILE B 584 3.72 14.39 25.25
C ILE B 584 4.56 14.43 24.00
N THR B 585 5.88 14.59 24.19
CA THR B 585 6.83 14.62 23.09
C THR B 585 7.72 13.39 23.22
N PRO B 586 7.72 12.47 22.25
CA PRO B 586 8.61 11.31 22.35
C PRO B 586 10.06 11.71 22.20
N CYS B 587 10.92 11.03 22.97
CA CYS B 587 12.33 11.42 23.05
C CYS B 587 13.06 11.06 21.75
N SER B 588 14.25 11.66 21.60
CA SER B 588 14.88 11.85 20.30
C SER B 588 15.30 10.53 19.66
N PHE B 589 15.31 10.51 18.34
CA PHE B 589 15.63 9.31 17.59
C PHE B 589 16.25 9.70 16.26
N GLY B 590 16.84 8.73 15.60
CA GLY B 590 17.30 8.93 14.24
C GLY B 590 17.86 7.64 13.68
N GLY B 591 18.06 7.64 12.37
CA GLY B 591 18.74 6.53 11.74
C GLY B 591 20.22 6.50 12.05
N VAL B 592 20.80 5.32 11.95
CA VAL B 592 22.22 5.13 12.20
C VAL B 592 22.87 4.78 10.87
N SER B 593 23.86 5.58 10.48
CA SER B 593 24.65 5.33 9.28
C SER B 593 26.09 5.07 9.69
N VAL B 594 26.66 3.98 9.18
CA VAL B 594 28.01 3.58 9.53
C VAL B 594 28.89 3.88 8.32
N ILE B 595 29.93 4.68 8.53
CA ILE B 595 30.83 5.11 7.47
C ILE B 595 32.11 4.32 7.60
N THR B 596 32.41 3.50 6.59
CA THR B 596 33.62 2.69 6.61
C THR B 596 34.38 2.86 5.31
N PRO B 597 35.72 2.79 5.36
CA PRO B 597 36.49 2.78 4.11
C PRO B 597 36.59 1.40 3.47
N GLY B 598 36.04 0.37 4.10
CA GLY B 598 36.13 -0.98 3.60
C GLY B 598 37.03 -1.83 4.47
N THR B 599 36.57 -3.04 4.79
CA THR B 599 37.31 -3.97 5.62
C THR B 599 38.58 -4.49 4.97
N ASN B 600 38.69 -4.39 3.64
CA ASN B 600 39.94 -4.60 2.94
C ASN B 600 40.98 -3.56 3.33
N THR B 601 40.55 -2.32 3.58
CA THR B 601 41.45 -1.25 3.98
C THR B 601 41.61 -1.15 5.49
N SER B 602 40.52 -0.98 6.24
CA SER B 602 40.63 -0.77 7.68
C SER B 602 39.34 -1.21 8.36
N ASN B 603 39.44 -1.44 9.66
CA ASN B 603 38.29 -1.74 10.50
C ASN B 603 37.79 -0.52 11.26
N GLN B 604 38.43 0.63 11.11
CA GLN B 604 37.98 1.85 11.77
C GLN B 604 36.77 2.41 11.05
N VAL B 605 35.73 2.74 11.80
CA VAL B 605 34.48 3.24 11.25
C VAL B 605 34.10 4.54 11.94
N ALA B 606 33.23 5.30 11.27
CA ALA B 606 32.61 6.49 11.80
C ALA B 606 31.09 6.34 11.71
N VAL B 607 30.39 6.89 12.70
CA VAL B 607 28.96 6.65 12.87
C VAL B 607 28.22 7.96 12.74
N LEU B 608 27.20 7.99 11.89
CA LEU B 608 26.32 9.14 11.74
C LEU B 608 24.98 8.82 12.39
N TYR B 609 24.61 9.61 13.40
CA TYR B 609 23.28 9.54 14.01
C TYR B 609 22.44 10.63 13.34
N GLN B 610 21.50 10.21 12.50
CA GLN B 610 20.85 11.14 11.59
C GLN B 610 19.81 12.01 12.28
N GLY B 611 19.93 13.32 12.07
CA GLY B 611 18.89 14.25 12.48
C GLY B 611 18.85 14.62 13.94
N VAL B 612 19.88 14.29 14.72
CA VAL B 612 19.89 14.60 16.14
C VAL B 612 21.01 15.59 16.44
N ASN B 613 20.87 16.26 17.57
CA ASN B 613 21.95 17.09 18.09
C ASN B 613 23.05 16.23 18.69
N CYS B 614 24.17 16.87 19.01
CA CYS B 614 25.25 16.17 19.68
C CYS B 614 25.08 16.12 21.19
N THR B 615 24.03 16.73 21.72
CA THR B 615 23.70 16.65 23.14
C THR B 615 22.66 15.57 23.44
N GLU B 616 21.93 15.11 22.42
CA GLU B 616 20.94 14.05 22.57
C GLU B 616 21.52 12.68 22.23
N VAL B 617 22.82 12.59 22.05
CA VAL B 617 23.47 11.36 21.62
C VAL B 617 24.46 10.95 22.70
N PRO B 618 24.68 9.65 22.90
CA PRO B 618 25.80 9.22 23.74
C PRO B 618 27.14 9.68 23.19
N VAL B 619 27.80 10.55 23.96
CA VAL B 619 29.12 11.08 23.63
C VAL B 619 30.13 10.46 24.58
N ALA B 620 29.80 10.46 25.87
CA ALA B 620 30.64 9.84 26.90
C ALA B 620 30.47 8.33 26.81
N ILE B 621 31.34 7.72 25.99
CA ILE B 621 31.25 6.29 25.69
C ILE B 621 31.65 5.44 26.89
N HIS B 622 32.34 6.03 27.87
CA HIS B 622 32.78 5.30 29.05
C HIS B 622 31.70 5.17 30.11
N ALA B 623 30.55 5.82 29.93
CA ALA B 623 29.46 5.76 30.90
C ALA B 623 28.16 5.26 30.28
N ASP B 624 28.25 4.56 29.16
CA ASP B 624 27.07 4.07 28.45
C ASP B 624 26.81 2.60 28.69
N GLN B 625 27.53 1.98 29.64
CA GLN B 625 27.17 0.66 30.11
C GLN B 625 26.03 0.68 31.12
N LEU B 626 25.59 1.86 31.54
CA LEU B 626 24.37 2.03 32.33
C LEU B 626 23.13 2.03 31.47
N THR B 627 23.27 1.94 30.15
CA THR B 627 22.26 1.90 29.10
C THR B 627 21.25 3.04 29.17
N PRO B 628 21.63 4.28 28.81
CA PRO B 628 20.60 5.33 28.62
C PRO B 628 19.98 5.31 27.24
N THR B 629 20.49 4.48 26.33
CA THR B 629 20.04 4.45 24.95
C THR B 629 19.76 3.01 24.53
N TRP B 630 18.89 2.87 23.52
CA TRP B 630 18.62 1.57 22.92
C TRP B 630 19.79 1.03 22.12
N ARG B 631 20.81 1.84 21.84
CA ARG B 631 22.03 1.35 21.22
C ARG B 631 22.81 0.56 22.27
N VAL B 632 23.11 -0.71 21.95
CA VAL B 632 23.70 -1.60 22.94
C VAL B 632 25.18 -1.27 23.17
N TYR B 633 25.80 -0.56 22.23
CA TYR B 633 27.20 -0.16 22.32
C TYR B 633 27.30 1.36 22.23
N SER B 634 28.52 1.86 22.37
CA SER B 634 28.83 3.28 22.19
C SER B 634 30.31 3.43 21.94
N THR B 635 30.68 3.83 20.73
CA THR B 635 32.07 3.99 20.33
C THR B 635 32.28 5.39 19.76
N GLY B 636 33.53 5.81 19.72
CA GLY B 636 33.88 7.03 19.03
C GLY B 636 34.83 7.90 19.82
N SER B 637 35.54 8.76 19.09
CA SER B 637 36.52 9.65 19.68
C SER B 637 36.19 11.12 19.43
N ASN B 638 35.98 11.49 18.17
CA ASN B 638 35.73 12.88 17.81
C ASN B 638 34.25 13.08 17.49
N VAL B 639 33.67 14.16 18.00
CA VAL B 639 32.25 14.45 17.85
C VAL B 639 32.11 15.77 17.09
N PHE B 640 31.35 15.74 15.99
CA PHE B 640 31.14 16.91 15.14
C PHE B 640 29.66 17.01 14.79
N GLN B 641 29.16 18.25 14.72
CA GLN B 641 27.76 18.49 14.38
C GLN B 641 27.63 18.82 12.91
N THR B 642 26.75 18.09 12.22
CA THR B 642 26.45 18.28 10.82
C THR B 642 24.94 18.44 10.70
N ARG B 643 24.47 19.17 9.68
CA ARG B 643 23.04 19.26 9.41
C ARG B 643 22.43 17.92 9.03
N ALA B 644 23.22 16.96 8.57
CA ALA B 644 22.74 15.59 8.39
C ALA B 644 22.57 14.85 9.71
N GLY B 645 23.24 15.30 10.77
CA GLY B 645 23.15 14.65 12.06
C GLY B 645 24.46 14.80 12.81
N CYS B 646 24.52 14.22 14.00
CA CYS B 646 25.71 14.31 14.82
C CYS B 646 26.66 13.18 14.44
N LEU B 647 27.83 13.55 13.93
CA LEU B 647 28.80 12.60 13.40
C LEU B 647 29.86 12.31 14.47
N ILE B 648 29.99 11.04 14.83
CA ILE B 648 30.96 10.60 15.83
C ILE B 648 31.91 9.61 15.18
N GLY B 649 33.20 9.88 15.28
CA GLY B 649 34.24 9.02 14.76
C GLY B 649 35.13 9.67 13.72
N ALA B 650 34.71 10.78 13.15
CA ALA B 650 35.49 11.46 12.13
C ALA B 650 35.95 12.82 12.61
N GLU B 651 37.23 13.12 12.39
CA GLU B 651 37.82 14.40 12.78
C GLU B 651 37.59 15.41 11.66
N TYR B 652 36.93 16.51 11.97
CA TYR B 652 36.63 17.52 10.97
C TYR B 652 37.88 18.34 10.65
N VAL B 653 38.14 18.51 9.35
CA VAL B 653 39.28 19.29 8.87
C VAL B 653 38.75 20.45 8.05
N ASN B 654 39.59 21.48 7.90
CA ASN B 654 39.23 22.67 7.15
C ASN B 654 39.69 22.62 5.70
N ASN B 655 40.36 21.54 5.29
CA ASN B 655 40.78 21.38 3.91
C ASN B 655 39.66 20.73 3.11
N SER B 656 39.44 21.23 1.89
CA SER B 656 38.37 20.72 1.04
C SER B 656 38.93 19.72 0.03
N TYR B 657 38.30 18.55 -0.03
CA TYR B 657 38.72 17.49 -0.93
C TYR B 657 37.52 17.08 -1.77
N GLU B 658 37.78 16.23 -2.76
CA GLU B 658 36.70 15.62 -3.53
C GLU B 658 35.91 14.68 -2.64
N CYS B 659 34.61 14.58 -2.90
CA CYS B 659 33.74 13.80 -2.05
C CYS B 659 33.99 12.31 -2.25
N ASP B 660 34.21 11.60 -1.15
CA ASP B 660 34.58 10.19 -1.21
C ASP B 660 33.42 9.35 -0.67
N ILE B 661 32.99 9.63 0.55
CA ILE B 661 31.81 9.00 1.14
C ILE B 661 30.84 10.11 1.53
N PRO B 662 29.68 10.21 0.87
CA PRO B 662 28.77 11.33 1.17
C PRO B 662 28.06 11.16 2.49
N ILE B 663 27.84 12.27 3.17
CA ILE B 663 27.13 12.32 4.44
C ILE B 663 25.85 13.15 4.33
N GLY B 664 25.98 14.38 3.89
CA GLY B 664 24.84 15.27 3.72
C GLY B 664 25.23 16.70 4.03
N ALA B 665 24.52 17.63 3.38
CA ALA B 665 24.68 19.09 3.55
C ALA B 665 26.10 19.57 3.28
N GLY B 666 26.72 19.03 2.22
CA GLY B 666 28.02 19.45 1.80
C GLY B 666 29.19 18.80 2.49
N ILE B 667 28.93 17.91 3.44
CA ILE B 667 29.98 17.25 4.21
C ILE B 667 30.17 15.85 3.67
N CYS B 668 31.42 15.48 3.40
CA CYS B 668 31.78 14.15 2.97
C CYS B 668 32.90 13.62 3.86
N ALA B 669 33.04 12.30 3.88
CA ALA B 669 34.02 11.63 4.72
C ALA B 669 35.00 10.84 3.87
N SER B 670 36.22 10.73 4.35
CA SER B 670 37.27 9.98 3.66
C SER B 670 38.28 9.49 4.67
N TYR B 671 39.09 8.53 4.23
CA TYR B 671 40.07 7.86 5.08
C TYR B 671 41.46 8.29 4.60
N GLN B 672 41.99 9.37 5.18
CA GLN B 672 43.15 10.04 4.64
C GLN B 672 44.29 10.07 5.65
N THR B 673 45.47 10.44 5.15
CA THR B 673 46.67 10.51 5.97
C THR B 673 46.79 11.87 6.63
N GLN B 674 47.01 11.88 7.94
CA GLN B 674 47.27 13.12 8.67
C GLN B 674 48.63 13.09 9.33
N ALA B 685 52.40 10.87 11.19
CA ALA B 685 51.31 10.76 10.23
C ALA B 685 50.71 9.37 10.24
N SER B 686 49.42 9.29 10.56
CA SER B 686 48.72 8.01 10.64
C SER B 686 47.43 8.10 9.84
N GLN B 687 46.76 6.96 9.71
CA GLN B 687 45.51 6.85 8.97
C GLN B 687 44.33 7.04 9.90
N SER B 688 43.38 7.87 9.48
CA SER B 688 42.16 8.11 10.26
C SER B 688 41.08 8.59 9.31
N ILE B 689 39.83 8.47 9.76
CA ILE B 689 38.69 8.97 8.99
C ILE B 689 38.52 10.46 9.27
N ILE B 690 38.50 11.26 8.22
CA ILE B 690 38.32 12.70 8.36
C ILE B 690 36.97 13.08 7.76
N ALA B 691 36.46 14.22 8.20
CA ALA B 691 35.25 14.82 7.66
C ALA B 691 35.58 16.21 7.14
N TYR B 692 34.97 16.59 6.02
CA TYR B 692 35.33 17.84 5.39
C TYR B 692 34.18 18.35 4.55
N THR B 693 34.15 19.66 4.36
CA THR B 693 33.32 20.27 3.33
C THR B 693 33.88 19.88 1.98
N MET B 694 33.02 19.42 1.08
CA MET B 694 33.46 18.92 -0.21
C MET B 694 34.01 20.03 -1.10
N SER B 695 35.14 19.73 -1.74
CA SER B 695 35.67 20.64 -2.74
C SER B 695 34.84 20.55 -4.01
N LEU B 696 34.20 21.66 -4.37
CA LEU B 696 33.23 21.64 -5.43
C LEU B 696 33.85 21.55 -6.81
N GLY B 697 35.11 21.94 -6.93
CA GLY B 697 35.83 21.86 -8.18
C GLY B 697 37.09 22.69 -8.11
N ALA B 698 37.87 22.61 -9.17
CA ALA B 698 39.05 23.44 -9.28
C ALA B 698 38.66 24.88 -9.53
N GLU B 699 39.59 25.80 -9.24
CA GLU B 699 39.34 27.22 -9.39
C GLU B 699 40.10 27.75 -10.59
N ASN B 700 39.39 28.42 -11.49
CA ASN B 700 39.95 28.87 -12.76
C ASN B 700 39.29 30.19 -13.10
N SER B 701 40.10 31.22 -13.35
CA SER B 701 39.60 32.51 -13.81
C SER B 701 39.97 32.67 -15.28
N VAL B 702 38.97 32.80 -16.14
CA VAL B 702 39.20 32.94 -17.58
C VAL B 702 39.64 34.36 -17.86
N ALA B 703 40.76 34.51 -18.57
CA ALA B 703 41.34 35.82 -18.86
C ALA B 703 40.53 36.51 -19.96
N TYR B 704 39.39 37.06 -19.55
CA TYR B 704 38.51 37.75 -20.48
C TYR B 704 38.98 39.17 -20.73
N SER B 705 38.94 39.58 -21.99
CA SER B 705 39.03 40.97 -22.38
C SER B 705 38.30 41.12 -23.71
N ASN B 706 38.10 42.37 -24.12
CA ASN B 706 37.27 42.66 -25.28
C ASN B 706 38.00 42.48 -26.61
N ASN B 707 39.30 42.16 -26.59
CA ASN B 707 40.02 41.96 -27.84
C ASN B 707 41.04 40.82 -27.78
N SER B 708 40.77 39.78 -26.98
CA SER B 708 41.69 38.65 -26.88
C SER B 708 40.93 37.36 -27.07
N ILE B 709 41.50 36.44 -27.87
CA ILE B 709 40.91 35.15 -28.15
C ILE B 709 41.98 34.08 -27.92
N ALA B 710 41.55 32.90 -27.48
CA ALA B 710 42.44 31.76 -27.33
C ALA B 710 42.07 30.68 -28.34
N ILE B 711 43.05 30.30 -29.16
CA ILE B 711 42.86 29.28 -30.19
C ILE B 711 43.88 28.17 -29.96
N PRO B 712 43.47 26.91 -29.94
CA PRO B 712 44.42 25.81 -29.77
C PRO B 712 45.35 25.66 -30.96
N THR B 713 46.59 25.27 -30.66
CA THR B 713 47.58 24.95 -31.68
C THR B 713 47.79 23.46 -31.87
N ASN B 714 47.32 22.63 -30.93
CA ASN B 714 47.40 21.19 -31.04
C ASN B 714 46.06 20.62 -30.63
N PHE B 715 45.99 19.31 -30.45
CA PHE B 715 44.76 18.64 -30.09
C PHE B 715 45.07 17.30 -29.44
N THR B 716 44.04 16.68 -28.90
CA THR B 716 44.14 15.37 -28.28
C THR B 716 42.93 14.53 -28.67
N ILE B 717 43.18 13.39 -29.30
CA ILE B 717 42.13 12.44 -29.63
C ILE B 717 41.84 11.60 -28.39
N SER B 718 40.66 11.80 -27.81
CA SER B 718 40.30 11.17 -26.55
C SER B 718 39.22 10.13 -26.78
N VAL B 719 39.40 8.96 -26.18
CA VAL B 719 38.41 7.88 -26.19
C VAL B 719 37.96 7.65 -24.75
N THR B 720 36.66 7.71 -24.53
CA THR B 720 36.06 7.48 -23.22
C THR B 720 35.01 6.38 -23.33
N THR B 721 34.73 5.74 -22.21
CA THR B 721 33.77 4.65 -22.13
C THR B 721 32.43 5.17 -21.61
N GLU B 722 31.35 4.55 -22.07
CA GLU B 722 30.03 4.79 -21.52
C GLU B 722 29.32 3.45 -21.37
N ILE B 723 29.25 2.96 -20.14
CA ILE B 723 28.59 1.70 -19.83
C ILE B 723 27.13 2.02 -19.55
N LEU B 724 26.23 1.33 -20.25
CA LEU B 724 24.83 1.70 -20.15
C LEU B 724 23.95 0.47 -20.29
N PRO B 725 23.07 0.21 -19.32
CA PRO B 725 22.29 -1.04 -19.32
C PRO B 725 21.28 -1.12 -20.47
N VAL B 726 21.02 -2.35 -20.91
CA VAL B 726 20.08 -2.63 -21.99
C VAL B 726 18.93 -3.51 -21.52
N SER B 727 19.25 -4.69 -20.99
CA SER B 727 18.22 -5.63 -20.57
C SER B 727 18.49 -6.06 -19.14
N MET B 728 17.54 -6.79 -18.58
CA MET B 728 17.70 -7.39 -17.26
C MET B 728 17.24 -8.84 -17.32
N THR B 729 17.48 -9.55 -16.23
CA THR B 729 17.28 -11.00 -16.21
C THR B 729 15.79 -11.33 -16.17
N LYS B 730 15.37 -12.20 -17.08
CA LYS B 730 13.96 -12.55 -17.25
C LYS B 730 13.60 -13.64 -16.27
N THR B 731 12.61 -13.39 -15.42
CA THR B 731 12.20 -14.32 -14.39
C THR B 731 10.76 -14.79 -14.61
N SER B 732 10.50 -16.04 -14.21
CA SER B 732 9.18 -16.62 -14.28
C SER B 732 8.87 -17.25 -12.93
N VAL B 733 7.66 -17.01 -12.42
CA VAL B 733 7.27 -17.42 -11.08
C VAL B 733 6.09 -18.37 -11.19
N ASP B 734 6.22 -19.55 -10.58
CA ASP B 734 5.10 -20.49 -10.48
C ASP B 734 4.25 -20.04 -9.30
N CYS B 735 2.92 -20.10 -9.47
CA CYS B 735 2.00 -19.64 -8.44
C CYS B 735 1.99 -20.58 -7.24
N THR B 736 1.52 -21.80 -7.46
CA THR B 736 1.26 -22.75 -6.40
C THR B 736 2.53 -23.35 -5.82
N MET B 737 3.62 -23.37 -6.57
CA MET B 737 4.86 -23.90 -6.04
C MET B 737 5.52 -22.91 -5.08
N TYR B 738 5.35 -21.61 -5.34
CA TYR B 738 5.83 -20.63 -4.39
C TYR B 738 4.91 -20.53 -3.18
N ILE B 739 3.61 -20.38 -3.42
CA ILE B 739 2.68 -20.11 -2.33
C ILE B 739 2.44 -21.35 -1.48
N CYS B 740 2.17 -22.48 -2.13
CA CYS B 740 1.78 -23.69 -1.43
C CYS B 740 2.84 -24.78 -1.46
N GLY B 741 3.60 -24.89 -2.55
CA GLY B 741 4.60 -25.93 -2.66
C GLY B 741 4.00 -27.29 -2.96
N ASP B 742 4.14 -28.22 -2.02
CA ASP B 742 3.63 -29.58 -2.18
C ASP B 742 2.25 -29.81 -1.56
N SER B 743 1.65 -28.79 -0.97
CA SER B 743 0.36 -28.93 -0.30
C SER B 743 -0.77 -28.73 -1.30
N THR B 744 -1.45 -29.81 -1.66
CA THR B 744 -2.57 -29.74 -2.59
C THR B 744 -3.78 -29.04 -2.01
N GLU B 745 -4.07 -29.26 -0.72
CA GLU B 745 -5.22 -28.63 -0.08
C GLU B 745 -5.00 -27.13 0.10
N CYS B 746 -3.74 -26.69 0.09
CA CYS B 746 -3.47 -25.25 -0.03
C CYS B 746 -3.87 -24.75 -1.42
N SER B 747 -3.58 -25.53 -2.46
CA SER B 747 -3.86 -25.11 -3.82
C SER B 747 -5.35 -25.11 -4.11
N ASN B 748 -6.11 -25.98 -3.43
CA ASN B 748 -7.56 -25.92 -3.55
C ASN B 748 -8.12 -24.66 -2.90
N LEU B 749 -7.53 -24.23 -1.77
CA LEU B 749 -7.99 -23.03 -1.11
C LEU B 749 -7.50 -21.78 -1.83
N LEU B 750 -6.43 -21.91 -2.61
CA LEU B 750 -5.89 -20.78 -3.36
C LEU B 750 -6.79 -20.35 -4.51
N LEU B 751 -7.64 -21.26 -5.02
CA LEU B 751 -8.54 -20.96 -6.11
C LEU B 751 -9.63 -19.97 -5.74
N GLN B 752 -9.87 -19.74 -4.44
CA GLN B 752 -10.86 -18.77 -3.99
C GLN B 752 -10.40 -17.33 -4.18
N TYR B 753 -9.14 -17.09 -4.50
CA TYR B 753 -8.61 -15.75 -4.69
C TYR B 753 -8.65 -15.31 -6.14
N GLY B 754 -9.18 -16.13 -7.04
CA GLY B 754 -9.39 -15.74 -8.42
C GLY B 754 -8.20 -15.88 -9.33
N SER B 755 -8.14 -15.03 -10.36
CA SER B 755 -7.08 -15.03 -11.36
C SER B 755 -5.99 -14.03 -11.05
N PHE B 756 -5.65 -13.87 -9.77
CA PHE B 756 -4.72 -12.83 -9.33
C PHE B 756 -3.30 -13.12 -9.84
N CYS B 757 -2.81 -14.34 -9.60
CA CYS B 757 -1.46 -14.65 -10.04
C CYS B 757 -1.42 -14.95 -11.53
N THR B 758 -2.57 -15.14 -12.18
CA THR B 758 -2.63 -15.09 -13.64
C THR B 758 -2.27 -13.69 -14.15
N GLN B 759 -2.75 -12.64 -13.46
CA GLN B 759 -2.34 -11.28 -13.77
C GLN B 759 -0.85 -11.08 -13.52
N LEU B 760 -0.32 -11.69 -12.45
CA LEU B 760 1.14 -11.64 -12.23
C LEU B 760 1.92 -12.36 -13.32
N LYS B 761 1.44 -13.50 -13.80
CA LYS B 761 2.10 -14.18 -14.93
C LYS B 761 2.07 -13.35 -16.19
N ARG B 762 0.94 -12.67 -16.44
CA ARG B 762 0.85 -11.77 -17.59
C ARG B 762 1.83 -10.61 -17.48
N ALA B 763 1.97 -10.05 -16.28
CA ALA B 763 2.91 -8.95 -16.07
C ALA B 763 4.36 -9.38 -16.24
N LEU B 764 4.72 -10.55 -15.70
CA LEU B 764 6.10 -11.02 -15.84
C LEU B 764 6.42 -11.44 -17.28
N THR B 765 5.45 -12.01 -17.99
CA THR B 765 5.63 -12.33 -19.41
C THR B 765 5.81 -11.05 -20.23
N GLY B 766 5.04 -10.01 -19.90
CA GLY B 766 5.23 -8.72 -20.56
C GLY B 766 6.58 -8.10 -20.30
N ILE B 767 7.10 -8.25 -19.07
CA ILE B 767 8.44 -7.78 -18.74
C ILE B 767 9.48 -8.54 -19.55
N ALA B 768 9.33 -9.87 -19.66
CA ALA B 768 10.30 -10.68 -20.40
C ALA B 768 10.32 -10.33 -21.90
N VAL B 769 9.14 -10.17 -22.50
CA VAL B 769 9.04 -9.78 -23.90
C VAL B 769 9.60 -8.36 -24.09
N GLU B 770 9.41 -7.49 -23.10
CA GLU B 770 9.98 -6.16 -23.14
C GLU B 770 11.51 -6.18 -23.10
N GLN B 771 12.09 -7.08 -22.30
CA GLN B 771 13.56 -7.17 -22.25
C GLN B 771 14.14 -7.66 -23.56
N ASP B 772 13.52 -8.69 -24.16
CA ASP B 772 13.95 -9.13 -25.48
C ASP B 772 13.78 -8.04 -26.55
N LYS B 773 12.71 -7.27 -26.46
CA LYS B 773 12.49 -6.14 -27.35
C LYS B 773 13.56 -5.07 -27.17
N ASN B 774 13.95 -4.80 -25.91
CA ASN B 774 14.98 -3.81 -25.62
C ASN B 774 16.32 -4.20 -26.23
N THR B 775 16.69 -5.48 -26.08
CA THR B 775 17.92 -5.97 -26.72
C THR B 775 17.82 -5.89 -28.24
N GLN B 776 16.63 -6.17 -28.79
CA GLN B 776 16.42 -6.10 -30.24
C GLN B 776 16.57 -4.69 -30.78
N GLU B 777 16.03 -3.68 -30.09
CA GLU B 777 16.18 -2.31 -30.58
C GLU B 777 17.58 -1.76 -30.37
N VAL B 778 18.28 -2.21 -29.32
CA VAL B 778 19.63 -1.69 -29.13
C VAL B 778 20.60 -2.27 -30.14
N PHE B 779 20.62 -3.59 -30.32
CA PHE B 779 21.70 -4.16 -31.12
C PHE B 779 21.34 -4.45 -32.57
N ALA B 780 20.08 -4.72 -32.89
CA ALA B 780 19.72 -5.05 -34.27
C ALA B 780 19.24 -3.81 -35.03
N GLN B 781 20.14 -2.84 -35.14
CA GLN B 781 19.88 -1.62 -35.90
C GLN B 781 20.48 -1.66 -37.30
N VAL B 782 21.13 -2.75 -37.68
CA VAL B 782 21.80 -2.85 -38.97
C VAL B 782 21.10 -3.94 -39.78
N LYS B 783 20.90 -3.67 -41.07
CA LYS B 783 20.12 -4.58 -41.91
C LYS B 783 20.94 -5.74 -42.45
N GLN B 784 22.27 -5.61 -42.52
CA GLN B 784 23.13 -6.65 -43.04
C GLN B 784 24.30 -6.88 -42.10
N ILE B 785 24.76 -8.13 -42.05
CA ILE B 785 25.91 -8.49 -41.23
C ILE B 785 27.16 -8.17 -42.05
N TYR B 786 27.82 -7.06 -41.72
CA TYR B 786 29.00 -6.63 -42.44
C TYR B 786 30.24 -7.27 -41.85
N LYS B 787 31.25 -7.46 -42.69
CA LYS B 787 32.52 -8.03 -42.27
C LYS B 787 33.68 -7.17 -42.74
N THR B 788 34.74 -7.19 -41.95
CA THR B 788 35.97 -6.46 -42.26
C THR B 788 36.70 -7.14 -43.42
N PRO B 789 37.49 -6.38 -44.18
CA PRO B 789 38.36 -6.99 -45.20
C PRO B 789 39.43 -7.85 -44.56
N PRO B 790 39.95 -8.86 -45.27
CA PRO B 790 40.94 -9.76 -44.66
C PRO B 790 42.27 -9.10 -44.30
N ILE B 791 42.62 -7.98 -44.92
CA ILE B 791 43.78 -7.19 -44.51
C ILE B 791 43.27 -6.01 -43.69
N LYS B 792 43.77 -5.90 -42.46
CA LYS B 792 43.30 -4.88 -41.52
C LYS B 792 44.30 -3.72 -41.45
N TYR B 793 44.36 -2.97 -42.55
CA TYR B 793 45.11 -1.73 -42.60
C TYR B 793 44.13 -0.60 -42.88
N PHE B 794 44.05 0.37 -41.96
CA PHE B 794 43.09 1.45 -42.05
C PHE B 794 43.81 2.79 -41.85
N GLY B 795 44.93 2.95 -42.55
CA GLY B 795 45.70 4.16 -42.48
C GLY B 795 46.49 4.34 -41.20
N GLY B 796 46.80 3.27 -40.48
CA GLY B 796 47.52 3.36 -39.23
C GLY B 796 46.66 3.26 -38.00
N PHE B 797 45.35 3.13 -38.14
CA PHE B 797 44.44 3.02 -37.02
C PHE B 797 44.30 1.55 -36.67
N ASN B 798 44.62 1.19 -35.42
CA ASN B 798 44.67 -0.20 -35.00
C ASN B 798 43.37 -0.50 -34.27
N PHE B 799 42.55 -1.38 -34.85
CA PHE B 799 41.25 -1.74 -34.28
C PHE B 799 41.24 -3.13 -33.67
N SER B 800 42.42 -3.70 -33.36
CA SER B 800 42.48 -5.09 -32.91
C SER B 800 41.88 -5.28 -31.52
N GLN B 801 41.78 -4.23 -30.73
CA GLN B 801 41.13 -4.33 -29.43
C GLN B 801 39.61 -4.28 -29.51
N ILE B 802 39.05 -3.86 -30.63
CA ILE B 802 37.60 -3.79 -30.77
C ILE B 802 37.06 -4.73 -31.84
N LEU B 803 37.86 -5.10 -32.84
CA LEU B 803 37.42 -6.12 -33.78
C LEU B 803 37.45 -7.49 -33.10
N PRO B 804 36.57 -8.41 -33.49
CA PRO B 804 36.53 -9.72 -32.83
C PRO B 804 37.79 -10.54 -33.09
N ASP B 805 38.18 -11.32 -32.10
CA ASP B 805 39.37 -12.15 -32.19
C ASP B 805 38.97 -13.53 -32.69
N PRO B 806 39.41 -13.95 -33.89
CA PRO B 806 39.00 -15.26 -34.40
C PRO B 806 39.66 -16.44 -33.70
N SER B 807 40.73 -16.21 -32.94
CA SER B 807 41.40 -17.28 -32.23
C SER B 807 40.62 -17.79 -31.02
N LYS B 808 39.64 -17.03 -30.54
CA LYS B 808 38.82 -17.41 -29.41
C LYS B 808 37.50 -17.99 -29.88
N PRO B 809 36.95 -18.99 -29.18
CA PRO B 809 35.68 -19.59 -29.61
C PRO B 809 34.48 -18.68 -29.41
N SER B 810 34.58 -17.66 -28.55
CA SER B 810 33.48 -16.74 -28.35
C SER B 810 33.34 -15.72 -29.49
N LYS B 811 34.39 -15.56 -30.30
CA LYS B 811 34.46 -14.59 -31.40
C LYS B 811 34.18 -13.17 -30.92
N ARG B 812 34.84 -12.79 -29.82
CA ARG B 812 34.68 -11.48 -29.21
C ARG B 812 36.00 -10.72 -29.25
N SER B 813 35.90 -9.41 -29.11
CA SER B 813 37.07 -8.56 -29.05
C SER B 813 37.78 -8.74 -27.70
N PRO B 814 39.06 -8.34 -27.60
CA PRO B 814 39.71 -8.30 -26.28
C PRO B 814 38.99 -7.43 -25.26
N ILE B 815 38.42 -6.31 -25.69
CA ILE B 815 37.65 -5.47 -24.76
C ILE B 815 36.36 -6.18 -24.34
N GLU B 816 35.65 -6.79 -25.30
CA GLU B 816 34.43 -7.52 -24.96
C GLU B 816 34.73 -8.76 -24.12
N ASP B 817 35.87 -9.42 -24.37
CA ASP B 817 36.27 -10.54 -23.53
C ASP B 817 36.66 -10.07 -22.14
N LEU B 818 37.14 -8.82 -22.02
CA LEU B 818 37.37 -8.25 -20.71
C LEU B 818 36.07 -7.88 -20.02
N LEU B 819 35.10 -7.36 -20.78
CA LEU B 819 33.83 -6.90 -20.19
C LEU B 819 33.01 -8.07 -19.65
N PHE B 820 33.05 -9.21 -20.31
CA PHE B 820 32.32 -10.39 -19.84
C PHE B 820 33.00 -11.07 -18.66
N ASN B 821 34.24 -10.71 -18.33
CA ASN B 821 34.94 -11.27 -17.20
C ASN B 821 34.88 -10.39 -15.96
N LYS B 822 34.20 -9.24 -16.04
CA LYS B 822 34.09 -8.34 -14.91
C LYS B 822 32.69 -8.28 -14.31
N VAL B 823 31.69 -8.86 -14.96
CA VAL B 823 30.33 -8.88 -14.44
C VAL B 823 30.06 -10.27 -13.88
N THR B 824 29.96 -10.36 -12.55
CA THR B 824 29.66 -11.62 -11.88
C THR B 824 28.16 -11.87 -12.07
N LEU B 825 27.84 -12.62 -13.11
CA LEU B 825 26.45 -12.83 -13.51
C LEU B 825 25.96 -14.16 -12.95
N ALA B 826 24.82 -14.13 -12.26
CA ALA B 826 24.19 -15.34 -11.74
C ALA B 826 23.31 -15.96 -12.83
N ASP B 827 23.99 -16.54 -13.82
CA ASP B 827 23.30 -17.10 -14.97
C ASP B 827 22.67 -18.44 -14.62
N ALA B 828 21.41 -18.61 -15.01
CA ALA B 828 20.67 -19.84 -14.81
C ALA B 828 20.12 -20.35 -16.14
N GLY B 829 20.91 -20.16 -17.20
CA GLY B 829 20.55 -20.63 -18.52
C GLY B 829 20.76 -22.11 -18.74
N PHE B 830 21.36 -22.82 -17.79
CA PHE B 830 21.50 -24.27 -17.87
C PHE B 830 20.20 -24.95 -17.51
N ILE B 831 20.14 -26.25 -17.76
CA ILE B 831 18.96 -27.06 -17.48
C ILE B 831 19.25 -28.16 -16.47
N LYS B 832 20.29 -28.95 -16.72
CA LYS B 832 20.64 -30.03 -15.81
C LYS B 832 21.22 -29.48 -14.51
N GLN B 833 20.82 -30.08 -13.40
CA GLN B 833 21.25 -29.63 -12.08
C GLN B 833 22.66 -30.12 -11.77
N ARG B 844 25.50 -28.62 -1.24
CA ARG B 844 26.47 -28.20 -2.25
C ARG B 844 25.78 -27.72 -3.52
N ASP B 845 24.57 -27.20 -3.35
CA ASP B 845 23.81 -26.66 -4.47
C ASP B 845 24.17 -25.19 -4.67
N LEU B 846 23.68 -24.61 -5.75
CA LEU B 846 23.96 -23.24 -6.12
C LEU B 846 22.93 -22.30 -5.51
N ILE B 847 22.95 -21.05 -5.97
CA ILE B 847 21.89 -20.10 -5.67
C ILE B 847 20.70 -20.33 -6.59
N CYS B 848 20.88 -21.19 -7.60
CA CYS B 848 19.81 -21.58 -8.52
C CYS B 848 18.95 -22.71 -7.95
N ALA B 849 19.03 -22.93 -6.63
CA ALA B 849 18.03 -23.72 -5.92
C ALA B 849 16.79 -22.92 -5.61
N GLN B 850 16.74 -21.64 -6.02
CA GLN B 850 15.52 -20.87 -6.04
C GLN B 850 14.50 -21.39 -7.05
N LYS B 851 14.95 -22.23 -7.99
CA LYS B 851 14.05 -22.92 -8.91
C LYS B 851 13.05 -23.79 -8.17
N PHE B 852 13.50 -24.48 -7.12
CA PHE B 852 12.63 -25.33 -6.32
C PHE B 852 11.58 -24.57 -5.53
N LYS B 853 11.73 -23.25 -5.39
CA LYS B 853 10.69 -22.38 -4.86
C LYS B 853 9.79 -21.85 -5.96
N GLY B 854 9.98 -22.29 -7.20
CA GLY B 854 9.16 -21.85 -8.31
C GLY B 854 9.66 -20.63 -9.04
N LEU B 855 10.89 -20.18 -8.78
CA LEU B 855 11.44 -18.98 -9.39
C LEU B 855 12.40 -19.41 -10.49
N THR B 856 11.99 -19.24 -11.75
CA THR B 856 12.70 -19.77 -12.89
C THR B 856 13.19 -18.64 -13.78
N VAL B 857 14.47 -18.68 -14.12
CA VAL B 857 15.10 -17.73 -15.04
C VAL B 857 14.93 -18.23 -16.46
N LEU B 858 14.38 -17.38 -17.32
CA LEU B 858 14.24 -17.63 -18.75
C LEU B 858 15.46 -17.13 -19.51
N PRO B 859 15.94 -17.87 -20.51
CA PRO B 859 17.09 -17.40 -21.27
C PRO B 859 16.67 -16.34 -22.29
N PRO B 860 17.55 -15.40 -22.60
CA PRO B 860 17.20 -14.37 -23.60
C PRO B 860 17.16 -14.93 -25.01
N LEU B 861 16.43 -14.22 -25.88
CA LEU B 861 16.28 -14.65 -27.26
C LEU B 861 17.59 -14.57 -28.02
N LEU B 862 18.34 -13.49 -27.86
CA LEU B 862 19.63 -13.33 -28.51
C LEU B 862 20.72 -13.77 -27.54
N THR B 863 21.54 -14.73 -27.97
CA THR B 863 22.66 -15.17 -27.16
C THR B 863 23.80 -14.15 -27.24
N ASP B 864 24.87 -14.43 -26.49
CA ASP B 864 26.03 -13.54 -26.50
C ASP B 864 26.75 -13.58 -27.84
N GLU B 865 26.70 -14.71 -28.53
CA GLU B 865 27.29 -14.81 -29.86
C GLU B 865 26.57 -13.93 -30.87
N MET B 866 25.24 -13.86 -30.80
CA MET B 866 24.50 -13.02 -31.72
C MET B 866 24.67 -11.54 -31.42
N ILE B 867 24.79 -11.17 -30.14
CA ILE B 867 25.10 -9.80 -29.79
C ILE B 867 26.50 -9.43 -30.25
N ALA B 868 27.44 -10.37 -30.16
CA ALA B 868 28.79 -10.15 -30.69
C ALA B 868 28.77 -10.01 -32.21
N GLN B 869 27.91 -10.76 -32.90
CA GLN B 869 27.81 -10.63 -34.35
C GLN B 869 27.18 -9.31 -34.78
N TYR B 870 26.15 -8.85 -34.05
CA TYR B 870 25.58 -7.53 -34.32
C TYR B 870 26.59 -6.42 -34.07
N THR B 871 27.35 -6.53 -32.97
CA THR B 871 28.37 -5.54 -32.67
C THR B 871 29.47 -5.54 -33.72
N SER B 872 29.88 -6.73 -34.18
CA SER B 872 30.91 -6.82 -35.20
C SER B 872 30.42 -6.29 -36.53
N ALA B 873 29.14 -6.49 -36.85
CA ALA B 873 28.57 -5.92 -38.07
C ALA B 873 28.54 -4.40 -38.01
N LEU B 874 28.16 -3.84 -36.85
CA LEU B 874 28.16 -2.39 -36.67
C LEU B 874 29.57 -1.81 -36.76
N LEU B 875 30.55 -2.49 -36.16
CA LEU B 875 31.94 -2.04 -36.22
C LEU B 875 32.50 -2.10 -37.63
N ALA B 876 32.23 -3.20 -38.36
CA ALA B 876 32.69 -3.32 -39.73
C ALA B 876 32.06 -2.26 -40.63
N GLY B 877 30.77 -1.98 -40.40
CA GLY B 877 30.11 -0.93 -41.15
C GLY B 877 30.68 0.46 -40.87
N THR B 878 30.90 0.77 -39.59
CA THR B 878 31.35 2.12 -39.26
C THR B 878 32.83 2.32 -39.56
N ILE B 879 33.59 1.22 -39.73
CA ILE B 879 34.97 1.38 -40.15
C ILE B 879 35.08 1.46 -41.66
N THR B 880 34.43 0.54 -42.38
CA THR B 880 34.60 0.48 -43.82
C THR B 880 33.69 1.43 -44.59
N SER B 881 32.66 2.01 -43.98
CA SER B 881 31.68 2.77 -44.73
C SER B 881 31.24 4.07 -44.07
N GLY B 882 31.68 4.37 -42.86
CA GLY B 882 31.30 5.63 -42.24
C GLY B 882 29.86 5.63 -41.76
N TRP B 883 29.16 6.73 -42.01
CA TRP B 883 27.75 6.83 -41.68
C TRP B 883 26.85 6.39 -42.83
N THR B 884 27.41 5.93 -43.94
CA THR B 884 26.62 5.66 -45.12
C THR B 884 25.78 4.39 -44.97
N PHE B 885 26.23 3.44 -44.16
CA PHE B 885 25.49 2.19 -44.01
C PHE B 885 24.29 2.35 -43.09
N GLY B 886 24.27 3.39 -42.27
CA GLY B 886 23.15 3.67 -41.40
C GLY B 886 22.04 4.50 -42.02
N ALA B 887 22.20 4.88 -43.29
CA ALA B 887 21.19 5.64 -44.01
C ALA B 887 20.73 4.95 -45.28
N GLY B 888 21.64 4.28 -45.99
CA GLY B 888 21.29 3.54 -47.18
C GLY B 888 22.20 2.35 -47.36
N PRO B 889 22.65 2.11 -48.58
CA PRO B 889 23.65 1.06 -48.81
C PRO B 889 25.01 1.50 -48.28
N ALA B 890 25.81 0.49 -47.91
CA ALA B 890 27.15 0.76 -47.39
C ALA B 890 28.06 1.21 -48.53
N LEU B 891 28.66 2.38 -48.35
CA LEU B 891 29.51 2.99 -49.37
C LEU B 891 30.94 3.00 -48.83
N GLN B 892 31.82 2.24 -49.47
CA GLN B 892 33.20 2.15 -48.98
C GLN B 892 33.93 3.48 -49.17
N ILE B 893 34.90 3.72 -48.29
CA ILE B 893 35.68 4.95 -48.26
C ILE B 893 36.97 4.62 -47.52
N PRO B 894 38.11 5.19 -47.92
CA PRO B 894 39.32 5.06 -47.08
C PRO B 894 39.10 5.70 -45.71
N PHE B 895 39.59 5.01 -44.68
CA PHE B 895 39.36 5.47 -43.31
C PHE B 895 40.02 6.80 -42.95
N PRO B 896 41.24 7.15 -43.40
CA PRO B 896 41.69 8.54 -43.20
C PRO B 896 40.80 9.56 -43.90
N MET B 897 40.23 9.23 -45.05
CA MET B 897 39.29 10.13 -45.70
C MET B 897 37.96 10.19 -44.94
N GLN B 898 37.55 9.06 -44.33
CA GLN B 898 36.39 9.05 -43.45
C GLN B 898 36.60 9.97 -42.24
N MET B 899 37.77 9.87 -41.60
CA MET B 899 38.03 10.67 -40.43
C MET B 899 38.26 12.13 -40.81
N ALA B 900 38.68 12.39 -42.05
CA ALA B 900 38.80 13.76 -42.53
C ALA B 900 37.44 14.35 -42.87
N TYR B 901 36.48 13.52 -43.29
CA TYR B 901 35.10 13.96 -43.34
C TYR B 901 34.60 14.31 -41.95
N ARG B 902 34.96 13.49 -40.96
CA ARG B 902 34.48 13.70 -39.60
C ARG B 902 35.15 14.90 -38.93
N PHE B 903 36.33 15.31 -39.41
CA PHE B 903 36.91 16.56 -38.94
C PHE B 903 36.13 17.76 -39.47
N ASN B 904 35.55 17.63 -40.67
CA ASN B 904 34.73 18.72 -41.20
C ASN B 904 33.43 18.88 -40.42
N GLY B 905 32.98 17.82 -39.76
CA GLY B 905 31.76 17.91 -38.97
C GLY B 905 31.92 18.72 -37.69
N ILE B 906 33.15 18.92 -37.23
CA ILE B 906 33.40 19.68 -36.02
C ILE B 906 34.09 21.00 -36.32
N GLY B 907 34.11 21.42 -37.58
CA GLY B 907 34.65 22.72 -37.93
C GLY B 907 36.15 22.77 -38.15
N VAL B 908 36.77 21.64 -38.42
CA VAL B 908 38.22 21.56 -38.65
C VAL B 908 38.43 21.13 -40.09
N THR B 909 39.32 21.82 -40.80
CA THR B 909 39.53 21.55 -42.22
C THR B 909 40.23 20.21 -42.43
N GLN B 910 40.20 19.75 -43.68
CA GLN B 910 40.71 18.42 -44.01
C GLN B 910 42.23 18.34 -43.89
N ASN B 911 42.92 19.43 -44.23
CA ASN B 911 44.37 19.42 -44.26
C ASN B 911 45.01 19.31 -42.89
N VAL B 912 44.26 19.63 -41.83
CA VAL B 912 44.75 19.43 -40.46
C VAL B 912 44.96 17.95 -40.20
N LEU B 913 44.08 17.10 -40.74
CA LEU B 913 44.18 15.67 -40.52
C LEU B 913 45.28 15.04 -41.36
N TYR B 914 45.35 15.39 -42.65
CA TYR B 914 46.25 14.68 -43.55
C TYR B 914 47.70 15.03 -43.30
N GLU B 915 47.96 16.23 -42.77
CA GLU B 915 49.31 16.57 -42.36
C GLU B 915 49.64 16.06 -40.96
N ASN B 916 48.69 15.45 -40.27
CA ASN B 916 48.91 14.92 -38.93
C ASN B 916 48.32 13.52 -38.78
N GLN B 917 48.32 12.74 -39.87
CA GLN B 917 47.64 11.45 -39.89
C GLN B 917 48.30 10.44 -38.96
N LYS B 918 49.64 10.39 -38.94
CA LYS B 918 50.36 9.49 -38.06
C LYS B 918 50.15 9.87 -36.60
N LEU B 919 50.11 11.17 -36.30
CA LEU B 919 49.86 11.62 -34.94
C LEU B 919 48.46 11.25 -34.47
N ILE B 920 47.45 11.42 -35.34
CA ILE B 920 46.08 11.07 -34.98
C ILE B 920 45.93 9.56 -34.77
N ALA B 921 46.58 8.78 -35.64
CA ALA B 921 46.55 7.32 -35.50
C ALA B 921 47.24 6.86 -34.22
N ASN B 922 48.38 7.48 -33.87
CA ASN B 922 49.10 7.10 -32.66
C ASN B 922 48.32 7.50 -31.40
N GLN B 923 47.70 8.68 -31.41
CA GLN B 923 46.88 9.10 -30.27
C GLN B 923 45.65 8.21 -30.11
N PHE B 924 45.03 7.80 -31.22
CA PHE B 924 43.89 6.89 -31.16
C PHE B 924 44.30 5.53 -30.62
N ASN B 925 45.45 5.00 -31.07
CA ASN B 925 45.90 3.69 -30.61
C ASN B 925 46.27 3.71 -29.13
N SER B 926 46.94 4.79 -28.69
CA SER B 926 47.27 4.94 -27.28
C SER B 926 46.01 5.11 -26.43
N ALA B 927 44.99 5.80 -26.96
CA ALA B 927 43.76 5.98 -26.21
C ALA B 927 42.99 4.67 -26.08
N ILE B 928 42.98 3.83 -27.12
CA ILE B 928 42.33 2.52 -27.02
C ILE B 928 43.10 1.61 -26.06
N GLY B 929 44.43 1.70 -26.06
CA GLY B 929 45.21 0.96 -25.06
C GLY B 929 44.93 1.41 -23.64
N LYS B 930 44.70 2.72 -23.45
CA LYS B 930 44.29 3.21 -22.14
C LYS B 930 42.89 2.77 -21.76
N ILE B 931 41.98 2.58 -22.73
CA ILE B 931 40.67 1.99 -22.43
C ILE B 931 40.84 0.55 -21.96
N GLN B 932 41.71 -0.20 -22.63
CA GLN B 932 42.04 -1.57 -22.22
C GLN B 932 42.57 -1.63 -20.79
N ASP B 933 43.51 -0.73 -20.47
CA ASP B 933 44.08 -0.70 -19.12
C ASP B 933 43.08 -0.21 -18.08
N SER B 934 42.25 0.78 -18.42
CA SER B 934 41.32 1.37 -17.47
C SER B 934 40.13 0.45 -17.20
N LEU B 935 39.75 -0.40 -18.15
CA LEU B 935 38.74 -1.40 -17.86
C LEU B 935 39.32 -2.66 -17.25
N SER B 936 40.62 -2.91 -17.44
CA SER B 936 41.26 -4.02 -16.76
C SER B 936 41.36 -3.77 -15.26
N SER B 937 41.84 -2.60 -14.87
CA SER B 937 41.92 -2.22 -13.47
C SER B 937 40.66 -1.47 -13.03
N THR B 938 40.60 -1.16 -11.73
CA THR B 938 39.52 -0.43 -11.05
C THR B 938 38.16 -1.07 -11.32
N PRO B 939 37.83 -2.20 -10.66
CA PRO B 939 36.59 -2.94 -10.98
C PRO B 939 35.33 -2.27 -10.43
N SER B 940 35.08 -1.03 -10.86
CA SER B 940 33.87 -0.31 -10.52
C SER B 940 33.30 0.50 -11.67
N ALA B 941 33.95 0.51 -12.83
CA ALA B 941 33.41 1.23 -13.98
C ALA B 941 32.24 0.50 -14.60
N LEU B 942 32.19 -0.82 -14.42
CA LEU B 942 31.08 -1.65 -14.88
C LEU B 942 30.04 -1.85 -13.80
N GLY B 943 29.90 -0.86 -12.90
CA GLY B 943 28.97 -0.99 -11.81
C GLY B 943 27.52 -0.88 -12.20
N LYS B 944 27.24 -0.25 -13.36
CA LYS B 944 25.86 -0.03 -13.77
C LYS B 944 25.19 -1.32 -14.23
N LEU B 945 25.97 -2.33 -14.60
CA LEU B 945 25.45 -3.63 -14.97
C LEU B 945 25.40 -4.59 -13.80
N GLN B 946 26.44 -4.54 -12.96
CA GLN B 946 26.49 -5.34 -11.74
C GLN B 946 25.39 -4.91 -10.77
N ASP B 947 25.00 -3.63 -10.79
CA ASP B 947 23.87 -3.20 -9.99
C ASP B 947 22.56 -3.81 -10.46
N VAL B 948 22.36 -3.93 -11.77
CA VAL B 948 21.15 -4.58 -12.30
C VAL B 948 21.11 -6.04 -11.88
N VAL B 949 22.26 -6.73 -12.01
CA VAL B 949 22.35 -8.14 -11.61
C VAL B 949 22.11 -8.30 -10.11
N ASN B 950 22.71 -7.43 -9.31
CA ASN B 950 22.59 -7.53 -7.85
C ASN B 950 21.20 -7.17 -7.36
N HIS B 951 20.56 -6.16 -7.95
CA HIS B 951 19.20 -5.83 -7.55
C HIS B 951 18.20 -6.93 -7.93
N ASN B 952 18.36 -7.56 -9.09
CA ASN B 952 17.39 -8.60 -9.43
C ASN B 952 17.65 -9.87 -8.59
N ALA B 953 18.92 -10.21 -8.35
CA ALA B 953 19.23 -11.34 -7.48
C ALA B 953 18.82 -11.08 -6.04
N GLN B 954 18.92 -9.84 -5.58
CA GLN B 954 18.51 -9.48 -4.23
C GLN B 954 17.00 -9.47 -4.11
N ALA B 955 16.29 -9.10 -5.18
CA ALA B 955 14.83 -9.20 -5.18
C ALA B 955 14.38 -10.64 -5.10
N LEU B 956 15.04 -11.54 -5.85
CA LEU B 956 14.74 -12.97 -5.72
C LEU B 956 15.08 -13.53 -4.34
N ASN B 957 16.20 -13.10 -3.76
CA ASN B 957 16.58 -13.57 -2.42
C ASN B 957 15.61 -13.07 -1.36
N THR B 958 15.15 -11.82 -1.49
CA THR B 958 14.14 -11.28 -0.58
C THR B 958 12.82 -12.02 -0.74
N LEU B 959 12.48 -12.40 -1.98
CA LEU B 959 11.27 -13.16 -2.22
C LEU B 959 11.37 -14.57 -1.64
N VAL B 960 12.57 -15.14 -1.59
CA VAL B 960 12.76 -16.45 -0.97
C VAL B 960 12.70 -16.35 0.55
N LYS B 961 13.41 -15.38 1.14
CA LYS B 961 13.54 -15.31 2.60
C LYS B 961 12.25 -14.93 3.29
N GLN B 962 11.29 -14.34 2.56
CA GLN B 962 10.07 -13.90 3.21
C GLN B 962 9.06 -15.04 3.27
N LEU B 963 9.37 -16.19 2.65
CA LEU B 963 8.62 -17.42 2.89
C LEU B 963 8.73 -17.90 4.33
N SER B 964 9.91 -17.76 4.95
CA SER B 964 10.12 -18.20 6.32
C SER B 964 9.39 -17.33 7.35
N SER B 965 8.96 -16.13 6.97
CA SER B 965 8.14 -15.31 7.84
C SER B 965 6.75 -15.92 8.00
N LYS B 966 6.13 -15.63 9.14
CA LYS B 966 4.91 -16.32 9.52
C LYS B 966 3.64 -15.52 9.26
N PHE B 967 3.74 -14.19 9.17
CA PHE B 967 2.60 -13.26 9.01
C PHE B 967 1.55 -13.46 10.09
N GLY B 968 1.99 -13.69 11.32
CA GLY B 968 1.09 -13.88 12.45
C GLY B 968 0.63 -15.30 12.67
N ALA B 969 0.99 -16.24 11.82
CA ALA B 969 0.59 -17.63 12.01
C ALA B 969 1.53 -18.31 13.00
N ILE B 970 1.11 -19.51 13.43
CA ILE B 970 1.96 -20.30 14.33
C ILE B 970 3.19 -20.81 13.60
N SER B 971 3.00 -21.39 12.42
CA SER B 971 4.10 -21.97 11.68
C SER B 971 4.06 -21.50 10.24
N SER B 972 5.24 -21.37 9.63
CA SER B 972 5.37 -21.00 8.24
C SER B 972 5.37 -22.19 7.30
N VAL B 973 5.18 -23.40 7.83
CA VAL B 973 5.17 -24.62 7.03
C VAL B 973 3.71 -25.04 6.84
N LEU B 974 3.35 -25.38 5.60
CA LEU B 974 2.00 -25.84 5.30
C LEU B 974 1.68 -27.14 6.01
N ASN B 975 2.63 -28.09 5.98
CA ASN B 975 2.38 -29.41 6.53
C ASN B 975 2.40 -29.41 8.05
N ASP B 976 3.03 -28.40 8.67
CA ASP B 976 2.95 -28.26 10.11
C ASP B 976 1.57 -27.79 10.55
N ILE B 977 0.87 -27.04 9.69
CA ILE B 977 -0.45 -26.54 10.05
C ILE B 977 -1.53 -27.56 9.72
N PHE B 978 -1.46 -28.16 8.52
CA PHE B 978 -2.53 -29.06 8.09
C PHE B 978 -2.52 -30.39 8.83
N SER B 979 -1.38 -30.81 9.36
CA SER B 979 -1.35 -32.05 10.13
C SER B 979 -1.68 -31.83 11.60
N ARG B 980 -1.92 -30.60 12.02
CA ARG B 980 -2.07 -30.25 13.42
C ARG B 980 -3.45 -29.74 13.78
N LEU B 981 -3.92 -28.71 13.07
CA LEU B 981 -5.12 -27.98 13.43
C LEU B 981 -6.33 -28.58 12.74
N ASP B 982 -7.51 -28.26 13.27
CA ASP B 982 -8.76 -28.57 12.59
C ASP B 982 -8.93 -27.64 11.38
N PRO B 983 -9.68 -28.06 10.36
CA PRO B 983 -9.91 -27.22 9.16
C PRO B 983 -10.49 -25.83 9.42
N PRO B 984 -11.44 -25.60 10.35
CA PRO B 984 -11.87 -24.20 10.55
C PRO B 984 -10.84 -23.31 11.25
N GLU B 985 -9.76 -23.86 11.77
CA GLU B 985 -8.62 -23.10 12.28
C GLU B 985 -7.48 -23.07 11.27
N ALA B 986 -7.31 -24.18 10.55
CA ALA B 986 -6.29 -24.27 9.52
C ALA B 986 -6.58 -23.33 8.37
N GLU B 987 -7.86 -23.09 8.06
CA GLU B 987 -8.19 -22.13 7.01
C GLU B 987 -7.78 -20.72 7.39
N VAL B 988 -7.93 -20.34 8.66
CA VAL B 988 -7.50 -19.02 9.11
C VAL B 988 -5.98 -18.90 9.06
N GLN B 989 -5.26 -19.92 9.53
CA GLN B 989 -3.79 -19.83 9.57
C GLN B 989 -3.18 -19.86 8.16
N ILE B 990 -3.68 -20.74 7.30
CA ILE B 990 -3.18 -20.80 5.94
C ILE B 990 -3.69 -19.61 5.12
N ASP B 991 -4.80 -18.99 5.56
CA ASP B 991 -5.20 -17.71 4.98
C ASP B 991 -4.19 -16.62 5.30
N ARG B 992 -3.67 -16.60 6.53
CA ARG B 992 -2.61 -15.65 6.88
C ARG B 992 -1.36 -15.88 6.03
N LEU B 993 -0.96 -17.15 5.87
CA LEU B 993 0.22 -17.45 5.06
C LEU B 993 0.03 -17.11 3.59
N ILE B 994 -1.13 -17.44 3.02
CA ILE B 994 -1.41 -17.18 1.60
C ILE B 994 -1.53 -15.68 1.34
N THR B 995 -2.17 -14.95 2.25
CA THR B 995 -2.28 -13.50 2.10
C THR B 995 -0.92 -12.83 2.16
N GLY B 996 -0.07 -13.25 3.10
CA GLY B 996 1.28 -12.69 3.20
C GLY B 996 2.14 -13.00 1.99
N ARG B 997 2.09 -14.25 1.51
CA ARG B 997 2.92 -14.62 0.38
C ARG B 997 2.40 -14.05 -0.94
N LEU B 998 1.09 -13.88 -1.06
CA LEU B 998 0.55 -13.29 -2.28
C LEU B 998 0.83 -11.79 -2.32
N GLN B 999 0.81 -11.14 -1.15
CA GLN B 999 1.28 -9.76 -1.06
C GLN B 999 2.77 -9.65 -1.37
N SER B 1000 3.56 -10.66 -0.97
CA SER B 1000 4.98 -10.68 -1.30
C SER B 1000 5.20 -10.78 -2.80
N LEU B 1001 4.44 -11.64 -3.47
CA LEU B 1001 4.53 -11.76 -4.93
C LEU B 1001 4.08 -10.48 -5.64
N GLN B 1002 3.01 -9.84 -5.14
CA GLN B 1002 2.56 -8.59 -5.75
C GLN B 1002 3.60 -7.49 -5.57
N THR B 1003 4.25 -7.44 -4.40
CA THR B 1003 5.34 -6.49 -4.17
C THR B 1003 6.50 -6.73 -5.12
N TYR B 1004 6.86 -8.01 -5.32
CA TYR B 1004 7.95 -8.35 -6.24
C TYR B 1004 7.62 -7.95 -7.67
N VAL B 1005 6.38 -8.20 -8.11
CA VAL B 1005 5.98 -7.87 -9.48
C VAL B 1005 5.94 -6.35 -9.68
N THR B 1006 5.49 -5.61 -8.65
CA THR B 1006 5.51 -4.15 -8.74
C THR B 1006 6.94 -3.60 -8.83
N GLN B 1007 7.87 -4.17 -8.04
CA GLN B 1007 9.27 -3.78 -8.12
C GLN B 1007 9.86 -4.10 -9.49
N GLN B 1008 9.52 -5.27 -10.04
CA GLN B 1008 10.02 -5.65 -11.36
C GLN B 1008 9.45 -4.78 -12.47
N LEU B 1009 8.19 -4.34 -12.35
CA LEU B 1009 7.63 -3.43 -13.34
C LEU B 1009 8.31 -2.07 -13.30
N ILE B 1010 8.57 -1.54 -12.10
CA ILE B 1010 9.24 -0.24 -11.99
C ILE B 1010 10.68 -0.33 -12.50
N ARG B 1011 11.38 -1.41 -12.12
CA ARG B 1011 12.76 -1.58 -12.57
C ARG B 1011 12.82 -1.87 -14.07
N ALA B 1012 11.81 -2.54 -14.61
CA ALA B 1012 11.75 -2.79 -16.05
C ALA B 1012 11.48 -1.50 -16.82
N ALA B 1013 10.70 -0.60 -16.24
CA ALA B 1013 10.53 0.73 -16.84
C ALA B 1013 11.83 1.51 -16.85
N GLU B 1014 12.60 1.41 -15.76
CA GLU B 1014 13.92 2.07 -15.71
C GLU B 1014 14.88 1.48 -16.75
N ILE B 1015 14.91 0.16 -16.86
CA ILE B 1015 15.78 -0.50 -17.84
C ILE B 1015 15.30 -0.21 -19.26
N ARG B 1016 13.99 -0.06 -19.47
CA ARG B 1016 13.47 0.31 -20.78
C ARG B 1016 13.90 1.72 -21.17
N ALA B 1017 13.88 2.65 -20.22
CA ALA B 1017 14.37 4.00 -20.48
C ALA B 1017 15.87 4.00 -20.79
N SER B 1018 16.63 3.19 -20.04
CA SER B 1018 18.06 3.06 -20.31
C SER B 1018 18.33 2.43 -21.68
N ALA B 1019 17.50 1.48 -22.09
CA ALA B 1019 17.69 0.82 -23.38
C ALA B 1019 17.28 1.74 -24.53
N ASN B 1020 16.26 2.57 -24.32
CA ASN B 1020 15.91 3.56 -25.32
C ASN B 1020 17.03 4.60 -25.48
N LEU B 1021 17.64 5.00 -24.37
CA LEU B 1021 18.81 5.87 -24.44
C LEU B 1021 19.98 5.19 -25.14
N ALA B 1022 20.17 3.89 -24.90
CA ALA B 1022 21.25 3.15 -25.54
C ALA B 1022 21.03 3.00 -27.04
N ALA B 1023 19.78 2.77 -27.45
CA ALA B 1023 19.47 2.67 -28.87
C ALA B 1023 19.61 4.03 -29.56
N THR B 1024 19.21 5.10 -28.88
CA THR B 1024 19.39 6.45 -29.41
C THR B 1024 20.87 6.79 -29.54
N LYS B 1025 21.68 6.40 -28.56
CA LYS B 1025 23.12 6.66 -28.64
C LYS B 1025 23.79 5.78 -29.69
N MET B 1026 23.27 4.57 -29.90
CA MET B 1026 23.75 3.74 -31.00
C MET B 1026 23.50 4.42 -32.35
N SER B 1027 22.27 4.87 -32.56
CA SER B 1027 21.90 5.49 -33.84
C SER B 1027 22.62 6.81 -34.06
N GLU B 1028 22.80 7.62 -33.02
CA GLU B 1028 23.33 8.95 -33.21
C GLU B 1028 24.84 9.07 -32.96
N CYS B 1029 25.45 8.08 -32.32
CA CYS B 1029 26.89 8.09 -32.09
C CYS B 1029 27.63 7.12 -32.99
N VAL B 1030 27.06 5.93 -33.21
CA VAL B 1030 27.74 4.90 -34.00
C VAL B 1030 27.39 5.02 -35.48
N LEU B 1031 26.11 5.17 -35.79
CA LEU B 1031 25.65 5.24 -37.18
C LEU B 1031 25.84 6.61 -37.80
N GLY B 1032 26.33 7.58 -37.04
CA GLY B 1032 26.55 8.91 -37.56
C GLY B 1032 27.51 9.69 -36.69
N GLN B 1033 27.53 11.00 -36.90
CA GLN B 1033 28.35 11.92 -36.12
C GLN B 1033 27.40 12.95 -35.49
N SER B 1034 27.37 12.99 -34.16
CA SER B 1034 26.40 13.83 -33.46
C SER B 1034 26.99 15.19 -33.13
N LYS B 1035 26.21 16.23 -33.40
CA LYS B 1035 26.55 17.59 -33.02
C LYS B 1035 26.03 17.96 -31.64
N ARG B 1036 25.36 17.03 -30.96
CA ARG B 1036 24.83 17.28 -29.62
C ARG B 1036 25.97 17.25 -28.62
N VAL B 1037 26.05 18.27 -27.78
CA VAL B 1037 27.18 18.43 -26.87
C VAL B 1037 27.04 17.46 -25.71
N ASP B 1038 28.10 16.68 -25.46
CA ASP B 1038 28.24 15.67 -24.40
C ASP B 1038 27.23 14.54 -24.50
N PHE B 1039 26.56 14.39 -25.65
CA PHE B 1039 25.69 13.23 -25.86
C PHE B 1039 26.51 11.99 -26.19
N CYS B 1040 27.60 12.17 -26.91
CA CYS B 1040 28.50 11.09 -27.32
C CYS B 1040 29.90 11.31 -26.76
N GLY B 1041 30.00 11.61 -25.47
CA GLY B 1041 31.27 11.78 -24.81
C GLY B 1041 31.70 13.24 -24.71
N LYS B 1042 32.67 13.48 -23.82
CA LYS B 1042 33.17 14.83 -23.61
C LYS B 1042 34.15 15.22 -24.71
N GLY B 1043 33.85 16.33 -25.39
CA GLY B 1043 34.65 16.81 -26.49
C GLY B 1043 33.82 16.89 -27.77
N TYR B 1044 34.52 17.16 -28.86
CA TYR B 1044 33.90 17.22 -30.18
C TYR B 1044 33.88 15.81 -30.77
N HIS B 1045 32.68 15.29 -31.00
CA HIS B 1045 32.51 13.89 -31.37
C HIS B 1045 33.04 13.57 -32.76
N LEU B 1046 33.78 12.48 -32.88
CA LEU B 1046 34.24 11.97 -34.16
C LEU B 1046 33.62 10.61 -34.48
N MET B 1047 33.84 9.60 -33.64
CA MET B 1047 33.23 8.28 -33.84
C MET B 1047 32.86 7.69 -32.50
N SER B 1048 32.12 6.58 -32.56
CA SER B 1048 31.84 5.77 -31.39
C SER B 1048 31.86 4.31 -31.81
N PHE B 1049 32.33 3.45 -30.90
CA PHE B 1049 32.42 2.02 -31.17
C PHE B 1049 31.63 1.27 -30.10
N PRO B 1050 30.58 0.55 -30.47
CA PRO B 1050 29.87 -0.28 -29.49
C PRO B 1050 30.66 -1.52 -29.12
N GLN B 1051 30.44 -1.98 -27.90
CA GLN B 1051 30.98 -3.25 -27.43
C GLN B 1051 29.92 -3.99 -26.65
N SER B 1052 29.85 -5.30 -26.86
CA SER B 1052 28.88 -6.12 -26.14
C SER B 1052 29.28 -6.26 -24.66
N ALA B 1053 28.27 -6.26 -23.81
CA ALA B 1053 28.48 -6.36 -22.37
C ALA B 1053 27.38 -7.24 -21.79
N PRO B 1054 27.59 -7.84 -20.63
CA PRO B 1054 26.50 -8.57 -19.97
C PRO B 1054 25.37 -7.63 -19.55
N HIS B 1055 24.20 -7.85 -20.16
CA HIS B 1055 22.97 -7.08 -19.92
C HIS B 1055 23.16 -5.59 -20.22
N GLY B 1056 23.96 -5.27 -21.22
CA GLY B 1056 24.20 -3.87 -21.52
C GLY B 1056 25.11 -3.71 -22.72
N VAL B 1057 25.39 -2.45 -23.04
CA VAL B 1057 26.25 -2.09 -24.16
C VAL B 1057 27.26 -1.06 -23.65
N VAL B 1058 28.48 -1.11 -24.18
CA VAL B 1058 29.54 -0.18 -23.84
C VAL B 1058 29.96 0.55 -25.11
N PHE B 1059 29.90 1.88 -25.09
CA PHE B 1059 30.32 2.70 -26.21
C PHE B 1059 31.70 3.26 -25.94
N LEU B 1060 32.54 3.28 -26.97
CA LEU B 1060 33.85 3.90 -26.90
C LEU B 1060 33.83 5.17 -27.74
N HIS B 1061 33.54 6.29 -27.10
CA HIS B 1061 33.32 7.56 -27.78
C HIS B 1061 34.64 8.21 -28.11
N VAL B 1062 34.96 8.30 -29.40
CA VAL B 1062 36.16 8.97 -29.88
C VAL B 1062 35.83 10.44 -30.07
N THR B 1063 36.47 11.30 -29.27
CA THR B 1063 36.20 12.72 -29.31
C THR B 1063 37.47 13.49 -29.62
N TYR B 1064 37.29 14.72 -30.07
CA TYR B 1064 38.37 15.64 -30.38
C TYR B 1064 38.43 16.68 -29.27
N VAL B 1065 39.57 16.76 -28.59
CA VAL B 1065 39.78 17.69 -27.49
C VAL B 1065 40.84 18.69 -27.92
N PRO B 1066 40.54 20.00 -27.92
CA PRO B 1066 41.58 21.00 -28.19
C PRO B 1066 42.63 21.03 -27.08
N ALA B 1067 43.85 21.42 -27.46
CA ALA B 1067 44.94 21.48 -26.50
C ALA B 1067 45.96 22.50 -26.96
N GLN B 1068 46.76 22.98 -25.99
CA GLN B 1068 47.90 23.89 -26.19
C GLN B 1068 47.46 25.20 -26.87
N GLU B 1069 46.63 25.96 -26.17
CA GLU B 1069 46.12 27.19 -26.73
C GLU B 1069 47.07 28.36 -26.47
N LYS B 1070 46.92 29.40 -27.29
CA LYS B 1070 47.71 30.62 -27.19
C LYS B 1070 46.78 31.82 -27.23
N ASN B 1071 47.18 32.89 -26.54
CA ASN B 1071 46.43 34.14 -26.55
C ASN B 1071 46.76 34.91 -27.82
N PHE B 1072 45.72 35.41 -28.50
CA PHE B 1072 45.88 36.24 -29.68
C PHE B 1072 45.00 37.46 -29.59
N THR B 1073 45.49 38.58 -30.10
CA THR B 1073 44.68 39.79 -30.20
C THR B 1073 43.77 39.68 -31.41
N THR B 1074 42.47 39.88 -31.19
CA THR B 1074 41.47 39.67 -32.23
C THR B 1074 40.79 40.99 -32.58
N ALA B 1075 40.00 40.93 -33.66
CA ALA B 1075 39.22 42.07 -34.10
C ALA B 1075 37.99 41.54 -34.82
N PRO B 1076 36.85 42.21 -34.70
CA PRO B 1076 35.66 41.76 -35.45
C PRO B 1076 35.76 41.97 -36.95
N ALA B 1077 36.47 43.00 -37.41
CA ALA B 1077 36.53 43.28 -38.83
C ALA B 1077 37.82 44.01 -39.15
N ILE B 1078 38.17 43.98 -40.45
CA ILE B 1078 39.35 44.67 -40.97
C ILE B 1078 38.87 45.77 -41.90
N CYS B 1079 39.36 46.98 -41.69
CA CYS B 1079 39.02 48.13 -42.54
C CYS B 1079 40.16 48.37 -43.52
N HIS B 1080 39.92 48.13 -44.80
CA HIS B 1080 40.96 48.24 -45.81
C HIS B 1080 41.06 49.63 -46.43
N ASP B 1081 40.00 50.07 -47.09
CA ASP B 1081 39.97 51.37 -47.75
C ASP B 1081 38.61 52.04 -47.64
N GLY B 1082 37.89 51.78 -46.56
CA GLY B 1082 36.52 52.21 -46.39
C GLY B 1082 35.53 51.06 -46.32
N LYS B 1083 35.90 49.90 -46.83
CA LYS B 1083 35.05 48.72 -46.74
C LYS B 1083 35.38 47.93 -45.47
N ALA B 1084 34.36 47.28 -44.92
CA ALA B 1084 34.52 46.43 -43.75
C ALA B 1084 34.59 44.98 -44.20
N HIS B 1085 35.60 44.27 -43.71
CA HIS B 1085 35.88 42.91 -44.14
C HIS B 1085 35.62 41.94 -42.99
N PHE B 1086 34.82 40.91 -43.24
CA PHE B 1086 34.47 39.93 -42.23
C PHE B 1086 34.90 38.54 -42.69
N PRO B 1087 35.29 37.64 -41.77
CA PRO B 1087 35.77 36.33 -42.20
C PRO B 1087 34.65 35.44 -42.73
N ARG B 1088 34.94 34.72 -43.81
CA ARG B 1088 33.96 33.80 -44.36
C ARG B 1088 33.78 32.58 -43.46
N GLU B 1089 34.87 32.00 -42.98
CA GLU B 1089 34.83 30.80 -42.17
C GLU B 1089 35.64 30.88 -40.89
N GLY B 1090 36.52 31.86 -40.75
CA GLY B 1090 37.48 31.87 -39.67
C GLY B 1090 37.35 33.05 -38.74
N VAL B 1091 38.50 33.57 -38.33
CA VAL B 1091 38.61 34.58 -37.30
C VAL B 1091 39.86 35.42 -37.53
N PHE B 1092 39.77 36.73 -37.31
CA PHE B 1092 40.92 37.60 -37.41
C PHE B 1092 41.71 37.55 -36.11
N VAL B 1093 42.99 37.16 -36.19
CA VAL B 1093 43.87 37.15 -35.03
C VAL B 1093 45.14 37.90 -35.37
N SER B 1094 45.86 38.31 -34.32
CA SER B 1094 47.11 39.02 -34.48
C SER B 1094 48.15 38.43 -33.55
N ASN B 1095 49.38 38.35 -34.03
CA ASN B 1095 50.52 37.96 -33.22
C ASN B 1095 51.22 39.16 -32.58
N GLY B 1096 50.64 40.35 -32.69
CA GLY B 1096 51.23 41.57 -32.20
C GLY B 1096 51.72 42.50 -33.29
N THR B 1097 52.09 41.97 -34.44
CA THR B 1097 52.57 42.76 -35.56
C THR B 1097 51.70 42.64 -36.80
N HIS B 1098 51.32 41.42 -37.17
CA HIS B 1098 50.56 41.17 -38.38
C HIS B 1098 49.23 40.50 -38.03
N TRP B 1099 48.23 40.71 -38.89
CA TRP B 1099 46.92 40.10 -38.71
C TRP B 1099 46.74 38.95 -39.70
N PHE B 1100 46.04 37.91 -39.26
CA PHE B 1100 45.85 36.72 -40.06
C PHE B 1100 44.41 36.23 -39.92
N VAL B 1101 44.01 35.36 -40.85
CA VAL B 1101 42.79 34.58 -40.74
C VAL B 1101 43.18 33.14 -40.44
N THR B 1102 42.63 32.60 -39.36
CA THR B 1102 42.81 31.20 -39.02
C THR B 1102 41.45 30.57 -38.79
N GLN B 1103 41.38 29.25 -38.95
CA GLN B 1103 40.16 28.53 -38.66
C GLN B 1103 39.91 28.49 -37.15
N ARG B 1104 38.67 28.22 -36.78
CA ARG B 1104 38.18 28.59 -35.45
C ARG B 1104 38.68 27.65 -34.36
N ASN B 1105 38.89 26.38 -34.71
CA ASN B 1105 39.23 25.36 -33.72
C ASN B 1105 40.67 24.86 -33.82
N PHE B 1106 41.50 25.52 -34.62
CA PHE B 1106 42.89 25.10 -34.80
C PHE B 1106 43.67 26.30 -35.31
N TYR B 1107 44.84 26.56 -34.74
CA TYR B 1107 45.60 27.72 -35.18
C TYR B 1107 46.32 27.39 -36.49
N GLU B 1108 45.92 28.08 -37.56
CA GLU B 1108 46.50 27.92 -38.88
C GLU B 1108 46.43 29.27 -39.57
N PRO B 1109 47.42 30.15 -39.38
CA PRO B 1109 47.30 31.52 -39.86
C PRO B 1109 47.46 31.63 -41.37
N GLN B 1110 46.64 32.47 -41.98
CA GLN B 1110 46.64 32.70 -43.42
C GLN B 1110 46.64 34.19 -43.68
N ILE B 1111 47.14 34.58 -44.85
CA ILE B 1111 47.14 35.98 -45.26
C ILE B 1111 45.72 36.42 -45.55
N ILE B 1112 45.35 37.60 -45.03
CA ILE B 1112 44.01 38.14 -45.22
C ILE B 1112 43.83 38.52 -46.68
N THR B 1113 43.06 37.74 -47.42
CA THR B 1113 42.75 38.03 -48.82
C THR B 1113 41.25 38.27 -48.97
N THR B 1114 40.86 38.64 -50.20
CA THR B 1114 39.44 38.72 -50.51
C THR B 1114 38.81 37.36 -50.74
N ASP B 1115 39.62 36.31 -50.87
CA ASP B 1115 39.10 34.95 -50.89
C ASP B 1115 38.75 34.45 -49.50
N ASN B 1116 39.45 34.93 -48.47
CA ASN B 1116 39.15 34.55 -47.09
C ASN B 1116 38.06 35.40 -46.47
N THR B 1117 37.88 36.63 -46.93
CA THR B 1117 36.96 37.58 -46.32
C THR B 1117 35.83 37.95 -47.27
N PHE B 1118 34.78 38.54 -46.71
CA PHE B 1118 33.70 39.12 -47.50
C PHE B 1118 33.45 40.54 -47.00
N VAL B 1119 32.86 41.34 -47.88
CA VAL B 1119 32.69 42.77 -47.66
C VAL B 1119 31.22 43.05 -47.36
N SER B 1120 30.96 43.77 -46.27
CA SER B 1120 29.61 44.21 -45.94
C SER B 1120 29.69 45.55 -45.22
N GLY B 1121 29.01 46.55 -45.78
CA GLY B 1121 28.95 47.85 -45.14
C GLY B 1121 30.24 48.63 -45.26
N ASN B 1122 30.40 49.58 -44.34
CA ASN B 1122 31.60 50.42 -44.29
C ASN B 1122 32.20 50.33 -42.89
N CYS B 1123 33.24 51.14 -42.66
CA CYS B 1123 34.02 51.04 -41.43
C CYS B 1123 33.44 51.86 -40.28
N ASP B 1124 32.34 52.58 -40.51
CA ASP B 1124 31.84 53.52 -39.51
C ASP B 1124 30.87 52.90 -38.51
N VAL B 1125 30.45 51.65 -38.72
CA VAL B 1125 29.38 51.05 -37.93
C VAL B 1125 29.84 49.88 -37.08
N VAL B 1126 31.03 49.34 -37.29
CA VAL B 1126 31.50 48.16 -36.59
C VAL B 1126 32.36 48.62 -35.40
N ILE B 1127 31.99 48.18 -34.21
CA ILE B 1127 32.71 48.56 -33.00
C ILE B 1127 33.92 47.64 -32.85
N GLY B 1128 35.10 48.22 -32.80
CA GLY B 1128 36.32 47.46 -32.65
C GLY B 1128 37.05 47.14 -33.94
N ILE B 1129 36.65 47.74 -35.07
CA ILE B 1129 37.30 47.49 -36.34
C ILE B 1129 38.70 48.10 -36.33
N VAL B 1130 39.63 47.44 -37.00
CA VAL B 1130 41.02 47.89 -37.06
C VAL B 1130 41.44 48.03 -38.52
N ASN B 1131 42.49 48.81 -38.75
CA ASN B 1131 42.95 49.08 -40.10
C ASN B 1131 44.13 48.17 -40.45
N ASN B 1132 43.96 47.38 -41.51
CA ASN B 1132 45.06 46.60 -42.07
C ASN B 1132 44.74 46.34 -43.53
N THR B 1133 45.79 46.03 -44.30
CA THR B 1133 45.68 45.78 -45.73
C THR B 1133 45.14 44.39 -45.98
N VAL B 1134 44.04 44.31 -46.71
CA VAL B 1134 43.51 43.05 -47.24
C VAL B 1134 44.18 42.82 -48.59
N TYR B 1135 44.88 41.70 -48.71
CA TYR B 1135 45.64 41.38 -49.90
C TYR B 1135 44.71 41.06 -51.07
N ASP B 1136 45.02 41.57 -52.25
CA ASP B 1136 44.21 41.29 -53.43
C ASP B 1136 44.94 40.19 -54.19
N PRO B 1137 44.37 38.99 -54.32
CA PRO B 1137 45.09 37.89 -54.97
C PRO B 1137 45.14 37.98 -56.48
N LEU B 1138 44.35 38.85 -57.10
CA LEU B 1138 44.29 38.97 -58.55
C LEU B 1138 45.15 40.12 -59.07
N GLN B 1139 45.47 41.08 -58.20
CA GLN B 1139 46.32 42.21 -58.53
C GLN B 1139 47.74 41.86 -59.01
N PRO B 1140 48.46 40.86 -58.46
CA PRO B 1140 49.78 40.56 -59.06
C PRO B 1140 49.74 39.93 -60.45
N GLU B 1141 48.57 39.58 -60.98
CA GLU B 1141 48.53 39.08 -62.35
C GLU B 1141 48.20 40.18 -63.37
N LEU B 1142 47.86 41.39 -62.91
CA LEU B 1142 47.63 42.46 -63.87
C LEU B 1142 48.90 43.25 -64.17
N ASP B 1143 49.75 43.47 -63.16
CA ASP B 1143 51.00 44.18 -63.39
C ASP B 1143 52.02 43.29 -64.11
N SER B 1144 51.91 41.98 -63.95
CA SER B 1144 52.79 41.04 -64.63
C SER B 1144 52.31 40.77 -66.06
N ASN C 17 -38.05 -64.24 -15.71
CA ASN C 17 -37.94 -64.85 -17.02
C ASN C 17 -36.47 -65.09 -17.39
N LEU C 18 -36.17 -66.32 -17.81
CA LEU C 18 -34.83 -66.71 -18.23
C LEU C 18 -34.88 -67.14 -19.69
N THR C 19 -34.30 -66.33 -20.57
CA THR C 19 -34.25 -66.61 -21.99
C THR C 19 -32.80 -66.75 -22.42
N THR C 20 -32.62 -67.22 -23.66
CA THR C 20 -31.30 -67.38 -24.26
C THR C 20 -31.20 -66.49 -25.50
N ARG C 21 -30.09 -65.78 -25.61
CA ARG C 21 -29.86 -64.84 -26.70
C ARG C 21 -28.48 -65.09 -27.30
N THR C 22 -28.29 -64.53 -28.49
CA THR C 22 -26.95 -64.43 -29.07
C THR C 22 -26.11 -63.50 -28.20
N GLN C 23 -24.82 -63.86 -28.03
CA GLN C 23 -23.94 -63.15 -27.09
C GLN C 23 -23.73 -61.70 -27.48
N LEU C 24 -23.42 -61.45 -28.78
CA LEU C 24 -23.22 -60.14 -29.39
C LEU C 24 -22.21 -59.28 -28.63
N PRO C 25 -20.91 -59.55 -28.77
CA PRO C 25 -19.89 -58.79 -28.00
C PRO C 25 -19.85 -57.33 -28.40
N PRO C 26 -19.54 -56.43 -27.46
CA PRO C 26 -19.57 -55.00 -27.78
C PRO C 26 -18.38 -54.56 -28.61
N ALA C 27 -18.55 -53.41 -29.27
CA ALA C 27 -17.50 -52.75 -30.02
C ALA C 27 -17.20 -51.39 -29.40
N TYR C 28 -16.04 -50.85 -29.74
CA TYR C 28 -15.57 -49.58 -29.20
C TYR C 28 -15.45 -48.58 -30.34
N THR C 29 -15.86 -47.35 -30.10
CA THR C 29 -15.80 -46.29 -31.11
C THR C 29 -15.58 -44.94 -30.43
N ASN C 30 -15.48 -43.90 -31.25
CA ASN C 30 -15.14 -42.57 -30.80
C ASN C 30 -16.40 -41.75 -30.56
N SER C 31 -16.24 -40.64 -29.83
CA SER C 31 -17.33 -39.68 -29.61
C SER C 31 -16.70 -38.30 -29.63
N PHE C 32 -17.00 -37.52 -30.67
CA PHE C 32 -16.16 -36.36 -30.98
C PHE C 32 -16.50 -35.15 -30.13
N THR C 33 -17.73 -34.63 -30.26
CA THR C 33 -18.15 -33.41 -29.56
C THR C 33 -19.46 -33.60 -28.81
N ARG C 34 -19.81 -34.82 -28.43
CA ARG C 34 -21.06 -35.08 -27.74
C ARG C 34 -20.86 -35.08 -26.23
N GLY C 35 -21.98 -35.07 -25.52
CA GLY C 35 -21.99 -35.23 -24.08
C GLY C 35 -21.93 -33.96 -23.24
N VAL C 36 -22.26 -32.81 -23.83
CA VAL C 36 -22.22 -31.53 -23.10
C VAL C 36 -23.64 -31.03 -22.92
N TYR C 37 -23.97 -30.70 -21.67
CA TYR C 37 -25.33 -30.31 -21.29
C TYR C 37 -25.28 -28.93 -20.64
N TYR C 38 -26.43 -28.52 -20.15
CA TYR C 38 -26.53 -27.25 -19.42
C TYR C 38 -26.25 -27.53 -17.95
N PRO C 39 -25.15 -27.00 -17.38
CA PRO C 39 -24.74 -27.43 -16.05
C PRO C 39 -25.46 -26.74 -14.89
N ASP C 40 -26.32 -25.76 -15.16
CA ASP C 40 -26.92 -24.98 -14.09
C ASP C 40 -28.27 -24.45 -14.54
N LYS C 41 -29.05 -23.97 -13.56
CA LYS C 41 -30.37 -23.39 -13.80
C LYS C 41 -30.29 -21.87 -13.98
N VAL C 42 -29.16 -21.37 -14.45
CA VAL C 42 -28.89 -19.94 -14.53
C VAL C 42 -28.78 -19.56 -16.00
N PHE C 43 -29.53 -18.54 -16.39
CA PHE C 43 -29.47 -18.03 -17.75
C PHE C 43 -28.20 -17.23 -17.96
N ARG C 44 -27.50 -17.50 -19.06
CA ARG C 44 -26.34 -16.75 -19.49
C ARG C 44 -26.43 -16.51 -20.98
N SER C 45 -26.03 -15.31 -21.41
CA SER C 45 -26.11 -14.96 -22.82
C SER C 45 -24.93 -14.09 -23.20
N SER C 46 -24.45 -14.31 -24.44
CA SER C 46 -23.36 -13.56 -25.06
C SER C 46 -22.09 -13.60 -24.22
N VAL C 47 -21.79 -14.76 -23.64
CA VAL C 47 -20.67 -14.91 -22.73
C VAL C 47 -19.95 -16.22 -23.04
N LEU C 48 -18.62 -16.19 -22.91
CA LEU C 48 -17.79 -17.40 -22.93
C LEU C 48 -17.55 -17.80 -21.48
N HIS C 49 -18.35 -18.75 -20.99
CA HIS C 49 -18.35 -19.12 -19.58
C HIS C 49 -17.55 -20.39 -19.37
N SER C 50 -16.66 -20.37 -18.38
CA SER C 50 -15.88 -21.54 -18.01
C SER C 50 -16.40 -22.10 -16.69
N THR C 51 -16.61 -23.41 -16.64
CA THR C 51 -17.11 -24.06 -15.44
C THR C 51 -16.48 -25.44 -15.31
N GLN C 52 -16.53 -25.98 -14.09
CA GLN C 52 -16.06 -27.33 -13.80
C GLN C 52 -17.24 -28.17 -13.36
N ASP C 53 -17.57 -29.18 -14.16
CA ASP C 53 -18.71 -30.05 -13.90
C ASP C 53 -18.40 -31.35 -14.64
N LEU C 54 -19.18 -32.38 -14.34
CA LEU C 54 -19.07 -33.67 -15.02
C LEU C 54 -19.48 -33.49 -16.48
N PHE C 55 -18.54 -33.65 -17.40
CA PHE C 55 -18.85 -33.70 -18.82
C PHE C 55 -18.17 -34.90 -19.45
N LEU C 56 -18.72 -35.34 -20.58
CA LEU C 56 -18.07 -36.35 -21.39
C LEU C 56 -16.79 -35.78 -22.00
N PRO C 57 -15.67 -36.50 -21.95
CA PRO C 57 -14.46 -36.03 -22.64
C PRO C 57 -14.65 -36.03 -24.14
N PHE C 58 -14.17 -34.97 -24.79
CA PHE C 58 -14.16 -34.92 -26.24
C PHE C 58 -13.13 -35.88 -26.80
N PHE C 59 -13.50 -36.53 -27.92
CA PHE C 59 -12.70 -37.54 -28.62
C PHE C 59 -12.30 -38.68 -27.68
N SER C 60 -13.26 -39.16 -26.90
CA SER C 60 -13.05 -40.26 -25.96
C SER C 60 -13.55 -41.56 -26.56
N ASN C 61 -13.30 -42.65 -25.84
CA ASN C 61 -13.72 -43.98 -26.26
C ASN C 61 -15.06 -44.32 -25.64
N VAL C 62 -16.06 -44.58 -26.47
CA VAL C 62 -17.37 -45.03 -26.02
C VAL C 62 -17.61 -46.43 -26.58
N THR C 63 -18.47 -47.17 -25.88
CA THR C 63 -18.68 -48.58 -26.16
C THR C 63 -20.01 -48.75 -26.88
N TRP C 64 -19.97 -49.42 -28.03
CA TRP C 64 -21.14 -49.64 -28.86
C TRP C 64 -21.72 -51.03 -28.60
N PHE C 65 -23.04 -51.13 -28.67
CA PHE C 65 -23.75 -52.38 -28.47
C PHE C 65 -24.78 -52.57 -29.58
N HIS C 66 -25.13 -53.82 -29.82
CA HIS C 66 -26.10 -54.17 -30.87
C HIS C 66 -27.51 -53.80 -30.45
N ASP C 78 -25.37 -56.76 -26.82
CA ASP C 78 -26.83 -56.71 -26.83
C ASP C 78 -27.33 -55.85 -25.68
N ASN C 79 -27.43 -56.43 -24.49
CA ASN C 79 -27.76 -55.71 -23.26
C ASN C 79 -27.13 -56.39 -22.05
N PRO C 80 -25.83 -56.19 -21.81
CA PRO C 80 -25.19 -56.82 -20.65
C PRO C 80 -25.31 -55.98 -19.39
N VAL C 81 -24.51 -56.36 -18.41
CA VAL C 81 -24.40 -55.61 -17.17
C VAL C 81 -23.40 -54.48 -17.34
N LEU C 82 -23.85 -53.22 -17.10
CA LEU C 82 -22.93 -52.10 -17.29
C LEU C 82 -22.87 -51.23 -16.03
N PRO C 83 -21.67 -50.93 -15.55
CA PRO C 83 -21.52 -50.13 -14.32
C PRO C 83 -21.81 -48.66 -14.55
N PHE C 84 -22.26 -48.00 -13.49
CA PHE C 84 -22.58 -46.57 -13.46
C PHE C 84 -21.40 -45.86 -12.81
N ASN C 85 -20.46 -45.40 -13.63
CA ASN C 85 -19.21 -44.81 -13.15
C ASN C 85 -19.39 -43.30 -12.94
N ASP C 86 -20.18 -42.97 -11.90
CA ASP C 86 -20.48 -41.61 -11.47
C ASP C 86 -21.10 -40.77 -12.59
N GLY C 87 -21.96 -41.40 -13.38
CA GLY C 87 -22.58 -40.70 -14.50
C GLY C 87 -22.37 -41.50 -15.77
N VAL C 88 -23.42 -41.56 -16.58
CA VAL C 88 -23.37 -42.24 -17.87
C VAL C 88 -23.90 -41.31 -18.96
N TYR C 89 -23.16 -41.21 -20.05
CA TYR C 89 -23.69 -40.61 -21.27
C TYR C 89 -24.24 -41.73 -22.12
N PHE C 90 -25.34 -41.46 -22.81
CA PHE C 90 -25.99 -42.46 -23.64
C PHE C 90 -26.32 -41.84 -24.98
N ALA C 91 -26.23 -42.62 -26.05
CA ALA C 91 -26.68 -42.21 -27.36
C ALA C 91 -27.31 -43.40 -28.06
N SER C 92 -28.36 -43.13 -28.84
CA SER C 92 -29.05 -44.20 -29.54
C SER C 92 -29.63 -43.69 -30.84
N ILE C 93 -29.45 -44.48 -31.90
CA ILE C 93 -30.09 -44.25 -33.19
C ILE C 93 -31.11 -45.37 -33.40
N GLU C 94 -32.38 -45.05 -33.20
CA GLU C 94 -33.44 -46.04 -33.29
C GLU C 94 -34.57 -45.51 -34.17
N LYS C 95 -34.96 -46.30 -35.16
CA LYS C 95 -36.08 -45.94 -36.03
C LYS C 95 -37.43 -46.04 -35.32
N SER C 96 -37.55 -46.94 -34.34
CA SER C 96 -38.73 -47.02 -33.50
C SER C 96 -38.27 -47.35 -32.09
N ASN C 97 -39.21 -47.43 -31.17
CA ASN C 97 -38.88 -47.67 -29.76
C ASN C 97 -38.50 -49.13 -29.57
N ILE C 98 -37.26 -49.45 -29.93
CA ILE C 98 -36.72 -50.78 -29.64
C ILE C 98 -36.43 -50.91 -28.15
N ILE C 99 -35.75 -49.93 -27.58
CA ILE C 99 -35.57 -49.82 -26.14
C ILE C 99 -36.64 -48.89 -25.60
N ARG C 100 -37.52 -49.42 -24.75
CA ARG C 100 -38.69 -48.68 -24.30
C ARG C 100 -38.58 -48.27 -22.83
N GLY C 101 -37.37 -48.06 -22.32
CA GLY C 101 -37.23 -47.59 -20.96
C GLY C 101 -35.86 -47.91 -20.39
N TRP C 102 -35.76 -47.71 -19.07
CA TRP C 102 -34.49 -47.80 -18.36
C TRP C 102 -34.60 -48.55 -17.04
N ILE C 103 -33.47 -49.13 -16.65
CA ILE C 103 -33.28 -49.79 -15.35
C ILE C 103 -32.04 -49.21 -14.70
N PHE C 104 -32.21 -48.57 -13.55
CA PHE C 104 -31.09 -48.08 -12.75
C PHE C 104 -31.18 -48.66 -11.36
N GLY C 105 -30.07 -48.64 -10.63
CA GLY C 105 -30.06 -49.10 -9.26
C GLY C 105 -28.66 -49.57 -8.86
N THR C 106 -28.61 -50.24 -7.71
CA THR C 106 -27.39 -50.91 -7.28
C THR C 106 -27.32 -52.36 -7.73
N THR C 107 -28.37 -52.87 -8.36
CA THR C 107 -28.49 -54.30 -8.63
C THR C 107 -29.55 -54.52 -9.71
N LEU C 108 -29.70 -55.79 -10.09
CA LEU C 108 -30.86 -56.27 -10.83
C LEU C 108 -31.81 -57.05 -9.95
N ASP C 109 -31.32 -57.59 -8.83
CA ASP C 109 -32.11 -58.51 -8.00
C ASP C 109 -31.66 -58.37 -6.55
N SER C 110 -32.58 -58.73 -5.65
CA SER C 110 -32.39 -58.96 -4.21
C SER C 110 -32.05 -57.72 -3.40
N LYS C 111 -32.32 -56.51 -3.91
CA LYS C 111 -32.22 -55.30 -3.11
C LYS C 111 -33.43 -54.41 -3.38
N THR C 112 -33.58 -53.38 -2.55
CA THR C 112 -34.70 -52.45 -2.63
C THR C 112 -34.33 -51.12 -3.24
N GLN C 113 -33.18 -51.02 -3.92
CA GLN C 113 -32.73 -49.77 -4.54
C GLN C 113 -32.75 -49.97 -6.05
N SER C 114 -33.80 -49.46 -6.69
CA SER C 114 -33.94 -49.61 -8.13
C SER C 114 -34.76 -48.47 -8.70
N LEU C 115 -34.30 -47.91 -9.81
CA LEU C 115 -35.00 -46.87 -10.55
C LEU C 115 -35.51 -47.46 -11.86
N LEU C 116 -36.82 -47.48 -12.04
CA LEU C 116 -37.44 -48.05 -13.23
C LEU C 116 -38.05 -46.94 -14.07
N ILE C 117 -37.67 -46.88 -15.34
CA ILE C 117 -38.26 -46.00 -16.34
C ILE C 117 -38.83 -46.89 -17.44
N VAL C 118 -40.08 -46.65 -17.83
CA VAL C 118 -40.71 -47.34 -18.94
C VAL C 118 -41.41 -46.32 -19.82
N ASN C 119 -41.72 -46.73 -21.05
CA ASN C 119 -42.40 -45.86 -22.03
C ASN C 119 -43.87 -46.27 -22.16
N ASN C 120 -44.69 -45.71 -21.26
CA ASN C 120 -46.13 -45.91 -21.35
C ASN C 120 -46.89 -44.64 -21.69
N ALA C 121 -46.24 -43.48 -21.54
CA ALA C 121 -46.78 -42.15 -21.92
C ALA C 121 -48.08 -41.83 -21.17
N THR C 122 -48.03 -41.91 -19.84
CA THR C 122 -49.13 -41.48 -18.98
C THR C 122 -48.54 -40.45 -18.03
N ASN C 123 -49.23 -40.11 -16.94
CA ASN C 123 -48.88 -38.96 -16.11
C ASN C 123 -48.51 -39.43 -14.70
N VAL C 124 -47.64 -40.46 -14.62
CA VAL C 124 -47.25 -41.06 -13.36
C VAL C 124 -45.75 -40.88 -13.16
N VAL C 125 -45.37 -40.40 -11.98
CA VAL C 125 -43.99 -40.14 -11.59
C VAL C 125 -43.56 -41.34 -10.72
N ILE C 126 -42.25 -41.50 -10.50
CA ILE C 126 -41.72 -42.63 -9.74
C ILE C 126 -41.49 -42.22 -8.28
N LYS C 127 -41.86 -43.13 -7.37
CA LYS C 127 -41.25 -43.22 -6.05
C LYS C 127 -40.37 -44.46 -6.05
N VAL C 128 -39.16 -44.33 -5.51
CA VAL C 128 -38.18 -45.42 -5.59
C VAL C 128 -38.63 -46.60 -4.73
N CYS C 129 -38.46 -47.81 -5.27
CA CYS C 129 -39.00 -49.03 -4.67
C CYS C 129 -38.06 -50.19 -4.97
N GLU C 130 -38.57 -51.41 -4.77
CA GLU C 130 -37.72 -52.59 -4.83
C GLU C 130 -37.44 -53.01 -6.27
N PHE C 131 -38.51 -53.24 -7.05
CA PHE C 131 -38.46 -53.57 -8.48
C PHE C 131 -37.63 -54.81 -8.84
N GLN C 132 -38.08 -55.98 -8.40
CA GLN C 132 -37.42 -57.24 -8.75
C GLN C 132 -37.67 -57.58 -10.22
N PHE C 133 -36.59 -57.61 -11.00
CA PHE C 133 -36.66 -57.74 -12.45
C PHE C 133 -36.22 -59.11 -12.94
N CYS C 134 -36.55 -59.38 -14.20
CA CYS C 134 -36.08 -60.55 -14.91
C CYS C 134 -34.72 -60.29 -15.53
N ASN C 135 -34.11 -61.35 -16.07
CA ASN C 135 -32.82 -61.26 -16.72
C ASN C 135 -32.92 -60.91 -18.19
N ASP C 136 -34.14 -60.80 -18.74
CA ASP C 136 -34.34 -60.28 -20.09
C ASP C 136 -35.68 -59.53 -20.12
N PRO C 137 -35.69 -58.26 -19.70
CA PRO C 137 -36.94 -57.50 -19.70
C PRO C 137 -37.42 -57.17 -21.10
N PHE C 138 -38.74 -57.05 -21.25
CA PHE C 138 -39.36 -56.86 -22.55
C PHE C 138 -40.76 -56.27 -22.36
N LEU C 139 -41.16 -55.38 -23.26
CA LEU C 139 -42.50 -54.82 -23.26
C LEU C 139 -43.10 -54.85 -24.66
N ASP C 140 -44.42 -54.88 -24.72
CA ASP C 140 -45.15 -54.70 -25.98
C ASP C 140 -46.08 -53.51 -25.88
N GLU C 151 -49.21 -54.35 -19.26
CA GLU C 151 -47.96 -55.00 -19.63
C GLU C 151 -47.00 -55.01 -18.44
N PHE C 152 -46.50 -56.19 -18.08
CA PHE C 152 -45.74 -56.39 -16.85
C PHE C 152 -44.45 -57.16 -17.03
N ARG C 153 -44.03 -57.46 -18.25
CA ARG C 153 -42.96 -58.42 -18.48
C ARG C 153 -41.56 -57.82 -18.35
N VAL C 154 -41.48 -56.54 -17.94
CA VAL C 154 -40.20 -55.98 -17.55
C VAL C 154 -39.73 -56.57 -16.22
N TYR C 155 -40.65 -56.98 -15.36
CA TYR C 155 -40.33 -57.45 -14.03
C TYR C 155 -40.87 -58.86 -13.79
N SER C 156 -40.30 -59.51 -12.76
CA SER C 156 -40.84 -60.77 -12.27
C SER C 156 -41.81 -60.57 -11.12
N SER C 157 -41.51 -59.63 -10.21
CA SER C 157 -42.37 -59.35 -9.07
C SER C 157 -42.15 -57.94 -8.55
N ALA C 158 -43.11 -57.05 -8.76
CA ALA C 158 -42.98 -55.66 -8.31
C ALA C 158 -43.53 -55.52 -6.88
N ASN C 159 -42.87 -56.22 -5.96
CA ASN C 159 -43.24 -56.16 -4.56
C ASN C 159 -42.73 -54.85 -3.96
N ASN C 160 -43.56 -54.27 -3.08
CA ASN C 160 -43.34 -52.98 -2.43
C ASN C 160 -43.18 -51.85 -3.45
N CYS C 161 -43.84 -51.98 -4.59
CA CYS C 161 -43.76 -51.01 -5.68
C CYS C 161 -45.12 -50.35 -5.87
N THR C 162 -45.13 -49.02 -5.87
CA THR C 162 -46.37 -48.25 -5.95
C THR C 162 -46.42 -47.21 -7.05
N PHE C 163 -45.28 -46.76 -7.58
CA PHE C 163 -45.24 -45.46 -8.25
C PHE C 163 -44.05 -45.43 -9.18
N GLU C 164 -44.29 -45.32 -10.50
CA GLU C 164 -43.28 -45.50 -11.54
C GLU C 164 -43.29 -44.33 -12.53
N TYR C 165 -42.14 -44.09 -13.16
CA TYR C 165 -41.96 -42.91 -14.01
C TYR C 165 -42.25 -43.21 -15.47
N VAL C 166 -43.16 -42.41 -16.05
CA VAL C 166 -43.35 -42.28 -17.49
C VAL C 166 -43.51 -40.80 -17.81
N SER C 167 -43.34 -40.47 -19.10
CA SER C 167 -43.58 -39.14 -19.62
C SER C 167 -43.76 -39.23 -21.13
N GLN C 168 -44.52 -38.28 -21.69
CA GLN C 168 -44.81 -38.31 -23.13
C GLN C 168 -43.67 -37.75 -23.99
N PRO C 169 -43.07 -36.56 -23.74
CA PRO C 169 -41.98 -36.14 -24.64
C PRO C 169 -40.65 -36.79 -24.33
N PHE C 170 -40.57 -37.58 -23.25
CA PHE C 170 -39.29 -38.11 -22.80
C PHE C 170 -38.76 -39.19 -23.74
N LEU C 171 -39.65 -40.04 -24.26
CA LEU C 171 -39.29 -41.08 -25.23
C LEU C 171 -40.24 -41.01 -26.42
N MET C 172 -39.82 -40.29 -27.46
CA MET C 172 -40.52 -40.27 -28.72
C MET C 172 -39.73 -41.06 -29.76
N ASP C 173 -40.34 -41.24 -30.94
CA ASP C 173 -39.68 -41.98 -32.01
C ASP C 173 -38.64 -41.14 -32.73
N PHE C 181 -31.80 -41.04 -43.17
CA PHE C 181 -31.90 -41.65 -41.86
C PHE C 181 -32.50 -40.66 -40.86
N LYS C 182 -32.74 -41.12 -39.63
CA LYS C 182 -33.51 -40.31 -38.68
C LYS C 182 -33.22 -40.76 -37.24
N ASN C 183 -33.57 -39.87 -36.30
CA ASN C 183 -33.79 -40.18 -34.88
C ASN C 183 -32.55 -40.70 -34.15
N LEU C 184 -31.58 -39.80 -33.91
CA LEU C 184 -30.66 -40.01 -32.80
C LEU C 184 -31.27 -39.49 -31.51
N ARG C 185 -30.92 -40.12 -30.40
CA ARG C 185 -31.45 -39.81 -29.09
C ARG C 185 -30.32 -39.91 -28.08
N GLU C 186 -30.14 -38.89 -27.25
CA GLU C 186 -29.07 -38.92 -26.29
C GLU C 186 -29.54 -38.42 -24.93
N PHE C 187 -29.06 -39.07 -23.87
CA PHE C 187 -29.30 -38.64 -22.51
C PHE C 187 -27.99 -38.56 -21.76
N VAL C 188 -28.00 -37.80 -20.67
CA VAL C 188 -26.96 -37.83 -19.64
C VAL C 188 -27.65 -38.15 -18.33
N PHE C 189 -27.25 -39.25 -17.70
CA PHE C 189 -27.80 -39.67 -16.41
C PHE C 189 -26.71 -39.46 -15.36
N LYS C 190 -26.98 -38.58 -14.41
CA LYS C 190 -26.07 -38.37 -13.29
C LYS C 190 -26.87 -38.23 -12.01
N ASN C 191 -26.29 -38.72 -10.91
CA ASN C 191 -26.94 -38.78 -9.60
C ASN C 191 -26.09 -38.01 -8.61
N ILE C 192 -26.30 -36.70 -8.53
CA ILE C 192 -25.54 -35.82 -7.65
C ILE C 192 -26.50 -34.99 -6.81
N ASP C 193 -25.98 -34.53 -5.66
CA ASP C 193 -26.68 -33.65 -4.71
C ASP C 193 -27.97 -34.29 -4.17
N GLY C 194 -27.95 -35.61 -4.02
CA GLY C 194 -29.06 -36.32 -3.41
C GLY C 194 -30.23 -36.62 -4.32
N TYR C 195 -30.18 -36.23 -5.60
CA TYR C 195 -31.27 -36.50 -6.52
C TYR C 195 -30.71 -36.76 -7.91
N PHE C 196 -31.61 -36.97 -8.86
CA PHE C 196 -31.24 -37.54 -10.15
C PHE C 196 -31.68 -36.62 -11.29
N LYS C 197 -30.81 -36.48 -12.29
CA LYS C 197 -31.02 -35.55 -13.39
C LYS C 197 -30.98 -36.31 -14.73
N ILE C 198 -31.83 -35.89 -15.66
CA ILE C 198 -31.81 -36.42 -17.03
C ILE C 198 -31.80 -35.23 -18.00
N TYR C 199 -30.90 -35.28 -18.98
CA TYR C 199 -30.81 -34.26 -20.02
C TYR C 199 -31.23 -34.90 -21.35
N SER C 200 -31.70 -34.08 -22.29
CA SER C 200 -32.31 -34.65 -23.49
C SER C 200 -32.20 -33.69 -24.67
N LYS C 201 -32.29 -34.29 -25.87
CA LYS C 201 -32.34 -33.61 -27.16
C LYS C 201 -32.69 -34.63 -28.23
N HIS C 202 -33.53 -34.23 -29.18
CA HIS C 202 -33.98 -35.09 -30.26
C HIS C 202 -33.74 -34.40 -31.60
N THR C 203 -32.70 -34.83 -32.32
CA THR C 203 -32.35 -34.33 -33.64
C THR C 203 -32.14 -35.52 -34.57
N PRO C 204 -32.35 -35.34 -35.87
CA PRO C 204 -32.10 -36.44 -36.82
C PRO C 204 -30.69 -36.42 -37.40
N ILE C 205 -30.40 -37.44 -38.22
CA ILE C 205 -29.15 -37.57 -38.95
C ILE C 205 -29.41 -37.62 -40.45
N LEU C 206 -28.32 -37.73 -41.20
CA LEU C 206 -28.35 -37.98 -42.64
C LEU C 206 -27.28 -38.98 -43.09
N VAL C 207 -26.53 -39.58 -42.16
CA VAL C 207 -25.32 -40.28 -42.58
C VAL C 207 -25.44 -41.80 -42.47
N ARG C 208 -25.51 -42.33 -41.25
CA ARG C 208 -25.46 -43.78 -41.03
C ARG C 208 -26.20 -44.18 -39.77
N GLU C 209 -27.03 -45.22 -39.90
CA GLU C 209 -27.60 -46.01 -38.81
C GLU C 209 -26.56 -46.77 -37.96
N PRO C 210 -25.57 -47.56 -38.54
CA PRO C 210 -24.65 -48.30 -37.66
C PRO C 210 -23.60 -47.43 -36.97
N GLU C 211 -22.55 -48.07 -36.45
CA GLU C 211 -21.61 -47.48 -35.50
C GLU C 211 -20.80 -46.38 -36.16
N ASP C 212 -21.39 -45.18 -36.19
CA ASP C 212 -20.74 -43.99 -36.74
C ASP C 212 -21.45 -42.78 -36.11
N LEU C 213 -20.84 -42.18 -35.10
CA LEU C 213 -21.44 -40.99 -34.53
C LEU C 213 -21.14 -39.76 -35.40
N PRO C 214 -22.12 -38.88 -35.60
CA PRO C 214 -21.90 -37.69 -36.42
C PRO C 214 -21.15 -36.61 -35.66
N GLN C 215 -20.64 -35.65 -36.42
CA GLN C 215 -19.97 -34.49 -35.89
C GLN C 215 -20.99 -33.38 -35.60
N GLY C 216 -20.49 -32.19 -35.34
CA GLY C 216 -21.35 -31.10 -34.91
C GLY C 216 -21.55 -31.11 -33.40
N PHE C 217 -22.24 -30.09 -32.90
CA PHE C 217 -22.43 -29.91 -31.47
C PHE C 217 -23.92 -29.79 -31.17
N SER C 218 -24.34 -30.33 -30.03
CA SER C 218 -25.70 -30.16 -29.55
C SER C 218 -25.69 -30.16 -28.02
N ALA C 219 -26.28 -29.12 -27.43
CA ALA C 219 -26.31 -28.96 -25.99
C ALA C 219 -27.63 -29.49 -25.44
N LEU C 220 -27.60 -30.03 -24.23
CA LEU C 220 -28.68 -30.86 -23.74
C LEU C 220 -29.40 -30.20 -22.58
N GLU C 221 -30.74 -30.20 -22.65
CA GLU C 221 -31.62 -29.52 -21.70
C GLU C 221 -32.17 -30.48 -20.64
N PRO C 222 -32.26 -30.03 -19.37
CA PRO C 222 -32.77 -30.86 -18.25
C PRO C 222 -34.28 -31.02 -18.23
N LEU C 223 -34.77 -32.02 -18.95
CA LEU C 223 -36.21 -32.25 -19.04
C LEU C 223 -36.77 -32.86 -17.76
N VAL C 224 -36.03 -33.79 -17.14
CA VAL C 224 -36.58 -34.66 -16.10
C VAL C 224 -35.84 -34.40 -14.79
N ASP C 225 -36.60 -34.22 -13.70
CA ASP C 225 -36.06 -34.08 -12.36
C ASP C 225 -36.65 -35.21 -11.50
N LEU C 226 -35.78 -36.07 -10.97
CA LEU C 226 -36.21 -37.17 -10.12
C LEU C 226 -35.58 -37.06 -8.74
N PRO C 227 -36.36 -36.76 -7.68
CA PRO C 227 -35.80 -36.68 -6.33
C PRO C 227 -35.78 -38.02 -5.61
N ILE C 228 -34.89 -38.91 -6.04
CA ILE C 228 -34.74 -40.22 -5.42
C ILE C 228 -33.43 -40.28 -4.63
N GLY C 229 -33.51 -40.75 -3.40
CA GLY C 229 -32.35 -40.83 -2.53
C GLY C 229 -31.69 -42.19 -2.46
N ILE C 230 -31.23 -42.72 -3.60
CA ILE C 230 -30.53 -43.99 -3.63
C ILE C 230 -29.22 -43.82 -4.39
N ASN C 231 -28.36 -44.82 -4.25
CA ASN C 231 -27.16 -44.94 -5.07
C ASN C 231 -27.49 -45.72 -6.34
N ILE C 232 -26.75 -45.41 -7.40
CA ILE C 232 -26.82 -46.15 -8.65
C ILE C 232 -25.40 -46.57 -9.03
N THR C 233 -25.18 -47.88 -9.11
CA THR C 233 -23.88 -48.43 -9.47
C THR C 233 -23.90 -49.24 -10.76
N ARG C 234 -25.00 -49.92 -11.09
CA ARG C 234 -25.12 -50.68 -12.32
C ARG C 234 -26.43 -50.29 -13.00
N PHE C 235 -26.48 -50.47 -14.33
CA PHE C 235 -27.70 -50.14 -15.04
C PHE C 235 -27.94 -51.14 -16.16
N GLN C 236 -29.18 -51.17 -16.64
CA GLN C 236 -29.60 -52.01 -17.76
C GLN C 236 -30.43 -51.14 -18.70
N THR C 237 -30.84 -51.73 -19.81
CA THR C 237 -32.04 -51.30 -20.52
C THR C 237 -32.98 -52.48 -20.70
N LEU C 238 -34.10 -52.22 -21.38
CA LEU C 238 -35.18 -53.17 -21.50
C LEU C 238 -35.68 -53.20 -22.94
N LEU C 239 -36.01 -54.41 -23.42
CA LEU C 239 -36.44 -54.60 -24.79
C LEU C 239 -37.96 -54.53 -24.91
N ALA C 261 -28.42 -49.24 -32.79
CA ALA C 261 -27.23 -48.50 -32.38
C ALA C 261 -27.37 -48.02 -30.93
N TYR C 262 -26.48 -48.53 -30.07
CA TYR C 262 -26.56 -48.31 -28.63
C TYR C 262 -25.17 -47.89 -28.15
N TYR C 263 -25.05 -46.66 -27.64
CA TYR C 263 -23.75 -46.09 -27.29
C TYR C 263 -23.71 -45.73 -25.80
N VAL C 264 -22.61 -46.05 -25.14
CA VAL C 264 -22.42 -45.77 -23.72
C VAL C 264 -21.11 -44.99 -23.53
N GLY C 265 -21.22 -43.80 -22.94
CA GLY C 265 -20.07 -43.05 -22.49
C GLY C 265 -20.12 -42.81 -21.00
N TYR C 266 -19.02 -42.28 -20.46
CA TYR C 266 -18.88 -42.10 -19.02
C TYR C 266 -18.40 -40.71 -18.68
N LEU C 267 -18.81 -40.24 -17.51
CA LEU C 267 -18.62 -38.87 -17.07
C LEU C 267 -17.33 -38.70 -16.28
N GLN C 268 -16.69 -37.54 -16.46
CA GLN C 268 -15.39 -37.22 -15.91
C GLN C 268 -15.40 -35.73 -15.59
N PRO C 269 -15.06 -35.33 -14.35
CA PRO C 269 -15.14 -33.90 -13.98
C PRO C 269 -14.07 -33.05 -14.65
N ARG C 270 -14.37 -32.61 -15.87
CA ARG C 270 -13.45 -31.85 -16.70
C ARG C 270 -13.97 -30.43 -16.91
N THR C 271 -13.07 -29.48 -16.94
CA THR C 271 -13.41 -28.09 -17.20
C THR C 271 -13.77 -27.92 -18.66
N PHE C 272 -14.86 -27.22 -18.93
CA PHE C 272 -15.27 -26.85 -20.28
C PHE C 272 -15.59 -25.35 -20.35
N LEU C 273 -15.20 -24.73 -21.45
CA LEU C 273 -15.52 -23.34 -21.72
C LEU C 273 -16.61 -23.28 -22.79
N LEU C 274 -17.79 -22.81 -22.41
CA LEU C 274 -18.98 -22.89 -23.23
C LEU C 274 -19.28 -21.54 -23.86
N LYS C 275 -19.79 -21.55 -25.08
CA LYS C 275 -20.12 -20.33 -25.81
C LYS C 275 -21.63 -20.14 -25.81
N TYR C 276 -22.10 -19.16 -25.02
CA TYR C 276 -23.50 -18.78 -25.00
C TYR C 276 -23.70 -17.66 -26.03
N ASN C 277 -24.73 -17.79 -26.87
CA ASN C 277 -24.99 -16.78 -27.87
C ASN C 277 -25.97 -15.74 -27.33
N GLU C 278 -26.51 -14.90 -28.22
CA GLU C 278 -27.48 -13.87 -27.83
C GLU C 278 -28.81 -14.45 -27.40
N ASN C 279 -29.16 -15.66 -27.86
CA ASN C 279 -30.39 -16.33 -27.45
C ASN C 279 -30.22 -17.13 -26.17
N GLY C 280 -29.02 -17.17 -25.61
CA GLY C 280 -28.79 -17.89 -24.37
C GLY C 280 -28.55 -19.37 -24.51
N THR C 281 -28.45 -19.88 -25.73
CA THR C 281 -28.15 -21.29 -25.94
C THR C 281 -26.67 -21.49 -26.21
N ILE C 282 -26.22 -22.73 -26.06
CA ILE C 282 -24.81 -23.10 -26.15
C ILE C 282 -24.53 -23.57 -27.56
N THR C 283 -23.62 -22.87 -28.26
CA THR C 283 -23.33 -23.17 -29.65
C THR C 283 -22.01 -23.91 -29.86
N ASP C 284 -21.01 -23.68 -29.01
CA ASP C 284 -19.73 -24.37 -29.14
C ASP C 284 -19.09 -24.47 -27.76
N ALA C 285 -18.23 -25.48 -27.62
CA ALA C 285 -17.50 -25.69 -26.37
C ALA C 285 -16.23 -26.46 -26.68
N VAL C 286 -15.21 -26.25 -25.85
CA VAL C 286 -13.94 -26.94 -25.98
C VAL C 286 -13.64 -27.69 -24.69
N ASP C 287 -13.01 -28.86 -24.82
CA ASP C 287 -12.55 -29.62 -23.66
C ASP C 287 -11.23 -28.99 -23.25
N CYS C 288 -11.13 -28.57 -22.00
CA CYS C 288 -10.00 -27.74 -21.59
C CYS C 288 -8.70 -28.51 -21.45
N ALA C 289 -8.75 -29.79 -21.11
CA ALA C 289 -7.55 -30.58 -20.88
C ALA C 289 -7.36 -31.63 -21.96
N LEU C 290 -8.05 -31.46 -23.10
CA LEU C 290 -7.93 -32.41 -24.21
C LEU C 290 -6.59 -32.32 -24.91
N ASP C 291 -6.13 -31.12 -25.20
CA ASP C 291 -4.93 -30.91 -26.01
C ASP C 291 -4.37 -29.53 -25.68
N PRO C 292 -3.06 -29.32 -25.86
CA PRO C 292 -2.47 -28.01 -25.51
C PRO C 292 -3.00 -26.83 -26.31
N LEU C 293 -3.46 -27.03 -27.55
CA LEU C 293 -4.15 -25.96 -28.25
C LEU C 293 -5.47 -25.61 -27.59
N SER C 294 -6.19 -26.62 -27.10
CA SER C 294 -7.46 -26.36 -26.41
C SER C 294 -7.23 -25.70 -25.06
N GLU C 295 -6.13 -26.01 -24.38
CA GLU C 295 -5.84 -25.34 -23.12
C GLU C 295 -5.33 -23.92 -23.36
N THR C 296 -4.69 -23.71 -24.51
CA THR C 296 -4.38 -22.35 -24.95
C THR C 296 -5.67 -21.56 -25.23
N LYS C 297 -6.67 -22.23 -25.81
CA LYS C 297 -7.98 -21.61 -25.99
C LYS C 297 -8.63 -21.30 -24.65
N CYS C 298 -8.40 -22.15 -23.65
CA CYS C 298 -8.90 -21.90 -22.30
C CYS C 298 -8.26 -20.67 -21.68
N THR C 299 -6.93 -20.58 -21.72
CA THR C 299 -6.25 -19.53 -20.95
C THR C 299 -6.38 -18.16 -21.63
N LEU C 300 -6.80 -18.12 -22.89
CA LEU C 300 -7.11 -16.86 -23.56
C LEU C 300 -8.59 -16.53 -23.55
N LYS C 301 -9.43 -17.46 -23.05
CA LYS C 301 -10.89 -17.32 -22.97
C LYS C 301 -11.51 -17.02 -24.33
N SER C 302 -10.99 -17.70 -25.36
CA SER C 302 -11.48 -17.50 -26.72
C SER C 302 -11.25 -18.78 -27.52
N PHE C 303 -12.06 -18.95 -28.57
CA PHE C 303 -11.93 -20.09 -29.46
C PHE C 303 -11.00 -19.81 -30.63
N THR C 304 -10.51 -18.58 -30.76
CA THR C 304 -9.57 -18.21 -31.81
C THR C 304 -8.29 -17.75 -31.14
N VAL C 305 -7.17 -18.36 -31.54
CA VAL C 305 -5.86 -18.10 -30.97
C VAL C 305 -4.97 -17.53 -32.05
N GLU C 306 -4.31 -16.40 -31.76
CA GLU C 306 -3.38 -15.80 -32.70
C GLU C 306 -2.06 -16.56 -32.68
N LYS C 307 -1.21 -16.25 -33.66
CA LYS C 307 0.11 -16.85 -33.74
C LYS C 307 1.01 -16.34 -32.63
N GLY C 308 1.69 -17.25 -31.95
CA GLY C 308 2.62 -16.89 -30.91
C GLY C 308 2.86 -18.05 -29.97
N ILE C 309 3.59 -17.76 -28.89
CA ILE C 309 3.89 -18.72 -27.84
C ILE C 309 3.13 -18.30 -26.59
N TYR C 310 2.46 -19.25 -25.95
CA TYR C 310 1.60 -18.97 -24.80
C TYR C 310 1.92 -19.94 -23.68
N GLN C 311 2.17 -19.39 -22.49
CA GLN C 311 2.37 -20.18 -21.29
C GLN C 311 1.00 -20.55 -20.72
N THR C 312 0.66 -21.83 -20.76
CA THR C 312 -0.67 -22.28 -20.42
C THR C 312 -0.78 -23.08 -19.13
N SER C 313 0.25 -23.85 -18.77
CA SER C 313 0.14 -24.73 -17.62
C SER C 313 1.50 -24.86 -16.95
N ASN C 314 1.59 -25.82 -16.03
CA ASN C 314 2.83 -26.15 -15.36
C ASN C 314 3.03 -27.66 -15.41
N PHE C 315 4.28 -28.07 -15.48
CA PHE C 315 4.68 -29.47 -15.51
C PHE C 315 5.19 -29.84 -14.11
N ARG C 316 4.76 -31.00 -13.61
CA ARG C 316 5.16 -31.47 -12.28
C ARG C 316 4.91 -32.97 -12.17
N VAL C 317 5.98 -33.74 -12.01
CA VAL C 317 5.86 -35.19 -11.90
C VAL C 317 5.31 -35.54 -10.52
N GLN C 318 4.21 -36.34 -10.50
CA GLN C 318 3.54 -36.76 -9.29
C GLN C 318 4.15 -38.05 -8.73
N PRO C 319 4.26 -38.17 -7.42
CA PRO C 319 4.77 -39.42 -6.83
C PRO C 319 3.75 -40.54 -6.90
N THR C 320 4.26 -41.77 -6.84
CA THR C 320 3.40 -42.94 -6.94
C THR C 320 3.33 -43.70 -5.62
N GLU C 321 4.47 -44.08 -5.06
CA GLU C 321 4.48 -44.84 -3.83
C GLU C 321 4.85 -43.94 -2.65
N SER C 322 4.85 -44.52 -1.45
CA SER C 322 5.20 -43.79 -0.24
C SER C 322 6.20 -44.59 0.57
N ILE C 323 7.21 -43.89 1.09
CA ILE C 323 8.24 -44.48 1.93
C ILE C 323 8.23 -43.77 3.28
N VAL C 324 8.00 -44.54 4.34
CA VAL C 324 7.97 -44.04 5.70
C VAL C 324 9.06 -44.75 6.49
N ARG C 325 9.97 -43.97 7.08
CA ARG C 325 11.12 -44.54 7.79
C ARG C 325 11.12 -44.08 9.24
N PHE C 326 11.17 -45.05 10.14
CA PHE C 326 11.40 -44.86 11.57
C PHE C 326 12.41 -45.90 12.03
N PRO C 327 13.22 -45.59 13.06
CA PRO C 327 14.08 -46.62 13.63
C PRO C 327 13.27 -47.71 14.30
N ASN C 328 13.83 -48.93 14.32
CA ASN C 328 13.09 -50.11 14.75
C ASN C 328 13.10 -50.20 16.28
N ILE C 329 12.40 -49.24 16.90
CA ILE C 329 12.20 -49.21 18.35
C ILE C 329 10.70 -49.09 18.59
N THR C 330 10.11 -50.12 19.19
CA THR C 330 8.68 -50.14 19.53
C THR C 330 8.56 -50.32 21.04
N ASN C 331 8.61 -49.20 21.76
CA ASN C 331 8.46 -49.21 23.21
C ASN C 331 7.05 -48.76 23.58
N LEU C 332 6.70 -48.91 24.85
CA LEU C 332 5.38 -48.51 25.34
C LEU C 332 5.51 -47.76 26.65
N CYS C 333 4.81 -46.65 26.75
CA CYS C 333 4.65 -45.91 28.01
C CYS C 333 3.21 -45.42 28.04
N PRO C 334 2.31 -46.21 28.64
CA PRO C 334 0.86 -45.96 28.45
C PRO C 334 0.37 -44.71 29.15
N PHE C 335 -0.76 -44.20 28.64
CA PHE C 335 -1.44 -43.07 29.26
C PHE C 335 -2.28 -43.49 30.45
N ASP C 336 -2.46 -44.80 30.67
CA ASP C 336 -3.48 -45.30 31.58
C ASP C 336 -3.10 -45.13 33.05
N GLU C 337 -1.81 -44.89 33.34
CA GLU C 337 -1.39 -44.84 34.73
C GLU C 337 -1.65 -43.47 35.38
N VAL C 338 -2.09 -42.49 34.61
CA VAL C 338 -2.45 -41.18 35.16
C VAL C 338 -3.95 -40.91 35.08
N PHE C 339 -4.70 -41.70 34.32
CA PHE C 339 -6.15 -41.61 34.26
C PHE C 339 -6.84 -42.64 35.14
N ASN C 340 -6.37 -43.88 35.11
CA ASN C 340 -6.90 -44.95 35.95
C ASN C 340 -6.02 -45.22 37.17
N ALA C 341 -5.41 -44.18 37.73
CA ALA C 341 -4.51 -44.35 38.85
C ALA C 341 -5.27 -44.68 40.13
N THR C 342 -4.63 -45.44 41.01
CA THR C 342 -5.22 -45.72 42.32
C THR C 342 -5.28 -44.46 43.18
N ARG C 343 -4.18 -43.71 43.23
CA ARG C 343 -4.11 -42.46 43.97
C ARG C 343 -3.62 -41.34 43.06
N PHE C 344 -4.09 -40.13 43.35
CA PHE C 344 -3.76 -38.94 42.59
C PHE C 344 -3.12 -37.90 43.49
N ALA C 345 -2.94 -36.70 42.96
CA ALA C 345 -2.34 -35.61 43.70
C ALA C 345 -3.32 -34.47 43.90
N SER C 346 -2.98 -33.57 44.83
CA SER C 346 -3.77 -32.37 45.05
C SER C 346 -3.40 -31.30 44.03
N VAL C 347 -4.16 -30.19 44.04
CA VAL C 347 -3.95 -29.13 43.05
C VAL C 347 -2.65 -28.38 43.33
N TYR C 348 -2.38 -28.10 44.62
CA TYR C 348 -1.16 -27.38 44.97
C TYR C 348 0.06 -28.28 44.89
N ALA C 349 -0.12 -29.59 45.07
CA ALA C 349 1.00 -30.53 45.07
C ALA C 349 0.86 -31.53 43.95
N TRP C 350 0.55 -31.04 42.75
CA TRP C 350 0.36 -31.89 41.58
C TRP C 350 1.66 -32.58 41.18
N ASN C 351 1.55 -33.85 40.82
CA ASN C 351 2.70 -34.70 40.53
C ASN C 351 3.13 -34.51 39.08
N ARG C 352 4.44 -34.38 38.88
CA ARG C 352 5.01 -34.29 37.55
C ARG C 352 5.13 -35.68 36.93
N LYS C 353 4.75 -35.79 35.66
CA LYS C 353 4.80 -37.05 34.94
C LYS C 353 5.18 -36.79 33.49
N ARG C 354 6.19 -37.52 33.02
CA ARG C 354 6.63 -37.45 31.63
C ARG C 354 6.50 -38.83 30.98
N ILE C 355 5.95 -38.86 29.78
CA ILE C 355 5.78 -40.09 29.02
C ILE C 355 7.01 -40.28 28.13
N SER C 356 7.63 -41.45 28.24
CA SER C 356 8.86 -41.78 27.54
C SER C 356 8.51 -42.32 26.14
N ASN C 357 9.47 -43.00 25.50
CA ASN C 357 9.28 -43.59 24.18
C ASN C 357 8.12 -44.57 24.16
N CYS C 358 7.17 -44.30 23.28
CA CYS C 358 5.89 -45.03 23.29
C CYS C 358 5.31 -45.04 21.89
N VAL C 359 4.82 -46.19 21.46
CA VAL C 359 3.97 -46.30 20.28
C VAL C 359 2.53 -46.13 20.75
N ALA C 360 1.99 -44.93 20.56
CA ALA C 360 0.72 -44.55 21.15
C ALA C 360 -0.45 -44.99 20.28
N ASP C 361 -1.49 -45.51 20.94
CA ASP C 361 -2.74 -45.89 20.29
C ASP C 361 -3.81 -45.10 21.02
N TYR C 362 -4.41 -44.12 20.33
CA TYR C 362 -5.42 -43.27 20.94
C TYR C 362 -6.83 -43.76 20.74
N SER C 363 -7.07 -44.63 19.75
CA SER C 363 -8.42 -45.12 19.47
C SER C 363 -8.97 -46.01 20.58
N VAL C 364 -8.10 -46.62 21.39
CA VAL C 364 -8.56 -47.38 22.56
C VAL C 364 -8.70 -46.52 23.80
N LEU C 365 -8.30 -45.24 23.73
CA LEU C 365 -8.31 -44.36 24.88
C LEU C 365 -9.57 -43.54 25.04
N TYR C 366 -10.13 -43.02 23.93
CA TYR C 366 -11.26 -42.08 23.99
C TYR C 366 -12.56 -42.71 24.48
N ASN C 367 -12.66 -44.04 24.50
CA ASN C 367 -13.86 -44.71 24.99
C ASN C 367 -13.66 -45.32 26.36
N LEU C 368 -12.53 -45.04 27.01
CA LEU C 368 -12.35 -45.32 28.42
C LEU C 368 -13.11 -44.28 29.23
N ALA C 369 -13.62 -44.71 30.39
CA ALA C 369 -14.45 -43.85 31.24
C ALA C 369 -13.81 -42.54 31.70
N PRO C 370 -12.53 -42.44 32.09
CA PRO C 370 -11.99 -41.11 32.41
C PRO C 370 -11.46 -40.31 31.23
N PHE C 371 -11.73 -40.70 29.98
CA PHE C 371 -11.07 -39.98 28.88
C PHE C 371 -12.12 -39.73 27.80
N PHE C 372 -13.28 -39.21 28.19
CA PHE C 372 -14.38 -38.93 27.29
C PHE C 372 -14.24 -37.60 26.54
N THR C 373 -13.56 -36.61 27.11
CA THR C 373 -13.56 -35.26 26.55
C THR C 373 -12.22 -34.97 25.90
N PHE C 374 -12.24 -34.05 24.93
CA PHE C 374 -11.01 -33.54 24.35
C PHE C 374 -11.18 -32.04 24.07
N LYS C 375 -11.74 -31.30 25.03
CA LYS C 375 -12.05 -29.88 24.85
C LYS C 375 -10.78 -29.06 25.07
N CYS C 376 -10.08 -28.76 23.97
CA CYS C 376 -8.83 -28.03 24.02
C CYS C 376 -8.52 -27.44 22.66
N TYR C 377 -7.28 -26.97 22.50
CA TYR C 377 -6.80 -26.37 21.27
C TYR C 377 -5.37 -26.85 21.00
N GLY C 378 -4.93 -26.63 19.76
CA GLY C 378 -3.55 -26.87 19.37
C GLY C 378 -3.25 -28.27 18.91
N VAL C 379 -4.11 -29.25 19.20
CA VAL C 379 -4.00 -30.60 18.70
C VAL C 379 -5.37 -31.06 18.23
N SER C 380 -5.38 -32.10 17.40
CA SER C 380 -6.60 -32.62 16.82
C SER C 380 -6.81 -34.07 17.27
N PRO C 381 -8.03 -34.42 17.69
CA PRO C 381 -8.27 -35.79 18.16
C PRO C 381 -8.20 -36.85 17.08
N THR C 382 -8.48 -36.49 15.83
CA THR C 382 -8.40 -37.43 14.71
C THR C 382 -7.04 -37.44 14.05
N LYS C 383 -6.07 -36.70 14.59
CA LYS C 383 -4.75 -36.59 13.99
C LYS C 383 -3.61 -37.01 14.90
N LEU C 384 -3.89 -37.33 16.18
CA LEU C 384 -2.82 -37.68 17.11
C LEU C 384 -2.21 -39.04 16.78
N ASN C 385 -2.94 -39.89 16.04
CA ASN C 385 -2.41 -41.18 15.65
C ASN C 385 -1.36 -41.09 14.53
N ASP C 386 -1.17 -39.92 13.93
CA ASP C 386 -0.22 -39.74 12.85
C ASP C 386 0.86 -38.71 13.15
N LEU C 387 0.90 -38.17 14.37
CA LEU C 387 1.88 -37.16 14.73
C LEU C 387 3.00 -37.75 15.56
N CYS C 388 4.14 -37.06 15.57
CA CYS C 388 5.30 -37.44 16.35
C CYS C 388 5.62 -36.32 17.34
N PHE C 389 6.14 -36.71 18.51
CA PHE C 389 6.34 -35.77 19.61
C PHE C 389 7.72 -35.94 20.22
N THR C 390 8.28 -34.83 20.70
CA THR C 390 9.54 -34.88 21.45
C THR C 390 9.34 -35.52 22.81
N ASN C 391 8.32 -35.07 23.55
CA ASN C 391 7.93 -35.70 24.82
C ASN C 391 6.47 -35.34 25.10
N VAL C 392 5.84 -36.16 25.95
CA VAL C 392 4.47 -35.92 26.38
C VAL C 392 4.46 -35.88 27.90
N TYR C 393 3.90 -34.81 28.47
CA TYR C 393 3.67 -34.72 29.90
C TYR C 393 2.22 -35.11 30.23
N ALA C 394 2.04 -35.71 31.40
CA ALA C 394 0.75 -36.25 31.82
C ALA C 394 0.47 -35.87 33.27
N ASP C 395 0.61 -34.58 33.57
CA ASP C 395 0.46 -34.07 34.94
C ASP C 395 -1.01 -34.15 35.38
N SER C 396 -1.24 -34.76 36.55
CA SER C 396 -2.59 -35.12 36.98
C SER C 396 -2.84 -34.68 38.42
N PHE C 397 -4.07 -34.21 38.68
CA PHE C 397 -4.49 -33.74 40.00
C PHE C 397 -6.02 -33.64 40.03
N VAL C 398 -6.55 -33.39 41.24
CA VAL C 398 -7.99 -33.48 41.51
C VAL C 398 -8.54 -32.13 41.92
N ILE C 399 -9.48 -31.59 41.13
CA ILE C 399 -10.01 -30.25 41.35
C ILE C 399 -11.48 -30.33 41.75
N ARG C 400 -12.07 -29.16 41.95
CA ARG C 400 -13.51 -29.05 42.17
C ARG C 400 -14.23 -28.88 40.83
N GLY C 401 -15.54 -29.07 40.84
CA GLY C 401 -16.30 -29.05 39.61
C GLY C 401 -16.63 -27.66 39.12
N ASP C 402 -16.48 -26.65 39.98
CA ASP C 402 -16.83 -25.28 39.60
C ASP C 402 -15.84 -24.69 38.60
N GLU C 403 -14.61 -25.20 38.54
CA GLU C 403 -13.55 -24.62 37.74
C GLU C 403 -12.87 -25.66 36.85
N VAL C 404 -13.68 -26.42 36.10
CA VAL C 404 -13.14 -27.37 35.12
C VAL C 404 -12.40 -26.62 34.00
N ARG C 405 -12.98 -25.53 33.50
CA ARG C 405 -12.46 -24.82 32.35
C ARG C 405 -11.43 -23.76 32.70
N GLN C 406 -10.96 -23.72 33.94
CA GLN C 406 -10.01 -22.69 34.37
C GLN C 406 -8.56 -23.13 34.28
N ILE C 407 -8.28 -24.28 33.68
CA ILE C 407 -6.90 -24.70 33.40
C ILE C 407 -6.57 -24.13 32.03
N ALA C 408 -6.13 -22.88 32.01
CA ALA C 408 -5.89 -22.12 30.79
C ALA C 408 -5.04 -20.91 31.15
N PRO C 409 -4.21 -20.43 30.21
CA PRO C 409 -3.44 -19.20 30.48
C PRO C 409 -4.33 -17.98 30.53
N GLY C 410 -3.90 -17.00 31.32
CA GLY C 410 -4.63 -15.76 31.47
C GLY C 410 -5.98 -15.88 32.16
N GLN C 411 -6.08 -16.72 33.19
CA GLN C 411 -7.33 -16.91 33.91
C GLN C 411 -7.14 -16.62 35.39
N THR C 412 -8.21 -16.11 36.00
CA THR C 412 -8.28 -15.91 37.44
C THR C 412 -9.36 -16.81 38.01
N GLY C 413 -9.06 -17.37 39.18
CA GLY C 413 -9.97 -18.32 39.81
C GLY C 413 -9.30 -19.09 40.92
N ASN C 414 -10.04 -20.04 41.51
CA ASN C 414 -9.60 -20.76 42.71
C ASN C 414 -8.35 -21.59 42.46
N ILE C 415 -8.25 -22.20 41.28
CA ILE C 415 -7.08 -22.99 40.92
C ILE C 415 -6.25 -22.31 39.84
N ALA C 416 -6.81 -21.30 39.16
CA ALA C 416 -6.13 -20.69 38.03
C ALA C 416 -4.99 -19.79 38.48
N ASP C 417 -5.21 -18.97 39.51
CA ASP C 417 -4.23 -17.97 39.92
C ASP C 417 -3.64 -18.29 41.29
N TYR C 418 -4.02 -19.40 41.90
CA TYR C 418 -3.46 -19.70 43.21
C TYR C 418 -2.59 -20.95 43.24
N ASN C 419 -2.91 -21.97 42.45
CA ASN C 419 -2.20 -23.24 42.57
C ASN C 419 -1.56 -23.75 41.29
N TYR C 420 -2.24 -23.68 40.16
CA TYR C 420 -1.71 -24.26 38.92
C TYR C 420 -1.95 -23.30 37.76
N LYS C 421 -0.93 -23.14 36.92
CA LYS C 421 -1.00 -22.24 35.78
C LYS C 421 -0.53 -22.97 34.52
N LEU C 422 -1.26 -22.79 33.42
CA LEU C 422 -0.98 -23.30 32.09
C LEU C 422 -0.27 -22.23 31.26
N PRO C 423 0.77 -22.57 30.50
CA PRO C 423 1.51 -21.54 29.77
C PRO C 423 0.73 -21.00 28.57
N ASP C 424 1.18 -19.83 28.09
CA ASP C 424 0.54 -19.20 26.94
C ASP C 424 0.90 -19.91 25.64
N ASP C 425 2.09 -20.51 25.57
CA ASP C 425 2.52 -21.27 24.41
C ASP C 425 2.23 -22.76 24.56
N PHE C 426 1.15 -23.11 25.26
CA PHE C 426 0.83 -24.50 25.52
C PHE C 426 0.29 -25.18 24.28
N THR C 427 0.89 -26.32 23.94
CA THR C 427 0.40 -27.20 22.89
C THR C 427 0.09 -28.55 23.51
N GLY C 428 -1.16 -28.98 23.44
CA GLY C 428 -1.58 -30.19 24.07
C GLY C 428 -3.06 -30.14 24.40
N CYS C 429 -3.45 -30.83 25.46
CA CYS C 429 -4.87 -30.91 25.79
C CYS C 429 -5.05 -31.07 27.29
N VAL C 430 -6.18 -30.60 27.80
CA VAL C 430 -6.55 -30.74 29.21
C VAL C 430 -7.82 -31.58 29.27
N ILE C 431 -7.77 -32.66 30.03
CA ILE C 431 -8.84 -33.66 30.07
C ILE C 431 -9.43 -33.67 31.47
N ALA C 432 -10.75 -33.61 31.57
CA ALA C 432 -11.43 -33.64 32.85
C ALA C 432 -12.60 -34.63 32.81
N TRP C 433 -12.81 -35.32 33.93
CA TRP C 433 -13.91 -36.27 34.01
C TRP C 433 -14.50 -36.24 35.41
N ASN C 434 -15.74 -36.71 35.51
CA ASN C 434 -16.44 -36.75 36.79
C ASN C 434 -16.00 -38.02 37.53
N SER C 435 -15.70 -37.88 38.82
CA SER C 435 -15.20 -38.98 39.63
C SER C 435 -16.19 -39.42 40.70
N ASN C 436 -17.49 -39.46 40.40
CA ASN C 436 -18.47 -39.88 41.40
C ASN C 436 -18.53 -41.40 41.54
N LYS C 437 -17.91 -42.14 40.62
CA LYS C 437 -17.80 -43.57 40.81
C LYS C 437 -16.62 -43.94 41.70
N LEU C 438 -15.75 -42.98 42.02
CA LEU C 438 -14.58 -43.23 42.85
C LEU C 438 -14.49 -42.33 44.07
N ASP C 439 -15.08 -41.13 44.03
CA ASP C 439 -14.86 -40.15 45.10
C ASP C 439 -16.15 -39.42 45.47
N SER C 440 -17.29 -40.09 45.41
CA SER C 440 -18.55 -39.47 45.82
C SER C 440 -18.65 -39.45 47.33
N LYS C 441 -18.36 -38.29 47.92
CA LYS C 441 -18.40 -38.13 49.37
C LYS C 441 -19.16 -36.87 49.73
N VAL C 442 -20.00 -36.97 50.76
CA VAL C 442 -20.69 -35.81 51.30
C VAL C 442 -19.71 -34.88 52.01
N SER C 443 -18.85 -35.45 52.85
CA SER C 443 -17.78 -34.68 53.48
C SER C 443 -16.62 -34.52 52.51
N GLY C 444 -15.63 -33.74 52.93
CA GLY C 444 -14.49 -33.49 52.08
C GLY C 444 -13.50 -34.63 52.06
N ASN C 445 -12.84 -34.79 50.92
CA ASN C 445 -11.72 -35.71 50.78
C ASN C 445 -10.48 -34.91 51.17
N TYR C 446 -9.95 -35.18 52.36
CA TYR C 446 -8.87 -34.38 52.93
C TYR C 446 -7.48 -34.85 52.49
N ASN C 447 -7.39 -35.57 51.38
CA ASN C 447 -6.12 -35.84 50.72
C ASN C 447 -5.98 -35.07 49.41
N TYR C 448 -7.01 -34.30 49.03
CA TYR C 448 -7.03 -33.52 47.79
C TYR C 448 -7.53 -32.12 48.13
N LEU C 449 -6.59 -31.18 48.29
CA LEU C 449 -6.93 -29.83 48.69
C LEU C 449 -6.30 -28.81 47.74
N TYR C 450 -6.74 -27.56 47.88
CA TYR C 450 -6.24 -26.46 47.07
C TYR C 450 -6.15 -25.22 47.94
N ARG C 451 -5.33 -24.27 47.53
CA ARG C 451 -5.22 -23.00 48.24
C ARG C 451 -6.13 -21.96 47.60
N LEU C 452 -6.79 -21.18 48.47
CA LEU C 452 -7.66 -20.10 48.02
C LEU C 452 -6.92 -18.76 47.90
N PHE C 453 -5.69 -18.68 48.43
CA PHE C 453 -4.93 -17.44 48.42
C PHE C 453 -3.48 -17.69 48.05
N ARG C 454 -2.85 -16.68 47.45
CA ARG C 454 -1.43 -16.75 47.12
C ARG C 454 -0.77 -15.43 47.48
N LYS C 455 0.55 -15.48 47.69
CA LYS C 455 1.32 -14.26 47.93
C LYS C 455 2.02 -13.75 46.69
N SER C 456 2.45 -14.64 45.79
CA SER C 456 3.09 -14.23 44.55
C SER C 456 2.46 -15.03 43.40
N ASN C 457 2.47 -14.42 42.22
CA ASN C 457 1.80 -14.97 41.06
C ASN C 457 2.47 -16.25 40.57
N LEU C 458 1.67 -17.13 39.98
CA LEU C 458 2.12 -18.44 39.58
C LEU C 458 2.99 -18.38 38.33
N LYS C 459 3.84 -19.38 38.19
CA LYS C 459 4.56 -19.71 36.98
C LYS C 459 3.92 -20.94 36.33
N PRO C 460 4.01 -21.06 35.00
CA PRO C 460 3.53 -22.28 34.35
C PRO C 460 4.35 -23.50 34.74
N PHE C 461 3.66 -24.60 35.02
CA PHE C 461 4.22 -25.86 35.52
C PHE C 461 5.06 -25.65 36.78
N GLU C 462 4.52 -24.93 37.76
CA GLU C 462 5.19 -24.67 39.02
C GLU C 462 4.40 -25.27 40.17
N ARG C 463 5.08 -26.02 41.04
CA ARG C 463 4.49 -26.48 42.28
C ARG C 463 4.73 -25.44 43.37
N ASP C 464 3.76 -25.33 44.28
CA ASP C 464 3.84 -24.36 45.37
C ASP C 464 3.15 -25.00 46.57
N ILE C 465 3.94 -25.48 47.52
CA ILE C 465 3.44 -26.12 48.73
C ILE C 465 3.82 -25.25 49.91
N SER C 466 2.84 -24.82 50.69
CA SER C 466 3.09 -23.96 51.83
C SER C 466 2.01 -24.16 52.87
N THR C 467 2.40 -24.01 54.14
CA THR C 467 1.48 -24.02 55.27
C THR C 467 1.40 -22.66 55.94
N GLU C 468 1.85 -21.61 55.26
CA GLU C 468 1.82 -20.26 55.78
C GLU C 468 0.39 -19.72 55.82
N ILE C 469 0.20 -18.68 56.63
CA ILE C 469 -1.10 -18.03 56.78
C ILE C 469 -1.08 -16.72 56.00
N TYR C 470 -2.01 -16.58 55.06
CA TYR C 470 -2.03 -15.42 54.18
C TYR C 470 -2.71 -14.24 54.85
N GLN C 471 -2.14 -13.06 54.63
CA GLN C 471 -2.71 -11.80 55.10
C GLN C 471 -3.39 -11.09 53.94
N ALA C 472 -4.69 -10.83 54.08
CA ALA C 472 -5.45 -10.21 53.00
C ALA C 472 -5.54 -8.69 53.14
N GLY C 473 -5.73 -8.18 54.36
CA GLY C 473 -5.82 -6.76 54.59
C GLY C 473 -4.46 -6.13 54.80
N ASN C 474 -4.48 -4.81 54.95
CA ASN C 474 -3.25 -4.05 55.21
C ASN C 474 -2.81 -4.14 56.66
N LYS C 475 -3.72 -4.50 57.56
CA LYS C 475 -3.36 -4.68 58.97
C LYS C 475 -2.53 -5.96 59.12
N PRO C 476 -1.45 -5.95 59.90
CA PRO C 476 -0.67 -7.17 60.12
C PRO C 476 -1.48 -8.25 60.84
N CYS C 477 -1.26 -9.50 60.42
CA CYS C 477 -2.04 -10.60 60.97
C CYS C 477 -1.55 -10.99 62.36
N ASN C 478 -0.23 -10.89 62.59
CA ASN C 478 0.44 -11.19 63.87
C ASN C 478 0.18 -12.63 64.33
N GLY C 479 0.36 -13.57 63.42
CA GLY C 479 0.30 -14.98 63.75
C GLY C 479 -1.09 -15.59 63.72
N VAL C 480 -1.99 -15.07 64.56
CA VAL C 480 -3.34 -15.61 64.69
C VAL C 480 -4.22 -14.97 63.63
N ALA C 481 -4.92 -15.81 62.86
CA ALA C 481 -5.78 -15.32 61.80
C ALA C 481 -7.01 -14.62 62.37
N GLY C 482 -7.34 -13.46 61.80
CA GLY C 482 -8.48 -12.68 62.21
C GLY C 482 -9.24 -12.17 61.00
N PHE C 483 -9.60 -10.88 61.05
CA PHE C 483 -10.33 -10.27 59.95
C PHE C 483 -9.37 -9.96 58.80
N ASN C 484 -9.73 -10.44 57.60
CA ASN C 484 -8.90 -10.39 56.39
C ASN C 484 -7.52 -11.02 56.62
N CYS C 485 -7.51 -12.15 57.32
CA CYS C 485 -6.33 -13.00 57.42
C CYS C 485 -6.84 -14.44 57.43
N TYR C 486 -6.38 -15.23 56.46
CA TYR C 486 -6.96 -16.54 56.23
C TYR C 486 -5.88 -17.59 56.09
N PHE C 487 -6.17 -18.79 56.55
CA PHE C 487 -5.40 -19.96 56.14
C PHE C 487 -5.88 -20.37 54.75
N PRO C 488 -5.00 -20.35 53.73
CA PRO C 488 -5.48 -20.38 52.34
C PRO C 488 -6.01 -21.71 51.87
N LEU C 489 -5.68 -22.82 52.55
CA LEU C 489 -6.00 -24.14 52.04
C LEU C 489 -7.48 -24.46 52.24
N ARG C 490 -8.14 -24.88 51.17
CA ARG C 490 -9.56 -25.22 51.18
C ARG C 490 -9.75 -26.63 50.63
N SER C 491 -10.97 -27.15 50.78
CA SER C 491 -11.29 -28.49 50.37
C SER C 491 -12.70 -28.54 49.79
N TYR C 492 -13.02 -29.68 49.17
CA TYR C 492 -14.34 -29.90 48.61
C TYR C 492 -15.39 -30.04 49.72
N SER C 493 -16.61 -29.59 49.44
CA SER C 493 -17.72 -29.75 50.35
C SER C 493 -18.99 -29.90 49.54
N PHE C 494 -19.86 -30.83 49.96
CA PHE C 494 -21.09 -31.11 49.25
C PHE C 494 -22.30 -30.67 50.08
N ARG C 495 -23.21 -29.94 49.44
CA ARG C 495 -24.48 -29.56 50.03
C ARG C 495 -25.59 -29.86 49.02
N PRO C 496 -26.72 -30.42 49.45
CA PRO C 496 -27.82 -30.71 48.52
C PRO C 496 -28.73 -29.50 48.29
N GLY C 501 -21.33 -27.41 39.50
CA GLY C 501 -20.11 -28.16 39.76
C GLY C 501 -19.94 -28.54 41.21
N HIS C 502 -20.92 -29.24 41.76
CA HIS C 502 -20.89 -29.69 43.15
C HIS C 502 -20.35 -31.11 43.29
N GLN C 503 -19.50 -31.54 42.36
CA GLN C 503 -18.92 -32.86 42.34
C GLN C 503 -17.41 -32.75 42.18
N PRO C 504 -16.64 -33.71 42.72
CA PRO C 504 -15.20 -33.69 42.49
C PRO C 504 -14.85 -34.18 41.10
N TYR C 505 -14.08 -33.36 40.37
CA TYR C 505 -13.61 -33.69 39.03
C TYR C 505 -12.09 -33.82 39.04
N ARG C 506 -11.59 -34.79 38.30
CA ARG C 506 -10.17 -35.09 38.26
C ARG C 506 -9.63 -34.72 36.88
N VAL C 507 -8.43 -34.14 36.85
CA VAL C 507 -7.87 -33.66 35.59
C VAL C 507 -6.51 -34.27 35.32
N VAL C 508 -6.18 -34.37 34.04
CA VAL C 508 -4.84 -34.70 33.55
C VAL C 508 -4.47 -33.66 32.51
N VAL C 509 -3.31 -33.03 32.67
CA VAL C 509 -2.80 -32.05 31.72
C VAL C 509 -1.88 -32.76 30.75
N LEU C 510 -2.35 -32.97 29.52
CA LEU C 510 -1.55 -33.60 28.46
C LEU C 510 -0.81 -32.51 27.71
N SER C 511 0.51 -32.45 27.89
CA SER C 511 1.34 -31.46 27.23
C SER C 511 2.16 -32.14 26.13
N PHE C 512 1.85 -31.83 24.87
CA PHE C 512 2.49 -32.44 23.73
C PHE C 512 3.54 -31.48 23.18
N GLU C 513 4.82 -31.78 23.40
CA GLU C 513 5.90 -30.94 22.91
C GLU C 513 6.41 -31.47 21.58
N LEU C 514 6.50 -30.57 20.60
CA LEU C 514 6.71 -30.92 19.20
C LEU C 514 8.16 -30.90 18.76
N LEU C 515 8.37 -30.91 17.43
CA LEU C 515 9.62 -30.83 16.66
C LEU C 515 10.43 -32.12 16.69
N HIS C 516 9.98 -33.11 17.47
CA HIS C 516 10.13 -34.57 17.29
C HIS C 516 11.38 -35.02 16.53
N ALA C 517 12.53 -34.53 16.97
CA ALA C 517 13.79 -34.89 16.32
C ALA C 517 14.18 -36.36 16.44
N PRO C 518 14.04 -37.06 17.58
CA PRO C 518 14.23 -38.52 17.53
C PRO C 518 12.95 -39.33 17.36
N ALA C 519 11.80 -38.67 17.22
CA ALA C 519 10.47 -39.29 17.14
C ALA C 519 10.21 -40.20 18.34
N THR C 520 10.20 -39.58 19.53
CA THR C 520 10.10 -40.34 20.78
C THR C 520 8.70 -40.93 20.96
N VAL C 521 7.67 -40.11 20.78
CA VAL C 521 6.29 -40.53 20.94
C VAL C 521 5.60 -40.42 19.59
N CYS C 522 5.13 -41.55 19.06
CA CYS C 522 4.54 -41.58 17.73
C CYS C 522 3.43 -42.62 17.70
N GLY C 523 2.63 -42.57 16.63
CA GLY C 523 1.56 -43.51 16.43
C GLY C 523 2.04 -44.79 15.79
N PRO C 524 1.10 -45.64 15.36
CA PRO C 524 1.47 -46.94 14.75
C PRO C 524 1.93 -46.80 13.30
N LYS C 525 3.10 -46.19 13.11
CA LYS C 525 3.66 -46.00 11.79
C LYS C 525 4.38 -47.26 11.33
N LYS C 526 4.25 -47.56 10.05
CA LYS C 526 4.88 -48.72 9.44
C LYS C 526 6.31 -48.39 9.01
N SER C 527 7.12 -49.44 8.89
CA SER C 527 8.48 -49.33 8.39
C SER C 527 8.55 -49.91 6.99
N THR C 528 8.91 -49.08 6.02
CA THR C 528 8.90 -49.47 4.62
C THR C 528 10.33 -49.63 4.09
N ASN C 529 10.43 -50.16 2.88
CA ASN C 529 11.71 -50.31 2.20
C ASN C 529 12.12 -48.97 1.58
N LEU C 530 13.38 -48.88 1.18
CA LEU C 530 13.95 -47.65 0.64
C LEU C 530 14.16 -47.81 -0.87
N VAL C 531 13.59 -46.88 -1.63
CA VAL C 531 13.68 -46.86 -3.08
C VAL C 531 14.37 -45.56 -3.49
N LYS C 532 15.44 -45.69 -4.27
CA LYS C 532 16.19 -44.52 -4.72
C LYS C 532 15.85 -44.20 -6.18
N ASN C 533 16.16 -42.96 -6.56
CA ASN C 533 16.00 -42.43 -7.92
C ASN C 533 14.55 -42.54 -8.41
N LYS C 534 13.61 -42.22 -7.53
CA LYS C 534 12.19 -42.34 -7.85
C LYS C 534 11.42 -41.28 -7.09
N CYS C 535 10.42 -40.69 -7.76
CA CYS C 535 9.61 -39.62 -7.19
C CYS C 535 8.72 -40.21 -6.10
N VAL C 536 9.04 -39.92 -4.84
CA VAL C 536 8.39 -40.55 -3.69
C VAL C 536 7.90 -39.46 -2.74
N ASN C 537 6.62 -39.56 -2.34
CA ASN C 537 6.10 -38.83 -1.20
C ASN C 537 6.63 -39.55 0.04
N PHE C 538 7.52 -38.90 0.78
CA PHE C 538 8.22 -39.55 1.87
C PHE C 538 7.83 -38.96 3.22
N ASN C 539 8.27 -39.64 4.29
CA ASN C 539 8.03 -39.20 5.66
C ASN C 539 9.17 -39.79 6.49
N PHE C 540 10.13 -38.96 6.88
CA PHE C 540 11.28 -39.40 7.67
C PHE C 540 11.13 -38.80 9.07
N ASN C 541 10.64 -39.63 10.01
CA ASN C 541 10.47 -39.27 11.43
C ASN C 541 9.59 -38.03 11.61
N GLY C 542 8.55 -37.94 10.81
CA GLY C 542 7.64 -36.81 10.85
C GLY C 542 7.91 -35.73 9.83
N LEU C 543 9.09 -35.71 9.22
CA LEU C 543 9.40 -34.73 8.18
C LEU C 543 8.74 -35.17 6.87
N LYS C 544 7.66 -34.49 6.50
CA LYS C 544 6.91 -34.81 5.30
C LYS C 544 7.47 -34.05 4.10
N GLY C 545 7.44 -34.69 2.94
CA GLY C 545 7.94 -34.07 1.74
C GLY C 545 7.76 -34.97 0.54
N THR C 546 8.09 -34.41 -0.63
CA THR C 546 7.98 -35.11 -1.89
C THR C 546 9.24 -34.85 -2.72
N GLY C 547 9.85 -35.92 -3.19
CA GLY C 547 11.04 -35.78 -4.03
C GLY C 547 11.68 -37.12 -4.28
N VAL C 548 12.83 -37.08 -4.95
CA VAL C 548 13.62 -38.27 -5.24
C VAL C 548 14.68 -38.40 -4.16
N LEU C 549 14.87 -39.63 -3.66
CA LEU C 549 15.80 -39.89 -2.57
C LEU C 549 17.09 -40.48 -3.11
N THR C 550 17.91 -39.61 -3.70
CA THR C 550 19.18 -40.02 -4.26
C THR C 550 20.27 -40.00 -3.19
N GLU C 551 21.47 -40.43 -3.58
CA GLU C 551 22.60 -40.39 -2.66
C GLU C 551 23.09 -38.96 -2.52
N SER C 552 23.27 -38.53 -1.27
CA SER C 552 23.49 -37.12 -0.99
C SER C 552 24.89 -36.63 -1.35
N ASN C 553 25.91 -37.44 -1.04
CA ASN C 553 27.32 -37.02 -1.00
C ASN C 553 27.47 -35.77 -0.11
N LYS C 554 26.91 -35.84 1.09
CA LYS C 554 27.05 -34.80 2.10
C LYS C 554 27.74 -35.37 3.33
N LYS C 555 28.77 -34.65 3.80
CA LYS C 555 29.52 -35.07 4.98
C LYS C 555 28.87 -34.48 6.25
N PHE C 556 27.88 -35.21 6.74
CA PHE C 556 27.22 -34.81 7.98
C PHE C 556 28.11 -35.06 9.17
N LEU C 557 28.03 -34.17 10.16
CA LEU C 557 28.61 -34.44 11.46
C LEU C 557 27.80 -35.52 12.16
N PRO C 558 28.41 -36.30 13.09
CA PRO C 558 27.71 -37.47 13.67
C PRO C 558 26.45 -37.16 14.47
N PHE C 559 26.27 -35.92 14.90
CA PHE C 559 25.02 -35.51 15.55
C PHE C 559 23.97 -35.01 14.58
N GLN C 560 24.36 -34.62 13.36
CA GLN C 560 23.45 -33.93 12.45
C GLN C 560 22.46 -34.90 11.83
N GLN C 561 21.24 -34.42 11.63
CA GLN C 561 20.17 -35.21 11.03
C GLN C 561 19.63 -34.62 9.73
N PHE C 562 19.67 -33.31 9.58
CA PHE C 562 19.08 -32.64 8.43
C PHE C 562 20.12 -31.81 7.71
N GLY C 563 19.86 -31.52 6.44
CA GLY C 563 20.73 -30.67 5.65
C GLY C 563 19.93 -29.60 4.94
N ARG C 564 20.38 -28.36 5.08
CA ARG C 564 19.72 -27.20 4.47
C ARG C 564 20.76 -26.42 3.67
N ASP C 565 20.30 -25.79 2.58
CA ASP C 565 21.27 -25.16 1.67
C ASP C 565 21.12 -23.65 1.60
N ILE C 566 19.94 -23.14 1.23
CA ILE C 566 19.73 -21.70 1.12
C ILE C 566 18.44 -21.25 1.80
N ALA C 567 17.55 -22.16 2.17
CA ALA C 567 16.25 -21.77 2.69
C ALA C 567 15.74 -22.80 3.69
N ASP C 568 14.44 -22.78 3.96
CA ASP C 568 13.82 -23.69 4.92
C ASP C 568 13.63 -25.10 4.37
N THR C 569 13.97 -25.33 3.11
CA THR C 569 13.95 -26.67 2.53
C THR C 569 15.01 -27.56 3.16
N THR C 570 14.71 -28.85 3.23
CA THR C 570 15.65 -29.85 3.69
C THR C 570 16.31 -30.48 2.48
N ASP C 571 17.57 -30.13 2.24
CA ASP C 571 18.30 -30.64 1.08
C ASP C 571 18.78 -32.08 1.26
N ALA C 572 19.20 -32.45 2.47
CA ALA C 572 19.70 -33.79 2.72
C ALA C 572 19.17 -34.26 4.08
N VAL C 573 18.96 -35.57 4.19
CA VAL C 573 18.36 -36.16 5.38
C VAL C 573 19.06 -37.48 5.67
N ARG C 574 19.24 -37.78 6.96
CA ARG C 574 19.81 -39.04 7.40
C ARG C 574 18.74 -40.13 7.40
N ASP C 575 19.11 -41.33 6.97
CA ASP C 575 18.22 -42.47 7.04
C ASP C 575 18.08 -42.85 8.51
N PRO C 576 16.87 -43.00 9.04
CA PRO C 576 16.71 -43.35 10.46
C PRO C 576 17.21 -44.74 10.82
N GLN C 577 17.32 -45.66 9.86
CA GLN C 577 17.65 -47.04 10.14
C GLN C 577 19.09 -47.42 9.82
N THR C 578 19.60 -47.00 8.67
CA THR C 578 20.95 -47.37 8.25
C THR C 578 21.96 -46.25 8.41
N LEU C 579 21.53 -45.06 8.85
CA LEU C 579 22.35 -43.84 8.99
C LEU C 579 23.04 -43.43 7.70
N GLU C 580 22.47 -43.78 6.54
CA GLU C 580 22.97 -43.28 5.27
C GLU C 580 22.36 -41.92 4.99
N ILE C 581 23.18 -41.01 4.47
CA ILE C 581 22.77 -39.63 4.27
C ILE C 581 22.17 -39.53 2.88
N LEU C 582 20.88 -39.17 2.80
CA LEU C 582 20.14 -39.19 1.55
C LEU C 582 19.73 -37.79 1.13
N ASP C 583 19.89 -37.50 -0.16
CA ASP C 583 19.50 -36.22 -0.71
C ASP C 583 17.99 -36.13 -0.84
N ILE C 584 17.49 -34.91 -0.81
CA ILE C 584 16.11 -34.60 -1.16
C ILE C 584 16.15 -33.62 -2.32
N THR C 585 15.86 -34.12 -3.52
CA THR C 585 15.66 -33.27 -4.68
C THR C 585 14.20 -33.38 -5.10
N PRO C 586 13.44 -32.28 -5.13
CA PRO C 586 12.04 -32.37 -5.56
C PRO C 586 11.92 -32.83 -7.01
N CYS C 587 10.78 -33.45 -7.31
CA CYS C 587 10.57 -34.13 -8.58
C CYS C 587 10.54 -33.12 -9.73
N SER C 588 10.89 -33.60 -10.93
CA SER C 588 11.21 -32.73 -12.06
C SER C 588 9.98 -31.94 -12.52
N PHE C 589 10.20 -30.64 -12.77
CA PHE C 589 9.12 -29.71 -12.99
C PHE C 589 9.56 -28.65 -13.98
N GLY C 590 8.60 -27.85 -14.43
CA GLY C 590 8.90 -26.74 -15.29
C GLY C 590 7.62 -26.12 -15.81
N GLY C 591 7.78 -25.02 -16.54
CA GLY C 591 6.67 -24.38 -17.20
C GLY C 591 6.41 -24.96 -18.57
N VAL C 592 5.15 -24.90 -18.99
CA VAL C 592 4.73 -25.44 -20.28
C VAL C 592 4.27 -24.29 -21.15
N SER C 593 4.89 -24.15 -22.32
CA SER C 593 4.52 -23.13 -23.29
C SER C 593 4.08 -23.81 -24.58
N VAL C 594 3.01 -23.29 -25.17
CA VAL C 594 2.41 -23.87 -26.37
C VAL C 594 2.69 -22.95 -27.53
N ILE C 595 3.31 -23.48 -28.57
CA ILE C 595 3.68 -22.72 -29.77
C ILE C 595 2.67 -23.05 -30.85
N THR C 596 1.90 -22.04 -31.28
CA THR C 596 0.89 -22.28 -32.28
C THR C 596 1.09 -21.35 -33.47
N PRO C 597 0.73 -21.79 -34.69
CA PRO C 597 0.74 -20.88 -35.83
C PRO C 597 -0.53 -20.05 -35.95
N GLY C 598 -1.49 -20.25 -35.08
CA GLY C 598 -2.77 -19.58 -35.16
C GLY C 598 -3.85 -20.51 -35.66
N THR C 599 -5.03 -20.42 -35.03
CA THR C 599 -6.16 -21.27 -35.39
C THR C 599 -6.74 -20.94 -36.76
N ASN C 600 -6.48 -19.74 -37.28
CA ASN C 600 -6.85 -19.38 -38.64
C ASN C 600 -5.98 -20.11 -39.66
N THR C 601 -4.75 -20.49 -39.28
CA THR C 601 -3.83 -21.15 -40.20
C THR C 601 -3.87 -22.66 -40.06
N SER C 602 -3.63 -23.20 -38.86
CA SER C 602 -3.56 -24.65 -38.69
C SER C 602 -3.93 -24.98 -37.24
N ASN C 603 -3.86 -26.27 -36.91
CA ASN C 603 -4.33 -26.75 -35.61
C ASN C 603 -3.34 -27.65 -34.89
N GLN C 604 -2.20 -27.99 -35.49
CA GLN C 604 -1.17 -28.70 -34.72
C GLN C 604 -0.22 -27.68 -34.09
N VAL C 605 0.26 -28.03 -32.89
CA VAL C 605 1.05 -27.11 -32.08
C VAL C 605 2.33 -27.80 -31.65
N ALA C 606 3.30 -26.98 -31.25
CA ALA C 606 4.53 -27.45 -30.64
C ALA C 606 4.54 -27.03 -29.17
N VAL C 607 5.06 -27.91 -28.32
CA VAL C 607 5.01 -27.73 -26.87
C VAL C 607 6.43 -27.56 -26.36
N LEU C 608 6.67 -26.48 -25.61
CA LEU C 608 7.96 -26.22 -24.99
C LEU C 608 7.85 -26.43 -23.49
N TYR C 609 8.66 -27.36 -22.97
CA TYR C 609 8.76 -27.60 -21.54
C TYR C 609 9.94 -26.79 -21.02
N GLN C 610 9.65 -25.62 -20.44
CA GLN C 610 10.68 -24.66 -20.07
C GLN C 610 11.50 -25.16 -18.89
N GLY C 611 12.81 -25.20 -19.07
CA GLY C 611 13.72 -25.63 -18.03
C GLY C 611 13.74 -27.12 -17.78
N VAL C 612 13.15 -27.92 -18.65
CA VAL C 612 13.07 -29.36 -18.49
C VAL C 612 13.94 -30.00 -19.57
N ASN C 613 14.83 -30.90 -19.15
CA ASN C 613 15.64 -31.64 -20.11
C ASN C 613 14.79 -32.70 -20.79
N CYS C 614 15.21 -33.15 -21.97
CA CYS C 614 14.48 -34.15 -22.71
C CYS C 614 14.66 -35.56 -22.16
N THR C 615 15.40 -35.74 -21.07
CA THR C 615 15.40 -36.98 -20.31
C THR C 615 14.62 -36.86 -19.00
N GLU C 616 14.42 -35.64 -18.51
CA GLU C 616 13.59 -35.39 -17.33
C GLU C 616 12.15 -35.07 -17.70
N VAL C 617 11.82 -35.16 -18.99
CA VAL C 617 10.48 -34.97 -19.54
C VAL C 617 9.87 -36.35 -19.34
N PRO C 618 8.52 -36.56 -19.38
CA PRO C 618 8.05 -37.96 -19.34
C PRO C 618 8.36 -38.70 -20.62
N VAL C 619 9.57 -39.28 -20.62
CA VAL C 619 10.14 -39.97 -21.77
C VAL C 619 9.25 -41.13 -22.23
N ALA C 620 8.60 -41.79 -21.27
CA ALA C 620 7.51 -42.72 -21.60
C ALA C 620 6.33 -41.86 -22.05
N ILE C 621 6.33 -41.56 -23.36
CA ILE C 621 5.39 -40.62 -23.95
C ILE C 621 3.97 -41.20 -23.92
N HIS C 622 3.84 -42.48 -24.27
CA HIS C 622 2.55 -43.15 -24.26
C HIS C 622 1.97 -43.31 -22.85
N ALA C 623 2.82 -43.36 -21.82
CA ALA C 623 2.38 -43.55 -20.45
C ALA C 623 1.97 -42.27 -19.76
N ASP C 624 2.08 -41.12 -20.43
CA ASP C 624 1.69 -39.85 -19.82
C ASP C 624 0.18 -39.62 -19.83
N GLN C 625 -0.57 -40.43 -20.57
CA GLN C 625 -2.02 -40.33 -20.57
C GLN C 625 -2.66 -41.02 -19.37
N LEU C 626 -1.88 -41.74 -18.57
CA LEU C 626 -2.35 -42.34 -17.32
C LEU C 626 -2.27 -41.37 -16.15
N THR C 627 -1.98 -40.10 -16.42
CA THR C 627 -1.71 -39.06 -15.43
C THR C 627 -0.64 -39.47 -14.41
N PRO C 628 0.64 -39.44 -14.79
CA PRO C 628 1.71 -39.40 -13.78
C PRO C 628 2.20 -38.00 -13.46
N THR C 629 1.64 -36.98 -14.09
CA THR C 629 2.12 -35.61 -13.97
C THR C 629 0.92 -34.68 -13.82
N TRP C 630 1.16 -33.37 -13.89
CA TRP C 630 0.10 -32.38 -13.75
C TRP C 630 -0.83 -32.42 -14.96
N ARG C 631 -0.28 -32.49 -16.16
CA ARG C 631 -1.11 -32.57 -17.36
C ARG C 631 -1.63 -33.99 -17.56
N VAL C 632 -2.66 -34.12 -18.38
CA VAL C 632 -3.33 -35.39 -18.59
C VAL C 632 -3.26 -35.84 -20.05
N TYR C 633 -2.68 -35.04 -20.93
CA TYR C 633 -2.58 -35.39 -22.34
C TYR C 633 -1.12 -35.43 -22.76
N SER C 634 -0.82 -36.35 -23.67
CA SER C 634 0.54 -36.59 -24.13
C SER C 634 0.64 -36.35 -25.63
N THR C 635 1.81 -35.91 -26.08
CA THR C 635 2.07 -35.70 -27.49
C THR C 635 3.55 -35.91 -27.77
N GLY C 636 3.88 -36.12 -29.04
CA GLY C 636 5.27 -36.12 -29.42
C GLY C 636 5.77 -37.30 -30.24
N SER C 637 6.33 -36.98 -31.41
CA SER C 637 7.11 -37.93 -32.19
C SER C 637 8.42 -37.36 -32.70
N ASN C 638 8.66 -36.05 -32.54
CA ASN C 638 9.90 -35.41 -32.97
C ASN C 638 10.31 -34.49 -31.83
N VAL C 639 11.40 -34.83 -31.14
CA VAL C 639 11.80 -34.18 -29.91
C VAL C 639 13.15 -33.51 -30.11
N PHE C 640 13.25 -32.24 -29.76
CA PHE C 640 14.48 -31.47 -29.89
C PHE C 640 14.79 -30.77 -28.58
N GLN C 641 16.07 -30.67 -28.24
CA GLN C 641 16.52 -30.01 -27.03
C GLN C 641 17.06 -28.61 -27.35
N THR C 642 16.52 -27.61 -26.68
CA THR C 642 17.04 -26.24 -26.72
C THR C 642 17.59 -25.90 -25.34
N ARG C 643 18.25 -24.73 -25.26
CA ARG C 643 18.62 -24.20 -23.96
C ARG C 643 17.44 -23.60 -23.20
N ALA C 644 16.36 -23.28 -23.90
CA ALA C 644 15.14 -22.81 -23.26
C ALA C 644 14.29 -23.96 -22.73
N GLY C 645 14.66 -25.21 -23.01
CA GLY C 645 13.91 -26.35 -22.56
C GLY C 645 13.77 -27.41 -23.61
N CYS C 646 12.98 -28.45 -23.33
CA CYS C 646 12.78 -29.54 -24.28
C CYS C 646 11.62 -29.18 -25.20
N LEU C 647 11.92 -29.03 -26.48
CA LEU C 647 10.91 -28.64 -27.47
C LEU C 647 10.38 -29.88 -28.17
N ILE C 648 9.08 -30.11 -28.05
CA ILE C 648 8.43 -31.30 -28.55
C ILE C 648 7.33 -30.90 -29.52
N GLY C 649 7.38 -31.44 -30.73
CA GLY C 649 6.40 -31.15 -31.76
C GLY C 649 6.94 -30.35 -32.93
N ALA C 650 8.19 -29.89 -32.87
CA ALA C 650 8.79 -29.10 -33.94
C ALA C 650 10.04 -29.80 -34.45
N GLU C 651 10.20 -29.81 -35.77
CA GLU C 651 11.34 -30.44 -36.42
C GLU C 651 12.46 -29.41 -36.58
N TYR C 652 13.58 -29.64 -35.90
CA TYR C 652 14.71 -28.73 -36.01
C TYR C 652 15.41 -28.89 -37.35
N VAL C 653 15.64 -27.78 -38.03
CA VAL C 653 16.27 -27.77 -39.33
C VAL C 653 17.59 -27.02 -39.24
N ASN C 654 18.46 -27.26 -40.22
CA ASN C 654 19.75 -26.60 -40.29
C ASN C 654 19.72 -25.33 -41.12
N ASN C 655 18.54 -24.93 -41.60
CA ASN C 655 18.38 -23.66 -42.27
C ASN C 655 18.30 -22.54 -41.23
N SER C 656 18.19 -21.30 -41.72
CA SER C 656 18.12 -20.15 -40.83
C SER C 656 17.28 -19.08 -41.48
N TYR C 657 16.23 -18.64 -40.78
CA TYR C 657 15.28 -17.68 -41.31
C TYR C 657 15.14 -16.53 -40.31
N GLU C 658 14.32 -15.56 -40.68
CA GLU C 658 13.93 -14.51 -39.76
C GLU C 658 13.04 -15.10 -38.67
N CYS C 659 13.23 -14.62 -37.44
CA CYS C 659 12.51 -15.17 -36.28
C CYS C 659 11.04 -14.82 -36.37
N ASP C 660 10.18 -15.83 -36.21
CA ASP C 660 8.74 -15.64 -36.34
C ASP C 660 8.06 -15.80 -34.99
N ILE C 661 8.27 -16.93 -34.33
CA ILE C 661 7.80 -17.18 -32.97
C ILE C 661 9.02 -17.38 -32.09
N PRO C 662 9.33 -16.46 -31.18
CA PRO C 662 10.54 -16.61 -30.36
C PRO C 662 10.38 -17.69 -29.30
N ILE C 663 11.40 -18.53 -29.18
CA ILE C 663 11.45 -19.57 -28.17
C ILE C 663 12.47 -19.24 -27.09
N GLY C 664 13.71 -18.99 -27.48
CA GLY C 664 14.76 -18.65 -26.56
C GLY C 664 16.09 -19.21 -27.02
N ALA C 665 17.18 -18.51 -26.63
CA ALA C 665 18.57 -18.88 -26.90
C ALA C 665 18.85 -19.03 -28.40
N GLY C 666 18.23 -18.17 -29.20
CA GLY C 666 18.45 -18.15 -30.63
C GLY C 666 17.55 -19.05 -31.43
N ILE C 667 16.76 -19.89 -30.79
CA ILE C 667 15.87 -20.82 -31.49
C ILE C 667 14.53 -20.12 -31.68
N CYS C 668 14.01 -20.17 -32.90
CA CYS C 668 12.70 -19.63 -33.21
C CYS C 668 11.89 -20.66 -33.98
N ALA C 669 10.57 -20.52 -33.92
CA ALA C 669 9.65 -21.45 -34.55
C ALA C 669 8.85 -20.74 -35.63
N SER C 670 8.50 -21.49 -36.67
CA SER C 670 7.71 -20.97 -37.78
C SER C 670 6.96 -22.12 -38.43
N TYR C 671 5.93 -21.76 -39.19
CA TYR C 671 5.07 -22.72 -39.88
C TYR C 671 5.22 -22.50 -41.37
N GLN C 672 5.79 -23.48 -42.07
CA GLN C 672 6.17 -23.31 -43.46
C GLN C 672 6.03 -24.62 -44.22
N THR C 673 6.01 -24.51 -45.55
CA THR C 673 5.73 -25.65 -46.41
C THR C 673 7.00 -26.48 -46.64
N GLN C 674 6.95 -27.74 -46.27
CA GLN C 674 8.06 -28.65 -46.52
C GLN C 674 7.85 -29.44 -47.81
N ALA C 685 5.09 -30.93 -50.22
CA ALA C 685 4.21 -29.77 -50.18
C ALA C 685 3.48 -29.69 -48.85
N SER C 686 3.81 -30.59 -47.94
CA SER C 686 3.19 -30.63 -46.63
C SER C 686 3.68 -29.47 -45.77
N GLN C 687 2.89 -29.12 -44.76
CA GLN C 687 3.19 -28.04 -43.85
C GLN C 687 3.36 -28.57 -42.44
N SER C 688 4.30 -27.97 -41.70
CA SER C 688 4.60 -28.37 -40.34
C SER C 688 5.21 -27.19 -39.61
N ILE C 689 5.47 -27.39 -38.31
CA ILE C 689 6.16 -26.41 -37.48
C ILE C 689 7.62 -26.82 -37.38
N ILE C 690 8.52 -25.91 -37.75
CA ILE C 690 9.94 -26.20 -37.69
C ILE C 690 10.58 -25.30 -36.63
N ALA C 691 11.76 -25.71 -36.19
CA ALA C 691 12.59 -24.92 -35.30
C ALA C 691 13.92 -24.65 -35.99
N TYR C 692 14.48 -23.47 -35.74
CA TYR C 692 15.69 -23.06 -36.44
C TYR C 692 16.43 -22.02 -35.63
N THR C 693 17.73 -21.96 -35.84
CA THR C 693 18.53 -20.85 -35.33
C THR C 693 18.21 -19.61 -36.16
N MET C 694 17.85 -18.52 -35.48
CA MET C 694 17.35 -17.34 -36.17
C MET C 694 18.45 -16.63 -36.93
N SER C 695 18.08 -16.02 -38.05
CA SER C 695 19.04 -15.30 -38.89
C SER C 695 19.12 -13.84 -38.47
N LEU C 696 20.35 -13.33 -38.41
CA LEU C 696 20.59 -11.96 -38.00
C LEU C 696 20.59 -11.00 -39.19
N GLY C 697 20.41 -11.50 -40.40
CA GLY C 697 20.46 -10.71 -41.60
C GLY C 697 21.38 -11.32 -42.64
N ALA C 698 21.28 -10.77 -43.85
CA ALA C 698 22.11 -11.23 -44.95
C ALA C 698 23.56 -10.79 -44.75
N GLU C 699 24.49 -11.71 -45.04
CA GLU C 699 25.90 -11.42 -44.90
C GLU C 699 26.34 -10.51 -46.03
N ASN C 700 27.10 -9.48 -45.68
CA ASN C 700 27.64 -8.54 -46.66
C ASN C 700 29.11 -8.32 -46.37
N SER C 701 29.86 -8.02 -47.42
CA SER C 701 31.28 -7.71 -47.30
C SER C 701 31.55 -6.43 -48.07
N VAL C 702 31.88 -5.36 -47.36
CA VAL C 702 32.16 -4.08 -47.99
C VAL C 702 33.52 -4.15 -48.64
N ALA C 703 33.58 -3.81 -49.93
CA ALA C 703 34.82 -3.89 -50.70
C ALA C 703 35.74 -2.74 -50.33
N TYR C 704 36.37 -2.87 -49.17
CA TYR C 704 37.27 -1.85 -48.67
C TYR C 704 38.63 -1.93 -49.35
N SER C 705 39.17 -0.76 -49.70
CA SER C 705 40.57 -0.61 -50.03
C SER C 705 40.96 0.82 -49.68
N ASN C 706 42.25 1.12 -49.77
CA ASN C 706 42.77 2.39 -49.30
C ASN C 706 42.65 3.51 -50.34
N ASN C 707 42.13 3.21 -51.54
CA ASN C 707 41.99 4.26 -52.54
C ASN C 707 40.72 4.12 -53.38
N SER C 708 39.65 3.55 -52.82
CA SER C 708 38.40 3.37 -53.56
C SER C 708 37.24 3.92 -52.75
N ILE C 709 36.31 4.58 -53.44
CA ILE C 709 35.14 5.17 -52.82
C ILE C 709 33.92 4.80 -53.67
N ALA C 710 32.77 4.63 -53.03
CA ALA C 710 31.51 4.43 -53.73
C ALA C 710 30.61 5.63 -53.50
N ILE C 711 30.23 6.29 -54.59
CA ILE C 711 29.37 7.47 -54.52
C ILE C 711 28.11 7.22 -55.34
N PRO C 712 26.93 7.53 -54.79
CA PRO C 712 25.69 7.26 -55.51
C PRO C 712 25.53 8.11 -56.77
N THR C 713 24.92 7.49 -57.79
CA THR C 713 24.58 8.18 -59.02
C THR C 713 23.10 8.52 -59.09
N ASN C 714 22.26 7.88 -58.29
CA ASN C 714 20.84 8.18 -58.22
C ASN C 714 20.45 8.15 -56.74
N PHE C 715 19.15 8.11 -56.48
CA PHE C 715 18.63 8.14 -55.13
C PHE C 715 17.18 7.67 -55.12
N THR C 716 16.63 7.54 -53.92
CA THR C 716 15.25 7.12 -53.72
C THR C 716 14.63 7.96 -52.61
N ILE C 717 13.51 8.61 -52.91
CA ILE C 717 12.73 9.30 -51.90
C ILE C 717 11.83 8.27 -51.21
N SER C 718 12.11 8.00 -49.95
CA SER C 718 11.42 6.95 -49.21
C SER C 718 10.61 7.57 -48.08
N VAL C 719 9.35 7.14 -47.97
CA VAL C 719 8.47 7.55 -46.88
C VAL C 719 8.18 6.32 -46.03
N THR C 720 8.44 6.43 -44.72
CA THR C 720 8.15 5.38 -43.77
C THR C 720 7.21 5.93 -42.70
N THR C 721 6.51 5.01 -42.03
CA THR C 721 5.59 5.35 -40.96
C THR C 721 6.25 5.07 -39.61
N GLU C 722 6.10 6.00 -38.69
CA GLU C 722 6.48 5.76 -37.30
C GLU C 722 5.30 6.09 -36.41
N ILE C 723 4.95 5.16 -35.53
CA ILE C 723 3.69 5.17 -34.81
C ILE C 723 3.99 5.24 -33.32
N LEU C 724 3.47 6.25 -32.65
CA LEU C 724 3.72 6.43 -31.24
C LEU C 724 2.41 6.66 -30.49
N PRO C 725 2.16 5.93 -29.41
CA PRO C 725 1.01 6.26 -28.57
C PRO C 725 1.23 7.53 -27.79
N VAL C 726 0.17 8.33 -27.70
CA VAL C 726 0.20 9.63 -27.04
C VAL C 726 -0.59 9.63 -25.74
N SER C 727 -1.83 9.17 -25.77
CA SER C 727 -2.67 9.14 -24.58
C SER C 727 -3.22 7.73 -24.39
N MET C 728 -3.84 7.52 -23.24
CA MET C 728 -4.53 6.28 -22.93
C MET C 728 -5.89 6.61 -22.34
N THR C 729 -6.64 5.57 -22.00
CA THR C 729 -8.01 5.75 -21.53
C THR C 729 -8.05 6.37 -20.14
N LYS C 730 -8.84 7.42 -19.99
CA LYS C 730 -9.01 8.09 -18.72
C LYS C 730 -10.15 7.42 -17.97
N THR C 731 -9.81 6.69 -16.91
CA THR C 731 -10.81 5.93 -16.15
C THR C 731 -11.10 6.62 -14.83
N SER C 732 -12.30 6.37 -14.32
CA SER C 732 -12.72 6.86 -13.01
C SER C 732 -13.39 5.70 -12.28
N VAL C 733 -12.99 5.50 -11.02
CA VAL C 733 -13.45 4.37 -10.22
C VAL C 733 -14.25 4.91 -9.05
N ASP C 734 -15.48 4.42 -8.89
CA ASP C 734 -16.32 4.73 -7.75
C ASP C 734 -16.07 3.62 -6.73
N CYS C 735 -15.54 4.00 -5.56
CA CYS C 735 -15.25 2.99 -4.53
C CYS C 735 -16.50 2.44 -3.88
N THR C 736 -17.55 3.26 -3.73
CA THR C 736 -18.77 2.78 -3.10
C THR C 736 -19.43 1.71 -3.95
N MET C 737 -19.54 1.96 -5.26
CA MET C 737 -20.18 1.00 -6.16
C MET C 737 -19.31 -0.24 -6.36
N TYR C 738 -17.99 -0.10 -6.28
CA TYR C 738 -17.14 -1.27 -6.51
C TYR C 738 -17.02 -2.10 -5.25
N ILE C 739 -16.73 -1.46 -4.11
CA ILE C 739 -16.53 -2.20 -2.87
C ILE C 739 -17.86 -2.65 -2.28
N CYS C 740 -18.73 -1.70 -1.90
CA CYS C 740 -19.93 -2.23 -1.25
C CYS C 740 -21.07 -2.47 -2.23
N GLY C 741 -21.52 -1.46 -2.94
CA GLY C 741 -22.44 -1.71 -4.04
C GLY C 741 -23.42 -0.58 -4.23
N ASP C 742 -24.56 -0.96 -4.81
CA ASP C 742 -25.62 -0.05 -5.22
C ASP C 742 -26.30 0.63 -4.03
N SER C 743 -26.70 -0.14 -3.02
CA SER C 743 -27.34 0.43 -1.85
C SER C 743 -26.94 -0.29 -0.57
N THR C 744 -25.87 -1.09 -0.59
CA THR C 744 -25.39 -1.73 0.63
C THR C 744 -24.78 -0.68 1.55
N GLU C 745 -25.28 -0.63 2.78
CA GLU C 745 -24.79 0.35 3.74
C GLU C 745 -23.37 -0.02 4.16
N CYS C 746 -22.40 0.76 3.67
CA CYS C 746 -20.98 0.54 3.92
C CYS C 746 -20.31 1.77 4.50
N SER C 747 -21.06 2.78 4.93
CA SER C 747 -20.51 3.95 5.59
C SER C 747 -19.93 3.64 6.96
N ASN C 748 -20.40 2.57 7.59
CA ASN C 748 -19.79 2.03 8.80
C ASN C 748 -18.63 1.10 8.50
N LEU C 749 -18.35 0.84 7.22
CA LEU C 749 -17.36 -0.15 6.83
C LEU C 749 -16.14 0.47 6.17
N LEU C 750 -16.31 1.24 5.11
CA LEU C 750 -15.19 1.84 4.40
C LEU C 750 -14.59 3.03 5.14
N LEU C 751 -15.38 3.70 5.97
CA LEU C 751 -14.86 4.80 6.78
C LEU C 751 -13.95 4.34 7.90
N GLN C 752 -13.95 3.05 8.22
CA GLN C 752 -13.04 2.50 9.21
C GLN C 752 -11.63 2.34 8.67
N TYR C 753 -11.44 2.41 7.36
CA TYR C 753 -10.11 2.21 6.78
C TYR C 753 -9.42 3.53 6.46
N GLY C 754 -10.12 4.64 6.58
CA GLY C 754 -9.50 5.95 6.41
C GLY C 754 -9.62 6.49 4.99
N SER C 755 -8.80 7.49 4.72
CA SER C 755 -8.79 8.17 3.42
C SER C 755 -7.91 7.40 2.44
N PHE C 756 -8.46 6.30 1.93
CA PHE C 756 -7.74 5.44 1.00
C PHE C 756 -8.27 5.63 -0.42
N CYS C 757 -9.58 5.65 -0.57
CA CYS C 757 -10.18 5.98 -1.85
C CYS C 757 -10.00 7.44 -2.25
N THR C 758 -9.71 8.33 -1.31
CA THR C 758 -9.25 9.66 -1.69
C THR C 758 -7.91 9.58 -2.42
N GLN C 759 -7.01 8.68 -1.97
CA GLN C 759 -5.75 8.47 -2.67
C GLN C 759 -5.98 7.89 -4.06
N LEU C 760 -6.89 6.92 -4.19
CA LEU C 760 -7.22 6.42 -5.53
C LEU C 760 -7.83 7.49 -6.43
N LYS C 761 -8.69 8.34 -5.88
CA LYS C 761 -9.35 9.36 -6.69
C LYS C 761 -8.36 10.43 -7.13
N ARG C 762 -7.46 10.87 -6.23
CA ARG C 762 -6.45 11.84 -6.61
C ARG C 762 -5.45 11.25 -7.60
N ALA C 763 -5.16 9.95 -7.48
CA ALA C 763 -4.23 9.30 -8.39
C ALA C 763 -4.82 9.17 -9.79
N LEU C 764 -6.08 8.72 -9.89
CA LEU C 764 -6.71 8.58 -11.19
C LEU C 764 -7.01 9.92 -11.83
N THR C 765 -7.32 10.94 -11.03
CA THR C 765 -7.47 12.29 -11.55
C THR C 765 -6.16 12.83 -12.10
N GLY C 766 -5.05 12.55 -11.40
CA GLY C 766 -3.74 12.94 -11.91
C GLY C 766 -3.38 12.23 -13.19
N ILE C 767 -3.75 10.95 -13.31
CA ILE C 767 -3.53 10.20 -14.55
C ILE C 767 -4.33 10.81 -15.70
N ALA C 768 -5.60 11.16 -15.44
CA ALA C 768 -6.46 11.72 -16.49
C ALA C 768 -5.96 13.09 -16.98
N VAL C 769 -5.58 13.96 -16.03
CA VAL C 769 -5.00 15.25 -16.37
C VAL C 769 -3.67 15.06 -17.10
N GLU C 770 -2.93 13.99 -16.77
CA GLU C 770 -1.66 13.72 -17.43
C GLU C 770 -1.84 13.33 -18.89
N GLN C 771 -2.86 12.51 -19.22
CA GLN C 771 -3.10 12.25 -20.65
C GLN C 771 -3.63 13.45 -21.40
N ASP C 772 -4.46 14.29 -20.77
CA ASP C 772 -4.86 15.52 -21.45
C ASP C 772 -3.67 16.44 -21.71
N LYS C 773 -2.74 16.51 -20.75
CA LYS C 773 -1.50 17.25 -20.94
C LYS C 773 -0.63 16.64 -22.03
N ASN C 774 -0.64 15.31 -22.14
CA ASN C 774 0.11 14.62 -23.19
C ASN C 774 -0.38 14.97 -24.58
N THR C 775 -1.70 14.91 -24.78
CA THR C 775 -2.28 15.29 -26.07
C THR C 775 -2.04 16.77 -26.37
N GLN C 776 -2.13 17.62 -25.34
CA GLN C 776 -1.89 19.05 -25.50
C GLN C 776 -0.44 19.34 -25.89
N GLU C 777 0.51 18.60 -25.32
CA GLU C 777 1.91 18.83 -25.66
C GLU C 777 2.26 18.28 -27.04
N VAL C 778 1.67 17.15 -27.43
CA VAL C 778 2.01 16.57 -28.73
C VAL C 778 1.41 17.37 -29.87
N PHE C 779 0.12 17.68 -29.80
CA PHE C 779 -0.52 18.24 -30.99
C PHE C 779 -0.59 19.77 -31.00
N ALA C 780 -0.76 20.42 -29.84
CA ALA C 780 -0.88 21.87 -29.82
C ALA C 780 0.52 22.50 -29.72
N GLN C 781 1.20 22.53 -30.87
CA GLN C 781 2.50 23.16 -30.98
C GLN C 781 2.50 24.32 -31.97
N VAL C 782 1.33 24.74 -32.45
CA VAL C 782 1.21 25.90 -33.33
C VAL C 782 0.41 26.98 -32.61
N LYS C 783 0.85 28.22 -32.76
CA LYS C 783 0.14 29.35 -32.20
C LYS C 783 -1.06 29.77 -33.05
N GLN C 784 -1.09 29.36 -34.31
CA GLN C 784 -2.17 29.71 -35.23
C GLN C 784 -2.60 28.48 -36.01
N ILE C 785 -3.85 28.46 -36.42
CA ILE C 785 -4.39 27.39 -37.24
C ILE C 785 -4.16 27.75 -38.71
N TYR C 786 -3.24 27.04 -39.35
CA TYR C 786 -2.85 27.36 -40.72
C TYR C 786 -3.72 26.59 -41.70
N LYS C 787 -3.97 27.22 -42.85
CA LYS C 787 -4.76 26.61 -43.91
C LYS C 787 -4.02 26.69 -45.24
N THR C 788 -4.17 25.64 -46.04
CA THR C 788 -3.61 25.58 -47.37
C THR C 788 -4.36 26.52 -48.30
N PRO C 789 -3.72 26.99 -49.37
CA PRO C 789 -4.45 27.75 -50.39
C PRO C 789 -5.45 26.88 -51.12
N PRO C 790 -6.54 27.46 -51.65
CA PRO C 790 -7.54 26.65 -52.36
C PRO C 790 -7.04 26.00 -53.63
N ILE C 791 -6.01 26.56 -54.28
CA ILE C 791 -5.35 25.92 -55.40
C ILE C 791 -4.22 25.09 -54.81
N LYS C 792 -4.39 23.77 -54.79
CA LYS C 792 -3.43 22.87 -54.14
C LYS C 792 -2.47 22.29 -55.18
N TYR C 793 -1.67 23.17 -55.76
CA TYR C 793 -0.54 22.80 -56.60
C TYR C 793 0.74 23.20 -55.88
N PHE C 794 1.62 22.22 -55.67
CA PHE C 794 2.84 22.44 -54.88
C PHE C 794 4.05 21.93 -55.65
N GLY C 795 4.12 22.29 -56.93
CA GLY C 795 5.24 21.92 -57.76
C GLY C 795 5.21 20.49 -58.26
N GLY C 796 4.05 19.84 -58.25
CA GLY C 796 3.95 18.45 -58.65
C GLY C 796 3.87 17.46 -57.51
N PHE C 797 3.94 17.94 -56.27
CA PHE C 797 3.82 17.09 -55.09
C PHE C 797 2.36 17.00 -54.70
N ASN C 798 1.84 15.77 -54.61
CA ASN C 798 0.42 15.54 -54.38
C ASN C 798 0.24 15.26 -52.89
N PHE C 799 -0.38 16.20 -52.17
CA PHE C 799 -0.62 16.08 -50.75
C PHE C 799 -2.07 15.77 -50.42
N SER C 800 -2.88 15.40 -51.42
CA SER C 800 -4.30 15.11 -51.19
C SER C 800 -4.52 13.88 -50.33
N GLN C 801 -3.51 13.02 -50.22
CA GLN C 801 -3.56 11.88 -49.32
C GLN C 801 -3.46 12.27 -47.86
N ILE C 802 -2.78 13.37 -47.55
CA ILE C 802 -2.57 13.78 -46.18
C ILE C 802 -3.31 15.06 -45.81
N LEU C 803 -3.66 15.90 -46.77
CA LEU C 803 -4.51 17.04 -46.46
C LEU C 803 -5.94 16.56 -46.18
N PRO C 804 -6.70 17.30 -45.37
CA PRO C 804 -8.06 16.86 -45.03
C PRO C 804 -8.99 16.80 -46.23
N ASP C 805 -9.90 15.83 -46.20
CA ASP C 805 -10.85 15.63 -47.28
C ASP C 805 -12.10 16.42 -46.89
N PRO C 806 -12.49 17.45 -47.64
CA PRO C 806 -13.67 18.23 -47.26
C PRO C 806 -14.99 17.51 -47.51
N SER C 807 -15.00 16.45 -48.32
CA SER C 807 -16.23 15.72 -48.63
C SER C 807 -16.72 14.86 -47.49
N LYS C 808 -15.90 14.62 -46.47
CA LYS C 808 -16.29 13.83 -45.32
C LYS C 808 -16.60 14.75 -44.14
N PRO C 809 -17.59 14.39 -43.31
CA PRO C 809 -17.91 15.22 -42.15
C PRO C 809 -16.88 15.16 -41.03
N SER C 810 -15.99 14.17 -41.04
CA SER C 810 -14.94 14.06 -40.04
C SER C 810 -13.81 15.06 -40.27
N LYS C 811 -13.71 15.60 -41.49
CA LYS C 811 -12.66 16.54 -41.92
C LYS C 811 -11.27 15.96 -41.69
N ARG C 812 -11.09 14.72 -42.11
CA ARG C 812 -9.85 13.98 -41.95
C ARG C 812 -9.31 13.58 -43.32
N SER C 813 -8.00 13.32 -43.35
CA SER C 813 -7.37 12.83 -44.56
C SER C 813 -7.76 11.38 -44.80
N PRO C 814 -7.59 10.88 -46.04
CA PRO C 814 -7.79 9.43 -46.27
C PRO C 814 -6.88 8.55 -45.43
N ILE C 815 -5.65 8.97 -45.18
CA ILE C 815 -4.75 8.19 -44.32
C ILE C 815 -5.24 8.22 -42.88
N GLU C 816 -5.66 9.39 -42.38
CA GLU C 816 -6.20 9.47 -41.03
C GLU C 816 -7.51 8.72 -40.88
N ASP C 817 -8.34 8.74 -41.92
CA ASP C 817 -9.59 7.98 -41.89
C ASP C 817 -9.31 6.48 -41.86
N LEU C 818 -8.29 6.04 -42.60
CA LEU C 818 -7.87 4.64 -42.55
C LEU C 818 -7.31 4.27 -41.17
N LEU C 819 -6.55 5.18 -40.56
CA LEU C 819 -5.99 4.93 -39.24
C LEU C 819 -7.09 4.82 -38.18
N PHE C 820 -8.11 5.68 -38.27
CA PHE C 820 -9.24 5.58 -37.34
C PHE C 820 -10.11 4.36 -37.61
N ASN C 821 -10.14 3.89 -38.86
CA ASN C 821 -10.92 2.69 -39.14
C ASN C 821 -10.22 1.41 -38.71
N LYS C 822 -8.89 1.35 -38.77
CA LYS C 822 -8.20 0.11 -38.44
C LYS C 822 -8.17 -0.14 -36.93
N VAL C 823 -8.04 0.90 -36.12
CA VAL C 823 -7.98 0.73 -34.67
C VAL C 823 -9.39 0.52 -34.14
N THR C 824 -9.64 -0.68 -33.62
CA THR C 824 -10.89 -0.99 -32.94
C THR C 824 -10.81 -0.44 -31.54
N LEU C 825 -11.73 0.46 -31.20
CA LEU C 825 -11.65 1.24 -29.98
C LEU C 825 -12.71 0.77 -28.99
N ALA C 826 -12.32 0.68 -27.72
CA ALA C 826 -13.19 0.14 -26.68
C ALA C 826 -13.35 1.10 -25.50
N ASP C 827 -13.50 2.39 -25.78
CA ASP C 827 -13.82 3.34 -24.71
C ASP C 827 -15.29 3.27 -24.36
N ALA C 828 -15.62 3.81 -23.19
CA ALA C 828 -17.00 3.94 -22.75
C ALA C 828 -17.35 5.39 -22.41
N GLY C 829 -16.90 6.32 -23.24
CA GLY C 829 -17.20 7.73 -23.05
C GLY C 829 -18.52 8.15 -23.66
N PHE C 830 -19.58 7.42 -23.33
CA PHE C 830 -20.91 7.68 -23.84
C PHE C 830 -21.88 7.76 -22.67
N ILE C 831 -23.13 8.12 -22.97
CA ILE C 831 -24.12 8.41 -21.95
C ILE C 831 -25.26 7.40 -21.96
N LYS C 832 -25.94 7.24 -23.10
CA LYS C 832 -27.15 6.44 -23.15
C LYS C 832 -26.83 4.95 -23.14
N GLN C 833 -27.48 4.21 -22.26
CA GLN C 833 -27.29 2.78 -22.15
C GLN C 833 -28.59 2.07 -21.79
N ARG C 844 -27.57 -7.47 -27.04
CA ARG C 844 -28.02 -6.24 -26.40
C ARG C 844 -27.20 -5.94 -25.16
N ASP C 845 -26.42 -6.92 -24.70
CA ASP C 845 -25.57 -6.78 -23.53
C ASP C 845 -24.19 -6.32 -23.98
N LEU C 846 -23.76 -5.15 -23.52
CA LEU C 846 -22.53 -4.53 -23.96
C LEU C 846 -21.45 -4.72 -22.90
N ILE C 847 -20.20 -4.88 -23.35
CA ILE C 847 -19.07 -5.05 -22.44
C ILE C 847 -18.78 -3.75 -21.69
N CYS C 848 -19.22 -2.60 -22.21
CA CYS C 848 -19.08 -1.33 -21.52
C CYS C 848 -20.13 -1.11 -20.43
N ALA C 849 -20.83 -2.15 -20.00
CA ALA C 849 -21.66 -2.07 -18.81
C ALA C 849 -20.85 -2.44 -17.57
N GLN C 850 -19.67 -1.84 -17.45
CA GLN C 850 -18.89 -1.84 -16.21
C GLN C 850 -19.16 -0.60 -15.39
N LYS C 851 -20.07 0.26 -15.86
CA LYS C 851 -20.51 1.43 -15.10
C LYS C 851 -21.18 1.01 -13.81
N PHE C 852 -21.97 -0.06 -13.85
CA PHE C 852 -22.75 -0.55 -12.72
C PHE C 852 -21.87 -1.10 -11.60
N LYS C 853 -20.62 -1.42 -11.88
CA LYS C 853 -19.64 -1.76 -10.86
C LYS C 853 -18.78 -0.55 -10.48
N GLY C 854 -19.11 0.63 -10.99
CA GLY C 854 -18.41 1.84 -10.60
C GLY C 854 -17.22 2.21 -11.46
N LEU C 855 -17.08 1.61 -12.63
CA LEU C 855 -15.93 1.85 -13.50
C LEU C 855 -16.40 2.60 -14.74
N THR C 856 -16.04 3.88 -14.83
CA THR C 856 -16.46 4.74 -15.93
C THR C 856 -15.25 5.20 -16.72
N VAL C 857 -15.51 5.76 -17.89
CA VAL C 857 -14.49 6.30 -18.78
C VAL C 857 -14.78 7.77 -19.01
N LEU C 858 -13.79 8.62 -18.75
CA LEU C 858 -13.92 10.05 -18.98
C LEU C 858 -13.49 10.39 -20.40
N PRO C 859 -14.25 11.23 -21.10
CA PRO C 859 -13.87 11.61 -22.47
C PRO C 859 -12.71 12.59 -22.46
N PRO C 860 -11.86 12.57 -23.48
CA PRO C 860 -10.71 13.49 -23.52
C PRO C 860 -11.15 14.93 -23.77
N LEU C 861 -10.27 15.85 -23.37
CA LEU C 861 -10.54 17.28 -23.55
C LEU C 861 -10.55 17.67 -25.01
N LEU C 862 -9.58 17.21 -25.78
CA LEU C 862 -9.52 17.46 -27.21
C LEU C 862 -10.22 16.31 -27.93
N THR C 863 -11.20 16.65 -28.76
CA THR C 863 -11.90 15.65 -29.54
C THR C 863 -11.04 15.21 -30.73
N ASP C 864 -11.57 14.26 -31.50
CA ASP C 864 -10.88 13.80 -32.69
C ASP C 864 -10.85 14.89 -33.76
N GLU C 865 -11.90 15.71 -33.82
CA GLU C 865 -11.93 16.81 -34.77
C GLU C 865 -10.90 17.88 -34.41
N MET C 866 -10.69 18.13 -33.13
CA MET C 866 -9.73 19.16 -32.71
C MET C 866 -8.29 18.69 -32.95
N ILE C 867 -8.03 17.42 -32.71
CA ILE C 867 -6.72 16.85 -33.02
C ILE C 867 -6.49 16.85 -34.53
N ALA C 868 -7.54 16.59 -35.31
CA ALA C 868 -7.43 16.66 -36.77
C ALA C 868 -7.19 18.10 -37.24
N GLN C 869 -7.77 19.09 -36.56
CA GLN C 869 -7.51 20.48 -36.92
C GLN C 869 -6.09 20.90 -36.57
N TYR C 870 -5.58 20.43 -35.42
CA TYR C 870 -4.17 20.68 -35.10
C TYR C 870 -3.23 20.04 -36.11
N THR C 871 -3.54 18.81 -36.52
CA THR C 871 -2.73 18.14 -37.52
C THR C 871 -2.81 18.84 -38.87
N SER C 872 -4.00 19.33 -39.24
CA SER C 872 -4.17 20.09 -40.48
C SER C 872 -3.40 21.39 -40.45
N ALA C 873 -3.38 22.08 -39.31
CA ALA C 873 -2.60 23.29 -39.16
C ALA C 873 -1.11 23.02 -39.28
N LEU C 874 -0.64 21.92 -38.68
CA LEU C 874 0.76 21.50 -38.80
C LEU C 874 1.13 21.19 -40.24
N LEU C 875 0.27 20.46 -40.95
CA LEU C 875 0.53 20.13 -42.35
C LEU C 875 0.52 21.35 -43.25
N ALA C 876 -0.44 22.26 -43.04
CA ALA C 876 -0.52 23.48 -43.84
C ALA C 876 0.69 24.37 -43.60
N GLY C 877 1.12 24.50 -42.35
CA GLY C 877 2.31 25.28 -42.06
C GLY C 877 3.57 24.66 -42.64
N THR C 878 3.69 23.33 -42.55
CA THR C 878 4.87 22.64 -43.07
C THR C 878 4.94 22.75 -44.59
N ILE C 879 3.81 22.59 -45.28
CA ILE C 879 3.81 22.66 -46.74
C ILE C 879 4.02 24.09 -47.22
N THR C 880 3.32 25.07 -46.62
CA THR C 880 3.36 26.41 -47.17
C THR C 880 4.47 27.29 -46.60
N SER C 881 5.15 26.86 -45.53
CA SER C 881 6.13 27.76 -44.90
C SER C 881 7.42 27.07 -44.48
N GLY C 882 7.54 25.76 -44.64
CA GLY C 882 8.79 25.10 -44.27
C GLY C 882 8.94 24.97 -42.78
N TRP C 883 10.15 25.25 -42.28
CA TRP C 883 10.38 25.26 -40.84
C TRP C 883 10.19 26.63 -40.21
N THR C 884 9.81 27.63 -41.00
CA THR C 884 9.79 29.00 -40.51
C THR C 884 8.65 29.26 -39.54
N PHE C 885 7.55 28.50 -39.66
CA PHE C 885 6.41 28.72 -38.79
C PHE C 885 6.64 28.16 -37.39
N GLY C 886 7.56 27.22 -37.24
CA GLY C 886 7.90 26.67 -35.95
C GLY C 886 8.95 27.45 -35.19
N ALA C 887 9.47 28.52 -35.76
CA ALA C 887 10.50 29.32 -35.11
C ALA C 887 10.18 30.80 -35.28
N GLY C 888 8.91 31.14 -35.20
CA GLY C 888 8.47 32.50 -35.38
C GLY C 888 7.27 32.60 -36.31
N PRO C 889 7.18 33.71 -37.05
CA PRO C 889 6.06 33.86 -37.98
C PRO C 889 6.22 32.96 -39.19
N ALA C 890 5.08 32.60 -39.79
CA ALA C 890 5.09 31.76 -40.98
C ALA C 890 5.50 32.58 -42.20
N LEU C 891 6.52 32.10 -42.89
CA LEU C 891 7.08 32.78 -44.06
C LEU C 891 6.82 31.89 -45.27
N GLN C 892 6.03 32.39 -46.23
CA GLN C 892 5.72 31.60 -47.41
C GLN C 892 6.95 31.41 -48.28
N ILE C 893 7.00 30.29 -48.98
CA ILE C 893 8.10 29.91 -49.86
C ILE C 893 7.51 28.93 -50.86
N PRO C 894 7.93 28.94 -52.12
CA PRO C 894 7.53 27.86 -53.02
C PRO C 894 8.06 26.52 -52.53
N PHE C 895 7.20 25.50 -52.61
CA PHE C 895 7.57 24.17 -52.11
C PHE C 895 8.74 23.52 -52.86
N PRO C 896 8.93 23.68 -54.18
CA PRO C 896 10.22 23.27 -54.76
C PRO C 896 11.41 24.09 -54.30
N MET C 897 11.21 25.24 -53.64
CA MET C 897 12.36 25.92 -53.06
C MET C 897 12.53 25.55 -51.59
N GLN C 898 11.47 25.11 -50.93
CA GLN C 898 11.60 24.50 -49.61
C GLN C 898 12.40 23.20 -49.69
N MET C 899 12.14 22.41 -50.72
CA MET C 899 12.78 21.11 -50.82
C MET C 899 14.25 21.25 -51.22
N ALA C 900 14.59 22.35 -51.89
CA ALA C 900 15.99 22.62 -52.20
C ALA C 900 16.73 23.10 -50.96
N TYR C 901 16.03 23.80 -50.07
CA TYR C 901 16.57 24.14 -48.76
C TYR C 901 16.82 22.86 -47.96
N ARG C 902 15.92 21.89 -48.08
CA ARG C 902 16.05 20.65 -47.32
C ARG C 902 17.09 19.71 -47.92
N PHE C 903 17.35 19.80 -49.22
CA PHE C 903 18.49 19.09 -49.81
C PHE C 903 19.82 19.63 -49.30
N ASN C 904 19.90 20.95 -49.06
CA ASN C 904 21.12 21.51 -48.49
C ASN C 904 21.33 21.07 -47.05
N GLY C 905 20.26 20.69 -46.35
CA GLY C 905 20.38 20.21 -44.99
C GLY C 905 21.05 18.85 -44.89
N ILE C 906 21.03 18.06 -45.97
CA ILE C 906 21.65 16.75 -45.99
C ILE C 906 22.92 16.75 -46.84
N GLY C 907 23.41 17.92 -47.23
CA GLY C 907 24.67 18.00 -47.95
C GLY C 907 24.58 17.77 -49.44
N VAL C 908 23.43 18.07 -50.06
CA VAL C 908 23.22 17.89 -51.48
C VAL C 908 22.81 19.23 -52.06
N THR C 909 23.39 19.60 -53.20
CA THR C 909 23.15 20.92 -53.76
C THR C 909 21.74 21.04 -54.34
N GLN C 910 21.35 22.28 -54.67
CA GLN C 910 19.99 22.58 -55.08
C GLN C 910 19.67 22.01 -56.46
N ASN C 911 20.65 22.03 -57.36
CA ASN C 911 20.42 21.57 -58.72
C ASN C 911 20.07 20.10 -58.81
N VAL C 912 20.52 19.28 -57.85
CA VAL C 912 20.15 17.87 -57.81
C VAL C 912 18.64 17.72 -57.64
N LEU C 913 18.01 18.66 -56.93
CA LEU C 913 16.55 18.76 -56.99
C LEU C 913 16.08 19.32 -58.33
N TYR C 914 16.70 20.40 -58.82
CA TYR C 914 16.04 21.15 -59.89
C TYR C 914 16.11 20.47 -61.27
N GLU C 915 17.19 19.75 -61.60
CA GLU C 915 17.09 18.87 -62.77
C GLU C 915 16.25 17.62 -62.51
N ASN C 916 15.95 17.28 -61.26
CA ASN C 916 15.20 16.06 -60.98
C ASN C 916 13.89 16.31 -60.26
N GLN C 917 13.23 17.44 -60.53
CA GLN C 917 12.04 17.83 -59.76
C GLN C 917 10.86 16.92 -60.05
N LYS C 918 10.63 16.59 -61.33
CA LYS C 918 9.54 15.70 -61.71
C LYS C 918 9.76 14.30 -61.16
N LEU C 919 11.01 13.82 -61.18
CA LEU C 919 11.35 12.50 -60.66
C LEU C 919 11.09 12.43 -59.15
N ILE C 920 11.49 13.46 -58.41
CA ILE C 920 11.32 13.48 -56.97
C ILE C 920 9.84 13.60 -56.60
N ALA C 921 9.09 14.39 -57.36
CA ALA C 921 7.64 14.48 -57.14
C ALA C 921 6.95 13.15 -57.40
N ASN C 922 7.36 12.44 -58.46
CA ASN C 922 6.76 11.14 -58.77
C ASN C 922 7.11 10.09 -57.74
N GLN C 923 8.37 10.08 -57.27
CA GLN C 923 8.78 9.15 -56.23
C GLN C 923 8.07 9.42 -54.92
N PHE C 924 7.88 10.69 -54.58
CA PHE C 924 7.15 11.04 -53.36
C PHE C 924 5.69 10.61 -53.45
N ASN C 925 5.05 10.84 -54.60
CA ASN C 925 3.64 10.47 -54.76
C ASN C 925 3.45 8.95 -54.71
N SER C 926 4.36 8.22 -55.36
CA SER C 926 4.32 6.76 -55.33
C SER C 926 4.57 6.24 -53.92
N ALA C 927 5.47 6.90 -53.17
CA ALA C 927 5.76 6.47 -51.81
C ALA C 927 4.57 6.68 -50.87
N ILE C 928 3.85 7.80 -51.02
CA ILE C 928 2.67 8.05 -50.19
C ILE C 928 1.54 7.09 -50.55
N GLY C 929 1.40 6.76 -51.85
CA GLY C 929 0.47 5.72 -52.24
C GLY C 929 0.81 4.36 -51.65
N LYS C 930 2.11 4.07 -51.56
CA LYS C 930 2.56 2.87 -50.86
C LYS C 930 2.28 2.93 -49.36
N ILE C 931 2.28 4.12 -48.76
CA ILE C 931 1.91 4.24 -47.34
C ILE C 931 0.46 3.86 -47.13
N GLN C 932 -0.44 4.35 -48.00
CA GLN C 932 -1.85 3.94 -47.87
C GLN C 932 -2.03 2.46 -48.16
N ASP C 933 -1.30 1.92 -49.15
CA ASP C 933 -1.43 0.51 -49.47
C ASP C 933 -0.87 -0.38 -48.36
N SER C 934 0.14 0.09 -47.63
CA SER C 934 0.71 -0.70 -46.54
C SER C 934 -0.10 -0.57 -45.26
N LEU C 935 -0.80 0.56 -45.07
CA LEU C 935 -1.65 0.68 -43.90
C LEU C 935 -3.01 0.02 -44.11
N SER C 936 -3.48 -0.08 -45.36
CA SER C 936 -4.72 -0.81 -45.63
C SER C 936 -4.54 -2.30 -45.38
N SER C 937 -3.39 -2.84 -45.78
CA SER C 937 -3.00 -4.19 -45.40
C SER C 937 -2.24 -4.14 -44.09
N THR C 938 -1.58 -5.24 -43.72
CA THR C 938 -0.74 -5.41 -42.53
C THR C 938 -1.48 -5.05 -41.25
N PRO C 939 -2.36 -5.93 -40.75
CA PRO C 939 -3.17 -5.59 -39.56
C PRO C 939 -2.36 -5.36 -38.28
N SER C 940 -1.11 -5.82 -38.22
CA SER C 940 -0.26 -5.59 -37.06
C SER C 940 0.54 -4.30 -37.15
N ALA C 941 0.23 -3.42 -38.11
CA ALA C 941 0.95 -2.16 -38.24
C ALA C 941 0.61 -1.21 -37.09
N LEU C 942 -0.68 -1.12 -36.74
CA LEU C 942 -1.15 -0.26 -35.66
C LEU C 942 -1.23 -1.02 -34.34
N GLY C 943 -0.32 -1.95 -34.10
CA GLY C 943 -0.38 -2.74 -32.89
C GLY C 943 -0.01 -1.97 -31.64
N LYS C 944 0.74 -0.87 -31.77
CA LYS C 944 1.17 -0.12 -30.59
C LYS C 944 0.00 0.62 -29.94
N LEU C 945 -0.98 1.04 -30.72
CA LEU C 945 -2.18 1.67 -30.20
C LEU C 945 -3.19 0.65 -29.71
N GLN C 946 -3.31 -0.45 -30.46
CA GLN C 946 -4.22 -1.52 -30.09
C GLN C 946 -3.78 -2.20 -28.81
N ASP C 947 -2.47 -2.27 -28.53
CA ASP C 947 -2.02 -2.79 -27.25
C ASP C 947 -2.39 -1.88 -26.09
N VAL C 948 -2.36 -0.56 -26.29
CA VAL C 948 -2.80 0.36 -25.23
C VAL C 948 -4.28 0.15 -24.94
N VAL C 949 -5.10 0.05 -25.99
CA VAL C 949 -6.53 -0.17 -25.83
C VAL C 949 -6.80 -1.54 -25.18
N ASN C 950 -6.06 -2.57 -25.60
CA ASN C 950 -6.30 -3.91 -25.08
C ASN C 950 -5.79 -4.07 -23.65
N HIS C 951 -4.70 -3.42 -23.27
CA HIS C 951 -4.26 -3.47 -21.88
C HIS C 951 -5.21 -2.72 -20.97
N ASN C 952 -5.80 -1.62 -21.45
CA ASN C 952 -6.86 -0.98 -20.66
C ASN C 952 -8.07 -1.89 -20.51
N ALA C 953 -8.46 -2.57 -21.59
CA ALA C 953 -9.60 -3.48 -21.53
C ALA C 953 -9.33 -4.67 -20.61
N GLN C 954 -8.12 -5.23 -20.65
CA GLN C 954 -7.79 -6.35 -19.77
C GLN C 954 -7.69 -5.91 -18.31
N ALA C 955 -7.18 -4.69 -18.06
CA ALA C 955 -7.13 -4.19 -16.69
C ALA C 955 -8.53 -3.98 -16.12
N LEU C 956 -9.45 -3.43 -16.91
CA LEU C 956 -10.81 -3.25 -16.44
C LEU C 956 -11.54 -4.57 -16.30
N ASN C 957 -11.30 -5.53 -17.20
CA ASN C 957 -11.97 -6.83 -17.10
C ASN C 957 -11.43 -7.64 -15.94
N THR C 958 -10.13 -7.54 -15.66
CA THR C 958 -9.56 -8.20 -14.49
C THR C 958 -10.07 -7.57 -13.21
N LEU C 959 -10.27 -6.24 -13.20
CA LEU C 959 -10.78 -5.57 -12.02
C LEU C 959 -12.23 -5.95 -11.74
N VAL C 960 -13.01 -6.23 -12.79
CA VAL C 960 -14.39 -6.69 -12.62
C VAL C 960 -14.42 -8.10 -12.07
N LYS C 961 -13.59 -9.00 -12.61
CA LYS C 961 -13.64 -10.41 -12.23
C LYS C 961 -13.12 -10.70 -10.83
N GLN C 962 -12.48 -9.75 -10.17
CA GLN C 962 -12.12 -9.93 -8.77
C GLN C 962 -13.28 -9.70 -7.82
N LEU C 963 -14.42 -9.21 -8.32
CA LEU C 963 -15.61 -9.11 -7.50
C LEU C 963 -16.24 -10.46 -7.24
N SER C 964 -16.02 -11.43 -8.13
CA SER C 964 -16.50 -12.79 -7.93
C SER C 964 -15.61 -13.62 -7.00
N SER C 965 -14.44 -13.11 -6.66
CA SER C 965 -13.56 -13.81 -5.73
C SER C 965 -14.09 -13.71 -4.31
N LYS C 966 -13.81 -14.74 -3.52
CA LYS C 966 -14.26 -14.79 -2.13
C LYS C 966 -13.21 -14.33 -1.15
N PHE C 967 -11.92 -14.50 -1.50
CA PHE C 967 -10.76 -14.19 -0.65
C PHE C 967 -10.81 -14.93 0.69
N GLY C 968 -11.41 -16.12 0.71
CA GLY C 968 -11.55 -16.90 1.92
C GLY C 968 -12.91 -16.83 2.58
N ALA C 969 -13.77 -15.89 2.17
CA ALA C 969 -15.08 -15.77 2.78
C ALA C 969 -16.02 -16.86 2.24
N ILE C 970 -17.18 -16.98 2.89
CA ILE C 970 -18.11 -18.04 2.53
C ILE C 970 -18.88 -17.69 1.26
N SER C 971 -18.95 -16.41 0.91
CA SER C 971 -19.69 -15.98 -0.27
C SER C 971 -19.09 -14.71 -0.82
N SER C 972 -19.28 -14.49 -2.11
CA SER C 972 -18.83 -13.27 -2.77
C SER C 972 -19.90 -12.18 -2.78
N VAL C 973 -21.06 -12.44 -2.20
CA VAL C 973 -22.17 -11.48 -2.18
C VAL C 973 -22.24 -10.87 -0.78
N LEU C 974 -22.24 -9.55 -0.70
CA LEU C 974 -22.22 -8.86 0.59
C LEU C 974 -23.59 -8.89 1.27
N ASN C 975 -24.66 -8.64 0.49
CA ASN C 975 -26.01 -8.67 1.03
C ASN C 975 -26.41 -10.06 1.51
N ASP C 976 -25.86 -11.12 0.90
CA ASP C 976 -26.06 -12.47 1.44
C ASP C 976 -25.45 -12.58 2.84
N ILE C 977 -24.19 -12.17 3.00
CA ILE C 977 -23.50 -12.34 4.27
C ILE C 977 -24.12 -11.46 5.35
N PHE C 978 -24.62 -10.28 4.97
CA PHE C 978 -25.43 -9.48 5.87
C PHE C 978 -26.75 -10.16 6.22
N SER C 979 -27.33 -10.91 5.28
CA SER C 979 -28.62 -11.53 5.55
C SER C 979 -28.50 -12.79 6.41
N ARG C 980 -27.34 -13.44 6.43
CA ARG C 980 -27.24 -14.72 7.14
C ARG C 980 -26.43 -14.70 8.42
N LEU C 981 -25.62 -13.68 8.72
CA LEU C 981 -24.71 -13.80 9.85
C LEU C 981 -24.95 -12.75 10.92
N ASP C 982 -24.64 -13.12 12.16
CA ASP C 982 -24.57 -12.16 13.25
C ASP C 982 -23.35 -11.26 13.03
N PRO C 983 -23.40 -9.99 13.45
CA PRO C 983 -22.30 -9.03 13.18
C PRO C 983 -20.91 -9.45 13.68
N PRO C 984 -20.74 -10.08 14.87
CA PRO C 984 -19.35 -10.47 15.24
C PRO C 984 -18.74 -11.58 14.41
N GLU C 985 -19.49 -12.19 13.49
CA GLU C 985 -18.93 -12.99 12.40
C GLU C 985 -19.11 -12.34 11.04
N ALA C 986 -20.19 -11.55 10.89
CA ALA C 986 -20.48 -10.88 9.62
C ALA C 986 -19.36 -9.93 9.24
N GLU C 987 -19.08 -8.90 10.06
CA GLU C 987 -18.01 -7.98 9.66
C GLU C 987 -16.62 -8.59 9.74
N VAL C 988 -16.45 -9.74 10.41
CA VAL C 988 -15.22 -10.51 10.25
C VAL C 988 -15.06 -10.99 8.81
N GLN C 989 -16.15 -11.48 8.20
CA GLN C 989 -16.05 -11.87 6.78
C GLN C 989 -16.08 -10.65 5.84
N ILE C 990 -16.80 -9.60 6.21
CA ILE C 990 -16.91 -8.41 5.36
C ILE C 990 -15.57 -7.67 5.30
N ASP C 991 -14.84 -7.64 6.42
CA ASP C 991 -13.49 -7.08 6.47
C ASP C 991 -12.55 -7.82 5.53
N ARG C 992 -12.63 -9.15 5.50
CA ARG C 992 -11.89 -9.99 4.56
C ARG C 992 -12.18 -9.61 3.11
N LEU C 993 -13.46 -9.53 2.75
CA LEU C 993 -13.80 -9.32 1.34
C LEU C 993 -13.54 -7.87 0.90
N ILE C 994 -13.75 -6.90 1.81
CA ILE C 994 -13.37 -5.51 1.55
C ILE C 994 -11.86 -5.39 1.37
N THR C 995 -11.09 -6.08 2.22
CA THR C 995 -9.62 -6.02 2.11
C THR C 995 -9.15 -6.59 0.77
N GLY C 996 -9.75 -7.69 0.33
CA GLY C 996 -9.40 -8.26 -0.97
C GLY C 996 -9.76 -7.35 -2.14
N ARG C 997 -10.97 -6.76 -2.11
CA ARG C 997 -11.36 -5.87 -3.20
C ARG C 997 -10.58 -4.55 -3.18
N LEU C 998 -10.23 -4.06 -1.99
CA LEU C 998 -9.40 -2.86 -1.88
C LEU C 998 -7.99 -3.11 -2.39
N GLN C 999 -7.46 -4.31 -2.14
CA GLN C 999 -6.17 -4.68 -2.71
C GLN C 999 -6.24 -4.83 -4.22
N SER C 1000 -7.37 -5.29 -4.75
CA SER C 1000 -7.56 -5.33 -6.20
C SER C 1000 -7.55 -3.93 -6.80
N LEU C 1001 -8.21 -2.98 -6.13
CA LEU C 1001 -8.17 -1.59 -6.58
C LEU C 1001 -6.77 -0.98 -6.47
N GLN C 1002 -6.04 -1.31 -5.41
CA GLN C 1002 -4.67 -0.79 -5.26
C GLN C 1002 -3.76 -1.33 -6.36
N THR C 1003 -3.92 -2.62 -6.70
CA THR C 1003 -3.16 -3.21 -7.80
C THR C 1003 -3.51 -2.54 -9.12
N TYR C 1004 -4.80 -2.25 -9.36
CA TYR C 1004 -5.22 -1.58 -10.59
C TYR C 1004 -4.64 -0.16 -10.67
N VAL C 1005 -4.68 0.59 -9.57
CA VAL C 1005 -4.19 1.97 -9.58
C VAL C 1005 -2.68 2.01 -9.74
N THR C 1006 -1.97 1.06 -9.12
CA THR C 1006 -0.51 0.99 -9.27
C THR C 1006 -0.11 0.66 -10.71
N GLN C 1007 -0.80 -0.31 -11.32
CA GLN C 1007 -0.47 -0.64 -12.71
C GLN C 1007 -0.89 0.48 -13.67
N GLN C 1008 -1.97 1.21 -13.38
CA GLN C 1008 -2.32 2.36 -14.20
C GLN C 1008 -1.29 3.48 -14.06
N LEU C 1009 -0.72 3.66 -12.88
CA LEU C 1009 0.36 4.65 -12.72
C LEU C 1009 1.60 4.26 -13.51
N ILE C 1010 1.95 2.97 -13.50
CA ILE C 1010 3.11 2.51 -14.26
C ILE C 1010 2.88 2.66 -15.77
N ARG C 1011 1.69 2.27 -16.24
CA ARG C 1011 1.34 2.44 -17.65
C ARG C 1011 1.24 3.92 -18.03
N ALA C 1012 0.80 4.77 -17.10
CA ALA C 1012 0.73 6.20 -17.36
C ALA C 1012 2.12 6.80 -17.48
N ALA C 1013 3.08 6.30 -16.69
CA ALA C 1013 4.47 6.74 -16.85
C ALA C 1013 5.04 6.30 -18.19
N GLU C 1014 4.70 5.08 -18.62
CA GLU C 1014 5.15 4.59 -19.93
C GLU C 1014 4.56 5.42 -21.07
N ILE C 1015 3.26 5.72 -21.00
CA ILE C 1015 2.61 6.55 -22.02
C ILE C 1015 3.11 7.99 -21.94
N ARG C 1016 3.49 8.45 -20.75
CA ARG C 1016 4.09 9.78 -20.59
C ARG C 1016 5.43 9.87 -21.30
N ALA C 1017 6.26 8.84 -21.15
CA ALA C 1017 7.54 8.79 -21.87
C ALA C 1017 7.32 8.71 -23.38
N SER C 1018 6.35 7.91 -23.82
CA SER C 1018 6.06 7.81 -25.24
C SER C 1018 5.51 9.11 -25.81
N ALA C 1019 4.72 9.84 -25.02
CA ALA C 1019 4.16 11.10 -25.49
C ALA C 1019 5.21 12.20 -25.50
N ASN C 1020 6.15 12.17 -24.56
CA ASN C 1020 7.28 13.09 -24.60
C ASN C 1020 8.14 12.83 -25.83
N LEU C 1021 8.36 11.55 -26.15
CA LEU C 1021 9.09 11.21 -27.38
C LEU C 1021 8.32 11.64 -28.62
N ALA C 1022 7.00 11.50 -28.61
CA ALA C 1022 6.19 11.92 -29.76
C ALA C 1022 6.20 13.43 -29.94
N ALA C 1023 6.16 14.18 -28.84
CA ALA C 1023 6.24 15.63 -28.93
C ALA C 1023 7.61 16.10 -29.39
N THR C 1024 8.67 15.43 -28.92
CA THR C 1024 10.02 15.72 -29.38
C THR C 1024 10.18 15.41 -30.87
N LYS C 1025 9.60 14.30 -31.33
CA LYS C 1025 9.66 13.97 -32.75
C LYS C 1025 8.83 14.93 -33.58
N MET C 1026 7.70 15.41 -33.05
CA MET C 1026 6.91 16.41 -33.77
C MET C 1026 7.68 17.71 -33.92
N SER C 1027 8.31 18.17 -32.84
CA SER C 1027 9.06 19.41 -32.88
C SER C 1027 10.31 19.30 -33.75
N GLU C 1028 11.00 18.16 -33.74
CA GLU C 1028 12.27 18.07 -34.43
C GLU C 1028 12.18 17.44 -35.83
N CYS C 1029 11.09 16.78 -36.15
CA CYS C 1029 10.89 16.18 -37.46
C CYS C 1029 9.89 16.98 -38.30
N VAL C 1030 8.81 17.47 -37.69
CA VAL C 1030 7.77 18.17 -38.44
C VAL C 1030 8.05 19.66 -38.52
N LEU C 1031 8.37 20.29 -37.39
CA LEU C 1031 8.60 21.72 -37.34
C LEU C 1031 9.97 22.12 -37.87
N GLY C 1032 10.84 21.17 -38.17
CA GLY C 1032 12.14 21.46 -38.73
C GLY C 1032 12.75 20.26 -39.43
N GLN C 1033 14.05 20.31 -39.67
CA GLN C 1033 14.76 19.20 -40.29
C GLN C 1033 15.84 18.74 -39.31
N SER C 1034 15.91 17.43 -39.07
CA SER C 1034 16.77 16.88 -38.03
C SER C 1034 18.00 16.22 -38.64
N LYS C 1035 19.16 16.52 -38.07
CA LYS C 1035 20.42 15.88 -38.45
C LYS C 1035 20.68 14.63 -37.63
N ARG C 1036 19.78 14.29 -36.71
CA ARG C 1036 19.94 13.12 -35.86
C ARG C 1036 19.65 11.87 -36.67
N VAL C 1037 20.58 10.91 -36.64
CA VAL C 1037 20.48 9.73 -37.48
C VAL C 1037 19.44 8.78 -36.90
N ASP C 1038 18.50 8.36 -37.75
CA ASP C 1038 17.39 7.43 -37.46
C ASP C 1038 16.43 7.94 -36.39
N PHE C 1039 16.49 9.22 -36.05
CA PHE C 1039 15.48 9.80 -35.16
C PHE C 1039 14.19 10.07 -35.91
N CYS C 1040 14.29 10.47 -37.17
CA CYS C 1040 13.16 10.80 -38.02
C CYS C 1040 13.12 9.89 -39.24
N GLY C 1041 13.30 8.59 -39.03
CA GLY C 1041 13.21 7.62 -40.10
C GLY C 1041 14.58 7.21 -40.62
N LYS C 1042 14.60 6.07 -41.31
CA LYS C 1042 15.84 5.56 -41.89
C LYS C 1042 16.21 6.32 -43.15
N GLY C 1043 17.43 6.84 -43.18
CA GLY C 1043 17.91 7.62 -44.30
C GLY C 1043 18.19 9.05 -43.91
N TYR C 1044 18.54 9.85 -44.91
CA TYR C 1044 18.78 11.28 -44.70
C TYR C 1044 17.45 12.01 -44.70
N HIS C 1045 17.07 12.54 -43.54
CA HIS C 1045 15.73 13.09 -43.33
C HIS C 1045 15.51 14.37 -44.11
N LEU C 1046 14.35 14.46 -44.78
CA LEU C 1046 13.94 15.67 -45.46
C LEU C 1046 12.70 16.30 -44.82
N MET C 1047 11.59 15.57 -44.74
CA MET C 1047 10.36 16.09 -44.15
C MET C 1047 9.70 15.02 -43.30
N SER C 1048 8.72 15.45 -42.52
CA SER C 1048 7.85 14.55 -41.79
C SER C 1048 6.46 15.14 -41.72
N PHE C 1049 5.46 14.27 -41.77
CA PHE C 1049 4.06 14.70 -41.74
C PHE C 1049 3.34 13.98 -40.61
N PRO C 1050 2.76 14.71 -39.67
CA PRO C 1050 1.94 14.06 -38.64
C PRO C 1050 0.59 13.65 -39.19
N GLN C 1051 0.05 12.57 -38.61
CA GLN C 1051 -1.31 12.15 -38.88
C GLN C 1051 -1.97 11.77 -37.57
N SER C 1052 -3.24 12.16 -37.41
CA SER C 1052 -3.98 11.81 -36.21
C SER C 1052 -4.34 10.33 -36.20
N ALA C 1053 -4.27 9.74 -35.03
CA ALA C 1053 -4.56 8.33 -34.81
C ALA C 1053 -5.32 8.19 -33.51
N PRO C 1054 -6.07 7.11 -33.34
CA PRO C 1054 -6.71 6.85 -32.03
C PRO C 1054 -5.67 6.60 -30.95
N HIS C 1055 -5.67 7.47 -29.94
CA HIS C 1055 -4.74 7.45 -28.79
C HIS C 1055 -3.27 7.53 -29.22
N GLY C 1056 -2.97 8.24 -30.29
CA GLY C 1056 -1.59 8.32 -30.74
C GLY C 1056 -1.45 9.18 -31.97
N VAL C 1057 -0.23 9.20 -32.50
CA VAL C 1057 0.11 9.99 -33.67
C VAL C 1057 0.98 9.14 -34.59
N VAL C 1058 0.79 9.29 -35.90
CA VAL C 1058 1.57 8.58 -36.91
C VAL C 1058 2.34 9.61 -37.73
N PHE C 1059 3.65 9.46 -37.79
CA PHE C 1059 4.51 10.33 -38.56
C PHE C 1059 4.85 9.68 -39.89
N LEU C 1060 4.81 10.46 -40.96
CA LEU C 1060 5.23 9.99 -42.27
C LEU C 1060 6.57 10.64 -42.59
N HIS C 1061 7.65 9.95 -42.23
CA HIS C 1061 8.99 10.48 -42.37
C HIS C 1061 9.47 10.35 -43.80
N VAL C 1062 9.67 11.50 -44.46
CA VAL C 1062 10.20 11.52 -45.82
C VAL C 1062 11.71 11.64 -45.73
N THR C 1063 12.41 10.59 -46.15
CA THR C 1063 13.86 10.54 -46.06
C THR C 1063 14.45 10.36 -47.45
N TYR C 1064 15.70 10.78 -47.58
CA TYR C 1064 16.47 10.65 -48.81
C TYR C 1064 17.35 9.42 -48.68
N VAL C 1065 17.09 8.42 -49.52
CA VAL C 1065 17.84 7.17 -49.52
C VAL C 1065 18.72 7.15 -50.76
N PRO C 1066 20.04 7.09 -50.62
CA PRO C 1066 20.91 6.96 -51.79
C PRO C 1066 20.73 5.60 -52.48
N ALA C 1067 21.01 5.58 -53.77
CA ALA C 1067 20.85 4.35 -54.56
C ALA C 1067 21.76 4.40 -55.78
N GLN C 1068 22.00 3.21 -56.34
CA GLN C 1068 22.76 3.01 -57.59
C GLN C 1068 24.16 3.60 -57.51
N GLU C 1069 24.95 3.13 -56.55
CA GLU C 1069 26.29 3.64 -56.37
C GLU C 1069 27.26 3.03 -57.37
N LYS C 1070 28.38 3.69 -57.56
CA LYS C 1070 29.41 3.28 -58.50
C LYS C 1070 30.77 3.46 -57.85
N ASN C 1071 31.68 2.52 -58.09
CA ASN C 1071 33.02 2.56 -57.52
C ASN C 1071 33.89 3.54 -58.29
N PHE C 1072 34.69 4.32 -57.56
CA PHE C 1072 35.64 5.24 -58.15
C PHE C 1072 36.96 5.18 -57.40
N THR C 1073 38.04 5.54 -58.10
CA THR C 1073 39.34 5.68 -57.46
C THR C 1073 39.49 7.09 -56.92
N THR C 1074 39.84 7.21 -55.65
CA THR C 1074 39.84 8.49 -54.96
C THR C 1074 41.25 8.84 -54.49
N ALA C 1075 41.40 10.06 -53.99
CA ALA C 1075 42.67 10.56 -53.51
C ALA C 1075 42.42 11.58 -52.42
N PRO C 1076 43.28 11.64 -51.40
CA PRO C 1076 43.12 12.68 -50.37
C PRO C 1076 43.45 14.08 -50.87
N ALA C 1077 44.40 14.23 -51.79
CA ALA C 1077 44.79 15.54 -52.26
C ALA C 1077 45.35 15.42 -53.67
N ILE C 1078 45.42 16.56 -54.36
CA ILE C 1078 45.94 16.65 -55.72
C ILE C 1078 47.16 17.56 -55.69
N CYS C 1079 48.28 17.08 -56.22
CA CYS C 1079 49.52 17.84 -56.27
C CYS C 1079 49.69 18.42 -57.68
N HIS C 1080 49.72 19.75 -57.76
CA HIS C 1080 49.83 20.42 -59.05
C HIS C 1080 51.24 20.88 -59.38
N ASP C 1081 51.79 21.76 -58.56
CA ASP C 1081 53.11 22.34 -58.80
C ASP C 1081 53.91 22.48 -57.51
N GLY C 1082 53.84 21.49 -56.63
CA GLY C 1082 54.40 21.58 -55.30
C GLY C 1082 53.41 22.01 -54.25
N LYS C 1083 52.17 22.29 -54.65
CA LYS C 1083 51.12 22.66 -53.72
C LYS C 1083 50.12 21.53 -53.59
N ALA C 1084 49.69 21.26 -52.36
CA ALA C 1084 48.70 20.23 -52.07
C ALA C 1084 47.31 20.86 -52.11
N HIS C 1085 46.46 20.34 -52.99
CA HIS C 1085 45.12 20.88 -53.19
C HIS C 1085 44.11 19.96 -52.53
N PHE C 1086 43.31 20.51 -51.63
CA PHE C 1086 42.27 19.80 -50.90
C PHE C 1086 40.91 20.34 -51.30
N PRO C 1087 39.88 19.49 -51.43
CA PRO C 1087 38.60 19.99 -51.94
C PRO C 1087 37.84 20.82 -50.90
N ARG C 1088 37.25 21.92 -51.36
CA ARG C 1088 36.49 22.78 -50.47
C ARG C 1088 35.20 22.11 -50.01
N GLU C 1089 34.43 21.58 -50.96
CA GLU C 1089 33.32 20.69 -50.67
C GLU C 1089 33.39 19.52 -51.63
N GLY C 1090 33.27 18.31 -51.09
CA GLY C 1090 33.30 17.13 -51.91
C GLY C 1090 34.56 16.30 -51.75
N VAL C 1091 34.91 15.60 -52.83
CA VAL C 1091 35.96 14.60 -52.80
C VAL C 1091 36.51 14.41 -54.21
N PHE C 1092 37.81 14.14 -54.30
CA PHE C 1092 38.44 13.84 -55.58
C PHE C 1092 38.11 12.41 -55.99
N VAL C 1093 37.61 12.24 -57.21
CA VAL C 1093 37.32 10.91 -57.75
C VAL C 1093 37.96 10.78 -59.11
N SER C 1094 38.13 9.54 -59.54
CA SER C 1094 38.68 9.24 -60.86
C SER C 1094 37.87 8.14 -61.53
N ASN C 1095 37.59 8.33 -62.81
CA ASN C 1095 36.95 7.31 -63.62
C ASN C 1095 37.95 6.38 -64.30
N GLY C 1096 39.20 6.39 -63.86
CA GLY C 1096 40.26 5.60 -64.45
C GLY C 1096 41.21 6.40 -65.33
N THR C 1097 40.77 7.52 -65.87
CA THR C 1097 41.61 8.36 -66.72
C THR C 1097 41.75 9.78 -66.20
N HIS C 1098 40.64 10.43 -65.85
CA HIS C 1098 40.65 11.83 -65.45
C HIS C 1098 40.21 11.94 -64.00
N TRP C 1099 40.63 13.02 -63.35
CA TRP C 1099 40.23 13.28 -61.97
C TRP C 1099 39.23 14.43 -61.90
N PHE C 1100 38.22 14.26 -61.05
CA PHE C 1100 37.14 15.23 -60.92
C PHE C 1100 36.85 15.49 -59.45
N VAL C 1101 36.12 16.58 -59.21
CA VAL C 1101 35.54 16.87 -57.91
C VAL C 1101 34.04 16.66 -58.00
N THR C 1102 33.52 15.79 -57.15
CA THR C 1102 32.08 15.59 -57.05
C THR C 1102 31.64 15.77 -55.60
N GLN C 1103 30.38 16.15 -55.43
CA GLN C 1103 29.83 16.25 -54.09
C GLN C 1103 29.62 14.86 -53.51
N ARG C 1104 29.54 14.80 -52.18
CA ARG C 1104 29.77 13.54 -51.47
C ARG C 1104 28.61 12.57 -51.57
N ASN C 1105 27.38 13.09 -51.69
CA ASN C 1105 26.20 12.24 -51.63
C ASN C 1105 25.54 12.03 -52.99
N PHE C 1106 26.13 12.55 -54.07
CA PHE C 1106 25.54 12.41 -55.40
C PHE C 1106 26.66 12.58 -56.41
N TYR C 1107 26.71 11.71 -57.41
CA TYR C 1107 27.80 11.80 -58.39
C TYR C 1107 27.50 12.90 -59.38
N GLU C 1108 28.19 14.03 -59.23
CA GLU C 1108 28.15 15.14 -60.17
C GLU C 1108 29.58 15.61 -60.36
N PRO C 1109 30.29 15.05 -61.35
CA PRO C 1109 31.72 15.37 -61.49
C PRO C 1109 31.94 16.76 -62.06
N GLN C 1110 32.93 17.45 -61.49
CA GLN C 1110 33.29 18.79 -61.92
C GLN C 1110 34.79 18.86 -62.16
N ILE C 1111 35.19 19.80 -63.02
CA ILE C 1111 36.59 19.98 -63.34
C ILE C 1111 37.29 20.68 -62.18
N ILE C 1112 38.51 20.23 -61.86
CA ILE C 1112 39.26 20.74 -60.72
C ILE C 1112 39.79 22.12 -61.12
N THR C 1113 39.12 23.19 -60.65
CA THR C 1113 39.34 24.53 -61.21
C THR C 1113 39.64 25.60 -60.16
N THR C 1114 40.40 25.26 -59.09
CA THR C 1114 40.87 26.18 -58.04
C THR C 1114 39.77 26.90 -57.25
N ASP C 1115 38.50 26.62 -57.55
CA ASP C 1115 37.38 27.17 -56.81
C ASP C 1115 36.65 26.08 -56.05
N ASN C 1116 36.80 24.84 -56.50
CA ASN C 1116 36.36 23.66 -55.77
C ASN C 1116 37.40 23.22 -54.75
N THR C 1117 38.62 23.74 -54.83
CA THR C 1117 39.74 23.29 -54.01
C THR C 1117 40.35 24.46 -53.26
N PHE C 1118 41.12 24.14 -52.23
CA PHE C 1118 41.95 25.11 -51.53
C PHE C 1118 43.34 24.52 -51.34
N VAL C 1119 44.32 25.40 -51.13
CA VAL C 1119 45.72 25.05 -51.08
C VAL C 1119 46.19 25.11 -49.64
N SER C 1120 46.84 24.05 -49.17
CA SER C 1120 47.40 24.03 -47.82
C SER C 1120 48.63 23.14 -47.83
N GLY C 1121 49.79 23.74 -47.61
CA GLY C 1121 51.03 22.99 -47.50
C GLY C 1121 51.56 22.50 -48.83
N ASN C 1122 52.63 21.72 -48.75
CA ASN C 1122 53.26 21.14 -49.93
C ASN C 1122 52.86 19.68 -50.11
N CYS C 1123 53.46 19.03 -51.10
CA CYS C 1123 53.06 17.69 -51.51
C CYS C 1123 53.80 16.59 -50.75
N ASP C 1124 54.65 16.94 -49.80
CA ASP C 1124 55.53 15.97 -49.18
C ASP C 1124 54.90 15.21 -48.03
N VAL C 1125 53.89 15.78 -47.36
CA VAL C 1125 53.43 15.26 -46.08
C VAL C 1125 52.09 14.53 -46.17
N VAL C 1126 51.40 14.59 -47.30
CA VAL C 1126 50.11 13.94 -47.45
C VAL C 1126 50.33 12.55 -48.02
N ILE C 1127 49.83 11.53 -47.33
CA ILE C 1127 49.99 10.15 -47.77
C ILE C 1127 48.92 9.85 -48.82
N GLY C 1128 49.36 9.49 -50.02
CA GLY C 1128 48.45 9.16 -51.09
C GLY C 1128 48.13 10.29 -52.05
N ILE C 1129 48.92 11.36 -52.04
CA ILE C 1129 48.65 12.49 -52.92
C ILE C 1129 48.97 12.10 -54.36
N VAL C 1130 48.17 12.61 -55.30
CA VAL C 1130 48.20 12.20 -56.70
C VAL C 1130 48.49 13.42 -57.57
N ASN C 1131 49.46 13.29 -58.46
CA ASN C 1131 49.76 14.37 -59.40
C ASN C 1131 48.67 14.47 -60.45
N ASN C 1132 48.02 15.63 -60.51
CA ASN C 1132 47.05 15.94 -61.55
C ASN C 1132 47.01 17.46 -61.70
N THR C 1133 46.68 17.91 -62.90
CA THR C 1133 46.70 19.33 -63.24
C THR C 1133 45.42 19.99 -62.75
N VAL C 1134 45.57 21.07 -61.99
CA VAL C 1134 44.46 21.88 -61.49
C VAL C 1134 44.36 23.12 -62.36
N TYR C 1135 43.20 23.33 -62.96
CA TYR C 1135 43.05 24.25 -64.08
C TYR C 1135 42.60 25.62 -63.58
N ASP C 1136 43.54 26.56 -63.52
CA ASP C 1136 43.22 27.91 -63.06
C ASP C 1136 42.43 28.62 -64.15
N PRO C 1137 41.21 29.09 -63.87
CA PRO C 1137 40.40 29.71 -64.93
C PRO C 1137 40.81 31.15 -65.25
N LEU C 1138 41.67 31.76 -64.44
CA LEU C 1138 42.03 33.15 -64.65
C LEU C 1138 43.00 33.30 -65.81
N GLN C 1139 43.82 32.27 -66.07
CA GLN C 1139 44.81 32.30 -67.14
C GLN C 1139 44.21 32.40 -68.56
N PRO C 1140 43.15 31.65 -68.95
CA PRO C 1140 42.56 31.92 -70.28
C PRO C 1140 41.93 33.29 -70.43
N GLU C 1141 41.52 33.93 -69.34
CA GLU C 1141 40.99 35.29 -69.41
C GLU C 1141 42.09 36.32 -69.64
N LEU C 1142 43.31 36.02 -69.20
CA LEU C 1142 44.44 36.89 -69.50
C LEU C 1142 44.84 36.79 -70.97
N ASP C 1143 44.71 35.62 -71.57
CA ASP C 1143 45.15 35.39 -72.94
C ASP C 1143 44.15 35.90 -73.98
N SER C 1144 42.97 36.35 -73.56
CA SER C 1144 41.99 36.88 -74.50
C SER C 1144 41.37 38.17 -73.97
N GLN D 1 -31.36 32.16 58.62
CA GLN D 1 -30.39 31.92 59.68
C GLN D 1 -29.27 31.01 59.21
N VAL D 2 -28.31 31.58 58.48
CA VAL D 2 -27.16 30.85 57.97
C VAL D 2 -25.91 31.42 58.64
N GLN D 3 -25.26 30.62 59.46
CA GLN D 3 -24.01 31.01 60.11
C GLN D 3 -22.99 29.90 59.94
N LEU D 4 -21.73 30.29 59.83
CA LEU D 4 -20.63 29.36 59.62
C LEU D 4 -19.64 29.52 60.77
N GLN D 5 -19.48 28.47 61.57
CA GLN D 5 -18.54 28.49 62.67
C GLN D 5 -17.19 27.97 62.19
N GLU D 6 -16.12 28.61 62.65
CA GLU D 6 -14.77 28.22 62.25
C GLU D 6 -13.93 27.96 63.49
N SER D 7 -12.99 27.02 63.36
CA SER D 7 -12.13 26.67 64.47
C SER D 7 -10.75 26.33 63.95
N GLY D 8 -9.73 26.65 64.74
CA GLY D 8 -8.36 26.40 64.41
C GLY D 8 -7.41 27.25 65.23
N PRO D 9 -6.27 26.69 65.63
CA PRO D 9 -5.29 27.46 66.41
C PRO D 9 -4.64 28.54 65.57
N GLY D 10 -4.03 29.50 66.27
CA GLY D 10 -3.60 30.72 65.61
C GLY D 10 -2.11 31.01 65.55
N LEU D 11 -1.29 30.20 66.22
CA LEU D 11 0.14 30.47 66.29
C LEU D 11 0.92 29.17 66.16
N VAL D 12 1.67 29.03 65.07
CA VAL D 12 2.64 27.96 64.90
C VAL D 12 3.94 28.52 64.36
N LYS D 13 5.00 27.73 64.55
CA LYS D 13 6.28 27.95 63.90
C LYS D 13 6.18 27.41 62.48
N PRO D 14 7.12 27.77 61.60
CA PRO D 14 7.22 27.08 60.31
C PRO D 14 7.53 25.60 60.50
N SER D 15 7.01 24.78 59.57
CA SER D 15 7.04 23.31 59.61
C SER D 15 6.34 22.77 60.86
N GLU D 16 5.03 23.01 60.94
CA GLU D 16 4.19 22.54 62.03
C GLU D 16 2.86 22.03 61.45
N THR D 17 2.08 21.33 62.28
CA THR D 17 0.84 20.67 61.86
C THR D 17 -0.35 21.41 62.47
N LEU D 18 -1.30 21.79 61.62
CA LEU D 18 -2.49 22.51 62.04
C LEU D 18 -3.62 22.20 61.06
N SER D 19 -4.86 22.43 61.49
CA SER D 19 -6.02 22.15 60.67
C SER D 19 -7.14 23.13 61.01
N LEU D 20 -7.84 23.62 59.99
CA LEU D 20 -9.01 24.48 60.21
C LEU D 20 -10.27 23.68 59.92
N THR D 21 -11.21 23.73 60.85
CA THR D 21 -12.51 23.09 60.70
C THR D 21 -13.58 24.15 60.53
N CYS D 22 -14.49 23.91 59.57
CA CYS D 22 -15.62 24.79 59.33
C CYS D 22 -16.89 23.97 59.51
N THR D 23 -17.76 24.40 60.41
CA THR D 23 -19.00 23.72 60.71
C THR D 23 -20.19 24.62 60.37
N VAL D 24 -21.30 23.98 60.04
CA VAL D 24 -22.55 24.67 59.77
C VAL D 24 -23.31 24.81 61.09
N SER D 25 -23.81 26.02 61.35
CA SER D 25 -24.48 26.31 62.63
C SER D 25 -25.81 25.58 62.79
N GLY D 26 -26.41 25.11 61.70
CA GLY D 26 -27.64 24.35 61.82
C GLY D 26 -28.67 24.67 60.75
N GLY D 27 -28.40 25.68 59.93
CA GLY D 27 -29.31 26.01 58.86
C GLY D 27 -29.25 24.98 57.74
N SER D 28 -30.42 24.65 57.19
CA SER D 28 -30.49 23.74 56.06
C SER D 28 -29.89 24.35 54.80
N ILE D 29 -30.01 25.66 54.65
CA ILE D 29 -29.28 26.38 53.62
C ILE D 29 -27.80 26.38 53.98
N SER D 30 -26.95 26.15 52.97
CA SER D 30 -25.48 26.02 53.10
C SER D 30 -25.09 24.89 54.05
N SER D 31 -25.82 23.78 54.00
CA SER D 31 -25.52 22.64 54.86
C SER D 31 -24.79 21.51 54.15
N ARG D 32 -25.42 20.89 53.15
CA ARG D 32 -24.93 19.61 52.64
C ARG D 32 -24.53 19.66 51.17
N SER D 33 -25.45 19.96 50.27
CA SER D 33 -25.21 19.82 48.84
C SER D 33 -24.91 21.17 48.19
N TYR D 34 -23.77 21.73 48.59
CA TYR D 34 -23.35 23.02 48.08
C TYR D 34 -21.86 22.96 47.74
N TYR D 35 -21.43 23.91 46.93
CA TYR D 35 -20.02 24.08 46.62
C TYR D 35 -19.37 24.86 47.73
N TRP D 36 -18.09 24.61 47.98
CA TRP D 36 -17.45 25.20 49.16
C TRP D 36 -16.07 25.73 48.81
N GLY D 37 -15.56 26.65 49.65
CA GLY D 37 -14.24 27.19 49.44
C GLY D 37 -13.67 27.83 50.68
N TRP D 38 -12.35 28.04 50.63
CA TRP D 38 -11.64 28.82 51.64
C TRP D 38 -10.95 30.01 50.97
N ILE D 39 -10.97 31.13 51.69
CA ILE D 39 -10.42 32.41 51.27
C ILE D 39 -9.36 32.83 52.29
N ARG D 40 -8.20 33.24 51.80
CA ARG D 40 -7.09 33.69 52.64
C ARG D 40 -6.89 35.18 52.40
N GLN D 41 -6.73 35.94 53.48
CA GLN D 41 -6.52 37.39 53.38
C GLN D 41 -5.38 37.79 54.31
N PRO D 42 -4.24 38.25 53.79
CA PRO D 42 -3.17 38.71 54.67
C PRO D 42 -3.56 40.00 55.36
N PRO D 43 -3.02 40.28 56.55
CA PRO D 43 -3.28 41.56 57.20
C PRO D 43 -2.64 42.70 56.43
N GLY D 44 -3.45 43.71 56.11
CA GLY D 44 -3.00 44.81 55.28
C GLY D 44 -3.11 44.58 53.80
N LYS D 45 -3.60 43.41 53.38
CA LYS D 45 -3.77 43.07 51.97
C LYS D 45 -5.23 42.79 51.69
N GLY D 46 -5.54 42.52 50.42
CA GLY D 46 -6.89 42.20 50.01
C GLY D 46 -7.18 40.72 50.04
N LEU D 47 -8.39 40.38 49.61
CA LEU D 47 -8.80 38.98 49.53
C LEU D 47 -8.10 38.27 48.39
N GLU D 48 -7.89 36.97 48.56
CA GLU D 48 -7.37 36.12 47.50
C GLU D 48 -7.81 34.69 47.76
N TRP D 49 -8.20 33.99 46.70
CA TRP D 49 -8.80 32.66 46.84
C TRP D 49 -7.74 31.59 46.96
N ILE D 50 -7.99 30.60 47.82
CA ILE D 50 -7.08 29.47 47.90
C ILE D 50 -7.73 28.11 47.61
N GLY D 51 -8.92 27.83 48.13
CA GLY D 51 -9.47 26.48 48.08
C GLY D 51 -10.91 26.45 47.64
N SER D 52 -11.26 25.39 46.91
CA SER D 52 -12.65 25.19 46.49
C SER D 52 -12.88 23.71 46.21
N ILE D 53 -14.04 23.20 46.63
CA ILE D 53 -14.45 21.84 46.39
C ILE D 53 -15.86 21.83 45.80
N TYR D 54 -16.05 20.99 44.79
CA TYR D 54 -17.28 20.90 44.02
C TYR D 54 -17.83 19.49 44.17
N TYR D 55 -19.05 19.37 44.70
CA TYR D 55 -19.68 18.10 45.08
C TYR D 55 -18.73 17.17 45.85
N SER D 56 -18.61 15.90 45.43
CA SER D 56 -17.72 14.97 46.12
C SER D 56 -16.25 15.31 45.87
N GLY D 57 -15.88 15.56 44.62
CA GLY D 57 -14.47 15.74 44.28
C GLY D 57 -14.19 17.06 43.61
N SER D 58 -13.59 17.02 42.41
CA SER D 58 -13.50 18.14 41.46
C SER D 58 -12.84 19.38 42.07
N THR D 59 -11.80 19.16 42.87
CA THR D 59 -11.19 20.24 43.63
C THR D 59 -10.31 21.10 42.74
N TYR D 60 -10.51 22.42 42.82
CA TYR D 60 -9.66 23.39 42.17
C TYR D 60 -8.80 24.09 43.21
N TYR D 61 -7.55 24.36 42.87
CA TYR D 61 -6.59 24.89 43.82
C TYR D 61 -5.94 26.15 43.27
N ASN D 62 -5.52 27.04 44.18
CA ASN D 62 -4.76 28.22 43.82
C ASN D 62 -3.38 27.81 43.34
N PRO D 63 -2.74 28.60 42.44
CA PRO D 63 -1.36 28.29 42.04
C PRO D 63 -0.35 28.25 43.19
N SER D 64 -0.57 29.08 44.22
CA SER D 64 0.24 28.97 45.43
C SER D 64 -0.07 27.68 46.19
N LEU D 65 -1.33 27.25 46.14
CA LEU D 65 -1.80 26.08 46.89
C LEU D 65 -2.02 24.87 46.02
N LYS D 66 -1.35 24.77 44.86
CA LYS D 66 -1.61 23.73 43.87
C LYS D 66 -1.30 22.33 44.40
N SER D 67 -0.10 22.16 44.93
CA SER D 67 0.29 20.92 45.58
C SER D 67 0.70 21.17 47.02
N ARG D 68 0.27 22.30 47.59
CA ARG D 68 0.85 22.75 48.85
C ARG D 68 0.24 21.97 50.02
N VAL D 69 -1.08 21.83 50.02
CA VAL D 69 -1.82 21.09 51.04
C VAL D 69 -3.19 20.75 50.47
N THR D 70 -3.84 19.71 51.01
CA THR D 70 -5.13 19.22 50.52
C THR D 70 -6.31 19.74 51.34
N ILE D 71 -7.52 19.36 50.92
CA ILE D 71 -8.77 19.84 51.51
C ILE D 71 -9.72 18.64 51.61
N SER D 72 -10.66 18.68 52.55
CA SER D 72 -11.56 17.56 52.74
C SER D 72 -12.92 18.04 53.22
N VAL D 73 -13.95 17.25 52.90
CA VAL D 73 -15.32 17.47 53.35
C VAL D 73 -15.90 16.20 53.94
N ASP D 74 -16.22 16.21 55.23
CA ASP D 74 -17.07 15.18 55.81
C ASP D 74 -18.49 15.72 55.75
N THR D 75 -19.26 15.20 54.80
CA THR D 75 -20.60 15.75 54.53
C THR D 75 -21.56 15.44 55.67
N SER D 76 -21.45 14.25 56.26
CA SER D 76 -22.40 13.80 57.28
C SER D 76 -22.30 14.62 58.56
N LYS D 77 -21.09 14.98 58.97
CA LYS D 77 -20.90 15.78 60.18
C LYS D 77 -20.86 17.27 59.89
N ASN D 78 -21.12 17.68 58.63
CA ASN D 78 -21.07 19.07 58.16
C ASN D 78 -19.71 19.71 58.44
N GLN D 79 -18.65 18.94 58.24
CA GLN D 79 -17.30 19.36 58.55
C GLN D 79 -16.56 19.68 57.26
N PHE D 80 -15.95 20.86 57.20
CA PHE D 80 -15.20 21.32 56.06
C PHE D 80 -13.79 21.59 56.56
N SER D 81 -12.88 20.65 56.31
CA SER D 81 -11.53 20.73 56.87
C SER D 81 -10.55 21.18 55.80
N LEU D 82 -9.71 22.16 56.15
CA LEU D 82 -8.55 22.51 55.33
C LEU D 82 -7.35 22.23 56.21
N LYS D 83 -6.51 21.29 55.77
CA LYS D 83 -5.28 21.00 56.48
C LYS D 83 -4.31 22.18 56.28
N MET D 84 -3.42 22.36 57.25
CA MET D 84 -2.37 23.38 57.28
C MET D 84 -1.11 22.71 57.83
N ASN D 85 -0.32 22.14 56.93
CA ASN D 85 0.87 21.38 57.32
C ASN D 85 2.09 22.00 56.68
N SER D 86 3.04 22.41 57.54
CA SER D 86 4.35 22.94 57.14
C SER D 86 4.24 24.17 56.24
N MET D 87 3.57 25.20 56.73
CA MET D 87 3.27 26.37 55.90
C MET D 87 4.51 27.24 55.71
N THR D 88 4.58 27.91 54.56
CA THR D 88 5.63 28.87 54.30
C THR D 88 5.33 30.19 55.00
N ALA D 89 6.29 31.12 54.94
CA ALA D 89 6.25 32.34 55.75
C ALA D 89 5.20 33.36 55.31
N ALA D 90 4.58 33.18 54.14
CA ALA D 90 3.61 34.14 53.63
C ALA D 90 2.17 33.79 53.99
N ASP D 91 1.96 32.80 54.86
CA ASP D 91 0.62 32.34 55.18
C ASP D 91 0.07 32.92 56.48
N THR D 92 0.75 33.89 57.07
CA THR D 92 0.21 34.62 58.21
C THR D 92 -0.97 35.46 57.72
N ALA D 93 -2.20 35.03 58.03
CA ALA D 93 -3.36 35.61 57.38
C ALA D 93 -4.63 35.24 58.15
N VAL D 94 -5.74 35.84 57.73
CA VAL D 94 -7.07 35.55 58.25
C VAL D 94 -7.79 34.70 57.21
N TYR D 95 -8.37 33.59 57.65
CA TYR D 95 -8.97 32.60 56.77
C TYR D 95 -10.48 32.57 56.96
N TYR D 96 -11.19 32.42 55.84
CA TYR D 96 -12.64 32.48 55.82
C TYR D 96 -13.19 31.25 55.12
N CYS D 97 -14.11 30.55 55.78
CA CYS D 97 -14.90 29.49 55.16
C CYS D 97 -16.07 30.12 54.41
N ALA D 98 -16.35 29.62 53.21
CA ALA D 98 -17.40 30.27 52.43
C ALA D 98 -18.11 29.29 51.49
N ARG D 99 -19.44 29.34 51.50
CA ARG D 99 -20.27 28.60 50.56
C ARG D 99 -20.34 29.37 49.24
N LEU D 100 -20.37 28.64 48.12
CA LEU D 100 -20.48 29.38 46.88
C LEU D 100 -21.91 29.81 46.57
N ARG D 101 -22.71 28.87 46.08
CA ARG D 101 -24.11 28.95 45.65
C ARG D 101 -24.47 27.56 45.14
N GLY D 102 -25.76 27.36 44.89
CA GLY D 102 -26.19 26.23 44.10
C GLY D 102 -26.57 25.00 44.91
N ASP D 103 -27.86 24.78 45.06
CA ASP D 103 -28.35 23.52 45.58
C ASP D 103 -28.39 22.52 44.42
N GLU D 104 -28.08 21.27 44.70
CA GLU D 104 -28.17 20.25 43.66
C GLU D 104 -28.57 18.95 44.33
N ILE D 105 -29.33 18.13 43.61
CA ILE D 105 -29.95 16.94 44.17
C ILE D 105 -29.52 15.72 43.35
N TYR D 106 -28.94 14.72 44.04
CA TYR D 106 -28.87 13.31 43.69
C TYR D 106 -27.82 13.03 42.58
N TYR D 107 -27.29 14.03 41.90
CA TYR D 107 -26.39 13.76 40.78
C TYR D 107 -25.10 14.57 40.85
N GLU D 108 -24.33 14.54 39.77
CA GLU D 108 -23.05 15.27 39.68
C GLU D 108 -23.08 16.10 38.39
N SER D 109 -23.44 17.37 38.52
CA SER D 109 -23.68 18.25 37.37
C SER D 109 -22.36 18.79 36.84
N SER D 110 -22.45 19.79 35.95
CA SER D 110 -21.26 20.40 35.37
C SER D 110 -21.58 21.87 35.08
N GLY D 111 -21.19 22.75 36.00
CA GLY D 111 -21.39 24.18 35.85
C GLY D 111 -20.06 24.87 35.60
N TYR D 112 -20.10 25.98 34.87
CA TYR D 112 -18.91 26.66 34.39
C TYR D 112 -18.79 28.05 35.00
N TYR D 113 -19.10 28.17 36.29
CA TYR D 113 -19.02 29.44 37.02
C TYR D 113 -18.94 29.13 38.51
N SER D 114 -18.83 30.19 39.30
CA SER D 114 -18.44 30.06 40.71
C SER D 114 -18.94 31.27 41.48
N TYR D 115 -18.91 31.15 42.81
CA TYR D 115 -19.52 32.18 43.65
C TYR D 115 -18.73 32.25 44.95
N PHE D 116 -19.13 33.15 45.87
CA PHE D 116 -19.03 33.00 47.32
C PHE D 116 -20.13 33.87 47.91
N ASP D 117 -21.02 33.30 48.73
CA ASP D 117 -22.17 34.05 49.20
C ASP D 117 -22.10 34.26 50.71
N TYR D 118 -22.09 33.20 51.51
CA TYR D 118 -22.06 33.33 52.96
C TYR D 118 -20.65 33.08 53.47
N TRP D 119 -20.23 33.85 54.47
CA TRP D 119 -18.85 33.89 54.92
C TRP D 119 -18.78 33.66 56.43
N GLY D 120 -17.74 32.96 56.85
CA GLY D 120 -17.45 32.81 58.26
C GLY D 120 -16.83 34.06 58.83
N GLN D 121 -16.63 34.05 60.15
CA GLN D 121 -16.10 35.23 60.84
C GLN D 121 -14.65 35.48 60.48
N GLY D 122 -13.87 34.43 60.30
CA GLY D 122 -12.46 34.60 59.95
C GLY D 122 -11.54 34.30 61.10
N THR D 123 -10.59 33.39 60.91
CA THR D 123 -9.65 33.01 61.95
C THR D 123 -8.24 33.41 61.55
N LEU D 124 -7.51 34.02 62.48
CA LEU D 124 -6.17 34.51 62.23
C LEU D 124 -5.15 33.44 62.57
N VAL D 125 -4.21 33.21 61.65
CA VAL D 125 -3.09 32.31 61.88
C VAL D 125 -1.79 33.07 61.62
N THR D 126 -0.78 32.79 62.45
CA THR D 126 0.51 33.46 62.39
C THR D 126 1.61 32.42 62.23
N VAL D 127 2.42 32.57 61.18
CA VAL D 127 3.48 31.60 60.88
C VAL D 127 4.85 32.24 60.77
N SER D 128 4.97 33.56 60.57
CA SER D 128 6.28 34.18 60.42
C SER D 128 7.03 34.33 61.73
N SER D 129 6.38 34.07 62.87
CA SER D 129 7.04 34.15 64.17
C SER D 129 8.02 33.00 64.38
N GLN E 3 -4.31 36.37 33.02
CA GLN E 3 -5.14 35.50 33.86
C GLN E 3 -6.11 36.34 34.69
N SER E 4 -5.59 37.41 35.30
CA SER E 4 -6.43 38.33 36.07
C SER E 4 -6.55 39.68 35.38
N ALA E 5 -5.42 40.39 35.22
CA ALA E 5 -5.34 41.74 34.64
C ALA E 5 -6.30 42.74 35.29
N LEU E 6 -6.59 42.56 36.57
CA LEU E 6 -7.64 43.33 37.24
C LEU E 6 -7.07 44.66 37.71
N THR E 7 -7.44 45.73 37.01
CA THR E 7 -7.04 47.08 37.37
C THR E 7 -8.18 47.72 38.17
N GLN E 8 -7.87 48.21 39.37
CA GLN E 8 -8.88 48.75 40.26
C GLN E 8 -8.30 49.95 41.00
N PRO E 9 -9.04 51.06 41.10
CA PRO E 9 -8.53 52.22 41.83
C PRO E 9 -8.43 51.93 43.32
N PRO E 10 -7.44 52.52 44.01
CA PRO E 10 -7.26 52.21 45.43
C PRO E 10 -8.27 52.90 46.34
N SER E 11 -8.70 54.10 45.97
CA SER E 11 -9.63 54.86 46.81
C SER E 11 -10.41 55.83 45.94
N VAL E 12 -11.50 56.35 46.51
CA VAL E 12 -12.36 57.30 45.83
C VAL E 12 -13.07 58.12 46.90
N SER E 13 -13.37 59.37 46.58
CA SER E 13 -14.05 60.27 47.52
C SER E 13 -15.46 59.78 47.81
N GLY E 14 -15.79 59.71 49.10
CA GLY E 14 -17.04 59.13 49.55
C GLY E 14 -17.94 60.11 50.28
N ALA E 15 -18.09 61.32 49.74
CA ALA E 15 -18.95 62.34 50.35
C ALA E 15 -20.39 61.85 50.37
N PRO E 16 -21.06 61.90 51.53
CA PRO E 16 -22.39 61.27 51.66
C PRO E 16 -23.46 61.95 50.85
N GLY E 17 -24.45 61.15 50.42
CA GLY E 17 -25.52 61.66 49.59
C GLY E 17 -25.12 61.98 48.18
N GLN E 18 -24.01 61.42 47.70
CA GLN E 18 -23.45 61.77 46.40
C GLN E 18 -23.11 60.48 45.66
N ARG E 19 -23.25 60.52 44.33
CA ARG E 19 -22.98 59.36 43.49
C ARG E 19 -21.49 59.01 43.49
N VAL E 20 -21.19 57.74 43.73
CA VAL E 20 -19.83 57.20 43.64
C VAL E 20 -19.84 56.05 42.64
N ALA E 21 -19.01 56.16 41.61
CA ALA E 21 -18.89 55.12 40.60
C ALA E 21 -17.50 54.50 40.70
N ILE E 22 -17.46 53.18 40.90
CA ILE E 22 -16.20 52.46 40.98
C ILE E 22 -16.19 51.41 39.90
N SER E 23 -14.99 50.93 39.54
CA SER E 23 -14.90 50.00 38.42
C SER E 23 -13.66 49.12 38.57
N CYS E 24 -13.74 47.93 37.97
CA CYS E 24 -12.60 47.07 37.78
C CYS E 24 -12.66 46.48 36.37
N THR E 25 -11.49 46.42 35.73
CA THR E 25 -11.38 45.96 34.35
C THR E 25 -10.35 44.83 34.31
N GLY E 26 -10.71 43.73 33.66
CA GLY E 26 -9.79 42.61 33.53
C GLY E 26 -9.36 42.34 32.11
N SER E 27 -9.28 41.06 31.73
CA SER E 27 -8.97 40.65 30.38
C SER E 27 -10.23 40.14 29.69
N SER E 28 -10.10 39.73 28.44
CA SER E 28 -11.23 39.23 27.66
C SER E 28 -11.37 37.71 27.78
N ALA E 29 -11.29 37.20 29.00
CA ALA E 29 -11.48 35.79 29.27
C ALA E 29 -12.39 35.51 30.46
N ASN E 30 -12.55 36.47 31.37
CA ASN E 30 -13.41 36.31 32.54
C ASN E 30 -14.51 37.35 32.63
N ILE E 31 -14.18 38.62 32.42
CA ILE E 31 -15.19 39.68 32.49
C ILE E 31 -15.75 39.95 31.10
N GLY E 32 -14.89 39.92 30.08
CA GLY E 32 -15.28 40.14 28.70
C GLY E 32 -16.15 39.06 28.10
N THR E 33 -16.32 37.93 28.79
CA THR E 33 -17.31 36.92 28.43
C THR E 33 -18.70 37.26 28.97
N ALA E 34 -18.82 38.37 29.70
CA ALA E 34 -20.06 38.89 30.29
C ALA E 34 -20.70 37.84 31.20
N ASP E 35 -19.88 37.32 32.12
CA ASP E 35 -20.30 36.24 32.97
C ASP E 35 -19.51 36.16 34.28
N ASP E 36 -20.24 36.05 35.38
CA ASP E 36 -19.75 35.65 36.70
C ASP E 36 -18.71 36.60 37.29
N VAL E 37 -19.06 37.87 37.42
CA VAL E 37 -18.23 38.83 38.15
C VAL E 37 -19.01 39.30 39.36
N HIS E 38 -18.39 39.22 40.53
CA HIS E 38 -19.00 39.55 41.80
C HIS E 38 -18.29 40.73 42.42
N TRP E 39 -19.05 41.57 43.14
CA TRP E 39 -18.49 42.60 43.99
C TRP E 39 -18.85 42.29 45.43
N TYR E 40 -17.84 42.40 46.31
CA TYR E 40 -17.96 42.11 47.72
C TYR E 40 -17.71 43.37 48.54
N GLN E 41 -18.49 43.53 49.60
CA GLN E 41 -18.34 44.62 50.55
C GLN E 41 -17.71 44.09 51.82
N GLN E 42 -16.63 44.73 52.28
CA GLN E 42 -15.93 44.33 53.49
C GLN E 42 -15.79 45.54 54.41
N LEU E 43 -16.61 45.60 55.45
CA LEU E 43 -16.34 46.50 56.55
C LEU E 43 -15.11 46.00 57.31
N PRO E 44 -14.37 46.91 57.95
CA PRO E 44 -13.21 46.47 58.74
C PRO E 44 -13.63 45.61 59.92
N ARG E 45 -12.85 44.54 60.16
CA ARG E 45 -13.09 43.52 61.19
C ARG E 45 -14.46 42.87 61.02
N THR E 46 -14.87 42.66 59.77
CA THR E 46 -16.18 42.12 59.45
C THR E 46 -16.01 41.28 58.20
N ALA E 47 -16.77 40.18 58.12
CA ALA E 47 -16.67 39.24 57.00
C ALA E 47 -17.10 39.91 55.69
N PRO E 48 -16.36 39.70 54.60
CA PRO E 48 -16.73 40.31 53.32
C PRO E 48 -17.90 39.63 52.62
N LYS E 49 -19.12 40.04 52.97
CA LYS E 49 -20.32 39.41 52.42
C LYS E 49 -20.45 39.67 50.91
N LEU E 50 -21.17 38.76 50.25
CA LEU E 50 -21.47 38.91 48.83
C LEU E 50 -22.41 40.08 48.64
N LEU E 51 -21.99 41.07 47.87
CA LEU E 51 -22.76 42.29 47.81
C LEU E 51 -23.58 42.37 46.53
N ILE E 52 -22.98 42.03 45.39
CA ILE E 52 -23.73 41.95 44.14
C ILE E 52 -23.04 40.93 43.23
N TYR E 53 -23.83 40.23 42.43
CA TYR E 53 -23.32 39.15 41.59
C TYR E 53 -23.91 39.29 40.19
N GLY E 54 -23.61 38.32 39.32
CA GLY E 54 -24.19 38.16 37.99
C GLY E 54 -24.08 39.36 37.07
N ASN E 55 -23.03 40.16 37.31
CA ASN E 55 -22.63 41.42 36.68
C ASN E 55 -23.53 42.60 37.01
N ASN E 56 -24.77 42.34 37.42
CA ASN E 56 -25.63 43.36 38.00
C ASN E 56 -26.65 42.80 38.99
N ASN E 57 -26.68 41.50 39.25
CA ASN E 57 -27.82 40.90 39.94
C ASN E 57 -27.66 41.00 41.44
N ARG E 58 -28.69 41.49 42.10
CA ARG E 58 -28.66 41.84 43.50
C ARG E 58 -29.21 40.71 44.36
N PRO E 59 -28.49 40.26 45.39
CA PRO E 59 -29.02 39.21 46.27
C PRO E 59 -30.05 39.72 47.27
N SER E 60 -30.48 38.86 48.18
CA SER E 60 -31.50 39.23 49.15
C SER E 60 -30.92 40.15 50.21
N GLY E 61 -31.60 41.28 50.43
CA GLY E 61 -31.23 42.23 51.46
C GLY E 61 -30.49 43.46 50.97
N VAL E 62 -30.03 43.48 49.74
CA VAL E 62 -29.24 44.60 49.23
C VAL E 62 -30.18 45.64 48.64
N PRO E 63 -30.10 46.91 49.06
CA PRO E 63 -31.10 47.91 48.65
C PRO E 63 -30.99 48.38 47.20
N ASP E 64 -31.82 49.36 46.85
CA ASP E 64 -31.92 49.92 45.52
C ASP E 64 -30.99 51.13 45.42
N ARG E 65 -30.91 51.72 44.21
CA ARG E 65 -30.03 52.84 43.84
C ARG E 65 -28.55 52.52 44.02
N PHE E 66 -28.22 51.23 44.05
CA PHE E 66 -26.90 50.78 44.50
C PHE E 66 -26.66 49.44 43.79
N SER E 67 -25.99 49.50 42.65
CA SER E 67 -26.07 48.37 41.71
C SER E 67 -24.86 48.39 40.79
N GLY E 68 -24.90 47.53 39.77
CA GLY E 68 -23.77 47.34 38.87
C GLY E 68 -24.15 47.62 37.43
N SER E 69 -23.15 48.05 36.65
CA SER E 69 -23.35 48.47 35.26
C SER E 69 -22.25 47.90 34.37
N GLN E 70 -22.00 46.59 34.48
CA GLN E 70 -20.96 45.95 33.69
C GLN E 70 -21.36 45.90 32.22
N SER E 71 -20.38 46.15 31.34
CA SER E 71 -20.58 46.04 29.90
C SER E 71 -19.24 45.69 29.27
N GLY E 72 -19.03 44.41 29.00
CA GLY E 72 -17.82 43.97 28.31
C GLY E 72 -16.67 43.71 29.25
N THR E 73 -15.51 44.27 28.92
CA THR E 73 -14.29 44.01 29.68
C THR E 73 -14.28 44.76 31.02
N SER E 74 -14.97 45.89 31.10
CA SER E 74 -15.01 46.70 32.30
C SER E 74 -16.32 46.47 33.06
N ALA E 75 -16.20 46.22 34.36
CA ALA E 75 -17.34 46.15 35.25
C ALA E 75 -17.32 47.34 36.19
N SER E 76 -18.50 47.82 36.57
CA SER E 76 -18.58 49.03 37.38
C SER E 76 -19.80 48.98 38.28
N LEU E 77 -19.64 49.51 39.50
CA LEU E 77 -20.75 49.76 40.42
C LEU E 77 -21.07 51.24 40.45
N VAL E 78 -22.36 51.54 40.44
CA VAL E 78 -22.88 52.87 40.75
C VAL E 78 -23.52 52.81 42.14
N ILE E 79 -23.22 53.83 42.95
CA ILE E 79 -23.79 53.95 44.28
C ILE E 79 -24.33 55.37 44.34
N THR E 80 -25.65 55.52 44.21
CA THR E 80 -26.27 56.83 44.33
C THR E 80 -26.81 56.98 45.74
N GLY E 81 -26.33 57.99 46.46
CA GLY E 81 -26.71 58.16 47.84
C GLY E 81 -25.95 57.26 48.78
N LEU E 82 -24.64 57.50 48.94
CA LEU E 82 -23.82 56.75 49.89
C LEU E 82 -24.30 56.96 51.32
N GLN E 83 -24.47 55.85 52.04
CA GLN E 83 -24.88 55.69 53.41
C GLN E 83 -23.65 55.63 54.32
N PRO E 84 -23.77 56.02 55.60
CA PRO E 84 -22.63 55.87 56.52
C PRO E 84 -22.21 54.44 56.80
N GLU E 85 -23.10 53.46 56.58
CA GLU E 85 -22.74 52.06 56.73
C GLU E 85 -22.10 51.47 55.49
N ASP E 86 -21.98 52.24 54.41
CA ASP E 86 -21.36 51.77 53.17
C ASP E 86 -19.88 52.13 53.08
N GLU E 87 -19.31 52.74 54.11
CA GLU E 87 -17.88 53.02 54.13
C GLU E 87 -17.14 51.71 54.37
N ALA E 88 -16.65 51.10 53.30
CA ALA E 88 -16.06 49.77 53.37
C ALA E 88 -15.07 49.60 52.23
N ASP E 89 -14.68 48.35 51.98
CA ASP E 89 -13.73 48.01 50.93
C ASP E 89 -14.43 47.10 49.94
N TYR E 90 -14.32 47.41 48.65
CA TYR E 90 -15.07 46.73 47.61
C TYR E 90 -14.14 45.91 46.72
N PHE E 91 -14.46 44.64 46.56
CA PHE E 91 -13.62 43.69 45.84
C PHE E 91 -14.35 43.12 44.63
N CYS E 92 -13.58 42.72 43.62
CA CYS E 92 -14.10 42.03 42.44
C CYS E 92 -13.71 40.56 42.50
N GLN E 93 -14.46 39.74 41.76
CA GLN E 93 -14.07 38.35 41.56
C GLN E 93 -14.66 37.87 40.24
N SER E 94 -13.82 37.26 39.39
CA SER E 94 -14.24 36.83 38.07
C SER E 94 -13.78 35.41 37.80
N TYR E 95 -14.56 34.68 37.00
CA TYR E 95 -14.28 33.28 36.66
C TYR E 95 -13.58 33.23 35.30
N ASP E 96 -12.30 32.90 35.31
CA ASP E 96 -11.55 32.72 34.08
C ASP E 96 -11.61 31.27 33.62
N SER E 97 -11.44 31.06 32.32
CA SER E 97 -11.51 29.73 31.74
C SER E 97 -10.16 29.08 31.53
N SER E 98 -9.08 29.86 31.45
CA SER E 98 -7.76 29.30 31.21
C SER E 98 -7.19 28.63 32.46
N LEU E 99 -7.44 29.19 33.63
CA LEU E 99 -6.84 28.68 34.85
C LEU E 99 -7.90 28.42 35.93
N SER E 100 -8.95 29.23 35.94
CA SER E 100 -9.95 29.30 37.03
C SER E 100 -9.27 29.51 38.37
N GLY E 101 -8.41 30.53 38.42
CA GLY E 101 -7.72 30.91 39.63
C GLY E 101 -8.50 31.78 40.59
N TYR E 102 -9.76 32.09 40.24
CA TYR E 102 -10.72 32.87 41.03
C TYR E 102 -10.12 34.20 41.50
N VAL E 103 -9.77 35.02 40.52
CA VAL E 103 -8.93 36.17 40.78
C VAL E 103 -9.73 37.28 41.46
N PHE E 104 -9.08 37.97 42.39
CA PHE E 104 -9.69 39.05 43.15
C PHE E 104 -9.00 40.37 42.82
N GLY E 105 -9.68 41.46 43.13
CA GLY E 105 -9.12 42.78 42.94
C GLY E 105 -8.36 43.26 44.16
N THR E 106 -7.68 44.40 43.99
CA THR E 106 -6.94 44.99 45.11
C THR E 106 -7.86 45.66 46.12
N GLY E 107 -8.99 46.18 45.67
CA GLY E 107 -9.94 46.79 46.58
C GLY E 107 -10.01 48.30 46.47
N THR E 108 -11.21 48.85 46.63
CA THR E 108 -11.45 50.29 46.59
C THR E 108 -11.97 50.71 47.95
N LYS E 109 -11.06 51.20 48.81
CA LYS E 109 -11.44 51.61 50.16
C LYS E 109 -12.05 53.01 50.10
N VAL E 110 -13.36 53.11 50.27
CA VAL E 110 -14.03 54.39 50.24
C VAL E 110 -13.87 55.08 51.59
N THR E 111 -13.61 56.39 51.56
CA THR E 111 -13.44 57.20 52.75
C THR E 111 -14.43 58.34 52.70
N VAL E 112 -15.21 58.51 53.76
CA VAL E 112 -16.22 59.55 53.79
C VAL E 112 -15.60 60.85 54.28
N LEU E 113 -16.19 61.96 53.87
CA LEU E 113 -15.72 63.29 54.23
C LEU E 113 -16.88 64.28 54.13
#